data_7EJ5
#
_entry.id   7EJ5
#
_cell.length_a   1.00
_cell.length_b   1.00
_cell.length_c   1.00
_cell.angle_alpha   90.00
_cell.angle_beta   90.00
_cell.angle_gamma   90.00
#
_symmetry.space_group_name_H-M   'P 1'
#
loop_
_entity.id
_entity.type
_entity.pdbx_description
1 polymer 'Spike glycoprotein'
2 polymer 'RBD-chAb45, Heavy chain'
3 polymer 'RBD-chAb45, Light chain'
4 branched 2-acetamido-2-deoxy-beta-D-glucopyranose-(1-4)-2-acetamido-2-deoxy-beta-D-glucopyranose
5 non-polymer 2-acetamido-2-deoxy-beta-D-glucopyranose
#
loop_
_entity_poly.entity_id
_entity_poly.type
_entity_poly.pdbx_seq_one_letter_code
_entity_poly.pdbx_strand_id
1 'polypeptide(L)'
;MFVFLVLLPLVSSQCVNLTTRTQLPPAYTNSFTRGVYYPDKVFRSSVLHSTQDLFLPFFSNVTWFHAIHVSGTNGTKRFD
NPVLPFNDGVYFASTEKSNIIRGWIFGTTLDSKTQSLLIVNNATNVVIKVCEFQFCNDPFLGVYYHKNNKSWMESEFRVY
SSANNCTFEYVSQPFLMDLEGKQGNFKNLREFVFKNIDGYFKIYSKHTPINLVRDLPQGFSALEPLVDLPIGINITRFQT
LLALHRSYLTPGDSSSGWTAGAAAYYVGYLQPRTFLLKYNENGTITDAVDCALDPLSETKCTLKSFTVEKGIYQTSNFRV
QPTESIVRFPNITNLCPFGEVFNATRFASVYAWNRKRISNCVADYSVLYNSASFSTFKCYGVSPTKLNDLCFTNVYADSF
VIRGDEVRQIAPGQTGKIADYNYKLPDDFTGCVIAWNSNNLDSKVGGNYNYLYRLFRKSNLKPFERDISTEIYQAGSTPC
NGVEGFNCYFPLQSYGFQPTNGVGYQPYRVVVLSFELLHAPATVCGPKKSTNLVKNKCVNFNFNGLTGTGVLTESNKKFL
PFQQFGRDIADTTDAVRDPQTLEILDITPCSFGGVSVITPGTNTSNQVAVLYQDVNCTEVPVAIHADQLTPTWRVYSTGS
NVFQTRAGCLIGAEHVNNSYECDIPIGAGICASYQTQTNSPGSASSVASQSIIAYTMSLGAENSVAYSNNSIAIPTNFTI
SVTTEILPVSMTKTSVDCTMYICGDSTECSNLLLQYGSFCTQLNRALTGIAVEQDKNTQEVFAQVKQIYKTPPIKDFGGF
NFSQILPDPSKPSKRSFIEDLLFNKVTLADAGFIKQYGDCLGDIAARDLICAQKFNGLTVLPPLLTDEMIAQYTSALLAG
TITSGWTFGAGAALQIPFAMQMAYRFNGIGVTQNVLYENQKLIANQFNSAIGKIQDSLSSTASALGKLQDVVNQNAQALN
TLVKQLSSNFGAISSVLNDILSRLDPPEAEVQIDRLITGRLQSLQTYVTQQLIRAAEIRASANLAATKMSECVLGQSKRV
DFCGKGYHLMSFPQSAPHGVVFLHVTYVPAQEKNFTTAPAICHDGKAHFPREGVFVSNGTHWFVTQRNFYEPQIITTDNT
FVSGNCDVVIGIVNNTVYDPLQPELDSFKEELDKYFKNHTSPDVDLGDISGINASVVNIQKEIDRLNEVAKNLNESLIDL
QELGKYEQEFGSGGYIPEAPRDGQAYVRKDGEWVLLSTFLKGQDNSADIQHSGRPLESRGPFEQKLISEEDLNMHTGHHH
HHH
;
A,B,C
2 'polypeptide(L)'
;EVQLQQSGPELVKPGASVKISCKTSGYTFTEYTIYWVKQSLGKSLEWIGGNNPNNDDTTYKQFFKGKATLTVDKSSSTAY
MELRSLTSEDSAVYYCARDGYPYYYALDFWGQGTSVTVSSASTKGPSVFPLAPSSKSTSGGTAALGCLVKDYFPEPVTVS
WNSGALTSGVHTFPAVLQSSGLYSLSSVVTVPSSSLGTQTYICNVNHKPSNTKVDKKVEPKSCDKTHTCPPCPAPELLGG
PSVFLFPPKPKDTLMISRTPEVTCVVVDVSHEDPEVKFNWYVDGVEVHNAKTKPREEQYNSTYRVVSVLTVLHQDWLNGK
EYKCKVSNKALPAPIEKTISKAKGQPREPQVYTLPPSRDELTKNQVSLTCLVKGFYPSDIAVEWESNGQPENNYKTTPPV
LDSDGSFFLYSKLTVDKSRWQQGNVFSCSVMHEALHNHYTQKSLSLSPG
;
H,I,J
3 'polypeptide(L)'
;DIVMTQSQKFMSTSVGDRVSVTCKSSQNVGTNVAWYQQKPGQSPKALIYSASYRYSGVPDHFTGSGSGTDFTLTISNVQS
ADLAEYFCQQYNNYPWTFGGGTKLEIKRTVAAPSVFIFPPSDEQLKSGTASVVCLLNNFYPREAKVQWKVDNALQSGNSQ
ESVTEQDSKDSTYSLSSTLTLSKADYEKHKVYACEVTHQGLSSPVTKSFNRGEC
;
L,M,N
#
# COMPACT_ATOMS: atom_id res chain seq x y z
N ALA A 27 -27.29 -14.89 -52.57
CA ALA A 27 -26.26 -14.13 -53.28
C ALA A 27 -25.41 -13.34 -52.29
N TYR A 28 -24.22 -12.93 -52.72
CA TYR A 28 -23.30 -12.17 -51.90
C TYR A 28 -22.86 -10.92 -52.66
N THR A 29 -22.47 -9.90 -51.90
CA THR A 29 -22.04 -8.64 -52.47
C THR A 29 -20.96 -8.05 -51.58
N ASN A 30 -20.15 -7.16 -52.17
CA ASN A 30 -19.02 -6.56 -51.48
C ASN A 30 -19.44 -5.22 -50.88
N SER A 31 -19.39 -5.13 -49.55
CA SER A 31 -19.54 -3.86 -48.85
C SER A 31 -18.19 -3.17 -48.84
N PHE A 32 -18.01 -2.21 -49.74
CA PHE A 32 -16.73 -1.55 -49.94
C PHE A 32 -16.29 -0.77 -48.70
N THR A 33 -17.02 0.30 -48.38
CA THR A 33 -16.62 1.17 -47.27
C THR A 33 -17.81 1.66 -46.45
N ARG A 34 -18.94 0.98 -46.49
CA ARG A 34 -20.14 1.41 -45.78
C ARG A 34 -20.09 0.95 -44.33
N GLY A 35 -20.87 1.62 -43.49
CA GLY A 35 -21.03 1.23 -42.11
C GLY A 35 -20.16 1.97 -41.11
N VAL A 36 -20.16 3.30 -41.18
CA VAL A 36 -19.44 4.14 -40.22
C VAL A 36 -20.44 5.12 -39.60
N TYR A 37 -20.44 5.18 -38.28
CA TYR A 37 -21.38 6.01 -37.54
C TYR A 37 -20.65 6.77 -36.43
N TYR A 38 -21.25 7.87 -36.00
CA TYR A 38 -20.69 8.68 -34.93
C TYR A 38 -20.68 7.90 -33.62
N PRO A 39 -19.52 7.48 -33.11
CA PRO A 39 -19.52 6.69 -31.88
C PRO A 39 -20.08 7.42 -30.67
N ASP A 40 -19.86 8.73 -30.57
CA ASP A 40 -20.28 9.48 -29.39
C ASP A 40 -21.04 10.75 -29.79
N LYS A 41 -21.35 11.60 -28.81
CA LYS A 41 -22.03 12.86 -29.04
C LYS A 41 -21.13 14.06 -28.81
N VAL A 42 -19.81 13.84 -28.73
CA VAL A 42 -18.86 14.91 -28.51
C VAL A 42 -18.58 15.62 -29.83
N PHE A 43 -17.96 16.79 -29.77
CA PHE A 43 -17.64 17.59 -30.94
C PHE A 43 -16.13 17.76 -31.02
N ARG A 44 -15.58 17.55 -32.22
CA ARG A 44 -14.17 17.71 -32.47
C ARG A 44 -13.98 18.39 -33.81
N SER A 45 -12.83 19.05 -33.97
CA SER A 45 -12.55 19.80 -35.19
C SER A 45 -11.11 19.57 -35.62
N SER A 46 -10.93 18.93 -36.77
CA SER A 46 -9.63 18.73 -37.40
C SER A 46 -8.66 18.00 -36.46
N VAL A 47 -9.02 16.77 -36.13
CA VAL A 47 -8.19 15.93 -35.27
C VAL A 47 -8.36 14.48 -35.69
N LEU A 48 -7.26 13.73 -35.68
CA LEU A 48 -7.28 12.31 -35.98
C LEU A 48 -7.52 11.54 -34.69
N HIS A 49 -8.64 10.81 -34.63
CA HIS A 49 -9.03 10.10 -33.42
C HIS A 49 -9.13 8.61 -33.70
N SER A 50 -8.54 7.81 -32.82
CA SER A 50 -8.58 6.35 -32.94
C SER A 50 -9.63 5.81 -31.96
N THR A 51 -10.59 5.05 -32.48
CA THR A 51 -11.69 4.54 -31.68
C THR A 51 -11.82 3.04 -31.86
N GLN A 52 -11.93 2.32 -30.74
CA GLN A 52 -12.14 0.88 -30.74
C GLN A 52 -13.60 0.62 -30.38
N ASP A 53 -14.38 0.13 -31.33
CA ASP A 53 -15.81 -0.03 -31.13
C ASP A 53 -16.37 -0.99 -32.16
N LEU A 54 -17.69 -1.16 -32.14
CA LEU A 54 -18.37 -2.07 -33.06
C LEU A 54 -18.57 -1.39 -34.40
N PHE A 55 -17.92 -1.91 -35.44
CA PHE A 55 -18.06 -1.39 -36.79
C PHE A 55 -18.19 -2.56 -37.76
N LEU A 56 -18.80 -2.28 -38.91
CA LEU A 56 -18.83 -3.24 -40.00
C LEU A 56 -17.49 -3.19 -40.73
N PRO A 57 -16.77 -4.30 -40.83
CA PRO A 57 -15.42 -4.26 -41.42
C PRO A 57 -15.43 -3.77 -42.86
N PHE A 58 -14.39 -3.04 -43.23
CA PHE A 58 -14.26 -2.54 -44.59
C PHE A 58 -14.06 -3.69 -45.57
N PHE A 59 -14.63 -3.54 -46.76
CA PHE A 59 -14.52 -4.53 -47.84
C PHE A 59 -14.94 -5.91 -47.36
N SER A 60 -16.19 -6.00 -46.91
CA SER A 60 -16.72 -7.22 -46.33
C SER A 60 -17.75 -7.85 -47.25
N ASN A 61 -18.33 -8.95 -46.80
CA ASN A 61 -19.36 -9.67 -47.54
C ASN A 61 -20.72 -9.45 -46.89
N VAL A 62 -21.70 -9.08 -47.70
CA VAL A 62 -23.06 -8.86 -47.24
C VAL A 62 -24.00 -9.69 -48.10
N THR A 63 -25.04 -10.25 -47.50
CA THR A 63 -26.00 -11.02 -48.26
C THR A 63 -26.89 -10.09 -49.09
N TRP A 64 -27.83 -10.69 -49.82
CA TRP A 64 -28.70 -9.92 -50.69
C TRP A 64 -29.98 -10.72 -50.90
N PHE A 65 -31.05 -10.34 -50.20
CA PHE A 65 -32.33 -11.02 -50.35
C PHE A 65 -33.13 -10.38 -51.47
N HIS A 66 -34.18 -11.07 -51.89
CA HIS A 66 -35.06 -10.60 -52.95
C HIS A 66 -36.51 -10.72 -52.50
N ALA A 67 -37.26 -9.62 -52.63
CA ALA A 67 -38.67 -9.59 -52.23
C ALA A 67 -39.57 -9.89 -53.44
N ILE A 68 -39.34 -11.06 -54.03
CA ILE A 68 -40.08 -11.52 -55.20
C ILE A 68 -40.61 -12.91 -54.93
N HIS A 69 -41.29 -13.47 -55.92
CA HIS A 69 -41.85 -14.81 -55.82
C HIS A 69 -40.75 -15.87 -55.76
N ASP A 80 -38.70 -12.20 -50.01
CA ASP A 80 -38.17 -13.02 -48.93
C ASP A 80 -38.37 -12.36 -47.58
N ASN A 81 -38.92 -13.11 -46.63
CA ASN A 81 -39.08 -12.65 -45.25
C ASN A 81 -38.63 -13.75 -44.29
N PRO A 82 -37.34 -14.08 -44.27
CA PRO A 82 -36.85 -15.14 -43.41
C PRO A 82 -36.42 -14.62 -42.04
N VAL A 83 -36.08 -15.55 -41.16
CA VAL A 83 -35.61 -15.21 -39.82
C VAL A 83 -34.09 -15.07 -39.87
N LEU A 84 -33.59 -13.92 -39.43
CA LEU A 84 -32.17 -13.62 -39.48
C LEU A 84 -31.65 -13.35 -38.07
N PRO A 85 -30.55 -13.98 -37.66
CA PRO A 85 -30.01 -13.72 -36.33
C PRO A 85 -29.51 -12.30 -36.19
N PHE A 86 -29.56 -11.80 -34.95
CA PHE A 86 -29.11 -10.44 -34.66
C PHE A 86 -27.59 -10.37 -34.51
N ASN A 87 -27.05 -11.09 -33.53
CA ASN A 87 -25.61 -11.18 -33.29
C ASN A 87 -25.00 -9.81 -33.01
N ASP A 88 -25.53 -9.15 -31.98
CA ASP A 88 -24.94 -7.93 -31.41
C ASP A 88 -24.83 -6.82 -32.46
N GLY A 89 -26.00 -6.38 -32.92
CA GLY A 89 -26.07 -5.31 -33.88
C GLY A 89 -26.22 -5.82 -35.30
N VAL A 90 -26.77 -4.96 -36.16
CA VAL A 90 -27.02 -5.36 -37.54
C VAL A 90 -27.07 -4.11 -38.42
N TYR A 91 -26.70 -4.27 -39.68
CA TYR A 91 -26.83 -3.26 -40.72
C TYR A 91 -28.08 -3.51 -41.53
N PHE A 92 -28.48 -2.52 -42.31
CA PHE A 92 -29.65 -2.68 -43.18
C PHE A 92 -29.59 -1.63 -44.27
N ALA A 93 -29.49 -2.05 -45.53
CA ALA A 93 -29.40 -1.14 -46.66
C ALA A 93 -30.51 -1.47 -47.66
N SER A 94 -31.60 -0.71 -47.60
CA SER A 94 -32.77 -0.95 -48.45
C SER A 94 -32.84 0.14 -49.52
N THR A 95 -32.83 -0.27 -50.79
CA THR A 95 -32.76 0.65 -51.91
C THR A 95 -33.93 0.44 -52.87
N GLU A 96 -35.10 0.13 -52.33
CA GLU A 96 -36.30 -0.07 -53.15
C GLU A 96 -37.05 1.25 -53.24
N LYS A 97 -37.21 1.76 -54.47
CA LYS A 97 -37.90 3.04 -54.66
C LYS A 97 -39.36 2.94 -54.25
N SER A 98 -40.04 1.85 -54.61
CA SER A 98 -41.43 1.68 -54.24
C SER A 98 -41.57 1.54 -52.74
N ASN A 99 -42.58 2.20 -52.18
CA ASN A 99 -42.79 2.18 -50.74
C ASN A 99 -43.35 0.84 -50.30
N ILE A 100 -42.50 -0.19 -50.32
CA ILE A 100 -42.89 -1.54 -49.95
C ILE A 100 -42.31 -1.94 -48.61
N ILE A 101 -41.04 -1.60 -48.35
CA ILE A 101 -40.42 -1.91 -47.08
C ILE A 101 -41.10 -1.10 -45.98
N ARG A 102 -41.58 -1.79 -44.95
CA ARG A 102 -42.39 -1.14 -43.92
C ARG A 102 -41.75 -1.16 -42.54
N GLY A 103 -41.42 -2.32 -42.00
CA GLY A 103 -40.99 -2.38 -40.62
C GLY A 103 -40.17 -3.59 -40.24
N TRP A 104 -39.99 -3.80 -38.94
CA TRP A 104 -39.18 -4.90 -38.43
C TRP A 104 -39.87 -5.51 -37.22
N ILE A 105 -39.45 -6.73 -36.87
CA ILE A 105 -39.95 -7.42 -35.69
C ILE A 105 -38.77 -8.09 -35.00
N PHE A 106 -38.57 -7.79 -33.72
CA PHE A 106 -37.46 -8.30 -32.95
C PHE A 106 -37.96 -9.20 -31.83
N GLY A 107 -37.14 -10.19 -31.46
CA GLY A 107 -37.50 -11.05 -30.36
C GLY A 107 -36.41 -12.07 -30.11
N THR A 108 -36.67 -12.95 -29.15
CA THR A 108 -35.77 -14.05 -28.83
C THR A 108 -36.37 -15.42 -29.12
N THR A 109 -37.70 -15.55 -29.07
CA THR A 109 -38.39 -16.77 -29.44
C THR A 109 -39.57 -16.55 -30.37
N LEU A 110 -39.98 -15.30 -30.58
CA LEU A 110 -41.12 -14.96 -31.46
C LEU A 110 -42.39 -15.67 -30.99
N ASP A 111 -42.79 -15.36 -29.77
CA ASP A 111 -44.00 -15.95 -29.18
C ASP A 111 -44.48 -15.03 -28.07
N SER A 112 -45.70 -15.30 -27.61
CA SER A 112 -46.30 -14.51 -26.53
C SER A 112 -45.61 -14.74 -25.19
N LYS A 113 -44.74 -15.75 -25.09
CA LYS A 113 -44.04 -16.01 -23.84
C LYS A 113 -43.12 -14.86 -23.46
N THR A 114 -42.41 -14.29 -24.43
CA THR A 114 -41.42 -13.25 -24.19
C THR A 114 -41.74 -12.02 -25.03
N GLN A 115 -41.44 -10.85 -24.47
CA GLN A 115 -41.75 -9.59 -25.13
C GLN A 115 -41.03 -9.47 -26.48
N SER A 116 -41.73 -8.90 -27.46
CA SER A 116 -41.20 -8.73 -28.80
C SER A 116 -41.47 -7.31 -29.27
N LEU A 117 -40.41 -6.56 -29.57
CA LEU A 117 -40.56 -5.19 -30.03
C LEU A 117 -41.13 -5.16 -31.45
N LEU A 118 -41.77 -4.04 -31.79
CA LEU A 118 -42.38 -3.87 -33.10
C LEU A 118 -42.30 -2.41 -33.51
N ILE A 119 -41.93 -2.18 -34.76
CA ILE A 119 -41.85 -0.85 -35.37
C ILE A 119 -42.62 -0.88 -36.68
N VAL A 120 -43.54 0.06 -36.85
CA VAL A 120 -44.37 0.12 -38.05
C VAL A 120 -44.49 1.56 -38.51
N ASN A 121 -44.29 1.81 -39.80
CA ASN A 121 -44.45 3.14 -40.38
C ASN A 121 -45.83 3.28 -41.00
N ASN A 122 -46.49 4.39 -40.71
CA ASN A 122 -47.83 4.68 -41.23
C ASN A 122 -47.79 5.64 -42.41
N ALA A 123 -46.61 5.89 -42.98
CA ALA A 123 -46.33 6.84 -44.06
C ALA A 123 -46.47 8.28 -43.60
N THR A 124 -46.91 8.52 -42.36
CA THR A 124 -46.93 9.86 -41.78
C THR A 124 -46.39 9.91 -40.36
N ASN A 125 -46.36 8.80 -39.64
CA ASN A 125 -45.86 8.77 -38.28
C ASN A 125 -45.56 7.33 -37.89
N VAL A 126 -44.41 7.10 -37.26
CA VAL A 126 -43.97 5.77 -36.90
C VAL A 126 -44.50 5.40 -35.52
N VAL A 127 -44.86 4.14 -35.35
CA VAL A 127 -45.34 3.60 -34.08
C VAL A 127 -44.40 2.50 -33.63
N ILE A 128 -44.06 2.53 -32.34
CA ILE A 128 -43.14 1.57 -31.74
C ILE A 128 -43.77 1.03 -30.47
N LYS A 129 -43.76 -0.29 -30.32
CA LYS A 129 -44.27 -0.93 -29.11
C LYS A 129 -43.36 -2.08 -28.74
N VAL A 130 -43.61 -2.66 -27.56
CA VAL A 130 -42.73 -3.70 -27.03
C VAL A 130 -43.48 -4.94 -26.56
N CYS A 131 -44.79 -4.89 -26.34
CA CYS A 131 -45.49 -6.02 -25.74
C CYS A 131 -45.64 -7.18 -26.72
N GLU A 132 -46.04 -8.33 -26.17
CA GLU A 132 -46.01 -9.59 -26.88
C GLU A 132 -47.07 -9.65 -27.98
N PHE A 133 -46.86 -10.58 -28.91
CA PHE A 133 -47.81 -10.90 -29.96
C PHE A 133 -47.69 -12.37 -30.27
N GLN A 134 -48.77 -12.95 -30.80
CA GLN A 134 -48.75 -14.35 -31.20
C GLN A 134 -48.16 -14.47 -32.59
N PHE A 135 -47.20 -15.38 -32.74
CA PHE A 135 -46.51 -15.53 -34.02
C PHE A 135 -47.46 -16.01 -35.10
N CYS A 136 -47.32 -15.43 -36.29
CA CYS A 136 -48.05 -15.86 -37.48
C CYS A 136 -47.04 -16.24 -38.55
N ASN A 137 -47.27 -17.37 -39.20
CA ASN A 137 -46.35 -17.85 -40.23
C ASN A 137 -46.27 -16.91 -41.43
N ASP A 138 -47.26 -16.03 -41.60
CA ASP A 138 -47.26 -15.04 -42.67
C ASP A 138 -47.54 -13.66 -42.09
N PRO A 139 -46.51 -12.99 -41.57
CA PRO A 139 -46.71 -11.63 -41.07
C PRO A 139 -47.20 -10.70 -42.18
N PHE A 140 -48.12 -9.82 -41.83
CA PHE A 140 -48.81 -9.00 -42.81
C PHE A 140 -49.09 -7.62 -42.22
N LEU A 141 -49.76 -6.79 -43.01
CA LEU A 141 -50.17 -5.46 -42.59
C LEU A 141 -51.58 -5.18 -43.09
N GLY A 142 -52.28 -4.30 -42.39
CA GLY A 142 -53.64 -3.95 -42.77
C GLY A 142 -54.05 -2.57 -42.33
N VAL A 143 -54.67 -1.81 -43.23
CA VAL A 143 -55.13 -0.46 -42.93
C VAL A 143 -56.56 -0.26 -43.39
N VAL A 159 -50.90 -10.25 -37.30
CA VAL A 159 -50.29 -10.58 -36.01
C VAL A 159 -50.99 -9.83 -34.89
N TYR A 160 -52.06 -9.11 -35.22
CA TYR A 160 -52.84 -8.36 -34.25
C TYR A 160 -53.74 -9.32 -33.49
N SER A 161 -53.16 -9.95 -32.47
CA SER A 161 -53.90 -10.95 -31.69
C SER A 161 -53.74 -10.83 -30.19
N SER A 162 -52.79 -10.04 -29.67
CA SER A 162 -52.60 -9.94 -28.23
C SER A 162 -51.96 -8.60 -27.90
N ALA A 163 -52.29 -8.09 -26.71
CA ALA A 163 -51.74 -6.84 -26.20
C ALA A 163 -51.38 -6.99 -24.73
N ASN A 164 -50.75 -8.09 -24.37
CA ASN A 164 -50.44 -8.39 -22.97
C ASN A 164 -49.19 -7.67 -22.53
N ASN A 165 -49.28 -6.96 -21.39
CA ASN A 165 -48.15 -6.30 -20.75
C ASN A 165 -47.47 -5.29 -21.69
N CYS A 166 -48.26 -4.30 -22.13
CA CYS A 166 -47.73 -3.25 -23.00
C CYS A 166 -47.18 -2.14 -22.11
N THR A 167 -45.94 -2.34 -21.66
CA THR A 167 -45.29 -1.41 -20.74
C THR A 167 -44.64 -0.24 -21.44
N PHE A 168 -44.66 -0.19 -22.77
CA PHE A 168 -44.06 0.92 -23.50
C PHE A 168 -44.85 1.20 -24.77
N GLU A 169 -44.80 2.45 -25.21
CA GLU A 169 -45.41 2.87 -26.46
C GLU A 169 -44.70 4.12 -26.92
N TYR A 170 -44.66 4.33 -28.24
CA TYR A 170 -43.96 5.48 -28.78
C TYR A 170 -44.57 5.84 -30.13
N VAL A 171 -44.80 7.13 -30.34
CA VAL A 171 -45.27 7.66 -31.61
C VAL A 171 -44.34 8.78 -32.03
N SER A 172 -43.84 8.72 -33.25
CA SER A 172 -42.86 9.69 -33.72
C SER A 172 -43.06 9.90 -35.22
N GLN A 173 -42.06 10.48 -35.88
CA GLN A 173 -42.10 10.73 -37.31
C GLN A 173 -42.32 9.43 -38.10
N PHE A 186 -32.55 7.18 -60.69
CA PHE A 186 -31.91 6.77 -59.45
C PHE A 186 -32.93 6.64 -58.32
N LYS A 187 -32.82 5.58 -57.53
CA LYS A 187 -33.69 5.34 -56.39
C LYS A 187 -32.88 5.53 -55.12
N ASN A 188 -33.37 6.41 -54.24
CA ASN A 188 -32.64 6.73 -53.02
C ASN A 188 -32.57 5.52 -52.09
N LEU A 189 -31.37 5.23 -51.60
CA LEU A 189 -31.15 4.11 -50.71
C LEU A 189 -31.09 4.58 -49.27
N ARG A 190 -31.79 3.85 -48.40
CA ARG A 190 -31.88 4.16 -46.98
C ARG A 190 -31.03 3.16 -46.20
N GLU A 191 -30.19 3.68 -45.30
CA GLU A 191 -29.28 2.86 -44.52
C GLU A 191 -29.60 3.02 -43.03
N PHE A 192 -29.64 1.89 -42.32
CA PHE A 192 -29.91 1.88 -40.90
C PHE A 192 -28.91 0.95 -40.21
N VAL A 193 -28.59 1.31 -38.97
CA VAL A 193 -27.75 0.49 -38.10
C VAL A 193 -28.51 0.31 -36.79
N PHE A 194 -28.82 -0.94 -36.44
CA PHE A 194 -29.52 -1.27 -35.21
C PHE A 194 -28.50 -1.81 -34.21
N LYS A 195 -28.40 -1.15 -33.06
CA LYS A 195 -27.47 -1.54 -32.01
C LYS A 195 -28.22 -1.75 -30.71
N ASN A 196 -27.85 -2.80 -29.98
CA ASN A 196 -28.51 -3.13 -28.72
C ASN A 196 -27.43 -3.51 -27.72
N ILE A 197 -27.14 -2.61 -26.77
CA ILE A 197 -26.09 -2.82 -25.79
C ILE A 197 -26.56 -2.32 -24.43
N ASP A 198 -26.26 -3.11 -23.39
CA ASP A 198 -26.59 -2.81 -21.99
C ASP A 198 -28.03 -2.33 -21.83
N GLY A 199 -28.95 -3.06 -22.46
CA GLY A 199 -30.36 -2.74 -22.34
C GLY A 199 -30.77 -1.45 -23.02
N TYR A 200 -30.00 -1.00 -24.00
CA TYR A 200 -30.26 0.25 -24.71
C TYR A 200 -30.28 -0.03 -26.20
N PHE A 201 -31.25 0.57 -26.89
CA PHE A 201 -31.50 0.33 -28.30
C PHE A 201 -31.27 1.63 -29.06
N LYS A 202 -30.39 1.58 -30.06
CA LYS A 202 -30.09 2.74 -30.90
C LYS A 202 -30.33 2.39 -32.36
N ILE A 203 -30.89 3.35 -33.10
CA ILE A 203 -31.16 3.23 -34.53
C ILE A 203 -30.49 4.41 -35.20
N TYR A 204 -29.34 4.18 -35.83
CA TYR A 204 -28.69 5.23 -36.62
C TYR A 204 -29.21 5.14 -38.05
N SER A 205 -29.49 6.30 -38.64
CA SER A 205 -30.16 6.34 -39.94
C SER A 205 -29.46 7.29 -40.89
N LYS A 206 -29.61 6.99 -42.19
CA LYS A 206 -29.17 7.88 -43.26
C LYS A 206 -30.09 7.67 -44.45
N HIS A 207 -30.45 8.76 -45.12
CA HIS A 207 -31.52 8.75 -46.11
C HIS A 207 -31.02 8.73 -47.56
N THR A 208 -29.99 9.51 -47.89
CA THR A 208 -29.53 9.60 -49.27
C THR A 208 -28.04 9.91 -49.30
N PRO A 209 -27.19 8.88 -49.34
CA PRO A 209 -25.76 9.11 -49.52
C PRO A 209 -25.38 9.30 -50.99
N ILE A 210 -24.09 9.40 -51.26
CA ILE A 210 -23.62 9.62 -52.63
C ILE A 210 -23.85 8.35 -53.46
N ASN A 211 -24.41 8.53 -54.65
CA ASN A 211 -24.64 7.44 -55.59
C ASN A 211 -23.58 7.53 -56.69
N LEU A 212 -22.44 6.89 -56.46
CA LEU A 212 -21.39 6.89 -57.48
C LEU A 212 -21.75 5.95 -58.63
N VAL A 213 -22.28 4.77 -58.32
CA VAL A 213 -22.68 3.80 -59.33
C VAL A 213 -24.05 3.25 -58.97
N ARG A 214 -24.69 2.64 -59.97
CA ARG A 214 -26.02 2.08 -59.80
C ARG A 214 -25.94 0.61 -59.37
N ASP A 215 -26.93 0.19 -58.58
CA ASP A 215 -27.04 -1.18 -58.07
C ASP A 215 -25.84 -1.60 -57.23
N LEU A 216 -25.05 -0.64 -56.76
CA LEU A 216 -23.90 -0.93 -55.92
C LEU A 216 -23.75 0.16 -54.86
N PRO A 217 -23.73 -0.20 -53.58
CA PRO A 217 -23.59 0.81 -52.51
C PRO A 217 -22.17 1.35 -52.40
N GLN A 218 -21.83 2.27 -53.30
CA GLN A 218 -20.50 2.87 -53.36
C GLN A 218 -20.61 4.34 -52.98
N GLY A 219 -19.73 4.79 -52.10
CA GLY A 219 -19.73 6.14 -51.59
C GLY A 219 -19.53 6.15 -50.08
N PHE A 220 -19.00 7.27 -49.60
CA PHE A 220 -18.71 7.43 -48.18
C PHE A 220 -19.69 8.39 -47.54
N SER A 221 -20.26 7.98 -46.41
CA SER A 221 -21.19 8.82 -45.67
C SER A 221 -21.27 8.33 -44.23
N ALA A 222 -21.31 9.26 -43.30
CA ALA A 222 -21.40 8.93 -41.88
C ALA A 222 -22.87 8.89 -41.44
N LEU A 223 -23.14 8.04 -40.46
CA LEU A 223 -24.49 7.83 -39.95
C LEU A 223 -24.64 8.51 -38.60
N GLU A 224 -25.65 9.37 -38.48
CA GLU A 224 -26.03 10.19 -37.34
C GLU A 224 -27.19 9.57 -36.57
N PRO A 225 -27.12 9.58 -35.23
CA PRO A 225 -28.15 8.92 -34.43
C PRO A 225 -29.52 9.57 -34.58
N LEU A 226 -30.56 8.75 -34.45
CA LEU A 226 -31.94 9.19 -34.62
C LEU A 226 -32.72 9.16 -33.30
N VAL A 227 -32.83 7.99 -32.67
CA VAL A 227 -33.62 7.82 -31.45
C VAL A 227 -32.80 7.01 -30.46
N ASP A 228 -33.40 6.75 -29.29
CA ASP A 228 -32.78 5.95 -28.25
C ASP A 228 -33.89 5.36 -27.39
N LEU A 229 -33.77 4.07 -27.08
CA LEU A 229 -34.83 3.36 -26.35
C LEU A 229 -34.21 2.67 -25.14
N PRO A 230 -34.66 2.99 -23.93
CA PRO A 230 -34.21 2.24 -22.73
C PRO A 230 -35.13 1.06 -22.43
N ILE A 231 -35.12 0.07 -23.32
CA ILE A 231 -36.05 -1.04 -23.20
C ILE A 231 -35.52 -2.10 -22.23
N GLY A 232 -34.37 -2.68 -22.53
CA GLY A 232 -33.79 -3.68 -21.68
C GLY A 232 -34.28 -5.10 -21.92
N ILE A 233 -34.16 -5.57 -23.16
CA ILE A 233 -34.60 -6.91 -23.52
C ILE A 233 -33.43 -7.69 -24.14
N ASN A 234 -33.69 -8.91 -24.61
CA ASN A 234 -32.65 -9.84 -24.99
C ASN A 234 -32.79 -10.30 -26.43
N ILE A 235 -32.92 -9.34 -27.35
CA ILE A 235 -33.12 -9.65 -28.76
C ILE A 235 -32.04 -10.59 -29.26
N THR A 236 -32.44 -11.64 -29.97
CA THR A 236 -31.51 -12.55 -30.63
C THR A 236 -31.87 -12.84 -32.08
N ARG A 237 -33.13 -12.63 -32.48
CA ARG A 237 -33.56 -12.85 -33.85
C ARG A 237 -34.48 -11.71 -34.27
N PHE A 238 -34.55 -11.47 -35.57
CA PHE A 238 -35.42 -10.43 -36.11
C PHE A 238 -35.86 -10.82 -37.52
N GLN A 239 -37.00 -10.25 -37.91
CA GLN A 239 -37.61 -10.52 -39.21
C GLN A 239 -38.07 -9.19 -39.80
N THR A 240 -38.23 -9.18 -41.12
CA THR A 240 -38.59 -7.97 -41.85
C THR A 240 -39.95 -8.14 -42.50
N LEU A 241 -40.77 -7.10 -42.42
CA LEU A 241 -42.11 -7.09 -43.00
C LEU A 241 -42.08 -6.53 -44.41
N LEU A 242 -43.10 -6.88 -45.19
CA LEU A 242 -43.26 -6.41 -46.56
C LEU A 242 -44.67 -5.91 -46.76
N ALA A 243 -44.86 -5.13 -47.83
CA ALA A 243 -46.17 -4.58 -48.18
C ALA A 243 -46.86 -5.55 -49.13
N LEU A 244 -47.72 -6.41 -48.58
CA LEU A 244 -48.45 -7.39 -49.35
C LEU A 244 -49.77 -6.82 -49.83
N HIS A 245 -50.25 -7.36 -50.96
CA HIS A 245 -51.51 -6.92 -51.54
C HIS A 245 -52.49 -8.09 -51.65
N ALA A 264 -35.17 -6.51 -51.71
CA ALA A 264 -33.77 -6.14 -51.85
C ALA A 264 -33.29 -5.36 -50.63
N TYR A 265 -32.64 -6.05 -49.70
CA TYR A 265 -32.16 -5.40 -48.47
C TYR A 265 -30.96 -6.20 -47.97
N TYR A 266 -29.77 -5.68 -48.20
CA TYR A 266 -28.55 -6.33 -47.72
C TYR A 266 -28.50 -6.28 -46.20
N VAL A 267 -27.81 -7.25 -45.62
CA VAL A 267 -27.71 -7.39 -44.17
C VAL A 267 -26.24 -7.63 -43.81
N GLY A 268 -25.71 -6.78 -42.92
CA GLY A 268 -24.37 -6.93 -42.42
C GLY A 268 -24.35 -7.44 -40.98
N TYR A 269 -23.13 -7.49 -40.43
CA TYR A 269 -22.94 -7.93 -39.05
C TYR A 269 -21.73 -7.20 -38.49
N LEU A 270 -21.95 -6.42 -37.43
CA LEU A 270 -20.89 -5.61 -36.84
C LEU A 270 -19.91 -6.48 -36.06
N GLN A 271 -18.68 -5.99 -35.95
CA GLN A 271 -17.62 -6.68 -35.21
C GLN A 271 -16.82 -5.65 -34.41
N PRO A 272 -16.20 -6.08 -33.30
CA PRO A 272 -15.44 -5.12 -32.48
C PRO A 272 -14.09 -4.77 -33.08
N ARG A 273 -14.07 -3.79 -33.98
CA ARG A 273 -12.84 -3.41 -34.68
C ARG A 273 -12.28 -2.11 -34.12
N THR A 274 -11.20 -1.65 -34.73
CA THR A 274 -10.56 -0.38 -34.40
C THR A 274 -10.45 0.46 -35.66
N PHE A 275 -10.83 1.73 -35.57
CA PHE A 275 -10.88 2.62 -36.71
C PHE A 275 -10.12 3.89 -36.38
N LEU A 276 -9.67 4.58 -37.43
CA LEU A 276 -9.09 5.91 -37.32
C LEU A 276 -9.94 6.88 -38.13
N LEU A 277 -10.41 7.94 -37.49
CA LEU A 277 -11.35 8.88 -38.10
C LEU A 277 -10.70 10.26 -38.15
N LYS A 278 -10.86 10.93 -39.29
CA LYS A 278 -10.37 12.29 -39.47
C LYS A 278 -11.57 13.23 -39.51
N TYR A 279 -11.75 14.01 -38.44
CA TYR A 279 -12.85 14.95 -38.37
C TYR A 279 -12.58 16.18 -39.23
N ASN A 280 -13.65 16.78 -39.73
CA ASN A 280 -13.55 17.98 -40.53
C ASN A 280 -13.46 19.21 -39.62
N GLU A 281 -13.41 20.40 -40.23
CA GLU A 281 -13.44 21.63 -39.46
C GLU A 281 -14.82 21.89 -38.88
N ASN A 282 -15.88 21.48 -39.57
CA ASN A 282 -17.24 21.64 -39.09
C ASN A 282 -17.64 20.59 -38.06
N GLY A 283 -16.84 19.53 -37.91
CA GLY A 283 -17.15 18.46 -36.97
C GLY A 283 -17.72 17.21 -37.59
N THR A 284 -17.82 17.15 -38.92
CA THR A 284 -18.35 15.97 -39.60
C THR A 284 -17.22 15.02 -39.97
N ILE A 285 -17.52 13.73 -39.91
CA ILE A 285 -16.55 12.70 -40.31
C ILE A 285 -16.41 12.73 -41.82
N THR A 286 -15.17 12.82 -42.30
CA THR A 286 -14.90 12.87 -43.73
C THR A 286 -13.98 11.77 -44.23
N ASP A 287 -13.28 11.06 -43.34
CA ASP A 287 -12.41 9.98 -43.77
C ASP A 287 -12.21 9.00 -42.63
N ALA A 288 -12.26 7.71 -42.96
CA ALA A 288 -12.08 6.63 -42.00
C ALA A 288 -11.12 5.59 -42.58
N VAL A 289 -10.27 5.05 -41.73
CA VAL A 289 -9.27 4.08 -42.13
C VAL A 289 -9.29 2.91 -41.15
N ASP A 290 -9.35 1.69 -41.69
CA ASP A 290 -9.35 0.49 -40.86
C ASP A 290 -7.98 0.33 -40.19
N CYS A 291 -7.86 -0.68 -39.34
CA CYS A 291 -6.63 -0.86 -38.59
C CYS A 291 -6.18 -2.31 -38.48
N ALA A 292 -6.88 -3.26 -39.08
CA ALA A 292 -6.46 -4.66 -39.06
C ALA A 292 -6.67 -5.30 -40.44
N LEU A 293 -6.42 -4.54 -41.49
CA LEU A 293 -6.65 -5.00 -42.86
C LEU A 293 -5.37 -5.19 -43.64
N ASP A 294 -4.53 -4.17 -43.74
CA ASP A 294 -3.30 -4.20 -44.50
C ASP A 294 -2.15 -3.68 -43.65
N PRO A 295 -0.92 -4.05 -43.97
CA PRO A 295 0.23 -3.46 -43.25
C PRO A 295 0.29 -1.95 -43.36
N LEU A 296 -0.15 -1.40 -44.50
CA LEU A 296 -0.21 0.06 -44.62
C LEU A 296 -1.18 0.65 -43.62
N SER A 297 -2.31 -0.03 -43.38
CA SER A 297 -3.27 0.45 -42.39
C SER A 297 -2.67 0.44 -40.99
N GLU A 298 -1.93 -0.61 -40.65
CA GLU A 298 -1.28 -0.67 -39.34
C GLU A 298 -0.22 0.42 -39.21
N THR A 299 0.53 0.67 -40.29
CA THR A 299 1.51 1.75 -40.27
C THR A 299 0.84 3.11 -40.05
N LYS A 300 -0.30 3.33 -40.72
CA LYS A 300 -1.04 4.58 -40.53
C LYS A 300 -1.55 4.70 -39.10
N CYS A 301 -2.01 3.58 -38.52
CA CYS A 301 -2.46 3.60 -37.13
C CYS A 301 -1.32 3.97 -36.19
N THR A 302 -0.16 3.34 -36.36
CA THR A 302 0.98 3.63 -35.49
C THR A 302 1.46 5.06 -35.66
N LEU A 303 1.52 5.56 -36.89
CA LEU A 303 2.00 6.90 -37.16
C LEU A 303 0.98 7.97 -36.86
N LYS A 304 -0.29 7.61 -36.70
CA LYS A 304 -1.38 8.55 -36.39
C LYS A 304 -1.48 9.65 -37.45
N SER A 305 -1.45 9.24 -38.71
CA SER A 305 -1.60 10.18 -39.82
C SER A 305 -2.02 9.41 -41.06
N PHE A 306 -2.58 10.14 -42.03
CA PHE A 306 -2.98 9.54 -43.29
C PHE A 306 -1.91 9.61 -44.37
N THR A 307 -0.80 10.29 -44.11
CA THR A 307 0.31 10.38 -45.05
C THR A 307 1.54 9.73 -44.43
N VAL A 308 2.22 8.91 -45.21
CA VAL A 308 3.40 8.16 -44.77
C VAL A 308 4.55 8.50 -45.70
N GLU A 309 5.65 8.98 -45.13
CA GLU A 309 6.83 9.31 -45.93
C GLU A 309 7.68 8.07 -46.15
N LYS A 310 8.61 8.18 -47.09
CA LYS A 310 9.48 7.06 -47.43
C LYS A 310 10.35 6.69 -46.24
N GLY A 311 10.46 5.39 -45.98
CA GLY A 311 11.27 4.91 -44.89
C GLY A 311 10.80 3.54 -44.43
N ILE A 312 11.37 3.10 -43.31
CA ILE A 312 11.03 1.83 -42.69
C ILE A 312 10.45 2.11 -41.31
N TYR A 313 9.38 1.39 -40.96
CA TYR A 313 8.64 1.65 -39.74
C TYR A 313 8.48 0.37 -38.94
N GLN A 314 8.48 0.52 -37.61
CA GLN A 314 8.27 -0.57 -36.68
C GLN A 314 6.82 -0.54 -36.21
N THR A 315 6.04 -1.56 -36.60
CA THR A 315 4.60 -1.58 -36.32
C THR A 315 4.26 -2.42 -35.11
N SER A 316 4.60 -3.71 -35.12
CA SER A 316 4.22 -4.61 -34.03
C SER A 316 5.18 -5.80 -34.05
N ASN A 317 4.83 -6.82 -33.27
CA ASN A 317 5.63 -8.04 -33.17
C ASN A 317 4.70 -9.25 -33.12
N PHE A 318 5.26 -10.40 -33.48
CA PHE A 318 4.50 -11.65 -33.50
C PHE A 318 5.26 -12.71 -32.74
N ARG A 319 4.51 -13.70 -32.25
CA ARG A 319 5.06 -14.86 -31.57
C ARG A 319 4.24 -16.08 -31.94
N VAL A 320 4.86 -17.25 -31.87
CA VAL A 320 4.22 -18.51 -32.24
C VAL A 320 3.54 -19.11 -31.03
N GLN A 321 2.24 -19.42 -31.17
CA GLN A 321 1.47 -20.00 -30.08
C GLN A 321 1.75 -21.49 -29.95
N PRO A 322 1.69 -22.02 -28.74
CA PRO A 322 1.88 -23.47 -28.56
C PRO A 322 0.74 -24.26 -29.18
N THR A 323 1.07 -25.48 -29.64
CA THR A 323 0.11 -26.32 -30.33
C THR A 323 -0.64 -27.25 -29.37
N GLU A 324 0.10 -28.10 -28.66
CA GLU A 324 -0.47 -29.06 -27.73
C GLU A 324 0.39 -29.10 -26.47
N SER A 325 0.04 -30.02 -25.56
CA SER A 325 0.75 -30.16 -24.30
C SER A 325 1.09 -31.62 -24.06
N ILE A 326 2.25 -31.86 -23.44
CA ILE A 326 2.69 -33.19 -23.07
C ILE A 326 3.17 -33.16 -21.62
N VAL A 327 3.16 -34.33 -21.00
CA VAL A 327 3.60 -34.49 -19.61
C VAL A 327 4.19 -35.89 -19.45
N ARG A 328 5.27 -35.97 -18.68
CA ARG A 328 5.97 -37.23 -18.47
C ARG A 328 6.12 -37.51 -16.98
N PHE A 329 6.11 -38.80 -16.63
CA PHE A 329 6.25 -39.24 -15.25
C PHE A 329 6.95 -40.59 -15.25
N PRO A 330 7.62 -40.94 -14.15
CA PRO A 330 8.33 -42.23 -14.09
C PRO A 330 7.36 -43.40 -14.11
N ASN A 331 7.94 -44.59 -14.25
CA ASN A 331 7.12 -45.81 -14.33
C ASN A 331 6.35 -46.04 -13.03
N ILE A 332 7.01 -45.83 -11.89
CA ILE A 332 6.46 -45.97 -10.53
C ILE A 332 5.51 -47.17 -10.44
N THR A 333 6.07 -48.37 -10.58
CA THR A 333 5.32 -49.62 -10.48
C THR A 333 5.75 -50.33 -9.20
N ASN A 334 5.11 -49.98 -8.09
CA ASN A 334 5.40 -50.54 -6.78
C ASN A 334 4.11 -50.89 -6.05
N LEU A 335 3.21 -51.59 -6.75
CA LEU A 335 1.92 -51.95 -6.18
C LEU A 335 2.10 -52.74 -4.89
N CYS A 336 1.31 -52.38 -3.88
CA CYS A 336 1.42 -52.91 -2.53
C CYS A 336 0.30 -53.90 -2.23
N PRO A 337 0.39 -54.64 -1.11
CA PRO A 337 -0.65 -55.62 -0.78
C PRO A 337 -2.04 -55.04 -0.52
N PHE A 338 -2.23 -53.74 -0.76
CA PHE A 338 -3.56 -53.16 -0.65
C PHE A 338 -4.56 -53.91 -1.53
N GLY A 339 -4.12 -54.36 -2.70
CA GLY A 339 -4.95 -55.16 -3.58
C GLY A 339 -5.01 -56.63 -3.27
N GLU A 340 -4.35 -57.07 -2.20
CA GLU A 340 -4.31 -58.47 -1.79
C GLU A 340 -5.23 -58.77 -0.62
N VAL A 341 -5.34 -57.85 0.34
CA VAL A 341 -6.19 -58.09 1.50
C VAL A 341 -7.65 -58.23 1.11
N PHE A 342 -8.06 -57.59 0.01
CA PHE A 342 -9.43 -57.72 -0.47
C PHE A 342 -9.71 -59.12 -1.03
N ASN A 343 -8.67 -59.90 -1.31
CA ASN A 343 -8.82 -61.25 -1.83
C ASN A 343 -8.19 -62.28 -0.89
N ALA A 344 -8.23 -62.01 0.41
CA ALA A 344 -7.72 -62.96 1.40
C ALA A 344 -8.78 -64.00 1.69
N THR A 345 -8.39 -65.28 1.64
CA THR A 345 -9.35 -66.36 1.83
C THR A 345 -9.93 -66.34 3.25
N ARG A 346 -9.10 -66.12 4.25
CA ARG A 346 -9.51 -66.18 5.64
C ARG A 346 -9.31 -64.82 6.29
N PHE A 347 -10.35 -64.31 6.95
CA PHE A 347 -10.31 -63.09 7.72
C PHE A 347 -10.36 -63.42 9.21
N ALA A 348 -10.42 -62.37 10.04
CA ALA A 348 -10.47 -62.52 11.48
C ALA A 348 -11.89 -62.31 11.98
N SER A 349 -12.08 -62.50 13.28
CA SER A 349 -13.38 -62.32 13.91
C SER A 349 -13.74 -60.84 13.98
N VAL A 350 -15.03 -60.58 14.20
CA VAL A 350 -15.51 -59.20 14.21
C VAL A 350 -15.00 -58.45 15.44
N TYR A 351 -14.98 -59.10 16.61
CA TYR A 351 -14.48 -58.42 17.79
C TYR A 351 -12.95 -58.32 17.78
N ALA A 352 -12.28 -59.35 17.28
CA ALA A 352 -10.84 -59.29 17.03
C ALA A 352 -10.58 -58.91 15.57
N TRP A 353 -11.05 -57.71 15.22
CA TRP A 353 -10.98 -57.25 13.83
C TRP A 353 -9.53 -57.12 13.39
N ASN A 354 -9.28 -57.47 12.12
CA ASN A 354 -7.93 -57.47 11.60
C ASN A 354 -7.52 -56.07 11.18
N ARG A 355 -6.33 -55.64 11.59
CA ARG A 355 -5.80 -54.32 11.29
C ARG A 355 -4.56 -54.45 10.43
N LYS A 356 -4.50 -53.67 9.35
CA LYS A 356 -3.38 -53.67 8.44
C LYS A 356 -2.94 -52.24 8.17
N ARG A 357 -1.63 -52.03 8.15
CA ARG A 357 -1.05 -50.71 7.90
C ARG A 357 -0.33 -50.76 6.55
N ILE A 358 -0.74 -49.89 5.64
CA ILE A 358 -0.15 -49.82 4.30
C ILE A 358 0.45 -48.44 4.09
N SER A 359 1.69 -48.42 3.62
CA SER A 359 2.40 -47.17 3.32
C SER A 359 3.53 -47.49 2.36
N ASN A 360 4.11 -46.43 1.80
CA ASN A 360 5.25 -46.54 0.87
C ASN A 360 4.90 -47.39 -0.35
N CYS A 361 3.81 -47.02 -1.03
CA CYS A 361 3.41 -47.71 -2.25
C CYS A 361 2.54 -46.79 -3.08
N VAL A 362 2.36 -47.17 -4.34
CA VAL A 362 1.47 -46.47 -5.25
C VAL A 362 0.50 -47.48 -5.83
N ALA A 363 -0.78 -47.32 -5.53
CA ALA A 363 -1.82 -48.21 -6.03
C ALA A 363 -3.02 -47.39 -6.46
N ASP A 364 -3.78 -47.92 -7.42
CA ASP A 364 -4.94 -47.24 -7.95
C ASP A 364 -6.18 -47.61 -7.14
N TYR A 365 -6.83 -46.61 -6.56
CA TYR A 365 -8.06 -46.81 -5.80
C TYR A 365 -9.31 -46.79 -6.68
N SER A 366 -9.17 -46.40 -7.95
CA SER A 366 -10.34 -46.32 -8.83
C SER A 366 -10.84 -47.71 -9.23
N VAL A 367 -9.93 -48.69 -9.34
CA VAL A 367 -10.32 -50.02 -9.78
C VAL A 367 -11.24 -50.74 -8.81
N LEU A 368 -11.36 -50.23 -7.58
CA LEU A 368 -12.21 -50.90 -6.59
C LEU A 368 -13.69 -50.71 -6.93
N TYR A 369 -14.16 -49.46 -6.96
CA TYR A 369 -15.56 -49.21 -7.23
C TYR A 369 -15.94 -49.38 -8.69
N ASN A 370 -14.95 -49.47 -9.60
CA ASN A 370 -15.26 -49.72 -11.00
C ASN A 370 -15.87 -51.10 -11.19
N SER A 371 -15.36 -52.10 -10.48
CA SER A 371 -15.90 -53.44 -10.57
C SER A 371 -17.31 -53.50 -10.00
N ALA A 372 -18.14 -54.37 -10.57
CA ALA A 372 -19.52 -54.53 -10.15
C ALA A 372 -19.70 -55.58 -9.07
N SER A 373 -18.62 -56.19 -8.59
CA SER A 373 -18.69 -57.22 -7.57
C SER A 373 -18.75 -56.67 -6.15
N PHE A 374 -18.67 -55.34 -5.99
CA PHE A 374 -18.71 -54.71 -4.68
C PHE A 374 -20.15 -54.26 -4.40
N SER A 375 -20.82 -54.96 -3.49
CA SER A 375 -22.24 -54.72 -3.25
C SER A 375 -22.47 -53.37 -2.58
N THR A 376 -21.73 -53.08 -1.52
CA THR A 376 -21.96 -51.89 -0.70
C THR A 376 -20.69 -51.06 -0.65
N PHE A 377 -20.80 -49.77 -0.99
CA PHE A 377 -19.68 -48.84 -0.95
C PHE A 377 -20.19 -47.51 -0.40
N LYS A 378 -19.97 -47.28 0.90
CA LYS A 378 -20.40 -46.05 1.55
C LYS A 378 -19.13 -45.33 2.01
N CYS A 379 -18.80 -44.22 1.34
CA CYS A 379 -17.47 -43.65 1.47
C CYS A 379 -17.64 -42.19 1.86
N TYR A 380 -17.57 -41.92 3.17
CA TYR A 380 -17.92 -40.62 3.72
C TYR A 380 -16.80 -39.60 3.61
N GLY A 381 -15.54 -40.03 3.65
CA GLY A 381 -14.44 -39.09 3.72
C GLY A 381 -14.34 -38.20 2.49
N VAL A 382 -14.48 -38.79 1.30
CA VAL A 382 -14.30 -38.05 0.06
C VAL A 382 -15.05 -38.80 -1.04
N SER A 383 -15.36 -38.10 -2.12
CA SER A 383 -16.06 -38.72 -3.24
C SER A 383 -15.20 -39.83 -3.84
N PRO A 384 -15.83 -40.89 -4.36
CA PRO A 384 -15.04 -42.04 -4.85
C PRO A 384 -14.06 -41.69 -5.95
N THR A 385 -14.41 -40.74 -6.84
CA THR A 385 -13.54 -40.39 -7.94
C THR A 385 -12.35 -39.54 -7.54
N LYS A 386 -12.33 -39.03 -6.30
CA LYS A 386 -11.25 -38.17 -5.83
C LYS A 386 -10.20 -38.92 -5.03
N LEU A 387 -10.32 -40.24 -4.90
CA LEU A 387 -9.33 -41.01 -4.16
C LEU A 387 -7.96 -40.92 -4.84
N ASN A 388 -7.92 -41.05 -6.17
CA ASN A 388 -6.65 -40.99 -6.88
C ASN A 388 -6.10 -39.58 -6.94
N ASP A 389 -6.98 -38.57 -6.91
CA ASP A 389 -6.52 -37.19 -7.04
C ASP A 389 -5.68 -36.76 -5.85
N LEU A 390 -6.08 -37.15 -4.64
CA LEU A 390 -5.44 -36.68 -3.42
C LEU A 390 -4.40 -37.68 -2.92
N CYS A 391 -3.43 -37.18 -2.16
CA CYS A 391 -2.37 -37.98 -1.57
C CYS A 391 -2.55 -38.05 -0.06
N PHE A 392 -2.31 -39.24 0.50
CA PHE A 392 -2.52 -39.48 1.92
C PHE A 392 -1.28 -40.09 2.57
N THR A 393 -1.41 -40.54 3.82
CA THR A 393 -0.29 -41.11 4.55
C THR A 393 -0.80 -42.29 5.38
N ASN A 394 0.11 -43.25 5.61
CA ASN A 394 -0.02 -44.36 6.57
C ASN A 394 -1.47 -44.88 6.66
N VAL A 395 -1.96 -45.36 5.52
CA VAL A 395 -3.35 -45.79 5.42
C VAL A 395 -3.56 -47.03 6.30
N TYR A 396 -4.72 -47.09 6.96
CA TYR A 396 -5.07 -48.19 7.84
C TYR A 396 -6.34 -48.87 7.32
N ALA A 397 -6.35 -50.20 7.37
CA ALA A 397 -7.48 -51.00 6.93
C ALA A 397 -7.94 -51.92 8.05
N ASP A 398 -9.22 -51.87 8.37
CA ASP A 398 -9.82 -52.73 9.39
C ASP A 398 -10.81 -53.66 8.69
N SER A 399 -10.59 -54.96 8.82
CA SER A 399 -11.39 -55.95 8.12
C SER A 399 -12.03 -56.92 9.09
N PHE A 400 -13.28 -57.28 8.82
CA PHE A 400 -13.99 -58.28 9.62
C PHE A 400 -15.14 -58.83 8.80
N VAL A 401 -15.95 -59.69 9.43
CA VAL A 401 -17.10 -60.33 8.81
C VAL A 401 -18.31 -60.09 9.70
N ILE A 402 -19.40 -59.62 9.10
CA ILE A 402 -20.65 -59.35 9.81
C ILE A 402 -21.78 -60.12 9.13
N ARG A 403 -22.95 -60.07 9.75
CA ARG A 403 -24.13 -60.71 9.18
C ARG A 403 -24.71 -59.87 8.05
N GLY A 404 -25.76 -60.41 7.42
CA GLY A 404 -26.30 -59.76 6.23
C GLY A 404 -26.96 -58.43 6.50
N ASP A 405 -27.76 -58.34 7.57
CA ASP A 405 -28.63 -57.18 7.80
C ASP A 405 -28.07 -56.24 8.86
N GLU A 406 -26.75 -56.11 8.96
CA GLU A 406 -26.13 -55.18 9.89
C GLU A 406 -25.17 -54.20 9.21
N VAL A 407 -25.22 -54.10 7.88
CA VAL A 407 -24.32 -53.20 7.17
C VAL A 407 -24.57 -51.75 7.58
N ARG A 408 -25.81 -51.40 7.92
CA ARG A 408 -26.11 -50.06 8.37
C ARG A 408 -25.53 -49.76 9.74
N GLN A 409 -25.10 -50.79 10.48
CA GLN A 409 -24.50 -50.55 11.79
C GLN A 409 -23.13 -49.90 11.68
N ILE A 410 -22.39 -50.19 10.61
CA ILE A 410 -21.04 -49.66 10.44
C ILE A 410 -21.11 -48.27 9.84
N ALA A 411 -21.22 -47.26 10.70
CA ALA A 411 -21.29 -45.87 10.28
C ALA A 411 -20.94 -45.00 11.47
N PRO A 412 -20.39 -43.80 11.24
CA PRO A 412 -20.00 -42.95 12.38
C PRO A 412 -21.18 -42.35 13.13
N GLY A 413 -21.36 -42.77 14.37
CA GLY A 413 -22.31 -42.15 15.27
C GLY A 413 -23.74 -42.65 15.18
N GLN A 414 -23.92 -43.97 15.19
CA GLN A 414 -25.25 -44.58 15.21
C GLN A 414 -25.26 -45.74 16.20
N THR A 415 -26.44 -46.32 16.38
CA THR A 415 -26.65 -47.37 17.35
C THR A 415 -26.39 -48.74 16.73
N GLY A 416 -26.52 -49.79 17.55
CA GLY A 416 -26.29 -51.15 17.10
C GLY A 416 -25.51 -51.96 18.12
N LYS A 417 -25.92 -53.22 18.32
CA LYS A 417 -25.24 -54.08 19.29
C LYS A 417 -23.79 -54.31 18.89
N ILE A 418 -23.56 -54.61 17.60
CA ILE A 418 -22.19 -54.72 17.09
C ILE A 418 -21.51 -53.36 17.12
N ALA A 419 -22.26 -52.30 16.81
CA ALA A 419 -21.71 -50.95 16.83
C ALA A 419 -21.42 -50.46 18.24
N ASP A 420 -21.85 -51.17 19.27
CA ASP A 420 -21.61 -50.78 20.66
C ASP A 420 -20.62 -51.68 21.39
N TYR A 421 -20.68 -52.99 21.17
CA TYR A 421 -19.84 -53.92 21.92
C TYR A 421 -18.77 -54.60 21.06
N ASN A 422 -18.76 -54.38 19.76
CA ASN A 422 -17.79 -55.03 18.89
C ASN A 422 -16.90 -54.06 18.13
N TYR A 423 -17.46 -52.99 17.57
CA TYR A 423 -16.68 -52.06 16.76
C TYR A 423 -17.49 -50.78 16.60
N LYS A 424 -16.95 -49.65 17.03
CA LYS A 424 -17.65 -48.38 16.98
C LYS A 424 -16.80 -47.34 16.27
N LEU A 425 -17.45 -46.53 15.42
CA LEU A 425 -16.83 -45.46 14.65
C LEU A 425 -17.04 -44.13 15.36
N PRO A 426 -15.99 -43.36 15.62
CA PRO A 426 -16.17 -42.01 16.15
C PRO A 426 -16.85 -41.10 15.15
N ASP A 427 -17.52 -40.07 15.67
CA ASP A 427 -18.24 -39.14 14.80
C ASP A 427 -17.30 -38.41 13.86
N ASP A 428 -16.15 -37.96 14.36
CA ASP A 428 -15.16 -37.27 13.54
C ASP A 428 -14.26 -38.30 12.86
N PHE A 429 -14.85 -38.98 11.86
CA PHE A 429 -14.17 -40.06 11.13
C PHE A 429 -14.37 -39.82 9.64
N THR A 430 -13.32 -39.32 8.98
CA THR A 430 -13.35 -39.12 7.54
C THR A 430 -12.77 -40.35 6.84
N GLY A 431 -13.51 -41.45 6.93
CA GLY A 431 -13.07 -42.71 6.39
C GLY A 431 -13.89 -43.19 5.22
N CYS A 432 -13.76 -44.47 4.86
CA CYS A 432 -14.43 -45.00 3.69
C CYS A 432 -14.73 -46.47 3.96
N VAL A 433 -15.87 -46.97 3.49
CA VAL A 433 -16.34 -48.30 3.89
C VAL A 433 -16.75 -49.09 2.66
N ILE A 434 -16.26 -50.33 2.56
CA ILE A 434 -16.65 -51.27 1.53
C ILE A 434 -17.15 -52.55 2.20
N ALA A 435 -18.12 -53.20 1.56
CA ALA A 435 -18.69 -54.44 2.07
C ALA A 435 -19.21 -55.25 0.91
N TRP A 436 -18.98 -56.56 0.94
CA TRP A 436 -19.39 -57.42 -0.15
C TRP A 436 -19.75 -58.80 0.36
N ASN A 437 -20.64 -59.47 -0.36
CA ASN A 437 -21.14 -60.77 0.04
C ASN A 437 -20.06 -61.85 -0.10
N SER A 438 -20.11 -62.82 0.81
CA SER A 438 -19.23 -63.99 0.76
C SER A 438 -20.02 -65.25 1.09
N ASN A 439 -21.24 -65.35 0.54
CA ASN A 439 -22.08 -66.50 0.84
C ASN A 439 -21.47 -67.80 0.34
N ASN A 440 -20.88 -67.78 -0.86
CA ASN A 440 -20.30 -68.99 -1.43
C ASN A 440 -19.04 -69.42 -0.70
N LEU A 441 -18.45 -68.56 0.12
CA LEU A 441 -17.22 -68.87 0.84
C LEU A 441 -17.47 -69.43 2.23
N ASP A 442 -18.73 -69.58 2.64
CA ASP A 442 -19.03 -70.13 3.96
C ASP A 442 -20.17 -71.14 3.92
N SER A 443 -20.45 -71.74 2.77
CA SER A 443 -21.50 -72.73 2.67
C SER A 443 -21.07 -74.04 3.33
N LYS A 444 -22.06 -74.82 3.73
CA LYS A 444 -21.81 -76.12 4.36
C LYS A 444 -21.63 -77.20 3.29
N GLY A 447 -23.82 -73.96 8.60
CA GLY A 447 -22.63 -73.90 7.77
C GLY A 447 -21.36 -73.65 8.55
N ASN A 448 -20.91 -72.40 8.53
CA ASN A 448 -19.69 -72.01 9.25
C ASN A 448 -20.03 -71.72 10.71
N TYR A 449 -19.29 -72.35 11.62
CA TYR A 449 -19.54 -72.23 13.05
C TYR A 449 -18.25 -71.95 13.80
N ASN A 450 -17.42 -71.07 13.24
CA ASN A 450 -16.17 -70.67 13.88
C ASN A 450 -16.09 -69.16 14.08
N TYR A 451 -17.23 -68.47 14.01
CA TYR A 451 -17.28 -67.02 14.17
C TYR A 451 -17.81 -66.67 15.56
N LEU A 452 -17.12 -65.75 16.22
CA LEU A 452 -17.49 -65.31 17.56
C LEU A 452 -17.68 -63.81 17.56
N TYR A 453 -18.60 -63.33 18.39
CA TYR A 453 -18.87 -61.90 18.50
C TYR A 453 -19.29 -61.56 19.92
N ARG A 454 -18.85 -60.41 20.39
CA ARG A 454 -19.22 -59.96 21.73
C ARG A 454 -20.70 -59.57 21.76
N LEU A 455 -21.36 -59.92 22.87
CA LEU A 455 -22.78 -59.62 23.03
C LEU A 455 -23.04 -58.88 24.32
N PHE A 456 -22.18 -59.07 25.31
CA PHE A 456 -22.35 -58.47 26.63
C PHE A 456 -21.10 -57.70 27.00
N ARG A 457 -21.27 -56.45 27.43
CA ARG A 457 -20.15 -55.62 27.87
C ARG A 457 -20.68 -54.59 28.85
N LYS A 458 -19.80 -54.10 29.71
CA LYS A 458 -20.19 -53.12 30.71
C LYS A 458 -20.65 -51.81 30.07
N SER A 459 -19.94 -51.35 29.04
CA SER A 459 -20.25 -50.09 28.40
C SER A 459 -19.85 -50.17 26.93
N ASN A 460 -20.10 -49.09 26.21
CA ASN A 460 -19.77 -49.03 24.78
C ASN A 460 -18.27 -49.01 24.57
N LEU A 461 -17.85 -49.54 23.43
CA LEU A 461 -16.43 -49.62 23.11
C LEU A 461 -15.88 -48.24 22.73
N LYS A 462 -14.58 -48.05 22.99
CA LYS A 462 -13.89 -46.85 22.60
C LYS A 462 -13.59 -46.86 21.11
N PRO A 463 -13.36 -45.69 20.49
CA PRO A 463 -13.05 -45.67 19.07
C PRO A 463 -11.76 -46.42 18.77
N PHE A 464 -11.81 -47.27 17.74
CA PHE A 464 -10.64 -48.04 17.29
C PHE A 464 -10.00 -48.81 18.43
N GLU A 465 -10.83 -49.44 19.25
CA GLU A 465 -10.38 -50.17 20.43
C GLU A 465 -10.26 -51.65 20.10
N ARG A 466 -9.05 -52.18 20.23
CA ARG A 466 -8.81 -53.61 20.04
C ARG A 466 -8.94 -54.31 21.40
N ASP A 467 -10.20 -54.44 21.83
CA ASP A 467 -10.51 -55.02 23.13
C ASP A 467 -10.56 -56.54 22.99
N ILE A 468 -9.48 -57.20 23.41
CA ILE A 468 -9.40 -58.65 23.42
C ILE A 468 -9.26 -59.12 24.87
N SER A 469 -10.19 -59.96 25.31
CA SER A 469 -10.22 -60.49 26.67
C SER A 469 -11.38 -61.49 26.75
N THR A 470 -11.34 -62.32 27.79
CA THR A 470 -12.42 -63.25 28.08
C THR A 470 -12.78 -63.16 29.55
N GLU A 471 -14.08 -63.24 29.84
CA GLU A 471 -14.57 -63.15 31.21
C GLU A 471 -16.02 -63.61 31.23
N ILE A 472 -16.44 -64.12 32.38
CA ILE A 472 -17.82 -64.54 32.58
C ILE A 472 -18.65 -63.29 32.90
N TYR A 473 -19.49 -62.87 31.96
CA TYR A 473 -20.30 -61.68 32.16
C TYR A 473 -21.33 -61.91 33.26
N GLN A 474 -21.42 -60.97 34.19
CA GLN A 474 -22.36 -61.03 35.29
C GLN A 474 -23.35 -59.87 35.18
N ALA A 475 -24.63 -60.16 35.41
CA ALA A 475 -25.68 -59.16 35.36
C ALA A 475 -26.59 -59.23 36.59
N GLY A 476 -26.13 -59.82 37.67
CA GLY A 476 -26.95 -59.98 38.86
C GLY A 476 -26.33 -59.40 40.11
N SER A 477 -27.17 -59.22 41.15
CA SER A 477 -26.67 -58.67 42.40
C SER A 477 -25.65 -59.59 43.06
N THR A 478 -25.90 -60.90 43.04
CA THR A 478 -24.99 -61.84 43.64
C THR A 478 -23.68 -61.89 42.85
N PRO A 479 -22.54 -62.04 43.52
CA PRO A 479 -21.26 -62.14 42.80
C PRO A 479 -21.20 -63.41 41.97
N CYS A 480 -20.48 -63.32 40.85
CA CYS A 480 -20.33 -64.43 39.92
C CYS A 480 -18.96 -65.05 40.08
N ASN A 481 -18.93 -66.37 40.31
CA ASN A 481 -17.68 -67.09 40.46
C ASN A 481 -17.91 -68.56 40.11
N GLY A 482 -16.81 -69.25 39.84
CA GLY A 482 -16.90 -70.68 39.55
C GLY A 482 -17.51 -70.92 38.19
N VAL A 483 -18.45 -71.85 38.13
CA VAL A 483 -19.05 -72.30 36.88
C VAL A 483 -20.13 -71.30 36.46
N GLU A 484 -20.38 -71.24 35.16
CA GLU A 484 -21.41 -70.34 34.63
C GLU A 484 -22.80 -70.80 35.04
N GLY A 485 -23.73 -69.85 35.11
CA GLY A 485 -25.10 -70.14 35.47
C GLY A 485 -25.99 -68.92 35.33
N PHE A 486 -26.94 -68.75 36.24
CA PHE A 486 -27.79 -67.57 36.23
C PHE A 486 -26.95 -66.33 36.52
N ASN A 487 -27.13 -65.30 35.70
CA ASN A 487 -26.33 -64.06 35.78
C ASN A 487 -24.85 -64.35 35.62
N CYS A 488 -24.52 -65.41 34.88
CA CYS A 488 -23.12 -65.78 34.60
C CYS A 488 -23.10 -66.38 33.20
N TYR A 489 -22.80 -65.55 32.21
CA TYR A 489 -22.94 -65.94 30.81
C TYR A 489 -21.62 -65.75 30.06
N PHE A 490 -21.52 -66.42 28.92
CA PHE A 490 -20.38 -66.25 28.02
C PHE A 490 -20.72 -65.19 26.98
N PRO A 491 -19.95 -64.11 26.87
CA PRO A 491 -20.31 -63.02 25.96
C PRO A 491 -20.02 -63.30 24.49
N LEU A 492 -19.56 -64.48 24.14
CA LEU A 492 -19.22 -64.82 22.76
C LEU A 492 -20.15 -65.91 22.26
N GLN A 493 -20.73 -65.70 21.07
CA GLN A 493 -21.69 -66.62 20.49
C GLN A 493 -21.36 -66.85 19.03
N SER A 494 -21.87 -67.94 18.48
CA SER A 494 -21.60 -68.33 17.11
C SER A 494 -22.58 -67.64 16.16
N TYR A 495 -22.44 -67.95 14.87
CA TYR A 495 -23.30 -67.40 13.83
C TYR A 495 -24.05 -68.54 13.13
N GLY A 496 -25.35 -68.32 12.89
CA GLY A 496 -26.14 -69.29 12.16
C GLY A 496 -26.05 -69.10 10.66
N PHE A 497 -24.90 -69.43 10.09
CA PHE A 497 -24.66 -69.21 8.66
C PHE A 497 -24.96 -70.48 7.86
N GLN A 498 -26.23 -70.87 7.88
CA GLN A 498 -26.67 -72.04 7.14
C GLN A 498 -26.59 -71.78 5.64
N PRO A 499 -26.33 -72.82 4.85
CA PRO A 499 -26.25 -72.65 3.39
C PRO A 499 -27.58 -72.43 2.71
N THR A 500 -28.69 -72.48 3.45
CA THR A 500 -30.02 -72.29 2.86
C THR A 500 -30.71 -71.08 3.46
N ASN A 501 -29.98 -69.97 3.59
CA ASN A 501 -30.50 -68.75 4.19
C ASN A 501 -30.33 -67.59 3.22
N GLY A 502 -31.24 -66.63 3.32
CA GLY A 502 -31.25 -65.46 2.47
C GLY A 502 -30.56 -64.26 3.10
N VAL A 503 -31.04 -63.06 2.77
CA VAL A 503 -30.46 -61.84 3.29
C VAL A 503 -30.66 -61.78 4.81
N GLY A 504 -29.62 -61.32 5.51
CA GLY A 504 -29.63 -61.27 6.96
C GLY A 504 -28.86 -62.40 7.62
N TYR A 505 -28.59 -63.48 6.91
CA TYR A 505 -27.78 -64.58 7.41
C TYR A 505 -26.61 -64.93 6.51
N GLN A 506 -26.44 -64.23 5.39
CA GLN A 506 -25.30 -64.45 4.51
C GLN A 506 -24.10 -63.65 5.00
N PRO A 507 -22.95 -64.29 5.19
CA PRO A 507 -21.78 -63.55 5.69
C PRO A 507 -21.37 -62.44 4.73
N TYR A 508 -21.00 -61.30 5.31
CA TYR A 508 -20.57 -60.12 4.56
C TYR A 508 -19.18 -59.73 5.03
N ARG A 509 -18.25 -59.62 4.09
CA ARG A 509 -16.91 -59.13 4.39
C ARG A 509 -16.94 -57.60 4.35
N VAL A 510 -16.53 -56.97 5.45
CA VAL A 510 -16.57 -55.53 5.60
C VAL A 510 -15.16 -55.01 5.88
N VAL A 511 -14.73 -54.03 5.09
CA VAL A 511 -13.44 -53.39 5.25
C VAL A 511 -13.66 -51.89 5.38
N VAL A 512 -12.89 -51.27 6.27
CA VAL A 512 -12.96 -49.83 6.52
C VAL A 512 -11.56 -49.26 6.35
N LEU A 513 -11.45 -48.23 5.50
CA LEU A 513 -10.19 -47.56 5.22
C LEU A 513 -10.18 -46.21 5.92
N SER A 514 -9.11 -45.95 6.67
CA SER A 514 -8.90 -44.68 7.35
C SER A 514 -7.49 -44.21 7.05
N PHE A 515 -7.23 -42.93 7.33
CA PHE A 515 -5.95 -42.34 6.97
C PHE A 515 -5.75 -41.05 7.74
N GLU A 516 -4.49 -40.62 7.79
CA GLU A 516 -4.11 -39.30 8.27
C GLU A 516 -3.50 -38.53 7.10
N LEU A 517 -3.85 -37.25 6.99
CA LEU A 517 -3.44 -36.43 5.85
C LEU A 517 -2.22 -35.59 6.24
N LEU A 518 -1.07 -35.96 5.67
CA LEU A 518 0.15 -35.16 5.70
C LEU A 518 0.52 -34.72 7.12
N HIS A 519 0.83 -35.71 7.95
CA HIS A 519 1.36 -35.42 9.28
C HIS A 519 2.67 -34.66 9.17
N ALA A 520 3.58 -35.14 8.32
CA ALA A 520 4.81 -34.44 7.98
C ALA A 520 5.36 -34.96 6.65
N PRO A 521 5.59 -36.29 6.49
CA PRO A 521 6.02 -36.78 5.18
C PRO A 521 4.86 -37.23 4.31
N ALA A 522 5.15 -37.64 3.08
CA ALA A 522 4.14 -38.19 2.18
C ALA A 522 4.70 -39.44 1.53
N THR A 523 3.94 -40.54 1.62
CA THR A 523 4.40 -41.83 1.12
C THR A 523 3.51 -42.41 0.05
N VAL A 524 2.19 -42.39 0.23
CA VAL A 524 1.26 -43.02 -0.70
C VAL A 524 0.38 -41.94 -1.32
N CYS A 525 0.44 -41.83 -2.64
CA CYS A 525 -0.39 -40.89 -3.41
C CYS A 525 -1.06 -41.66 -4.54
N GLY A 526 -1.89 -40.95 -5.31
CA GLY A 526 -2.54 -41.54 -6.46
C GLY A 526 -1.57 -41.70 -7.62
N PRO A 527 -1.88 -42.63 -8.52
CA PRO A 527 -1.01 -42.84 -9.69
C PRO A 527 -1.11 -41.66 -10.66
N LYS A 528 -0.03 -41.50 -11.43
CA LYS A 528 0.06 -40.44 -12.44
C LYS A 528 0.36 -41.06 -13.79
N LYS A 529 -0.31 -40.57 -14.83
CA LYS A 529 -0.16 -41.07 -16.18
C LYS A 529 0.64 -40.10 -17.04
N SER A 530 1.32 -40.64 -18.04
CA SER A 530 2.16 -39.85 -18.93
C SER A 530 1.81 -40.18 -20.38
N THR A 531 1.79 -39.15 -21.22
CA THR A 531 1.51 -39.31 -22.64
C THR A 531 2.81 -39.45 -23.41
N ASN A 532 2.71 -39.49 -24.73
CA ASN A 532 3.88 -39.59 -25.60
C ASN A 532 4.52 -38.22 -25.77
N LEU A 533 5.60 -38.18 -26.54
CA LEU A 533 6.37 -36.96 -26.76
C LEU A 533 6.28 -36.51 -28.21
N VAL A 534 6.47 -35.21 -28.41
CA VAL A 534 6.52 -34.61 -29.75
C VAL A 534 7.77 -33.74 -29.84
N LYS A 535 8.21 -33.51 -31.07
CA LYS A 535 9.43 -32.75 -31.31
C LYS A 535 9.20 -31.75 -32.45
N ASN A 536 10.05 -30.73 -32.47
CA ASN A 536 10.05 -29.71 -33.52
C ASN A 536 8.71 -28.97 -33.58
N LYS A 537 8.11 -28.75 -32.42
CA LYS A 537 6.88 -27.97 -32.30
C LYS A 537 6.89 -27.26 -30.96
N CYS A 538 6.53 -25.97 -30.97
CA CYS A 538 6.46 -25.20 -29.73
C CYS A 538 5.32 -25.75 -28.86
N VAL A 539 5.69 -26.40 -27.75
CA VAL A 539 4.77 -27.11 -26.88
C VAL A 539 5.02 -26.63 -25.46
N ASN A 540 3.95 -26.61 -24.66
CA ASN A 540 4.06 -26.37 -23.23
C ASN A 540 4.11 -27.72 -22.51
N PHE A 541 5.20 -27.94 -21.78
CA PHE A 541 5.51 -29.23 -21.17
C PHE A 541 5.48 -29.13 -19.65
N ASN A 542 5.30 -30.28 -19.01
CA ASN A 542 5.15 -30.42 -17.57
C ASN A 542 6.00 -31.58 -17.06
N PHE A 543 7.29 -31.60 -17.44
CA PHE A 543 8.13 -32.75 -17.18
C PHE A 543 8.33 -32.96 -15.68
N ASN A 544 7.66 -33.99 -15.14
CA ASN A 544 7.75 -34.46 -13.75
C ASN A 544 8.01 -33.35 -12.73
N GLY A 545 7.21 -32.29 -12.79
CA GLY A 545 7.30 -31.21 -11.81
C GLY A 545 7.78 -29.90 -12.40
N LEU A 546 8.78 -29.96 -13.27
CA LEU A 546 9.31 -28.78 -13.94
C LEU A 546 8.45 -28.47 -15.16
N THR A 547 7.77 -27.32 -15.13
CA THR A 547 6.88 -26.92 -16.21
C THR A 547 7.47 -25.74 -16.97
N GLY A 548 7.10 -25.65 -18.24
CA GLY A 548 7.61 -24.58 -19.07
C GLY A 548 7.05 -24.68 -20.48
N THR A 549 7.61 -23.85 -21.37
CA THR A 549 7.23 -23.84 -22.77
C THR A 549 8.48 -23.82 -23.64
N GLY A 550 8.35 -24.32 -24.85
CA GLY A 550 9.44 -24.28 -25.80
C GLY A 550 9.35 -25.46 -26.76
N VAL A 551 10.42 -25.64 -27.52
CA VAL A 551 10.52 -26.71 -28.49
C VAL A 551 11.60 -27.69 -28.03
N LEU A 552 11.31 -28.97 -28.20
CA LEU A 552 12.17 -30.06 -27.74
C LEU A 552 13.04 -30.54 -28.89
N THR A 553 14.34 -30.67 -28.64
CA THR A 553 15.29 -31.09 -29.65
C THR A 553 16.17 -32.20 -29.10
N GLU A 554 16.67 -33.05 -29.98
CA GLU A 554 17.63 -34.05 -29.59
C GLU A 554 18.92 -33.39 -29.10
N SER A 555 19.60 -34.06 -28.18
CA SER A 555 20.79 -33.50 -27.55
C SER A 555 21.90 -34.55 -27.51
N ASN A 556 23.13 -34.05 -27.34
CA ASN A 556 24.31 -34.89 -27.24
C ASN A 556 25.10 -34.61 -25.96
N LYS A 557 24.54 -33.84 -25.03
CA LYS A 557 25.25 -33.53 -23.80
C LYS A 557 25.35 -34.76 -22.90
N LYS A 558 26.25 -34.69 -21.93
CA LYS A 558 26.49 -35.78 -21.00
C LYS A 558 26.11 -35.35 -19.59
N PHE A 559 25.32 -36.19 -18.93
CA PHE A 559 24.91 -35.97 -17.55
C PHE A 559 25.52 -37.02 -16.65
N LEU A 560 25.87 -36.62 -15.43
CA LEU A 560 26.20 -37.58 -14.40
C LEU A 560 24.93 -38.34 -14.01
N PRO A 561 25.06 -39.56 -13.47
CA PRO A 561 23.88 -40.42 -13.30
C PRO A 561 22.83 -39.91 -12.33
N PHE A 562 22.98 -38.71 -11.77
CA PHE A 562 22.05 -38.24 -10.76
C PHE A 562 21.47 -36.84 -10.97
N GLN A 563 21.84 -36.13 -12.05
CA GLN A 563 21.12 -34.89 -12.31
C GLN A 563 19.78 -35.18 -12.97
N GLN A 564 18.90 -34.18 -12.92
CA GLN A 564 17.60 -34.26 -13.57
C GLN A 564 17.43 -33.22 -14.66
N PHE A 565 17.68 -31.95 -14.36
CA PHE A 565 17.57 -30.89 -15.35
C PHE A 565 18.74 -29.93 -15.19
N GLY A 566 19.41 -29.64 -16.30
CA GLY A 566 20.52 -28.71 -16.30
C GLY A 566 20.10 -27.28 -16.59
N ARG A 567 21.10 -26.41 -16.67
CA ARG A 567 20.89 -25.01 -17.02
C ARG A 567 22.23 -24.42 -17.43
N ASP A 568 22.19 -23.20 -17.97
CA ASP A 568 23.37 -22.55 -18.49
C ASP A 568 23.76 -21.32 -17.68
N ILE A 569 22.87 -20.34 -17.54
CA ILE A 569 23.18 -19.13 -16.81
C ILE A 569 21.89 -18.37 -16.49
N ALA A 570 21.90 -17.61 -15.40
CA ALA A 570 20.80 -16.71 -15.03
C ALA A 570 19.47 -17.47 -14.88
N ASP A 571 19.55 -18.69 -14.35
CA ASP A 571 18.37 -19.49 -14.01
C ASP A 571 17.48 -19.70 -15.24
N THR A 572 18.08 -20.25 -16.29
CA THR A 572 17.37 -20.57 -17.53
C THR A 572 17.61 -22.04 -17.86
N THR A 573 16.58 -22.87 -17.73
CA THR A 573 16.72 -24.28 -18.02
C THR A 573 17.00 -24.50 -19.51
N ASP A 574 17.93 -25.41 -19.79
CA ASP A 574 18.31 -25.69 -21.17
C ASP A 574 18.23 -27.16 -21.52
N ALA A 575 18.58 -28.05 -20.59
CA ALA A 575 18.59 -29.49 -20.85
C ALA A 575 17.75 -30.20 -19.80
N VAL A 576 16.94 -31.16 -20.25
CA VAL A 576 16.09 -31.96 -19.39
C VAL A 576 16.16 -33.41 -19.84
N ARG A 577 16.18 -34.34 -18.88
CA ARG A 577 16.19 -35.75 -19.19
C ARG A 577 14.82 -36.35 -18.88
N ASP A 578 14.29 -37.13 -19.81
CA ASP A 578 12.96 -37.72 -19.64
C ASP A 578 13.04 -38.91 -18.69
N PRO A 579 12.18 -38.97 -17.66
CA PRO A 579 12.27 -40.08 -16.70
C PRO A 579 12.04 -41.44 -17.31
N GLN A 580 11.18 -41.55 -18.33
CA GLN A 580 10.83 -42.87 -18.85
C GLN A 580 11.99 -43.47 -19.66
N THR A 581 12.61 -42.68 -20.53
CA THR A 581 13.61 -43.19 -21.45
C THR A 581 15.04 -42.85 -21.04
N LEU A 582 15.23 -41.83 -20.19
CA LEU A 582 16.54 -41.39 -19.74
C LEU A 582 17.40 -40.94 -20.93
N GLU A 583 16.90 -39.92 -21.62
CA GLU A 583 17.59 -39.32 -22.76
C GLU A 583 17.63 -37.81 -22.58
N ILE A 584 18.73 -37.20 -23.01
CA ILE A 584 18.93 -35.76 -22.84
C ILE A 584 18.20 -35.03 -23.96
N LEU A 585 17.44 -34.00 -23.61
CA LEU A 585 16.67 -33.22 -24.55
C LEU A 585 16.94 -31.74 -24.31
N ASP A 586 16.93 -30.95 -25.39
CA ASP A 586 17.23 -29.54 -25.32
C ASP A 586 15.95 -28.73 -25.50
N ILE A 587 15.83 -27.66 -24.71
CA ILE A 587 14.69 -26.75 -24.73
C ILE A 587 15.11 -25.48 -25.44
N THR A 588 14.31 -25.05 -26.42
CA THR A 588 14.59 -23.80 -27.11
C THR A 588 13.31 -22.99 -27.24
N PRO A 589 13.31 -21.72 -26.86
CA PRO A 589 12.10 -20.91 -27.05
C PRO A 589 11.74 -20.79 -28.52
N CYS A 590 10.46 -20.94 -28.84
CA CYS A 590 10.04 -20.90 -30.23
C CYS A 590 10.10 -19.46 -30.75
N SER A 591 10.21 -19.35 -32.07
CA SER A 591 10.58 -18.09 -32.71
C SER A 591 9.56 -16.98 -32.44
N PHE A 592 10.06 -15.76 -32.26
CA PHE A 592 9.24 -14.58 -32.12
C PHE A 592 10.07 -13.37 -32.50
N GLY A 593 9.40 -12.28 -32.84
CA GLY A 593 10.12 -11.07 -33.16
C GLY A 593 9.22 -10.04 -33.80
N GLY A 594 9.79 -8.84 -33.99
CA GLY A 594 9.04 -7.75 -34.56
C GLY A 594 8.93 -7.84 -36.07
N VAL A 595 8.06 -6.98 -36.62
CA VAL A 595 7.85 -6.90 -38.06
C VAL A 595 8.03 -5.45 -38.49
N SER A 596 8.35 -5.26 -39.76
CA SER A 596 8.56 -3.92 -40.29
C SER A 596 7.98 -3.83 -41.68
N VAL A 597 7.64 -2.60 -42.09
CA VAL A 597 7.04 -2.33 -43.38
C VAL A 597 7.91 -1.33 -44.12
N ILE A 598 8.44 -1.74 -45.27
CA ILE A 598 9.21 -0.88 -46.15
C ILE A 598 8.27 -0.35 -47.22
N THR A 599 8.15 0.97 -47.30
CA THR A 599 7.25 1.63 -48.24
C THR A 599 7.98 2.79 -48.91
N PRO A 600 7.68 3.07 -50.17
CA PRO A 600 8.24 4.24 -50.85
C PRO A 600 7.47 5.54 -50.62
N GLY A 601 6.53 5.56 -49.68
CA GLY A 601 5.72 6.75 -49.45
C GLY A 601 4.35 6.64 -50.08
N THR A 602 3.30 6.96 -49.32
CA THR A 602 1.95 6.89 -49.84
C THR A 602 1.71 7.87 -50.98
N ASN A 603 2.59 8.86 -51.14
CA ASN A 603 2.50 9.79 -52.26
C ASN A 603 2.67 9.06 -53.58
N THR A 604 3.80 8.37 -53.75
CA THR A 604 4.10 7.75 -55.04
C THR A 604 3.20 6.55 -55.31
N SER A 605 3.06 5.65 -54.32
CA SER A 605 2.30 4.43 -54.51
C SER A 605 1.93 3.86 -53.16
N ASN A 606 1.04 2.87 -53.17
CA ASN A 606 0.58 2.18 -51.97
C ASN A 606 0.98 0.71 -51.98
N GLN A 607 2.21 0.43 -52.42
CA GLN A 607 2.75 -0.92 -52.45
C GLN A 607 3.90 -1.01 -51.44
N VAL A 608 3.82 -1.99 -50.55
CA VAL A 608 4.79 -2.13 -49.46
C VAL A 608 5.33 -3.55 -49.44
N ALA A 609 6.48 -3.71 -48.78
CA ALA A 609 7.08 -5.02 -48.58
C ALA A 609 7.34 -5.21 -47.10
N VAL A 610 6.97 -6.37 -46.56
CA VAL A 610 7.01 -6.60 -45.12
C VAL A 610 8.18 -7.51 -44.78
N LEU A 611 8.90 -7.15 -43.72
CA LEU A 611 10.11 -7.84 -43.29
C LEU A 611 9.89 -8.38 -41.88
N TYR A 612 10.14 -9.67 -41.72
CA TYR A 612 10.12 -10.32 -40.40
C TYR A 612 11.55 -10.39 -39.89
N GLN A 613 11.78 -9.85 -38.69
CA GLN A 613 13.12 -9.77 -38.13
C GLN A 613 13.49 -11.08 -37.46
N ASP A 614 14.79 -11.39 -37.49
CA ASP A 614 15.44 -12.56 -36.87
C ASP A 614 14.55 -13.78 -36.84
N VAL A 615 13.99 -14.15 -38.00
CA VAL A 615 13.13 -15.33 -38.11
C VAL A 615 13.50 -16.06 -39.39
N ASN A 616 13.97 -17.30 -39.26
CA ASN A 616 14.20 -18.18 -40.42
C ASN A 616 12.83 -18.65 -40.89
N CYS A 617 12.20 -17.81 -41.71
CA CYS A 617 10.76 -17.91 -41.96
C CYS A 617 10.44 -19.10 -42.89
N THR A 618 10.61 -20.29 -42.34
CA THR A 618 9.90 -21.44 -42.89
C THR A 618 8.47 -21.48 -42.39
N GLU A 619 8.25 -21.02 -41.16
CA GLU A 619 6.91 -20.89 -40.59
C GLU A 619 6.43 -19.45 -40.71
N VAL A 620 6.24 -19.02 -41.96
CA VAL A 620 5.85 -17.63 -42.23
C VAL A 620 4.52 -17.29 -41.57
N PRO A 621 3.44 -18.07 -41.72
CA PRO A 621 2.21 -17.65 -41.04
C PRO A 621 2.18 -18.07 -39.57
N VAL A 635 -3.10 -12.45 -47.35
CA VAL A 635 -2.54 -11.82 -48.53
C VAL A 635 -1.03 -12.03 -48.57
N TYR A 636 -0.35 -11.50 -47.55
CA TYR A 636 1.10 -11.60 -47.46
C TYR A 636 1.56 -12.86 -46.73
N SER A 637 0.73 -13.90 -46.67
CA SER A 637 1.17 -15.17 -46.12
C SER A 637 2.30 -15.76 -46.95
N THR A 638 2.18 -15.69 -48.28
CA THR A 638 3.27 -16.03 -49.19
C THR A 638 3.68 -14.85 -50.06
N GLY A 639 2.72 -14.18 -50.70
CA GLY A 639 3.01 -12.98 -51.44
C GLY A 639 4.00 -13.21 -52.57
N SER A 640 4.90 -12.26 -52.75
CA SER A 640 5.92 -12.32 -53.78
C SER A 640 7.06 -13.23 -53.32
N ASN A 641 8.17 -13.19 -54.05
CA ASN A 641 9.31 -14.04 -53.73
C ASN A 641 9.85 -13.73 -52.33
N VAL A 642 10.13 -14.80 -51.59
CA VAL A 642 10.68 -14.69 -50.24
C VAL A 642 12.19 -14.57 -50.33
N PHE A 643 12.76 -13.57 -49.67
CA PHE A 643 14.19 -13.33 -49.69
C PHE A 643 14.71 -13.41 -48.25
N GLN A 644 15.41 -14.50 -47.92
CA GLN A 644 15.95 -14.69 -46.59
C GLN A 644 17.32 -14.00 -46.51
N THR A 645 17.46 -13.08 -45.56
CA THR A 645 18.65 -12.26 -45.44
C THR A 645 19.33 -12.54 -44.10
N ARG A 646 20.37 -11.75 -43.80
CA ARG A 646 21.07 -11.87 -42.53
C ARG A 646 20.33 -11.20 -41.37
N ALA A 647 19.27 -10.47 -41.65
CA ALA A 647 18.47 -9.79 -40.64
C ALA A 647 17.00 -10.21 -40.72
N GLY A 648 16.76 -11.51 -40.91
CA GLY A 648 15.41 -12.01 -41.02
C GLY A 648 15.04 -12.42 -42.43
N CYS A 649 13.82 -12.09 -42.85
CA CYS A 649 13.42 -12.38 -44.23
C CYS A 649 12.38 -11.37 -44.69
N LEU A 650 12.45 -11.02 -45.96
CA LEU A 650 11.62 -9.99 -46.56
C LEU A 650 10.71 -10.62 -47.62
N ILE A 651 9.44 -10.25 -47.60
CA ILE A 651 8.48 -10.72 -48.58
C ILE A 651 7.75 -9.50 -49.16
N GLY A 652 7.65 -9.45 -50.48
CA GLY A 652 7.05 -8.33 -51.19
C GLY A 652 7.97 -7.64 -52.17
N ALA A 653 9.28 -7.91 -52.14
CA ALA A 653 10.22 -7.29 -53.05
C ALA A 653 11.15 -8.35 -53.64
N GLU A 654 11.45 -8.21 -54.93
CA GLU A 654 12.31 -9.15 -55.63
C GLU A 654 13.78 -8.80 -55.40
N HIS A 655 14.65 -9.71 -55.83
CA HIS A 655 16.08 -9.57 -55.65
C HIS A 655 16.77 -9.33 -57.00
N VAL A 656 17.79 -8.48 -56.98
CA VAL A 656 18.56 -8.14 -58.16
C VAL A 656 20.04 -8.24 -57.84
N ASN A 657 20.86 -8.46 -58.86
CA ASN A 657 22.30 -8.60 -58.70
C ASN A 657 23.06 -7.29 -58.88
N ASN A 658 22.38 -6.21 -59.23
CA ASN A 658 23.05 -4.93 -59.40
C ASN A 658 23.38 -4.33 -58.02
N SER A 659 23.89 -3.10 -58.04
CA SER A 659 24.30 -2.44 -56.80
C SER A 659 24.35 -0.94 -57.05
N TYR A 660 23.56 -0.18 -56.30
CA TYR A 660 23.58 1.27 -56.38
C TYR A 660 23.69 1.86 -54.98
N GLU A 661 23.55 3.17 -54.87
CA GLU A 661 23.42 3.82 -53.57
C GLU A 661 21.94 4.00 -53.26
N CYS A 662 21.53 3.59 -52.05
CA CYS A 662 20.13 3.50 -51.70
C CYS A 662 19.76 4.58 -50.69
N ASP A 663 18.45 4.64 -50.39
CA ASP A 663 17.91 5.60 -49.45
C ASP A 663 17.09 4.97 -48.33
N ILE A 664 16.76 3.69 -48.42
CA ILE A 664 16.01 3.00 -47.38
C ILE A 664 16.86 1.87 -46.84
N PRO A 665 17.62 2.08 -45.77
CA PRO A 665 18.48 1.02 -45.24
C PRO A 665 17.66 -0.09 -44.59
N ILE A 666 18.08 -1.32 -44.85
CA ILE A 666 17.48 -2.50 -44.22
C ILE A 666 18.40 -3.08 -43.17
N GLY A 667 19.67 -3.32 -43.53
CA GLY A 667 20.62 -3.82 -42.55
C GLY A 667 21.52 -4.92 -43.09
N ALA A 668 22.56 -5.26 -42.32
CA ALA A 668 23.51 -6.31 -42.71
C ALA A 668 24.11 -6.04 -44.08
N GLY A 669 24.20 -4.77 -44.47
CA GLY A 669 24.78 -4.40 -45.74
C GLY A 669 23.84 -4.44 -46.92
N ILE A 670 22.55 -4.69 -46.70
CA ILE A 670 21.60 -4.71 -47.81
C ILE A 670 20.52 -3.66 -47.57
N CYS A 671 19.90 -3.22 -48.65
CA CYS A 671 18.90 -2.16 -48.57
C CYS A 671 18.01 -2.25 -49.81
N ALA A 672 16.83 -1.63 -49.70
CA ALA A 672 15.82 -1.72 -50.75
C ALA A 672 15.38 -0.33 -51.17
N SER A 673 14.83 -0.26 -52.38
CA SER A 673 14.32 1.00 -52.92
C SER A 673 13.28 0.68 -53.98
N TYR A 674 12.50 1.69 -54.33
CA TYR A 674 11.45 1.57 -55.34
C TYR A 674 12.01 1.99 -56.70
N GLN A 675 11.88 1.11 -57.68
CA GLN A 675 12.40 1.39 -59.02
C GLN A 675 11.56 2.47 -59.71
N SER A 691 8.02 -1.55 -59.40
CA SER A 691 7.98 -2.38 -58.20
C SER A 691 9.03 -1.95 -57.20
N ILE A 692 9.26 -2.79 -56.19
CA ILE A 692 10.24 -2.55 -55.15
C ILE A 692 11.31 -3.62 -55.21
N ILE A 693 12.58 -3.21 -55.15
CA ILE A 693 13.71 -4.11 -55.33
C ILE A 693 14.68 -3.93 -54.18
N ALA A 694 15.23 -5.04 -53.69
CA ALA A 694 16.20 -5.04 -52.60
C ALA A 694 17.52 -5.58 -53.12
N TYR A 695 18.61 -4.89 -52.82
CA TYR A 695 19.93 -5.22 -53.33
C TYR A 695 20.97 -4.97 -52.24
N THR A 696 22.23 -5.04 -52.64
CA THR A 696 23.37 -4.74 -51.76
C THR A 696 23.95 -3.40 -52.16
N MET A 697 24.13 -2.52 -51.18
CA MET A 697 24.56 -1.16 -51.46
C MET A 697 25.98 -1.13 -52.00
N SER A 698 26.25 -0.11 -52.83
CA SER A 698 27.57 0.14 -53.37
C SER A 698 28.13 1.42 -52.74
N LEU A 699 29.40 1.37 -52.35
CA LEU A 699 30.00 2.47 -51.61
C LEU A 699 30.16 3.73 -52.45
N GLY A 700 30.30 3.60 -53.76
CA GLY A 700 30.42 4.75 -54.62
C GLY A 700 31.14 4.39 -55.90
N ALA A 701 31.36 5.41 -56.72
CA ALA A 701 32.04 5.24 -58.00
C ALA A 701 33.49 4.80 -57.79
N GLU A 702 34.02 4.09 -58.79
CA GLU A 702 35.37 3.56 -58.74
C GLU A 702 36.23 4.27 -59.76
N ASN A 703 37.38 4.76 -59.32
CA ASN A 703 38.35 5.41 -60.19
C ASN A 703 39.74 5.24 -59.61
N SER A 704 40.69 4.91 -60.48
CA SER A 704 42.09 4.71 -60.08
C SER A 704 42.95 5.80 -60.71
N VAL A 705 43.73 6.47 -59.87
CA VAL A 705 44.62 7.53 -60.35
C VAL A 705 45.92 6.91 -60.85
N ALA A 706 46.40 7.43 -61.98
CA ALA A 706 47.59 6.88 -62.64
C ALA A 706 48.84 7.48 -62.00
N TYR A 707 49.20 6.94 -60.84
CA TYR A 707 50.33 7.44 -60.09
C TYR A 707 51.64 7.16 -60.82
N SER A 708 52.47 8.20 -60.94
CA SER A 708 53.79 8.07 -61.52
C SER A 708 54.77 8.91 -60.71
N ASN A 709 56.05 8.55 -60.77
CA ASN A 709 57.05 9.14 -59.89
C ASN A 709 57.69 10.40 -60.47
N ASN A 710 57.27 10.87 -61.65
CA ASN A 710 57.84 12.09 -62.20
C ASN A 710 56.78 12.96 -62.87
N SER A 711 55.53 12.87 -62.43
CA SER A 711 54.45 13.64 -63.05
C SER A 711 53.55 14.21 -61.97
N ILE A 712 53.09 15.45 -62.18
CA ILE A 712 52.17 16.13 -61.28
C ILE A 712 51.03 16.72 -62.10
N ALA A 713 49.95 17.08 -61.41
CA ALA A 713 48.80 17.72 -62.01
C ALA A 713 48.55 19.04 -61.30
N ILE A 714 48.39 20.12 -62.07
CA ILE A 714 48.22 21.45 -61.51
C ILE A 714 46.94 22.06 -62.05
N PRO A 715 46.06 22.59 -61.20
CA PRO A 715 44.83 23.18 -61.69
C PRO A 715 45.08 24.44 -62.51
N THR A 716 44.16 24.73 -63.42
CA THR A 716 44.25 25.91 -64.26
C THR A 716 43.04 26.83 -64.16
N ASN A 717 41.98 26.43 -63.46
CA ASN A 717 40.81 27.27 -63.29
C ASN A 717 40.25 27.05 -61.89
N PHE A 718 39.27 27.89 -61.53
CA PHE A 718 38.74 27.81 -60.17
C PHE A 718 37.27 28.22 -60.17
N THR A 719 36.57 27.80 -59.12
CA THR A 719 35.16 28.14 -58.92
C THR A 719 34.96 28.52 -57.45
N ILE A 720 33.89 29.27 -57.22
CA ILE A 720 33.50 29.70 -55.88
C ILE A 720 32.13 29.14 -55.57
N SER A 721 32.00 28.49 -54.42
CA SER A 721 30.76 27.82 -54.04
C SER A 721 30.29 28.31 -52.68
N VAL A 722 28.98 28.19 -52.45
CA VAL A 722 28.37 28.58 -51.18
C VAL A 722 27.56 27.41 -50.65
N THR A 723 27.70 27.11 -49.37
CA THR A 723 26.98 26.03 -48.71
C THR A 723 26.13 26.60 -47.58
N THR A 724 25.48 25.71 -46.85
CA THR A 724 24.65 26.08 -45.72
C THR A 724 24.91 25.13 -44.57
N GLU A 725 24.63 25.59 -43.35
CA GLU A 725 24.73 24.73 -42.19
C GLU A 725 23.83 25.25 -41.09
N ILE A 726 22.95 24.40 -40.56
CA ILE A 726 21.96 24.77 -39.57
C ILE A 726 22.36 24.14 -38.24
N LEU A 727 22.39 24.97 -37.18
CA LEU A 727 22.79 24.50 -35.87
C LEU A 727 21.77 24.99 -34.83
N PRO A 728 21.17 24.10 -34.05
CA PRO A 728 20.29 24.53 -32.97
C PRO A 728 21.08 25.04 -31.77
N VAL A 729 20.48 26.00 -31.06
CA VAL A 729 21.14 26.60 -29.90
C VAL A 729 20.30 26.55 -28.64
N SER A 730 18.97 26.47 -28.70
CA SER A 730 18.16 26.47 -27.50
C SER A 730 16.78 25.91 -27.84
N MET A 731 16.02 25.59 -26.80
CA MET A 731 14.65 25.13 -26.95
C MET A 731 13.71 25.96 -26.10
N THR A 732 12.45 25.53 -26.01
CA THR A 732 11.46 26.29 -25.26
C THR A 732 11.65 26.13 -23.76
N LYS A 733 11.63 27.24 -23.03
CA LYS A 733 11.68 27.21 -21.58
C LYS A 733 10.31 26.84 -21.04
N THR A 734 10.27 25.83 -20.17
CA THR A 734 9.01 25.32 -19.63
C THR A 734 9.13 25.09 -18.13
N SER A 735 7.98 25.09 -17.47
CA SER A 735 7.91 24.81 -16.05
C SER A 735 6.59 24.12 -15.75
N VAL A 736 6.55 23.39 -14.63
CA VAL A 736 5.37 22.66 -14.21
C VAL A 736 5.12 22.94 -12.74
N ASP A 737 3.85 23.14 -12.38
CA ASP A 737 3.50 23.35 -10.98
C ASP A 737 3.79 22.09 -10.18
N CYS A 738 4.36 22.28 -8.99
CA CYS A 738 4.82 21.15 -8.20
C CYS A 738 3.65 20.34 -7.64
N THR A 739 2.62 21.01 -7.14
CA THR A 739 1.51 20.33 -6.48
C THR A 739 0.20 20.35 -7.27
N MET A 740 0.03 21.29 -8.20
CA MET A 740 -1.22 21.35 -8.95
C MET A 740 -1.37 20.15 -9.88
N TYR A 741 -0.25 19.61 -10.38
CA TYR A 741 -0.33 18.50 -11.33
C TYR A 741 -0.92 17.26 -10.68
N ILE A 742 -0.50 16.94 -9.45
CA ILE A 742 -0.84 15.66 -8.83
C ILE A 742 -1.95 15.78 -7.80
N CYS A 743 -2.55 16.96 -7.64
CA CYS A 743 -3.61 17.14 -6.67
C CYS A 743 -4.93 17.61 -7.27
N GLY A 744 -4.88 18.56 -8.19
CA GLY A 744 -6.10 19.05 -8.81
C GLY A 744 -7.03 19.78 -7.86
N ASP A 745 -6.49 20.65 -7.01
CA ASP A 745 -7.26 21.49 -6.10
C ASP A 745 -8.09 20.63 -5.12
N SER A 746 -7.37 19.83 -4.34
CA SER A 746 -7.98 19.00 -3.30
C SER A 746 -7.17 19.15 -2.03
N THR A 747 -7.88 19.37 -0.91
CA THR A 747 -7.18 19.57 0.36
C THR A 747 -6.62 18.26 0.91
N GLU A 748 -7.30 17.14 0.68
CA GLU A 748 -6.79 15.86 1.17
C GLU A 748 -5.49 15.49 0.47
N CYS A 749 -5.39 15.75 -0.82
CA CYS A 749 -4.15 15.52 -1.55
C CYS A 749 -3.00 16.32 -0.96
N SER A 750 -3.25 17.61 -0.67
CA SER A 750 -2.21 18.45 -0.08
C SER A 750 -1.82 17.95 1.30
N ASN A 751 -2.81 17.49 2.09
CA ASN A 751 -2.50 16.97 3.41
C ASN A 751 -1.65 15.70 3.33
N LEU A 752 -1.96 14.82 2.37
CA LEU A 752 -1.20 13.58 2.26
C LEU A 752 0.18 13.79 1.65
N LEU A 753 0.35 14.84 0.84
CA LEU A 753 1.65 15.08 0.21
C LEU A 753 2.73 15.42 1.23
N LEU A 754 2.34 15.97 2.39
CA LEU A 754 3.32 16.42 3.38
C LEU A 754 4.11 15.27 3.99
N GLN A 755 3.67 14.03 3.80
CA GLN A 755 4.36 12.87 4.36
C GLN A 755 5.37 12.25 3.40
N TYR A 756 5.57 12.83 2.22
CA TYR A 756 6.47 12.28 1.22
C TYR A 756 7.80 13.01 1.15
N GLY A 757 8.14 13.78 2.18
CA GLY A 757 9.42 14.46 2.18
C GLY A 757 9.46 15.66 1.24
N SER A 758 10.68 16.14 1.00
CA SER A 758 10.90 17.34 0.21
C SER A 758 11.18 16.99 -1.25
N PHE A 759 10.22 16.30 -1.87
CA PHE A 759 10.31 16.05 -3.31
C PHE A 759 9.99 17.29 -4.13
N CYS A 760 9.26 18.24 -3.54
CA CYS A 760 8.81 19.41 -4.29
C CYS A 760 9.98 20.25 -4.77
N THR A 761 10.88 20.62 -3.86
CA THR A 761 12.04 21.42 -4.25
C THR A 761 12.96 20.64 -5.18
N GLN A 762 13.10 19.34 -4.92
CA GLN A 762 13.95 18.50 -5.76
C GLN A 762 13.46 18.48 -7.20
N LEU A 763 12.14 18.43 -7.39
CA LEU A 763 11.56 18.42 -8.74
C LEU A 763 11.35 19.82 -9.31
N ASN A 764 11.50 20.87 -8.49
CA ASN A 764 11.28 22.23 -8.98
C ASN A 764 12.57 22.98 -9.30
N ARG A 765 13.69 22.64 -8.67
CA ARG A 765 14.93 23.40 -8.90
C ARG A 765 15.51 23.13 -10.29
N ALA A 766 15.34 21.91 -10.80
CA ALA A 766 15.97 21.53 -12.07
C ALA A 766 15.44 22.36 -13.23
N LEU A 767 14.13 22.63 -13.25
CA LEU A 767 13.56 23.39 -14.36
C LEU A 767 14.08 24.83 -14.37
N THR A 768 14.18 25.45 -13.20
CA THR A 768 14.75 26.80 -13.14
C THR A 768 16.21 26.80 -13.58
N GLY A 769 16.98 25.78 -13.15
CA GLY A 769 18.35 25.66 -13.60
C GLY A 769 18.44 25.55 -15.12
N ILE A 770 17.57 24.74 -15.72
CA ILE A 770 17.57 24.54 -17.16
C ILE A 770 17.23 25.85 -17.88
N ALA A 771 16.22 26.58 -17.37
CA ALA A 771 15.85 27.84 -18.00
C ALA A 771 16.99 28.85 -17.94
N VAL A 772 17.65 28.96 -16.79
CA VAL A 772 18.78 29.88 -16.67
C VAL A 772 19.90 29.46 -17.61
N GLU A 773 20.15 28.16 -17.71
CA GLU A 773 21.20 27.67 -18.61
C GLU A 773 20.88 28.03 -20.06
N GLN A 774 19.63 27.85 -20.48
CA GLN A 774 19.25 28.20 -21.85
C GLN A 774 19.43 29.69 -22.12
N ASP A 775 19.02 30.53 -21.17
CA ASP A 775 19.16 31.97 -21.34
C ASP A 775 20.63 32.36 -21.49
N LYS A 776 21.48 31.87 -20.58
CA LYS A 776 22.90 32.18 -20.65
C LYS A 776 23.53 31.63 -21.93
N ASN A 777 23.07 30.46 -22.37
CA ASN A 777 23.59 29.84 -23.57
C ASN A 777 23.31 30.72 -24.79
N THR A 778 22.06 31.15 -24.96
CA THR A 778 21.72 32.02 -26.08
C THR A 778 22.48 33.34 -26.01
N GLN A 779 22.56 33.93 -24.81
CA GLN A 779 23.25 35.21 -24.67
C GLN A 779 24.71 35.09 -25.05
N GLU A 780 25.38 34.01 -24.62
CA GLU A 780 26.80 33.85 -24.92
C GLU A 780 27.05 33.40 -26.35
N VAL A 781 26.08 32.77 -27.01
CA VAL A 781 26.34 32.35 -28.38
C VAL A 781 26.10 33.49 -29.36
N PHE A 782 25.20 34.43 -29.05
CA PHE A 782 24.96 35.53 -29.97
C PHE A 782 25.73 36.81 -29.64
N ALA A 783 25.83 37.18 -28.37
CA ALA A 783 26.45 38.45 -28.00
C ALA A 783 27.96 38.32 -28.06
N GLN A 784 28.57 38.85 -29.14
CA GLN A 784 30.02 38.83 -29.28
C GLN A 784 30.58 40.14 -29.82
N VAL A 785 29.80 41.21 -29.87
CA VAL A 785 30.28 42.51 -30.33
C VAL A 785 29.90 43.57 -29.32
N LYS A 786 30.85 44.45 -29.00
CA LYS A 786 30.62 45.51 -28.02
C LYS A 786 29.85 46.69 -28.57
N GLN A 787 29.72 46.81 -29.89
CA GLN A 787 29.02 47.93 -30.50
C GLN A 787 28.14 47.41 -31.63
N ILE A 788 27.41 48.33 -32.26
CA ILE A 788 26.53 48.02 -33.38
C ILE A 788 27.01 48.82 -34.58
N TYR A 789 27.30 48.13 -35.68
CA TYR A 789 27.79 48.75 -36.89
C TYR A 789 26.69 48.87 -37.93
N LYS A 790 26.73 49.96 -38.69
CA LYS A 790 25.74 50.23 -39.73
C LYS A 790 26.45 50.35 -41.08
N THR A 791 25.87 49.72 -42.09
CA THR A 791 26.44 49.75 -43.42
C THR A 791 26.30 51.15 -44.03
N PRO A 792 27.26 51.58 -44.85
CA PRO A 792 27.14 52.89 -45.48
C PRO A 792 25.98 52.91 -46.46
N PRO A 793 25.34 54.06 -46.64
CA PRO A 793 24.21 54.14 -47.59
C PRO A 793 24.58 53.82 -49.03
N ILE A 794 25.79 54.17 -49.45
CA ILE A 794 26.24 53.91 -50.82
C ILE A 794 27.00 52.60 -50.83
N LYS A 795 26.51 51.64 -51.62
CA LYS A 795 27.05 50.29 -51.64
C LYS A 795 27.67 50.02 -53.01
N ASP A 796 28.99 50.12 -53.08
CA ASP A 796 29.77 49.75 -54.28
C ASP A 796 30.90 48.84 -53.81
N PHE A 797 30.60 47.56 -53.66
CA PHE A 797 31.56 46.60 -53.11
C PHE A 797 32.30 45.86 -54.22
N GLY A 798 32.97 46.64 -55.08
CA GLY A 798 33.81 46.07 -56.11
C GLY A 798 33.09 45.20 -57.11
N GLY A 799 31.78 45.34 -57.24
CA GLY A 799 31.00 44.55 -58.15
C GLY A 799 30.19 43.44 -57.50
N PHE A 800 30.51 43.09 -56.26
CA PHE A 800 29.74 42.09 -55.55
C PHE A 800 28.36 42.63 -55.19
N ASN A 801 27.38 41.74 -55.11
CA ASN A 801 25.99 42.11 -54.85
C ASN A 801 25.56 41.46 -53.54
N PHE A 802 25.50 42.26 -52.47
CA PHE A 802 25.12 41.79 -51.15
C PHE A 802 23.70 42.18 -50.77
N SER A 803 22.90 42.65 -51.72
CA SER A 803 21.59 43.20 -51.41
C SER A 803 20.59 42.15 -50.94
N GLN A 804 20.93 40.88 -51.08
CA GLN A 804 20.04 39.79 -50.66
C GLN A 804 20.38 39.32 -49.25
N ILE A 805 21.42 39.90 -48.68
CA ILE A 805 21.85 39.55 -47.32
C ILE A 805 21.57 40.67 -46.33
N LEU A 806 21.76 41.91 -46.79
CA LEU A 806 21.53 43.07 -45.94
C LEU A 806 20.05 43.20 -45.58
N PRO A 807 19.77 43.76 -44.39
CA PRO A 807 18.39 43.94 -43.92
C PRO A 807 17.59 44.81 -44.88
N ASP A 808 16.31 44.45 -45.05
CA ASP A 808 15.43 45.17 -45.94
C ASP A 808 14.67 46.24 -45.16
N PRO A 809 14.83 47.52 -45.49
CA PRO A 809 14.08 48.57 -44.77
C PRO A 809 12.58 48.47 -44.95
N SER A 810 12.10 47.81 -46.00
CA SER A 810 10.66 47.69 -46.22
C SER A 810 10.00 46.90 -45.10
N LYS A 811 10.61 45.80 -44.69
CA LYS A 811 10.03 44.97 -43.64
C LYS A 811 10.09 45.70 -42.30
N PRO A 812 8.98 45.78 -41.56
CA PRO A 812 9.03 46.43 -40.24
C PRO A 812 9.99 45.75 -39.27
N SER A 813 10.14 44.43 -39.35
CA SER A 813 11.05 43.71 -38.47
C SER A 813 12.51 43.88 -38.88
N LYS A 814 12.79 44.42 -40.06
CA LYS A 814 14.14 44.61 -40.57
C LYS A 814 14.89 43.27 -40.64
N ARG A 815 14.34 42.36 -41.44
CA ARG A 815 14.88 41.03 -41.61
C ARG A 815 15.26 40.81 -43.07
N SER A 816 16.32 40.03 -43.28
CA SER A 816 16.78 39.73 -44.62
C SER A 816 15.80 38.80 -45.33
N PHE A 817 15.91 38.76 -46.66
CA PHE A 817 15.04 37.92 -47.47
C PHE A 817 15.23 36.44 -47.14
N ILE A 818 16.50 36.00 -46.99
CA ILE A 818 16.78 34.63 -46.62
C ILE A 818 16.20 34.31 -45.24
N GLU A 819 16.29 35.27 -44.32
CA GLU A 819 15.69 35.07 -43.00
C GLU A 819 14.18 34.92 -43.10
N ASP A 820 13.54 35.71 -43.97
CA ASP A 820 12.10 35.58 -44.15
C ASP A 820 11.73 34.20 -44.70
N LEU A 821 12.49 33.72 -45.68
CA LEU A 821 12.22 32.39 -46.23
C LEU A 821 12.44 31.31 -45.18
N LEU A 822 13.50 31.44 -44.36
CA LEU A 822 13.73 30.46 -43.31
C LEU A 822 12.60 30.45 -42.29
N PHE A 823 12.11 31.64 -41.92
CA PHE A 823 11.01 31.72 -40.97
C PHE A 823 9.73 31.12 -41.54
N ASN A 824 9.44 31.40 -42.82
CA ASN A 824 8.23 30.88 -43.43
C ASN A 824 8.33 29.39 -43.76
N LYS A 825 9.55 28.84 -43.82
CA LYS A 825 9.71 27.43 -44.15
C LYS A 825 9.10 26.54 -43.08
N VAL A 826 9.30 26.87 -41.81
CA VAL A 826 8.78 26.08 -40.71
C VAL A 826 7.43 26.64 -40.30
N THR A 827 6.57 25.77 -39.76
CA THR A 827 5.24 26.16 -39.33
C THR A 827 4.75 25.26 -38.20
N PHE A 855 -4.37 24.47 -20.11
CA PHE A 855 -3.31 24.33 -19.13
C PHE A 855 -3.77 23.49 -17.95
N ASN A 856 -2.84 22.69 -17.41
CA ASN A 856 -3.11 21.83 -16.27
C ASN A 856 -1.99 21.93 -15.24
N GLY A 857 -1.55 23.14 -14.95
CA GLY A 857 -0.44 23.36 -14.05
C GLY A 857 0.91 23.47 -14.70
N LEU A 858 0.97 23.52 -16.03
CA LEU A 858 2.22 23.65 -16.76
C LEU A 858 2.19 24.92 -17.61
N THR A 859 3.35 25.56 -17.75
CA THR A 859 3.44 26.82 -18.44
C THR A 859 4.77 26.91 -19.18
N VAL A 860 4.85 27.85 -20.12
CA VAL A 860 6.06 28.11 -20.88
C VAL A 860 6.45 29.57 -20.68
N LEU A 861 7.70 29.79 -20.32
CA LEU A 861 8.18 31.14 -20.07
C LEU A 861 8.68 31.79 -21.37
N PRO A 862 8.62 33.11 -21.48
CA PRO A 862 9.08 33.78 -22.70
C PRO A 862 10.59 33.99 -22.66
N PRO A 863 11.26 33.87 -23.80
CA PRO A 863 12.71 34.08 -23.83
C PRO A 863 13.06 35.54 -23.59
N LEU A 864 14.26 35.75 -23.05
CA LEU A 864 14.71 37.12 -22.78
C LEU A 864 15.07 37.84 -24.07
N LEU A 865 15.77 37.18 -24.98
CA LEU A 865 16.21 37.79 -26.23
C LEU A 865 15.11 37.61 -27.28
N THR A 866 14.44 38.72 -27.62
CA THR A 866 13.42 38.66 -28.65
C THR A 866 14.07 38.59 -30.04
N ASP A 867 13.22 38.41 -31.05
CA ASP A 867 13.72 38.19 -32.41
C ASP A 867 14.42 39.43 -32.96
N GLU A 868 13.89 40.62 -32.68
CA GLU A 868 14.43 41.83 -33.27
C GLU A 868 15.88 42.06 -32.84
N MET A 869 16.19 41.82 -31.56
CA MET A 869 17.55 42.01 -31.08
C MET A 869 18.50 40.97 -31.65
N ILE A 870 18.03 39.73 -31.85
CA ILE A 870 18.87 38.72 -32.51
C ILE A 870 19.17 39.14 -33.94
N ALA A 871 18.16 39.64 -34.65
CA ALA A 871 18.37 40.14 -36.00
C ALA A 871 19.35 41.30 -36.02
N GLN A 872 19.26 42.19 -35.03
CA GLN A 872 20.19 43.31 -34.96
C GLN A 872 21.62 42.84 -34.72
N TYR A 873 21.79 41.84 -33.84
CA TYR A 873 23.13 41.27 -33.63
C TYR A 873 23.69 40.68 -34.92
N THR A 874 22.86 39.92 -35.65
CA THR A 874 23.35 39.32 -36.90
C THR A 874 23.70 40.39 -37.92
N SER A 875 22.87 41.43 -38.04
CA SER A 875 23.16 42.51 -38.98
C SER A 875 24.43 43.25 -38.61
N ALA A 876 24.65 43.50 -37.31
CA ALA A 876 25.87 44.15 -36.87
C ALA A 876 27.09 43.31 -37.21
N LEU A 877 27.02 42.00 -36.93
CA LEU A 877 28.14 41.12 -37.24
C LEU A 877 28.44 41.13 -38.74
N LEU A 878 27.40 41.08 -39.56
CA LEU A 878 27.58 40.99 -41.00
C LEU A 878 28.13 42.30 -41.58
N ALA A 879 27.61 43.44 -41.12
CA ALA A 879 28.14 44.73 -41.57
C ALA A 879 29.60 44.89 -41.14
N GLY A 880 29.92 44.48 -39.91
CA GLY A 880 31.30 44.56 -39.46
C GLY A 880 32.24 43.70 -40.27
N THR A 881 31.82 42.47 -40.59
CA THR A 881 32.68 41.60 -41.37
C THR A 881 32.76 41.98 -42.84
N ILE A 882 31.81 42.77 -43.34
CA ILE A 882 31.95 43.29 -44.71
C ILE A 882 32.87 44.50 -44.73
N THR A 883 32.65 45.46 -43.82
CA THR A 883 33.38 46.74 -43.92
C THR A 883 34.80 46.62 -43.36
N SER A 884 34.94 46.19 -42.11
CA SER A 884 36.21 46.22 -41.42
C SER A 884 37.05 44.98 -41.63
N GLY A 885 36.60 44.03 -42.46
CA GLY A 885 37.35 42.81 -42.67
C GLY A 885 37.25 41.87 -41.49
N TRP A 886 38.34 41.71 -40.74
CA TRP A 886 38.33 40.88 -39.55
C TRP A 886 39.06 41.54 -38.38
N THR A 887 39.47 42.79 -38.52
CA THR A 887 40.17 43.49 -37.45
C THR A 887 39.23 44.03 -36.38
N PHE A 888 37.91 43.96 -36.61
CA PHE A 888 36.95 44.42 -35.62
C PHE A 888 36.73 43.42 -34.49
N GLY A 889 37.19 42.18 -34.66
CA GLY A 889 37.11 41.17 -33.62
C GLY A 889 38.24 41.16 -32.63
N ALA A 890 39.26 42.00 -32.83
CA ALA A 890 40.40 42.07 -31.94
C ALA A 890 40.47 43.41 -31.21
N GLY A 891 40.45 44.52 -31.95
CA GLY A 891 40.47 45.83 -31.35
C GLY A 891 39.33 46.71 -31.86
N ALA A 892 39.67 47.88 -32.40
CA ALA A 892 38.67 48.77 -32.96
C ALA A 892 38.33 48.32 -34.38
N ALA A 893 37.56 49.16 -35.08
CA ALA A 893 37.15 48.88 -36.45
C ALA A 893 37.97 49.75 -37.40
N LEU A 894 38.65 49.10 -38.33
CA LEU A 894 39.49 49.78 -39.31
C LEU A 894 38.96 49.50 -40.71
N GLN A 895 38.58 50.55 -41.42
CA GLN A 895 38.01 50.39 -42.75
C GLN A 895 39.05 49.83 -43.72
N ILE A 896 38.55 49.11 -44.72
CA ILE A 896 39.39 48.49 -45.75
C ILE A 896 38.54 48.24 -46.98
N PRO A 897 39.00 48.61 -48.17
CA PRO A 897 38.24 48.30 -49.39
C PRO A 897 38.10 46.79 -49.58
N PHE A 898 36.95 46.39 -50.14
CA PHE A 898 36.61 44.98 -50.21
C PHE A 898 37.58 44.21 -51.11
N ALA A 899 38.01 44.81 -52.21
CA ALA A 899 38.90 44.12 -53.13
C ALA A 899 40.22 43.73 -52.46
N MET A 900 40.81 44.64 -51.70
CA MET A 900 42.05 44.31 -51.00
C MET A 900 41.83 43.32 -49.86
N GLN A 901 40.65 43.34 -49.23
CA GLN A 901 40.33 42.30 -48.25
C GLN A 901 40.29 40.92 -48.90
N MET A 902 39.65 40.82 -50.07
CA MET A 902 39.65 39.54 -50.79
C MET A 902 41.05 39.16 -51.25
N ALA A 903 41.87 40.14 -51.60
CA ALA A 903 43.26 39.85 -51.96
C ALA A 903 44.01 39.26 -50.78
N TYR A 904 43.81 39.83 -49.59
CA TYR A 904 44.43 39.27 -48.38
C TYR A 904 43.92 37.86 -48.12
N ARG A 905 42.63 37.63 -48.34
CA ARG A 905 42.06 36.31 -48.07
C ARG A 905 42.61 35.27 -49.03
N PHE A 906 42.78 35.61 -50.31
CA PHE A 906 43.45 34.70 -51.23
C PHE A 906 44.90 34.48 -50.84
N ASN A 907 45.61 35.56 -50.47
CA ASN A 907 47.00 35.42 -50.06
C ASN A 907 47.14 34.50 -48.86
N GLY A 908 46.11 34.44 -48.00
CA GLY A 908 46.17 33.58 -46.84
C GLY A 908 46.19 32.10 -47.19
N ILE A 909 45.46 31.71 -48.24
CA ILE A 909 45.33 30.29 -48.59
C ILE A 909 46.39 29.83 -49.57
N GLY A 910 47.31 30.69 -49.98
CA GLY A 910 48.40 30.27 -50.85
C GLY A 910 48.43 30.94 -52.20
N VAL A 911 47.27 31.12 -52.82
CA VAL A 911 47.19 31.77 -54.12
C VAL A 911 47.62 33.23 -53.97
N THR A 912 48.49 33.68 -54.86
CA THR A 912 48.99 35.04 -54.78
C THR A 912 47.89 36.04 -55.09
N GLN A 913 48.10 37.28 -54.66
CA GLN A 913 47.07 38.31 -54.78
C GLN A 913 46.91 38.83 -56.21
N ASN A 914 47.82 38.49 -57.11
CA ASN A 914 47.68 38.92 -58.50
C ASN A 914 46.47 38.29 -59.16
N VAL A 915 46.16 37.04 -58.80
CA VAL A 915 45.10 36.29 -59.47
C VAL A 915 43.76 36.99 -59.32
N LEU A 916 43.45 37.46 -58.11
CA LEU A 916 42.18 38.14 -57.89
C LEU A 916 42.09 39.43 -58.70
N TYR A 917 43.16 40.22 -58.72
CA TYR A 917 43.13 41.49 -59.43
C TYR A 917 43.02 41.28 -60.93
N GLU A 918 43.53 40.16 -61.46
CA GLU A 918 43.38 39.88 -62.88
C GLU A 918 42.08 39.15 -63.22
N ASN A 919 41.32 38.70 -62.22
CA ASN A 919 40.11 37.91 -62.46
C ASN A 919 38.97 38.38 -61.56
N GLN A 920 38.79 39.69 -61.46
CA GLN A 920 37.77 40.23 -60.56
C GLN A 920 36.36 40.02 -61.09
N LYS A 921 36.14 40.28 -62.38
CA LYS A 921 34.79 40.20 -62.94
C LYS A 921 34.24 38.78 -62.90
N LEU A 922 35.08 37.80 -63.25
CA LEU A 922 34.65 36.41 -63.21
C LEU A 922 34.28 35.98 -61.79
N ILE A 923 35.09 36.39 -60.81
CA ILE A 923 34.80 36.05 -59.42
C ILE A 923 33.48 36.67 -58.98
N ALA A 924 33.26 37.95 -59.33
CA ALA A 924 32.01 38.60 -58.95
C ALA A 924 30.81 37.90 -59.58
N ASN A 925 30.92 37.57 -60.87
CA ASN A 925 29.81 36.89 -61.55
C ASN A 925 29.54 35.52 -60.95
N GLN A 926 30.59 34.76 -60.63
CA GLN A 926 30.41 33.45 -60.03
C GLN A 926 29.76 33.56 -58.65
N PHE A 927 30.20 34.52 -57.85
CA PHE A 927 29.61 34.69 -56.52
C PHE A 927 28.14 35.07 -56.62
N ASN A 928 27.81 35.98 -57.55
CA ASN A 928 26.41 36.36 -57.74
C ASN A 928 25.57 35.17 -58.20
N SER A 929 26.09 34.37 -59.12
CA SER A 929 25.36 33.20 -59.59
C SER A 929 25.12 32.20 -58.46
N ALA A 930 26.15 31.96 -57.64
CA ALA A 930 26.00 31.02 -56.53
C ALA A 930 25.00 31.53 -55.50
N ILE A 931 25.05 32.83 -55.18
CA ILE A 931 24.13 33.37 -54.19
C ILE A 931 22.70 33.40 -54.73
N GLY A 932 22.54 33.52 -56.05
CA GLY A 932 21.22 33.35 -56.63
C GLY A 932 20.74 31.91 -56.57
N LYS A 933 21.65 30.96 -56.83
CA LYS A 933 21.27 29.55 -56.85
C LYS A 933 20.85 29.06 -55.46
N ILE A 934 21.55 29.52 -54.42
CA ILE A 934 21.20 29.08 -53.07
C ILE A 934 19.81 29.53 -52.69
N GLN A 935 19.35 30.65 -53.26
CA GLN A 935 17.99 31.13 -53.01
C GLN A 935 16.96 30.09 -53.44
N ASP A 936 17.05 29.64 -54.69
CA ASP A 936 16.12 28.62 -55.19
C ASP A 936 16.33 27.29 -54.49
N SER A 937 17.58 26.94 -54.15
CA SER A 937 17.83 25.70 -53.44
C SER A 937 17.13 25.67 -52.10
N LEU A 938 17.15 26.79 -51.37
CA LEU A 938 16.46 26.86 -50.09
C LEU A 938 14.95 26.98 -50.24
N SER A 939 14.49 27.65 -51.31
CA SER A 939 13.05 27.87 -51.46
C SER A 939 12.33 26.62 -51.95
N SER A 940 12.71 26.12 -53.14
CA SER A 940 11.98 25.02 -53.75
C SER A 940 12.13 23.73 -52.96
N THR A 941 13.33 23.42 -52.47
CA THR A 941 13.60 22.17 -51.79
C THR A 941 13.32 22.31 -50.30
N ALA A 942 12.40 21.49 -49.79
CA ALA A 942 12.07 21.49 -48.37
C ALA A 942 12.89 20.42 -47.66
N SER A 943 12.54 20.14 -46.41
CA SER A 943 13.19 19.12 -45.57
C SER A 943 14.66 19.39 -45.35
N ALA A 944 15.09 20.65 -45.47
CA ALA A 944 16.46 21.04 -45.20
C ALA A 944 16.68 21.52 -43.76
N LEU A 945 15.63 21.56 -42.96
CA LEU A 945 15.74 22.03 -41.58
C LEU A 945 15.28 20.95 -40.60
N GLY A 946 15.77 19.72 -40.82
CA GLY A 946 15.29 18.59 -40.04
C GLY A 946 15.58 18.69 -38.55
N LYS A 947 16.71 19.31 -38.19
CA LYS A 947 17.12 19.31 -36.79
C LYS A 947 16.17 20.10 -35.91
N LEU A 948 15.83 21.33 -36.31
CA LEU A 948 14.95 22.16 -35.51
C LEU A 948 13.56 21.55 -35.40
N GLN A 949 13.04 21.04 -36.52
CA GLN A 949 11.74 20.39 -36.50
C GLN A 949 11.75 19.15 -35.61
N ASP A 950 12.84 18.38 -35.65
CA ASP A 950 12.96 17.21 -34.79
C ASP A 950 12.95 17.60 -33.32
N VAL A 951 13.68 18.66 -32.97
CA VAL A 951 13.72 19.09 -31.56
C VAL A 951 12.34 19.54 -31.12
N VAL A 952 11.67 20.35 -31.94
CA VAL A 952 10.35 20.85 -31.58
C VAL A 952 9.36 19.69 -31.42
N ASN A 953 9.39 18.75 -32.37
CA ASN A 953 8.49 17.61 -32.31
C ASN A 953 8.75 16.76 -31.08
N GLN A 954 10.03 16.53 -30.74
CA GLN A 954 10.35 15.73 -29.57
C GLN A 954 9.84 16.39 -28.29
N ASN A 955 10.05 17.71 -28.16
CA ASN A 955 9.58 18.41 -26.98
C ASN A 955 8.06 18.37 -26.88
N ALA A 956 7.37 18.62 -28.00
CA ALA A 956 5.91 18.61 -27.99
C ALA A 956 5.38 17.22 -27.66
N GLN A 957 5.99 16.17 -28.21
CA GLN A 957 5.55 14.82 -27.93
C GLN A 957 5.76 14.46 -26.46
N ALA A 958 6.89 14.86 -25.89
CA ALA A 958 7.13 14.59 -24.48
C ALA A 958 6.10 15.29 -23.61
N LEU A 959 5.81 16.56 -23.89
CA LEU A 959 4.82 17.28 -23.11
C LEU A 959 3.43 16.66 -23.26
N ASN A 960 3.07 16.25 -24.48
CA ASN A 960 1.77 15.64 -24.71
C ASN A 960 1.65 14.31 -23.98
N THR A 961 2.70 13.50 -23.99
CA THR A 961 2.67 12.24 -23.25
C THR A 961 2.52 12.50 -21.75
N LEU A 962 3.25 13.49 -21.23
CA LEU A 962 3.14 13.81 -19.81
C LEU A 962 1.73 14.25 -19.45
N VAL A 963 1.12 15.10 -20.27
CA VAL A 963 -0.22 15.58 -19.95
C VAL A 963 -1.26 14.48 -20.13
N LYS A 964 -1.04 13.57 -21.09
CA LYS A 964 -2.00 12.48 -21.30
C LYS A 964 -1.90 11.40 -20.25
N GLN A 965 -0.75 11.27 -19.57
CA GLN A 965 -0.61 10.27 -18.53
C GLN A 965 -1.55 10.51 -17.34
N LEU A 966 -2.11 11.72 -17.23
CA LEU A 966 -2.95 12.06 -16.08
C LEU A 966 -4.26 11.28 -16.05
N SER A 967 -4.68 10.68 -17.17
CA SER A 967 -5.95 9.99 -17.26
C SER A 967 -5.87 8.50 -16.90
N SER A 968 -4.70 8.02 -16.50
CA SER A 968 -4.54 6.61 -16.17
C SER A 968 -5.18 6.28 -14.83
N ASN A 969 -5.68 5.05 -14.72
CA ASN A 969 -6.29 4.60 -13.48
C ASN A 969 -5.25 4.28 -12.41
N PHE A 970 -4.09 3.78 -12.81
CA PHE A 970 -2.98 3.48 -11.90
C PHE A 970 -3.37 2.43 -10.85
N GLY A 971 -4.25 1.51 -11.22
CA GLY A 971 -4.66 0.43 -10.33
C GLY A 971 -5.79 0.76 -9.38
N ALA A 972 -6.28 1.99 -9.38
CA ALA A 972 -7.38 2.37 -8.50
C ALA A 972 -8.71 2.02 -9.18
N ILE A 973 -9.81 2.52 -8.62
CA ILE A 973 -11.13 2.27 -9.17
C ILE A 973 -11.68 3.44 -9.97
N SER A 974 -10.99 4.59 -9.98
CA SER A 974 -11.42 5.73 -10.78
C SER A 974 -10.20 6.57 -11.10
N SER A 975 -10.31 7.34 -12.19
CA SER A 975 -9.22 8.19 -12.66
C SER A 975 -9.29 9.62 -12.14
N VAL A 976 -10.36 9.98 -11.41
CA VAL A 976 -10.54 11.32 -10.89
C VAL A 976 -10.61 11.27 -9.38
N LEU A 977 -9.91 12.20 -8.72
CA LEU A 977 -9.78 12.19 -7.28
C LEU A 977 -11.06 12.66 -6.58
N ASN A 978 -11.73 13.66 -7.15
CA ASN A 978 -12.89 14.25 -6.48
C ASN A 978 -14.02 13.25 -6.33
N ASP A 979 -14.28 12.45 -7.37
CA ASP A 979 -15.34 11.45 -7.28
C ASP A 979 -15.03 10.41 -6.21
N ILE A 980 -13.76 9.98 -6.13
CA ILE A 980 -13.38 9.02 -5.11
C ILE A 980 -13.56 9.62 -3.71
N LEU A 981 -13.16 10.88 -3.55
CA LEU A 981 -13.30 11.53 -2.25
C LEU A 981 -14.78 11.68 -1.85
N SER A 982 -15.63 12.03 -2.80
CA SER A 982 -17.03 12.31 -2.51
C SER A 982 -17.92 11.09 -2.57
N ARG A 983 -17.41 9.93 -2.99
CA ARG A 983 -18.22 8.74 -3.11
C ARG A 983 -17.82 7.60 -2.18
N LEU A 984 -16.57 7.54 -1.74
CA LEU A 984 -16.05 6.42 -0.97
C LEU A 984 -15.72 6.86 0.46
N ASP A 985 -15.51 5.86 1.32
CA ASP A 985 -15.18 6.03 2.73
C ASP A 985 -13.68 6.26 2.90
N PRO A 986 -13.29 7.12 3.82
CA PRO A 986 -11.86 7.55 3.93
C PRO A 986 -10.89 6.38 4.04
N PRO A 987 -11.11 5.40 4.94
CA PRO A 987 -10.03 4.44 5.26
C PRO A 987 -9.37 3.80 4.04
N GLU A 988 -10.13 3.49 3.00
CA GLU A 988 -9.57 3.07 1.72
C GLU A 988 -9.28 4.23 0.79
N ALA A 989 -9.87 5.41 1.06
CA ALA A 989 -9.56 6.58 0.25
C ALA A 989 -8.10 6.97 0.38
N GLU A 990 -7.51 6.82 1.58
CA GLU A 990 -6.07 7.08 1.68
C GLU A 990 -5.28 6.14 0.77
N VAL A 991 -5.68 4.87 0.70
CA VAL A 991 -4.97 3.92 -0.15
C VAL A 991 -5.10 4.32 -1.62
N GLN A 992 -6.30 4.69 -2.05
CA GLN A 992 -6.51 5.06 -3.45
C GLN A 992 -5.68 6.30 -3.80
N ILE A 993 -5.72 7.33 -2.96
CA ILE A 993 -4.99 8.55 -3.27
C ILE A 993 -3.49 8.32 -3.18
N ASP A 994 -3.04 7.40 -2.32
CA ASP A 994 -1.63 7.06 -2.26
C ASP A 994 -1.17 6.41 -3.57
N ARG A 995 -1.98 5.51 -4.11
CA ARG A 995 -1.66 4.89 -5.39
C ARG A 995 -1.57 5.94 -6.49
N LEU A 996 -2.56 6.84 -6.55
CA LEU A 996 -2.53 7.90 -7.54
C LEU A 996 -1.28 8.76 -7.39
N ILE A 997 -0.95 9.14 -6.16
CA ILE A 997 0.18 10.04 -5.91
C ILE A 997 1.48 9.39 -6.35
N THR A 998 1.69 8.12 -5.99
CA THR A 998 2.95 7.47 -6.35
C THR A 998 3.07 7.31 -7.85
N GLY A 999 1.97 6.96 -8.54
CA GLY A 999 2.05 6.86 -9.99
C GLY A 999 2.42 8.17 -10.65
N ARG A 1000 1.75 9.25 -10.22
CA ARG A 1000 2.01 10.56 -10.82
C ARG A 1000 3.43 11.03 -10.50
N LEU A 1001 3.93 10.73 -9.31
CA LEU A 1001 5.31 11.09 -8.96
C LEU A 1001 6.30 10.35 -9.86
N GLN A 1002 6.05 9.07 -10.12
CA GLN A 1002 6.92 8.33 -11.03
C GLN A 1002 6.95 8.98 -12.41
N SER A 1003 5.77 9.34 -12.93
CA SER A 1003 5.71 9.97 -14.24
C SER A 1003 6.49 11.29 -14.26
N LEU A 1004 6.32 12.10 -13.20
CA LEU A 1004 7.03 13.37 -13.15
C LEU A 1004 8.54 13.17 -13.11
N GLN A 1005 9.00 12.19 -12.34
CA GLN A 1005 10.43 11.90 -12.26
C GLN A 1005 10.98 11.53 -13.64
N THR A 1006 10.27 10.67 -14.36
CA THR A 1006 10.73 10.28 -15.69
C THR A 1006 10.80 11.49 -16.62
N TYR A 1007 9.79 12.35 -16.59
CA TYR A 1007 9.80 13.53 -17.44
C TYR A 1007 10.98 14.43 -17.12
N VAL A 1008 11.26 14.64 -15.84
CA VAL A 1008 12.38 15.51 -15.45
C VAL A 1008 13.70 14.94 -15.95
N THR A 1009 13.89 13.63 -15.81
CA THR A 1009 15.14 13.02 -16.28
C THR A 1009 15.31 13.20 -17.78
N GLN A 1010 14.23 12.96 -18.55
CA GLN A 1010 14.33 13.13 -20.00
C GLN A 1010 14.67 14.58 -20.36
N GLN A 1011 14.04 15.54 -19.67
CA GLN A 1011 14.33 16.94 -19.94
C GLN A 1011 15.79 17.28 -19.65
N LEU A 1012 16.34 16.72 -18.57
CA LEU A 1012 17.74 16.97 -18.25
C LEU A 1012 18.66 16.46 -19.35
N ILE A 1013 18.40 15.24 -19.84
CA ILE A 1013 19.26 14.69 -20.90
C ILE A 1013 19.20 15.56 -22.14
N ARG A 1014 17.98 15.96 -22.53
CA ARG A 1014 17.84 16.79 -23.73
C ARG A 1014 18.54 18.13 -23.57
N ALA A 1015 18.44 18.72 -22.38
CA ALA A 1015 19.11 20.00 -22.13
C ALA A 1015 20.63 19.87 -22.24
N ALA A 1016 21.19 18.77 -21.72
CA ALA A 1016 22.63 18.57 -21.83
C ALA A 1016 23.06 18.46 -23.29
N GLU A 1017 22.31 17.69 -24.09
CA GLU A 1017 22.67 17.56 -25.51
C GLU A 1017 22.60 18.91 -26.23
N ILE A 1018 21.53 19.67 -25.97
CA ILE A 1018 21.38 20.97 -26.62
C ILE A 1018 22.52 21.90 -26.22
N ARG A 1019 22.94 21.85 -24.95
CA ARG A 1019 24.04 22.71 -24.50
C ARG A 1019 25.32 22.36 -25.23
N ALA A 1020 25.61 21.07 -25.40
CA ALA A 1020 26.81 20.68 -26.14
C ALA A 1020 26.76 21.20 -27.58
N SER A 1021 25.62 21.02 -28.24
CA SER A 1021 25.50 21.48 -29.62
C SER A 1021 25.68 23.00 -29.73
N ALA A 1022 25.11 23.74 -28.78
CA ALA A 1022 25.23 25.20 -28.82
C ALA A 1022 26.65 25.65 -28.51
N ASN A 1023 27.37 24.92 -27.66
CA ASN A 1023 28.78 25.25 -27.45
C ASN A 1023 29.57 25.07 -28.75
N LEU A 1024 29.30 23.99 -29.48
CA LEU A 1024 29.96 23.82 -30.78
C LEU A 1024 29.62 24.96 -31.73
N ALA A 1025 28.34 25.36 -31.76
CA ALA A 1025 27.94 26.46 -32.63
C ALA A 1025 28.63 27.77 -32.25
N ALA A 1026 28.77 28.02 -30.95
CA ALA A 1026 29.46 29.23 -30.51
C ALA A 1026 30.93 29.21 -30.92
N THR A 1027 31.59 28.06 -30.81
CA THR A 1027 32.97 27.96 -31.26
C THR A 1027 33.08 28.23 -32.75
N LYS A 1028 32.16 27.67 -33.54
CA LYS A 1028 32.16 27.93 -34.98
C LYS A 1028 31.96 29.41 -35.27
N MET A 1029 31.06 30.06 -34.55
CA MET A 1029 30.82 31.49 -34.73
C MET A 1029 32.08 32.29 -34.43
N SER A 1030 32.79 31.92 -33.36
CA SER A 1030 33.98 32.67 -32.97
C SER A 1030 35.13 32.45 -33.94
N GLU A 1031 35.21 31.26 -34.56
CA GLU A 1031 36.39 30.96 -35.36
C GLU A 1031 36.22 31.25 -36.86
N CYS A 1032 35.11 30.81 -37.46
CA CYS A 1032 34.98 30.85 -38.91
C CYS A 1032 34.33 32.12 -39.44
N VAL A 1033 34.03 33.09 -38.58
CA VAL A 1033 33.40 34.34 -38.99
C VAL A 1033 34.29 35.54 -38.73
N LEU A 1034 34.83 35.64 -37.51
CA LEU A 1034 35.67 36.76 -37.11
C LEU A 1034 37.12 36.61 -37.57
N GLY A 1035 37.39 35.70 -38.50
CA GLY A 1035 38.74 35.50 -39.01
C GLY A 1035 38.77 34.59 -40.20
N GLN A 1036 39.77 33.71 -40.27
CA GLN A 1036 39.87 32.73 -41.35
C GLN A 1036 40.38 31.42 -40.77
N SER A 1037 39.85 30.31 -41.27
CA SER A 1037 40.14 29.00 -40.73
C SER A 1037 41.17 28.28 -41.58
N LYS A 1038 42.26 27.85 -40.94
CA LYS A 1038 43.26 27.01 -41.60
C LYS A 1038 42.99 25.53 -41.42
N ARG A 1039 42.29 25.15 -40.35
CA ARG A 1039 41.93 23.76 -40.14
C ARG A 1039 40.95 23.29 -41.20
N VAL A 1040 41.22 22.14 -41.81
CA VAL A 1040 40.49 21.69 -42.99
C VAL A 1040 39.15 21.10 -42.58
N ASP A 1041 38.13 21.35 -43.40
CA ASP A 1041 36.79 20.77 -43.28
C ASP A 1041 36.07 21.17 -42.01
N PHE A 1042 36.60 22.13 -41.25
CA PHE A 1042 35.89 22.60 -40.07
C PHE A 1042 34.62 23.34 -40.46
N CYS A 1043 34.73 24.29 -41.39
CA CYS A 1043 33.56 25.00 -41.91
C CYS A 1043 33.70 25.07 -43.42
N GLY A 1044 32.80 24.38 -44.13
CA GLY A 1044 32.84 24.32 -45.57
C GLY A 1044 33.53 23.05 -46.07
N LYS A 1045 33.63 22.97 -47.39
CA LYS A 1045 34.29 21.84 -48.07
C LYS A 1045 35.26 22.43 -49.08
N GLY A 1046 36.53 22.51 -48.69
CA GLY A 1046 37.54 23.13 -49.54
C GLY A 1046 38.34 24.16 -48.77
N TYR A 1047 38.83 25.17 -49.47
CA TYR A 1047 39.54 26.27 -48.83
C TYR A 1047 38.54 27.35 -48.45
N HIS A 1048 38.70 27.89 -47.23
CA HIS A 1048 37.72 28.79 -46.65
C HIS A 1048 38.08 30.24 -46.95
N LEU A 1049 37.07 31.03 -47.32
CA LEU A 1049 37.24 32.45 -47.60
C LEU A 1049 36.45 33.32 -46.65
N MET A 1050 35.14 33.10 -46.53
CA MET A 1050 34.27 33.95 -45.75
C MET A 1050 33.08 33.14 -45.25
N SER A 1051 32.41 33.69 -44.23
CA SER A 1051 31.18 33.10 -43.72
C SER A 1051 30.20 34.21 -43.39
N PHE A 1052 28.91 33.89 -43.51
CA PHE A 1052 27.85 34.84 -43.22
C PHE A 1052 26.82 34.16 -42.31
N PRO A 1053 26.48 34.77 -41.18
CA PRO A 1053 25.47 34.19 -40.29
C PRO A 1053 24.07 34.74 -40.57
N GLN A 1054 23.09 33.90 -40.25
CA GLN A 1054 21.68 34.26 -40.40
C GLN A 1054 20.90 33.65 -39.25
N SER A 1055 19.83 34.33 -38.85
CA SER A 1055 19.03 33.89 -37.73
C SER A 1055 18.10 32.75 -38.14
N ALA A 1056 17.40 32.20 -37.15
CA ALA A 1056 16.49 31.09 -37.37
C ALA A 1056 15.49 31.07 -36.21
N PRO A 1057 14.40 30.32 -36.34
CA PRO A 1057 13.45 30.21 -35.21
C PRO A 1057 14.10 29.81 -33.90
N HIS A 1058 14.85 28.72 -33.88
CA HIS A 1058 15.54 28.26 -32.68
C HIS A 1058 16.94 27.78 -33.03
N GLY A 1059 17.65 28.53 -33.85
CA GLY A 1059 18.98 28.13 -34.26
C GLY A 1059 19.69 29.21 -35.03
N VAL A 1060 20.74 28.79 -35.74
CA VAL A 1060 21.56 29.70 -36.55
C VAL A 1060 21.89 29.00 -37.86
N VAL A 1061 22.09 29.80 -38.91
CA VAL A 1061 22.40 29.30 -40.24
C VAL A 1061 23.68 29.95 -40.71
N PHE A 1062 24.60 29.14 -41.24
CA PHE A 1062 25.88 29.61 -41.75
C PHE A 1062 25.93 29.43 -43.26
N LEU A 1063 26.35 30.48 -43.96
CA LEU A 1063 26.63 30.43 -45.38
C LEU A 1063 28.14 30.56 -45.56
N HIS A 1064 28.79 29.47 -45.98
CA HIS A 1064 30.23 29.45 -46.15
C HIS A 1064 30.58 29.64 -47.62
N VAL A 1065 31.64 30.41 -47.87
CA VAL A 1065 32.14 30.65 -49.22
C VAL A 1065 33.46 29.93 -49.36
N THR A 1066 33.55 29.05 -50.36
CA THR A 1066 34.70 28.18 -50.53
C THR A 1066 35.24 28.27 -51.95
N TYR A 1067 36.54 28.05 -52.07
CA TYR A 1067 37.28 28.15 -53.33
C TYR A 1067 37.71 26.74 -53.74
N VAL A 1068 37.31 26.31 -54.94
CA VAL A 1068 37.56 24.95 -55.41
C VAL A 1068 38.27 24.99 -56.75
N PRO A 1069 39.43 24.36 -56.88
CA PRO A 1069 40.12 24.33 -58.18
C PRO A 1069 39.50 23.32 -59.14
N ALA A 1070 39.79 23.50 -60.42
CA ALA A 1070 39.24 22.66 -61.47
C ALA A 1070 40.05 22.88 -62.74
N GLN A 1071 39.75 22.07 -63.76
CA GLN A 1071 40.44 22.11 -65.06
C GLN A 1071 41.94 21.87 -64.90
N GLU A 1072 42.27 20.66 -64.44
CA GLU A 1072 43.64 20.29 -64.15
C GLU A 1072 44.42 20.07 -65.44
N LYS A 1073 45.71 19.76 -65.29
CA LYS A 1073 46.57 19.50 -66.43
C LYS A 1073 47.52 18.34 -66.15
N ASN A 1074 48.54 18.17 -66.99
CA ASN A 1074 49.40 16.98 -66.92
C ASN A 1074 50.82 17.41 -67.29
N PHE A 1075 51.69 17.47 -66.30
CA PHE A 1075 53.05 17.99 -66.48
C PHE A 1075 54.09 16.98 -66.00
N THR A 1076 55.35 17.32 -66.21
CA THR A 1076 56.49 16.55 -65.75
C THR A 1076 57.30 17.40 -64.79
N THR A 1077 57.67 16.82 -63.65
CA THR A 1077 58.30 17.57 -62.57
C THR A 1077 59.74 17.08 -62.35
N ALA A 1078 60.42 17.75 -61.42
CA ALA A 1078 61.80 17.43 -61.05
C ALA A 1078 62.11 18.12 -59.73
N PRO A 1079 62.90 17.50 -58.85
CA PRO A 1079 63.10 18.12 -57.53
C PRO A 1079 64.03 19.32 -57.54
N ALA A 1080 65.12 19.28 -58.30
CA ALA A 1080 66.11 20.35 -58.26
C ALA A 1080 66.76 20.47 -59.64
N ILE A 1081 67.42 21.60 -59.87
CA ILE A 1081 68.05 21.91 -61.14
C ILE A 1081 69.56 22.00 -60.94
N CYS A 1082 70.31 21.22 -61.70
CA CYS A 1082 71.77 21.21 -61.58
C CYS A 1082 72.38 22.09 -62.66
N HIS A 1083 73.26 23.00 -62.25
CA HIS A 1083 73.92 23.92 -63.16
C HIS A 1083 75.26 24.32 -62.57
N ASP A 1084 76.32 24.20 -63.37
CA ASP A 1084 77.67 24.58 -62.95
C ASP A 1084 78.09 23.81 -61.70
N GLY A 1085 77.64 22.56 -61.58
CA GLY A 1085 77.96 21.76 -60.43
C GLY A 1085 77.23 22.15 -59.15
N LYS A 1086 76.20 22.98 -59.23
CA LYS A 1086 75.45 23.41 -58.07
C LYS A 1086 73.98 23.06 -58.23
N ALA A 1087 73.32 22.77 -57.12
CA ALA A 1087 71.92 22.36 -57.11
C ALA A 1087 71.06 23.53 -56.66
N HIS A 1088 70.10 23.91 -57.48
CA HIS A 1088 69.14 24.98 -57.18
C HIS A 1088 67.79 24.37 -56.86
N PHE A 1089 67.23 24.78 -55.72
CA PHE A 1089 65.91 24.41 -55.25
C PHE A 1089 64.97 25.61 -55.29
N PRO A 1090 63.69 25.39 -55.56
CA PRO A 1090 62.77 26.53 -55.64
C PRO A 1090 62.48 27.12 -54.27
N ARG A 1091 62.16 28.41 -54.26
CA ARG A 1091 61.81 29.10 -53.02
C ARG A 1091 60.39 28.76 -52.58
N GLU A 1092 59.42 29.05 -53.43
CA GLU A 1092 58.02 28.71 -53.17
C GLU A 1092 57.38 28.38 -54.51
N GLY A 1093 57.29 27.09 -54.81
CA GLY A 1093 56.77 26.64 -56.08
C GLY A 1093 57.43 25.33 -56.47
N VAL A 1094 57.18 24.92 -57.71
CA VAL A 1094 57.68 23.65 -58.23
C VAL A 1094 58.15 23.85 -59.66
N PHE A 1095 59.17 23.08 -60.03
CA PHE A 1095 59.63 23.02 -61.42
C PHE A 1095 58.69 22.14 -62.23
N VAL A 1096 58.29 22.64 -63.40
CA VAL A 1096 57.43 21.89 -64.31
C VAL A 1096 57.98 22.02 -65.73
N SER A 1097 57.62 21.06 -66.57
CA SER A 1097 58.02 21.08 -67.97
C SER A 1097 56.82 20.72 -68.83
N ASN A 1098 56.57 21.50 -69.88
CA ASN A 1098 55.52 21.20 -70.83
C ASN A 1098 55.99 20.27 -71.94
N GLY A 1099 57.24 19.84 -71.91
CA GLY A 1099 57.76 18.93 -72.91
C GLY A 1099 59.14 19.30 -73.42
N THR A 1100 59.42 20.60 -73.51
CA THR A 1100 60.71 21.06 -74.01
C THR A 1100 61.40 22.04 -73.08
N HIS A 1101 60.66 22.93 -72.43
CA HIS A 1101 61.22 23.95 -71.57
C HIS A 1101 60.92 23.63 -70.10
N TRP A 1102 61.46 24.45 -69.21
CA TRP A 1102 61.28 24.30 -67.79
C TRP A 1102 60.88 25.63 -67.17
N PHE A 1103 59.90 25.60 -66.27
CA PHE A 1103 59.39 26.80 -65.62
C PHE A 1103 59.19 26.50 -64.14
N VAL A 1104 58.95 27.56 -63.37
CA VAL A 1104 58.60 27.44 -61.96
C VAL A 1104 57.18 27.98 -61.79
N THR A 1105 56.32 27.19 -61.16
CA THR A 1105 54.93 27.59 -60.96
C THR A 1105 54.51 27.35 -59.53
N GLN A 1106 53.58 28.17 -59.05
CA GLN A 1106 53.00 27.97 -57.73
C GLN A 1106 52.10 26.73 -57.73
N ARG A 1107 51.86 26.21 -56.53
CA ARG A 1107 51.21 24.91 -56.42
C ARG A 1107 49.73 24.96 -56.76
N ASN A 1108 49.02 25.99 -56.28
CA ASN A 1108 47.57 26.04 -56.36
C ASN A 1108 47.04 26.66 -57.65
N PHE A 1109 47.93 27.07 -58.56
CA PHE A 1109 47.50 27.66 -59.82
C PHE A 1109 48.58 27.41 -60.87
N TYR A 1110 48.31 27.85 -62.09
CA TYR A 1110 49.24 27.67 -63.21
C TYR A 1110 49.59 29.04 -63.79
N GLU A 1111 50.80 29.51 -63.54
CA GLU A 1111 51.31 30.74 -64.14
C GLU A 1111 52.81 30.59 -64.32
N PRO A 1112 53.23 30.03 -65.46
CA PRO A 1112 54.66 29.73 -65.64
C PRO A 1112 55.50 31.00 -65.67
N GLN A 1113 56.69 30.90 -65.08
CA GLN A 1113 57.68 31.97 -65.09
C GLN A 1113 59.04 31.38 -65.41
N ILE A 1114 59.91 32.20 -65.99
CA ILE A 1114 61.26 31.75 -66.31
C ILE A 1114 62.05 31.55 -65.01
N ILE A 1115 63.06 30.69 -65.07
CA ILE A 1115 63.86 30.38 -63.90
C ILE A 1115 64.97 31.44 -63.77
N THR A 1116 65.04 32.07 -62.60
CA THR A 1116 66.06 33.07 -62.35
C THR A 1116 66.83 32.73 -61.07
N THR A 1117 67.67 33.66 -60.61
CA THR A 1117 68.46 33.45 -59.41
C THR A 1117 67.73 33.93 -58.15
N ASP A 1118 66.70 34.75 -58.29
CA ASP A 1118 66.00 35.28 -57.12
C ASP A 1118 64.93 34.33 -56.59
N ASN A 1119 64.32 33.51 -57.45
CA ASN A 1119 63.30 32.57 -57.03
C ASN A 1119 63.84 31.18 -56.72
N THR A 1120 65.15 30.99 -56.84
CA THR A 1120 65.78 29.72 -56.51
C THR A 1120 66.95 29.97 -55.57
N PHE A 1121 67.28 28.96 -54.77
CA PHE A 1121 68.39 29.05 -53.84
C PHE A 1121 69.28 27.82 -53.98
N VAL A 1122 70.58 28.02 -53.81
CA VAL A 1122 71.58 26.97 -54.02
C VAL A 1122 71.97 26.38 -52.67
N SER A 1123 72.23 25.08 -52.65
CA SER A 1123 72.67 24.41 -51.43
C SER A 1123 73.50 23.18 -51.84
N GLY A 1124 74.82 23.34 -51.82
CA GLY A 1124 75.71 22.22 -52.08
C GLY A 1124 75.70 21.77 -53.53
N ASN A 1125 76.33 20.61 -53.73
CA ASN A 1125 76.42 19.97 -55.03
C ASN A 1125 75.41 18.83 -55.12
N CYS A 1126 74.96 18.54 -56.34
CA CYS A 1126 73.96 17.50 -56.56
C CYS A 1126 74.65 16.20 -56.98
N ASP A 1127 75.27 15.56 -56.00
CA ASP A 1127 75.80 14.21 -56.17
C ASP A 1127 75.09 13.20 -55.29
N VAL A 1128 74.18 13.65 -54.43
CA VAL A 1128 73.39 12.74 -53.60
C VAL A 1128 71.89 12.85 -53.88
N VAL A 1129 71.41 13.99 -54.37
CA VAL A 1129 69.99 14.14 -54.69
C VAL A 1129 69.64 13.24 -55.87
N ILE A 1130 68.52 12.52 -55.75
CA ILE A 1130 68.04 11.61 -56.77
C ILE A 1130 66.95 12.30 -57.58
N GLY A 1131 67.02 12.16 -58.91
CA GLY A 1131 66.07 12.80 -59.80
C GLY A 1131 66.52 14.12 -60.37
N ILE A 1132 67.81 14.47 -60.25
CA ILE A 1132 68.30 15.74 -60.77
C ILE A 1132 68.21 15.77 -62.29
N VAL A 1133 68.13 16.98 -62.84
CA VAL A 1133 68.03 17.20 -64.28
C VAL A 1133 68.95 18.33 -64.67
N ASN A 1134 69.64 18.17 -65.79
CA ASN A 1134 70.51 19.22 -66.30
C ASN A 1134 69.69 20.35 -66.93
N ASN A 1135 70.14 21.57 -66.74
CA ASN A 1135 69.48 22.76 -67.28
C ASN A 1135 70.41 23.95 -67.09
N THR A 1136 69.93 25.13 -67.47
CA THR A 1136 70.66 26.38 -67.28
C THR A 1136 69.78 27.36 -66.53
N VAL A 1137 70.43 28.21 -65.72
CA VAL A 1137 69.74 29.19 -64.89
C VAL A 1137 70.19 30.57 -65.34
N TYR A 1138 69.22 31.41 -65.72
CA TYR A 1138 69.50 32.74 -66.23
C TYR A 1138 69.44 33.77 -65.09
N ASP A 1139 70.40 34.69 -65.09
CA ASP A 1139 70.46 35.77 -64.13
C ASP A 1139 70.53 37.09 -64.87
N PRO A 1140 70.00 38.17 -64.29
CA PRO A 1140 69.94 39.44 -65.03
C PRO A 1140 71.19 40.29 -64.89
N LEU A 1141 71.99 40.04 -63.86
CA LEU A 1141 73.16 40.88 -63.60
C LEU A 1141 74.17 40.80 -64.74
N GLN A 1142 74.43 39.59 -65.25
CA GLN A 1142 75.40 39.44 -66.32
C GLN A 1142 74.99 40.16 -67.60
N PRO A 1143 73.77 39.97 -68.14
CA PRO A 1143 73.38 40.78 -69.31
C PRO A 1143 73.28 42.27 -69.00
N GLU A 1144 72.89 42.64 -67.78
CA GLU A 1144 72.76 44.06 -67.46
C GLU A 1144 74.12 44.74 -67.40
N LEU A 1145 75.17 44.02 -67.00
CA LEU A 1145 76.50 44.60 -66.93
C LEU A 1145 77.03 45.03 -68.30
N ASP A 1146 76.64 44.33 -69.36
CA ASP A 1146 77.09 44.68 -70.71
C ASP A 1146 76.25 45.80 -71.29
N ALA B 27 43.12 -37.27 19.68
CA ALA B 27 43.88 -36.07 19.35
C ALA B 27 43.11 -35.18 18.39
N TYR B 28 43.82 -34.25 17.75
CA TYR B 28 43.22 -33.32 16.81
C TYR B 28 43.99 -33.36 15.50
N THR B 29 43.32 -32.96 14.43
CA THR B 29 43.92 -32.98 13.10
C THR B 29 43.38 -31.80 12.30
N ASN B 30 44.16 -31.34 11.33
CA ASN B 30 43.80 -30.22 10.49
C ASN B 30 43.15 -30.74 9.22
N SER B 31 41.84 -30.51 9.09
CA SER B 31 41.11 -30.84 7.87
C SER B 31 41.38 -29.73 6.86
N PHE B 32 42.28 -30.00 5.92
CA PHE B 32 42.72 -29.00 4.96
C PHE B 32 41.60 -28.53 4.04
N THR B 33 41.11 -29.42 3.16
CA THR B 33 40.10 -29.03 2.19
C THR B 33 39.05 -30.11 1.96
N ARG B 34 38.88 -31.03 2.90
CA ARG B 34 37.94 -32.13 2.70
C ARG B 34 36.53 -31.71 3.11
N GLY B 35 35.54 -32.34 2.47
CA GLY B 35 34.16 -32.17 2.90
C GLY B 35 33.32 -31.20 2.09
N VAL B 36 33.36 -31.30 0.77
CA VAL B 36 32.52 -30.51 -0.11
C VAL B 36 31.66 -31.46 -0.94
N TYR B 37 30.36 -31.20 -1.01
CA TYR B 37 29.41 -32.09 -1.66
C TYR B 37 28.58 -31.29 -2.67
N TYR B 38 27.99 -32.02 -3.60
CA TYR B 38 27.10 -31.43 -4.59
C TYR B 38 25.85 -30.90 -3.90
N PRO B 39 25.65 -29.58 -3.82
CA PRO B 39 24.55 -29.04 -3.01
C PRO B 39 23.18 -29.09 -3.69
N ASP B 40 23.11 -29.45 -4.96
CA ASP B 40 21.85 -29.41 -5.70
C ASP B 40 21.79 -30.60 -6.65
N LYS B 41 20.78 -30.62 -7.50
CA LYS B 41 20.54 -31.68 -8.47
C LYS B 41 20.40 -31.09 -9.87
N VAL B 42 21.31 -30.18 -10.22
CA VAL B 42 21.30 -29.53 -11.53
C VAL B 42 22.65 -29.77 -12.19
N PHE B 43 22.73 -29.40 -13.47
CA PHE B 43 23.93 -29.61 -14.27
C PHE B 43 24.44 -28.27 -14.76
N ARG B 44 25.72 -27.99 -14.48
CA ARG B 44 26.37 -26.77 -14.95
C ARG B 44 27.73 -27.14 -15.53
N SER B 45 28.14 -26.40 -16.56
CA SER B 45 29.38 -26.68 -17.27
C SER B 45 30.19 -25.41 -17.40
N SER B 46 31.40 -25.42 -16.82
CA SER B 46 32.37 -24.33 -16.95
C SER B 46 31.76 -22.99 -16.51
N VAL B 47 31.44 -22.91 -15.22
CA VAL B 47 30.84 -21.71 -14.64
C VAL B 47 31.18 -21.67 -13.16
N LEU B 48 31.25 -20.45 -12.63
CA LEU B 48 31.51 -20.22 -11.21
C LEU B 48 30.19 -19.96 -10.51
N HIS B 49 29.92 -20.70 -9.44
CA HIS B 49 28.66 -20.59 -8.71
C HIS B 49 28.91 -20.33 -7.25
N SER B 50 28.21 -19.36 -6.68
CA SER B 50 28.32 -19.02 -5.26
C SER B 50 27.14 -19.64 -4.52
N THR B 51 27.43 -20.53 -3.58
CA THR B 51 26.39 -21.26 -2.86
C THR B 51 26.56 -21.05 -1.36
N GLN B 52 25.46 -20.71 -0.69
CA GLN B 52 25.44 -20.52 0.76
C GLN B 52 24.68 -21.68 1.38
N ASP B 53 25.38 -22.52 2.13
CA ASP B 53 24.78 -23.73 2.68
C ASP B 53 25.64 -24.22 3.85
N LEU B 54 25.28 -25.38 4.40
CA LEU B 54 26.04 -25.98 5.49
C LEU B 54 27.26 -26.70 4.92
N PHE B 55 28.44 -26.27 5.33
CA PHE B 55 29.69 -26.85 4.87
C PHE B 55 30.64 -27.02 6.04
N LEU B 56 31.72 -27.77 5.80
CA LEU B 56 32.80 -27.89 6.77
C LEU B 56 33.90 -26.91 6.39
N PRO B 57 34.21 -25.93 7.23
CA PRO B 57 35.17 -24.88 6.84
C PRO B 57 36.54 -25.47 6.53
N PHE B 58 37.21 -24.84 5.58
CA PHE B 58 38.54 -25.28 5.18
C PHE B 58 39.55 -25.05 6.32
N PHE B 59 40.55 -25.92 6.38
CA PHE B 59 41.59 -25.85 7.41
C PHE B 59 41.00 -25.87 8.81
N SER B 60 39.98 -26.71 9.01
CA SER B 60 39.30 -26.78 10.30
C SER B 60 40.01 -27.76 11.22
N ASN B 61 39.51 -27.89 12.45
CA ASN B 61 40.07 -28.80 13.44
C ASN B 61 39.08 -29.93 13.66
N VAL B 62 39.48 -31.14 13.32
CA VAL B 62 38.63 -32.32 13.45
C VAL B 62 39.24 -33.25 14.50
N THR B 63 38.36 -33.88 15.26
CA THR B 63 38.82 -34.78 16.32
C THR B 63 39.35 -36.08 15.71
N TRP B 64 39.75 -37.00 16.58
CA TRP B 64 40.31 -38.26 16.13
C TRP B 64 40.12 -39.28 17.25
N PHE B 65 39.28 -40.28 17.02
CA PHE B 65 39.01 -41.32 18.00
C PHE B 65 39.77 -42.58 17.66
N HIS B 66 39.97 -43.42 18.67
CA HIS B 66 40.76 -44.63 18.56
C HIS B 66 39.86 -45.85 18.66
N ALA B 67 40.05 -46.80 17.74
CA ALA B 67 39.31 -48.05 17.74
C ALA B 67 40.09 -49.14 18.47
N ILE B 68 40.43 -48.85 19.73
CA ILE B 68 41.20 -49.74 20.60
C ILE B 68 40.59 -49.70 21.99
N HIS B 69 41.21 -50.43 22.90
CA HIS B 69 40.76 -50.48 24.30
C HIS B 69 40.89 -49.10 24.95
N ASP B 80 37.47 -46.26 21.37
CA ASP B 80 36.21 -46.89 21.73
C ASP B 80 35.06 -46.34 20.87
N ASN B 81 33.84 -46.42 21.40
CA ASN B 81 32.65 -45.96 20.70
C ASN B 81 31.86 -45.03 21.61
N PRO B 82 32.32 -43.80 21.80
CA PRO B 82 31.61 -42.86 22.68
C PRO B 82 30.50 -42.13 21.94
N VAL B 83 29.54 -41.66 22.73
CA VAL B 83 28.40 -40.92 22.18
C VAL B 83 28.84 -39.49 21.85
N LEU B 84 28.46 -39.03 20.67
CA LEU B 84 28.79 -37.69 20.22
C LEU B 84 27.52 -36.96 19.78
N PRO B 85 27.48 -35.64 19.92
CA PRO B 85 26.32 -34.89 19.45
C PRO B 85 26.26 -34.83 17.94
N PHE B 86 25.06 -34.56 17.42
CA PHE B 86 24.84 -34.44 15.98
C PHE B 86 24.97 -32.99 15.53
N ASN B 87 24.10 -32.12 16.08
CA ASN B 87 24.16 -30.68 15.86
C ASN B 87 24.13 -30.32 14.37
N ASP B 88 22.99 -30.67 13.74
CA ASP B 88 22.67 -30.24 12.37
C ASP B 88 23.74 -30.68 11.37
N GLY B 89 23.86 -32.00 11.23
CA GLY B 89 24.75 -32.55 10.23
C GLY B 89 26.10 -32.93 10.80
N VAL B 90 26.74 -33.91 10.17
CA VAL B 90 28.03 -34.41 10.63
C VAL B 90 28.81 -34.98 9.47
N TYR B 91 30.14 -34.85 9.55
CA TYR B 91 31.08 -35.48 8.65
C TYR B 91 31.51 -36.83 9.21
N PHE B 92 32.19 -37.62 8.37
CA PHE B 92 32.68 -38.92 8.81
C PHE B 92 33.70 -39.41 7.79
N ALA B 93 34.80 -39.97 8.28
CA ALA B 93 35.83 -40.51 7.40
C ALA B 93 36.46 -41.73 8.06
N SER B 94 36.66 -42.78 7.27
CA SER B 94 37.26 -44.01 7.78
C SER B 94 38.39 -44.46 6.88
N THR B 95 39.57 -44.68 7.46
CA THR B 95 40.73 -45.11 6.70
C THR B 95 41.24 -46.44 7.23
N GLU B 96 40.32 -47.39 7.42
CA GLU B 96 40.66 -48.71 7.93
C GLU B 96 40.53 -49.72 6.78
N LYS B 97 41.64 -50.36 6.42
CA LYS B 97 41.61 -51.38 5.38
C LYS B 97 40.78 -52.57 5.79
N SER B 98 40.91 -53.02 7.04
CA SER B 98 40.13 -54.15 7.52
C SER B 98 38.66 -53.76 7.67
N ASN B 99 37.78 -54.72 7.39
CA ASN B 99 36.34 -54.49 7.46
C ASN B 99 35.86 -54.64 8.91
N ILE B 100 36.20 -53.62 9.70
CA ILE B 100 35.84 -53.58 11.12
C ILE B 100 34.67 -52.66 11.38
N ILE B 101 34.58 -51.54 10.67
CA ILE B 101 33.44 -50.63 10.81
C ILE B 101 32.28 -51.18 10.02
N ARG B 102 31.11 -51.26 10.65
CA ARG B 102 29.94 -51.88 10.03
C ARG B 102 28.78 -50.93 9.84
N GLY B 103 28.31 -50.28 10.90
CA GLY B 103 27.13 -49.45 10.78
C GLY B 103 27.08 -48.26 11.72
N TRP B 104 25.87 -47.82 12.04
CA TRP B 104 25.66 -46.64 12.87
C TRP B 104 24.38 -46.84 13.66
N ILE B 105 24.22 -46.06 14.73
CA ILE B 105 22.99 -46.04 15.52
C ILE B 105 22.71 -44.60 15.92
N PHE B 106 21.62 -44.05 15.40
CA PHE B 106 21.24 -42.67 15.67
C PHE B 106 20.10 -42.63 16.68
N GLY B 107 19.66 -41.43 17.01
CA GLY B 107 18.45 -41.27 17.80
C GLY B 107 18.55 -40.11 18.78
N THR B 108 17.38 -39.64 19.22
CA THR B 108 17.32 -38.49 20.12
C THR B 108 17.42 -38.89 21.59
N THR B 109 17.10 -40.13 21.95
CA THR B 109 17.18 -40.58 23.33
C THR B 109 17.86 -41.93 23.50
N LEU B 110 18.04 -42.71 22.44
CA LEU B 110 18.68 -44.03 22.51
C LEU B 110 17.97 -44.94 23.52
N ASP B 111 16.65 -44.86 23.55
CA ASP B 111 15.85 -45.61 24.51
C ASP B 111 14.54 -46.02 23.86
N SER B 112 13.86 -46.99 24.47
CA SER B 112 12.58 -47.46 23.98
C SER B 112 11.48 -46.41 24.05
N LYS B 113 11.70 -45.33 24.80
CA LYS B 113 10.69 -44.28 24.92
C LYS B 113 10.42 -43.61 23.58
N THR B 114 11.47 -43.34 22.81
CA THR B 114 11.35 -42.61 21.55
C THR B 114 12.04 -43.38 20.43
N GLN B 115 11.55 -43.20 19.21
CA GLN B 115 12.07 -43.91 18.06
C GLN B 115 13.52 -43.52 17.78
N SER B 116 14.26 -44.46 17.19
CA SER B 116 15.67 -44.26 16.88
C SER B 116 16.00 -44.94 15.56
N LEU B 117 16.62 -44.21 14.65
CA LEU B 117 17.03 -44.77 13.37
C LEU B 117 18.19 -45.74 13.57
N LEU B 118 18.38 -46.62 12.59
CA LEU B 118 19.41 -47.65 12.70
C LEU B 118 19.80 -48.13 11.31
N ILE B 119 21.10 -48.31 11.11
CA ILE B 119 21.69 -48.69 9.82
C ILE B 119 22.62 -49.87 10.06
N VAL B 120 22.47 -50.91 9.24
CA VAL B 120 23.35 -52.08 9.33
C VAL B 120 23.77 -52.53 7.94
N ASN B 121 25.05 -52.87 7.79
CA ASN B 121 25.56 -53.48 6.56
C ASN B 121 26.04 -54.89 6.91
N ASN B 122 25.50 -55.89 6.22
CA ASN B 122 25.88 -57.28 6.43
C ASN B 122 26.72 -57.81 5.28
N ALA B 123 27.42 -56.91 4.58
CA ALA B 123 28.28 -57.21 3.44
C ALA B 123 27.50 -57.78 2.26
N THR B 124 26.19 -57.84 2.34
CA THR B 124 25.34 -58.33 1.25
C THR B 124 24.26 -57.33 0.86
N ASN B 125 23.66 -56.64 1.82
CA ASN B 125 22.58 -55.69 1.53
C ASN B 125 22.42 -54.77 2.73
N VAL B 126 22.54 -53.46 2.50
CA VAL B 126 22.34 -52.51 3.58
C VAL B 126 20.87 -52.51 4.01
N VAL B 127 20.64 -52.39 5.31
CA VAL B 127 19.30 -52.41 5.87
C VAL B 127 19.12 -51.18 6.76
N ILE B 128 18.00 -50.50 6.58
CA ILE B 128 17.67 -49.28 7.30
C ILE B 128 16.37 -49.53 8.05
N LYS B 129 16.36 -49.25 9.35
CA LYS B 129 15.14 -49.42 10.14
C LYS B 129 15.01 -48.30 11.16
N VAL B 130 13.84 -47.66 11.17
CA VAL B 130 13.55 -46.60 12.13
C VAL B 130 12.74 -47.13 13.32
N CYS B 131 12.66 -48.44 13.48
CA CYS B 131 11.82 -49.02 14.51
C CYS B 131 12.38 -48.72 15.90
N GLU B 132 11.53 -48.92 16.91
CA GLU B 132 11.91 -48.68 18.29
C GLU B 132 12.98 -49.68 18.74
N PHE B 133 13.87 -49.22 19.61
CA PHE B 133 14.89 -50.07 20.19
C PHE B 133 15.15 -49.61 21.62
N GLN B 134 15.62 -50.55 22.44
CA GLN B 134 15.94 -50.27 23.84
C GLN B 134 17.42 -49.94 23.99
N PHE B 135 17.73 -49.24 25.08
CA PHE B 135 19.10 -48.79 25.32
C PHE B 135 20.02 -49.99 25.53
N CYS B 136 21.23 -49.90 24.97
CA CYS B 136 22.26 -50.90 25.16
C CYS B 136 23.59 -50.19 25.30
N ASN B 137 24.20 -50.28 26.49
CA ASN B 137 25.45 -49.58 26.75
C ASN B 137 26.63 -50.20 26.02
N ASP B 138 26.48 -51.41 25.49
CA ASP B 138 27.55 -52.13 24.81
C ASP B 138 27.05 -52.61 23.45
N PRO B 139 26.98 -51.71 22.46
CA PRO B 139 26.61 -52.14 21.11
C PRO B 139 27.62 -53.14 20.56
N PHE B 140 27.12 -54.12 19.81
CA PHE B 140 27.96 -55.21 19.33
C PHE B 140 27.46 -55.67 17.98
N LEU B 141 28.31 -56.43 17.29
CA LEU B 141 27.93 -57.07 16.03
C LEU B 141 28.84 -58.26 15.82
N GLY B 142 28.29 -59.47 15.92
CA GLY B 142 29.06 -60.67 15.74
C GLY B 142 28.20 -61.86 15.35
N VAL B 143 28.66 -62.64 14.37
CA VAL B 143 27.94 -63.81 13.91
C VAL B 143 28.86 -65.02 13.84
N VAL B 159 21.83 -55.34 21.28
CA VAL B 159 21.25 -54.28 20.46
C VAL B 159 19.84 -54.66 20.05
N TYR B 160 19.67 -55.90 19.61
CA TYR B 160 18.36 -56.41 19.20
C TYR B 160 17.52 -56.62 20.45
N SER B 161 16.63 -55.68 20.75
CA SER B 161 15.88 -55.71 21.99
C SER B 161 14.38 -55.57 21.78
N SER B 162 13.97 -54.85 20.74
CA SER B 162 12.56 -54.61 20.50
C SER B 162 12.32 -54.31 19.03
N ALA B 163 11.10 -54.57 18.57
CA ALA B 163 10.69 -54.29 17.20
C ALA B 163 9.29 -53.70 17.17
N ASN B 164 9.01 -52.77 18.08
CA ASN B 164 7.69 -52.17 18.20
C ASN B 164 7.58 -50.92 17.33
N ASN B 165 6.49 -50.83 16.55
CA ASN B 165 6.18 -49.66 15.73
C ASN B 165 7.27 -49.40 14.68
N CYS B 166 7.52 -50.42 13.87
CA CYS B 166 8.44 -50.28 12.74
C CYS B 166 7.70 -49.59 11.61
N THR B 167 7.74 -48.26 11.62
CA THR B 167 7.01 -47.46 10.63
C THR B 167 7.73 -47.36 9.30
N PHE B 168 8.97 -47.83 9.19
CA PHE B 168 9.69 -47.77 7.93
C PHE B 168 10.73 -48.88 7.90
N GLU B 169 11.05 -49.31 6.68
CA GLU B 169 12.06 -50.35 6.47
C GLU B 169 12.62 -50.17 5.07
N TYR B 170 13.93 -50.34 4.93
CA TYR B 170 14.59 -50.15 3.65
C TYR B 170 15.65 -51.21 3.47
N VAL B 171 15.68 -51.81 2.27
CA VAL B 171 16.71 -52.78 1.91
C VAL B 171 17.34 -52.34 0.60
N SER B 172 18.66 -52.28 0.57
CA SER B 172 19.38 -51.86 -0.64
C SER B 172 20.72 -52.58 -0.66
N GLN B 173 21.62 -52.11 -1.53
CA GLN B 173 22.95 -52.70 -1.66
C GLN B 173 23.73 -52.57 -0.37
N PHE B 186 48.59 -48.31 -0.58
CA PHE B 186 47.59 -47.39 -0.02
C PHE B 186 46.32 -48.15 0.35
N LYS B 187 45.71 -47.76 1.47
CA LYS B 187 44.44 -48.32 1.91
C LYS B 187 43.33 -47.32 1.65
N ASN B 188 42.26 -47.78 1.02
CA ASN B 188 41.17 -46.90 0.63
C ASN B 188 40.46 -46.37 1.87
N LEU B 189 40.08 -45.10 1.81
CA LEU B 189 39.31 -44.45 2.88
C LEU B 189 37.98 -43.97 2.32
N ARG B 190 36.92 -44.18 3.08
CA ARG B 190 35.57 -43.84 2.68
C ARG B 190 35.07 -42.64 3.48
N GLU B 191 34.38 -41.73 2.79
CA GLU B 191 33.89 -40.51 3.41
C GLU B 191 32.36 -40.46 3.33
N PHE B 192 31.75 -39.95 4.39
CA PHE B 192 30.30 -39.85 4.48
C PHE B 192 29.93 -38.51 5.10
N VAL B 193 28.76 -38.00 4.70
CA VAL B 193 28.16 -36.80 5.26
C VAL B 193 26.70 -37.08 5.55
N PHE B 194 26.28 -36.84 6.80
CA PHE B 194 24.90 -37.06 7.22
C PHE B 194 24.24 -35.72 7.49
N LYS B 195 23.06 -35.51 6.92
CA LYS B 195 22.34 -34.26 7.11
C LYS B 195 20.84 -34.55 7.24
N ASN B 196 20.14 -33.64 7.91
CA ASN B 196 18.69 -33.73 8.07
C ASN B 196 18.08 -32.35 7.90
N ILE B 197 17.18 -32.22 6.94
CA ILE B 197 16.50 -30.94 6.66
C ILE B 197 15.01 -31.21 6.51
N ASP B 198 14.20 -30.53 7.33
CA ASP B 198 12.74 -30.65 7.37
C ASP B 198 12.27 -32.09 7.21
N GLY B 199 12.81 -32.97 8.05
CA GLY B 199 12.36 -34.34 8.09
C GLY B 199 12.91 -35.23 6.99
N TYR B 200 13.79 -34.71 6.13
CA TYR B 200 14.41 -35.47 5.08
C TYR B 200 15.86 -35.76 5.45
N PHE B 201 16.25 -37.03 5.37
CA PHE B 201 17.59 -37.48 5.75
C PHE B 201 18.40 -37.70 4.48
N LYS B 202 19.55 -37.04 4.39
CA LYS B 202 20.44 -37.13 3.24
C LYS B 202 21.77 -37.71 3.68
N ILE B 203 22.26 -38.68 2.91
CA ILE B 203 23.56 -39.32 3.15
C ILE B 203 24.36 -39.18 1.86
N TYR B 204 25.45 -38.42 1.92
CA TYR B 204 26.36 -38.29 0.79
C TYR B 204 27.59 -39.15 1.04
N SER B 205 28.10 -39.78 -0.01
CA SER B 205 29.16 -40.76 0.13
C SER B 205 30.28 -40.50 -0.86
N LYS B 206 31.45 -41.05 -0.54
CA LYS B 206 32.60 -41.04 -1.44
C LYS B 206 33.45 -42.27 -1.16
N HIS B 207 33.76 -43.01 -2.22
CA HIS B 207 34.43 -44.30 -2.09
C HIS B 207 35.93 -44.13 -1.87
N THR B 208 36.63 -43.50 -2.80
CA THR B 208 38.08 -43.36 -2.69
C THR B 208 38.55 -42.06 -3.34
N PRO B 209 39.08 -41.12 -2.56
CA PRO B 209 39.57 -39.86 -3.14
C PRO B 209 41.04 -39.96 -3.56
N ILE B 210 41.59 -38.84 -4.02
CA ILE B 210 42.99 -38.79 -4.42
C ILE B 210 43.86 -38.90 -3.18
N ASN B 211 44.86 -39.78 -3.24
CA ASN B 211 45.76 -40.03 -2.12
C ASN B 211 47.08 -39.28 -2.34
N LEU B 212 47.43 -38.44 -1.37
CA LEU B 212 48.71 -37.72 -1.41
C LEU B 212 49.74 -38.37 -0.50
N VAL B 213 49.45 -38.47 0.80
CA VAL B 213 50.31 -39.13 1.77
C VAL B 213 49.43 -39.98 2.68
N ARG B 214 50.08 -40.80 3.51
CA ARG B 214 49.38 -41.72 4.38
C ARG B 214 49.04 -41.09 5.72
N ASP B 215 48.06 -41.68 6.41
CA ASP B 215 47.64 -41.37 7.76
C ASP B 215 46.94 -40.02 7.90
N LEU B 216 46.84 -39.23 6.82
CA LEU B 216 46.21 -37.92 6.91
C LEU B 216 45.33 -37.69 5.70
N PRO B 217 44.24 -36.94 5.85
CA PRO B 217 43.32 -36.64 4.72
C PRO B 217 43.74 -35.45 3.85
N GLN B 218 44.65 -35.71 2.91
CA GLN B 218 44.99 -34.73 1.88
C GLN B 218 44.27 -35.07 0.57
N GLY B 219 44.21 -34.07 -0.30
CA GLY B 219 43.55 -34.19 -1.58
C GLY B 219 42.21 -33.49 -1.61
N PHE B 220 41.62 -33.46 -2.81
CA PHE B 220 40.34 -32.80 -3.03
C PHE B 220 39.44 -33.69 -3.86
N SER B 221 38.18 -33.80 -3.45
CA SER B 221 37.19 -34.60 -4.17
C SER B 221 35.81 -34.21 -3.67
N ALA B 222 34.89 -34.00 -4.59
CA ALA B 222 33.51 -33.66 -4.25
C ALA B 222 32.73 -34.92 -3.91
N LEU B 223 31.65 -34.74 -3.15
CA LEU B 223 30.84 -35.85 -2.65
C LEU B 223 29.49 -35.85 -3.37
N GLU B 224 29.08 -37.03 -3.84
CA GLU B 224 27.85 -37.20 -4.61
C GLU B 224 26.78 -37.90 -3.77
N PRO B 225 25.52 -37.50 -3.90
CA PRO B 225 24.47 -38.04 -3.03
C PRO B 225 24.23 -39.52 -3.27
N LEU B 226 23.80 -40.20 -2.21
CA LEU B 226 23.55 -41.64 -2.25
C LEU B 226 22.07 -41.98 -2.12
N VAL B 227 21.41 -41.53 -1.05
CA VAL B 227 20.01 -41.86 -0.81
C VAL B 227 19.30 -40.63 -0.25
N ASP B 228 17.99 -40.74 -0.12
CA ASP B 228 17.16 -39.70 0.46
C ASP B 228 16.00 -40.38 1.18
N LEU B 229 15.86 -40.13 2.48
CA LEU B 229 14.91 -40.85 3.30
C LEU B 229 13.88 -39.91 3.90
N PRO B 230 12.58 -40.20 3.73
CA PRO B 230 11.53 -39.43 4.43
C PRO B 230 11.21 -40.00 5.81
N ILE B 231 12.08 -39.71 6.77
CA ILE B 231 11.98 -40.30 8.10
C ILE B 231 11.05 -39.47 8.98
N GLY B 232 11.41 -38.21 9.21
CA GLY B 232 10.62 -37.35 10.05
C GLY B 232 10.95 -37.39 11.53
N ILE B 233 12.22 -37.56 11.88
CA ILE B 233 12.65 -37.62 13.26
C ILE B 233 13.51 -36.39 13.57
N ASN B 234 13.67 -36.10 14.87
CA ASN B 234 14.49 -34.97 15.29
C ASN B 234 15.98 -35.29 15.37
N ILE B 235 16.34 -36.55 15.62
CA ILE B 235 17.71 -37.06 15.66
C ILE B 235 18.70 -36.10 16.33
N THR B 236 19.01 -36.34 17.60
CA THR B 236 19.89 -35.47 18.37
C THR B 236 21.27 -36.05 18.63
N ARG B 237 21.36 -37.34 18.93
CA ARG B 237 22.64 -37.98 19.22
C ARG B 237 22.85 -39.16 18.27
N PHE B 238 24.10 -39.62 18.20
CA PHE B 238 24.45 -40.72 17.32
C PHE B 238 25.67 -41.42 17.88
N GLN B 239 25.90 -42.64 17.40
CA GLN B 239 27.03 -43.45 17.83
C GLN B 239 27.38 -44.42 16.73
N THR B 240 28.61 -44.92 16.78
CA THR B 240 29.10 -45.87 15.79
C THR B 240 29.01 -47.29 16.32
N LEU B 241 29.13 -48.25 15.40
CA LEU B 241 29.09 -49.66 15.72
C LEU B 241 30.37 -50.33 15.24
N LEU B 242 30.74 -51.42 15.91
CA LEU B 242 31.97 -52.12 15.61
C LEU B 242 31.74 -53.63 15.64
N ALA B 243 32.50 -54.36 14.84
CA ALA B 243 32.43 -55.81 14.79
C ALA B 243 33.56 -56.37 15.66
N LEU B 244 33.34 -56.31 16.97
CA LEU B 244 34.35 -56.77 17.92
C LEU B 244 34.42 -58.29 17.93
N HIS B 245 35.53 -58.80 18.47
CA HIS B 245 35.73 -60.24 18.59
C HIS B 245 36.27 -60.60 19.97
N ALA B 264 39.64 -46.07 13.86
CA ALA B 264 39.69 -44.62 13.86
C ALA B 264 38.67 -44.03 12.90
N TYR B 265 38.02 -42.95 13.31
CA TYR B 265 37.01 -42.30 12.48
C TYR B 265 36.94 -40.83 12.86
N TYR B 266 37.48 -39.97 12.00
CA TYR B 266 37.44 -38.54 12.24
C TYR B 266 36.01 -38.02 12.15
N VAL B 267 35.64 -37.15 13.09
CA VAL B 267 34.30 -36.60 13.15
C VAL B 267 34.39 -35.08 13.10
N GLY B 268 33.72 -34.47 12.12
CA GLY B 268 33.66 -33.04 11.98
C GLY B 268 32.32 -32.46 12.35
N TYR B 269 32.08 -31.24 11.87
CA TYR B 269 30.81 -30.57 12.06
C TYR B 269 30.56 -29.62 10.90
N LEU B 270 29.31 -29.23 10.74
CA LEU B 270 28.90 -28.36 9.64
C LEU B 270 28.43 -27.02 10.18
N GLN B 271 28.75 -25.96 9.44
CA GLN B 271 28.39 -24.59 9.80
C GLN B 271 27.85 -23.90 8.55
N PRO B 272 27.00 -22.88 8.73
CA PRO B 272 26.41 -22.17 7.58
C PRO B 272 27.39 -21.25 6.85
N ARG B 273 28.17 -21.83 5.95
CA ARG B 273 29.19 -21.10 5.23
C ARG B 273 28.71 -20.73 3.83
N THR B 274 29.55 -19.98 3.11
CA THR B 274 29.32 -19.62 1.72
C THR B 274 30.57 -19.97 0.94
N PHE B 275 30.41 -20.71 -0.16
CA PHE B 275 31.52 -21.20 -0.95
C PHE B 275 31.36 -20.76 -2.40
N LEU B 276 32.48 -20.73 -3.11
CA LEU B 276 32.50 -20.50 -4.55
C LEU B 276 33.04 -21.75 -5.22
N LEU B 277 32.24 -22.33 -6.10
CA LEU B 277 32.55 -23.60 -6.75
C LEU B 277 32.80 -23.38 -8.23
N LYS B 278 33.84 -24.03 -8.74
CA LYS B 278 34.20 -23.95 -10.16
C LYS B 278 33.87 -25.29 -10.80
N TYR B 279 32.71 -25.35 -11.46
CA TYR B 279 32.30 -26.57 -12.14
C TYR B 279 33.19 -26.82 -13.36
N ASN B 280 33.49 -28.09 -13.61
CA ASN B 280 34.30 -28.48 -14.75
C ASN B 280 33.45 -28.40 -16.01
N GLU B 281 34.01 -28.81 -17.15
CA GLU B 281 33.26 -28.79 -18.39
C GLU B 281 32.38 -30.02 -18.56
N ASN B 282 32.61 -31.07 -17.78
CA ASN B 282 31.76 -32.26 -17.79
C ASN B 282 30.71 -32.25 -16.68
N GLY B 283 30.64 -31.18 -15.90
CA GLY B 283 29.68 -31.05 -14.82
C GLY B 283 30.24 -31.30 -13.43
N THR B 284 31.42 -31.90 -13.33
CA THR B 284 31.98 -32.22 -12.03
C THR B 284 32.56 -30.98 -11.36
N ILE B 285 32.70 -31.06 -10.03
CA ILE B 285 33.29 -29.99 -9.24
C ILE B 285 34.77 -30.30 -9.05
N THR B 286 35.63 -29.34 -9.37
CA THR B 286 37.06 -29.53 -9.26
C THR B 286 37.77 -28.53 -8.35
N ASP B 287 37.18 -27.36 -8.10
CA ASP B 287 37.80 -26.34 -7.28
C ASP B 287 36.76 -25.64 -6.42
N ALA B 288 37.12 -25.36 -5.18
CA ALA B 288 36.25 -24.69 -4.23
C ALA B 288 37.06 -23.66 -3.45
N VAL B 289 36.46 -22.50 -3.21
CA VAL B 289 37.12 -21.40 -2.51
C VAL B 289 36.18 -20.90 -1.42
N ASP B 290 36.71 -20.77 -0.20
CA ASP B 290 35.94 -20.25 0.91
C ASP B 290 35.74 -18.75 0.77
N CYS B 291 34.73 -18.23 1.45
CA CYS B 291 34.38 -16.82 1.36
C CYS B 291 34.60 -16.04 2.65
N ALA B 292 34.93 -16.71 3.75
CA ALA B 292 35.13 -16.04 5.03
C ALA B 292 36.35 -16.59 5.74
N LEU B 293 37.44 -16.80 5.02
CA LEU B 293 38.67 -17.35 5.59
C LEU B 293 39.83 -16.38 5.57
N ASP B 294 40.12 -15.79 4.41
CA ASP B 294 41.26 -14.90 4.25
C ASP B 294 40.86 -13.70 3.42
N PRO B 295 41.51 -12.56 3.61
CA PRO B 295 41.19 -11.40 2.75
C PRO B 295 41.35 -11.67 1.26
N LEU B 296 42.36 -12.45 0.88
CA LEU B 296 42.49 -12.84 -0.52
C LEU B 296 41.32 -13.71 -0.95
N SER B 297 40.90 -14.63 -0.08
CA SER B 297 39.74 -15.46 -0.39
C SER B 297 38.47 -14.61 -0.50
N GLU B 298 38.33 -13.61 0.38
CA GLU B 298 37.19 -12.70 0.28
C GLU B 298 37.21 -11.92 -1.02
N THR B 299 38.40 -11.47 -1.45
CA THR B 299 38.51 -10.76 -2.72
C THR B 299 38.13 -11.65 -3.89
N LYS B 300 38.60 -12.90 -3.88
CA LYS B 300 38.22 -13.85 -4.93
C LYS B 300 36.71 -14.08 -4.93
N CYS B 301 36.11 -14.21 -3.74
CA CYS B 301 34.68 -14.42 -3.63
C CYS B 301 33.90 -13.23 -4.18
N THR B 302 34.35 -12.00 -3.89
CA THR B 302 33.65 -10.82 -4.36
C THR B 302 33.79 -10.65 -5.87
N LEU B 303 34.99 -10.86 -6.40
CA LEU B 303 35.22 -10.68 -7.82
C LEU B 303 34.63 -11.80 -8.67
N LYS B 304 34.17 -12.89 -8.04
CA LYS B 304 33.62 -14.05 -8.76
C LYS B 304 34.61 -14.59 -9.77
N SER B 305 35.86 -14.69 -9.36
CA SER B 305 36.91 -15.23 -10.22
C SER B 305 38.00 -15.83 -9.33
N PHE B 306 38.78 -16.74 -9.92
CA PHE B 306 39.87 -17.39 -9.21
C PHE B 306 41.20 -16.69 -9.41
N THR B 307 41.24 -15.61 -10.20
CA THR B 307 42.45 -14.84 -10.41
C THR B 307 42.15 -13.37 -10.21
N VAL B 308 43.13 -12.64 -9.68
CA VAL B 308 43.00 -11.22 -9.40
C VAL B 308 44.23 -10.50 -9.94
N GLU B 309 44.01 -9.39 -10.63
CA GLU B 309 45.09 -8.60 -11.19
C GLU B 309 45.54 -7.51 -10.21
N LYS B 310 46.63 -6.85 -10.55
CA LYS B 310 47.16 -5.79 -9.70
C LYS B 310 46.15 -4.66 -9.54
N GLY B 311 45.99 -4.19 -8.32
CA GLY B 311 45.07 -3.11 -8.05
C GLY B 311 44.63 -3.14 -6.60
N ILE B 312 43.62 -2.32 -6.31
CA ILE B 312 43.02 -2.23 -4.99
C ILE B 312 41.52 -2.47 -5.12
N TYR B 313 40.98 -3.36 -4.29
CA TYR B 313 39.57 -3.70 -4.32
C TYR B 313 38.96 -3.48 -2.95
N GLN B 314 37.69 -3.09 -2.94
CA GLN B 314 36.94 -2.91 -1.70
C GLN B 314 36.08 -4.14 -1.47
N THR B 315 36.24 -4.76 -0.30
CA THR B 315 35.56 -6.02 0.01
C THR B 315 34.30 -5.80 0.85
N SER B 316 34.44 -5.17 2.01
CA SER B 316 33.31 -5.02 2.92
C SER B 316 33.57 -3.83 3.83
N ASN B 317 32.80 -3.74 4.91
CA ASN B 317 32.94 -2.68 5.90
C ASN B 317 32.80 -3.28 7.30
N PHE B 318 33.33 -2.57 8.28
CA PHE B 318 33.32 -3.01 9.67
C PHE B 318 32.82 -1.89 10.57
N ARG B 319 32.18 -2.30 11.66
CA ARG B 319 31.62 -1.40 12.66
C ARG B 319 31.98 -1.91 14.04
N VAL B 320 32.09 -0.98 14.99
CA VAL B 320 32.42 -1.30 16.38
C VAL B 320 31.11 -1.41 17.16
N GLN B 321 30.86 -2.59 17.74
CA GLN B 321 29.62 -2.84 18.46
C GLN B 321 29.66 -2.22 19.85
N PRO B 322 28.51 -1.82 20.38
CA PRO B 322 28.46 -1.28 21.74
C PRO B 322 28.79 -2.35 22.78
N THR B 323 29.33 -1.90 23.91
CA THR B 323 29.81 -2.81 24.95
C THR B 323 28.80 -2.93 26.10
N GLU B 324 28.45 -1.82 26.74
CA GLU B 324 27.54 -1.86 27.88
C GLU B 324 26.49 -0.76 27.79
N SER B 325 25.67 -0.60 28.83
CA SER B 325 24.62 0.40 28.86
C SER B 325 24.63 1.15 30.18
N ILE B 326 24.41 2.46 30.13
CA ILE B 326 24.32 3.30 31.31
C ILE B 326 23.17 4.28 31.12
N VAL B 327 22.40 4.49 32.19
CA VAL B 327 21.30 5.43 32.21
C VAL B 327 21.44 6.35 33.41
N ARG B 328 21.27 7.65 33.19
CA ARG B 328 21.43 8.66 34.22
C ARG B 328 20.10 9.35 34.48
N PHE B 329 19.72 9.45 35.75
CA PHE B 329 18.48 10.06 36.18
C PHE B 329 18.74 11.04 37.31
N PRO B 330 17.89 12.04 37.49
CA PRO B 330 18.14 13.07 38.50
C PRO B 330 18.15 12.51 39.92
N ASN B 331 18.50 13.39 40.87
CA ASN B 331 18.62 12.98 42.26
C ASN B 331 17.28 12.53 42.82
N ILE B 332 16.20 13.23 42.46
CA ILE B 332 14.83 13.05 42.97
C ILE B 332 14.84 12.72 44.45
N THR B 333 15.67 13.42 45.23
CA THR B 333 15.74 13.25 46.68
C THR B 333 14.88 14.34 47.32
N ASN B 334 13.57 14.13 47.29
CA ASN B 334 12.58 15.04 47.86
C ASN B 334 11.58 14.28 48.69
N LEU B 335 12.08 13.43 49.59
CA LEU B 335 11.22 12.60 50.43
C LEU B 335 10.30 13.46 51.29
N CYS B 336 9.04 13.05 51.38
CA CYS B 336 7.99 13.77 52.08
C CYS B 336 7.62 13.06 53.38
N PRO B 337 6.79 13.69 54.23
CA PRO B 337 6.36 13.02 55.47
C PRO B 337 5.53 11.76 55.27
N PHE B 338 5.37 11.31 54.02
CA PHE B 338 4.68 10.05 53.76
C PHE B 338 5.29 8.91 54.56
N GLY B 339 6.62 8.92 54.71
CA GLY B 339 7.29 7.96 55.57
C GLY B 339 7.30 8.33 57.04
N GLU B 340 6.73 9.48 57.39
CA GLU B 340 6.70 9.93 58.77
C GLU B 340 5.33 9.77 59.44
N VAL B 341 4.26 9.72 58.66
CA VAL B 341 2.93 9.56 59.23
C VAL B 341 2.80 8.21 59.91
N PHE B 342 3.53 7.19 59.43
CA PHE B 342 3.53 5.90 60.10
C PHE B 342 4.22 5.96 61.45
N ASN B 343 5.17 6.87 61.61
CA ASN B 343 5.90 7.03 62.86
C ASN B 343 5.27 8.06 63.79
N ALA B 344 4.11 8.60 63.42
CA ALA B 344 3.44 9.58 64.27
C ALA B 344 2.95 8.91 65.55
N THR B 345 3.31 9.51 66.69
CA THR B 345 2.94 8.91 67.98
C THR B 345 1.46 9.06 68.27
N ARG B 346 0.90 10.23 68.02
CA ARG B 346 -0.49 10.54 68.37
C ARG B 346 -1.36 10.52 67.12
N PHE B 347 -2.44 9.75 67.17
CA PHE B 347 -3.45 9.70 66.13
C PHE B 347 -4.76 10.27 66.66
N ALA B 348 -5.79 10.23 65.83
CA ALA B 348 -7.10 10.73 66.18
C ALA B 348 -8.07 9.57 66.43
N SER B 349 -9.30 9.91 66.79
CA SER B 349 -10.31 8.90 67.05
C SER B 349 -10.79 8.27 65.75
N VAL B 350 -11.50 7.15 65.88
CA VAL B 350 -11.94 6.40 64.71
C VAL B 350 -13.01 7.17 63.95
N TYR B 351 -13.94 7.82 64.66
CA TYR B 351 -14.97 8.60 63.98
C TYR B 351 -14.40 9.91 63.45
N ALA B 352 -13.55 10.57 64.23
CA ALA B 352 -12.85 11.76 63.78
C ALA B 352 -11.49 11.38 63.18
N TRP B 353 -11.55 10.45 62.23
CA TRP B 353 -10.36 9.92 61.60
C TRP B 353 -9.61 11.00 60.83
N ASN B 354 -8.29 10.93 60.87
CA ASN B 354 -7.44 11.98 60.31
C ASN B 354 -7.15 11.71 58.83
N ARG B 355 -7.11 12.79 58.05
CA ARG B 355 -6.90 12.73 56.62
C ARG B 355 -5.63 13.48 56.26
N LYS B 356 -4.81 12.89 55.40
CA LYS B 356 -3.60 13.52 54.90
C LYS B 356 -3.52 13.35 53.39
N ARG B 357 -3.00 14.37 52.72
CA ARG B 357 -2.80 14.35 51.27
C ARG B 357 -1.31 14.45 50.98
N ILE B 358 -0.83 13.57 50.11
CA ILE B 358 0.59 13.51 49.75
C ILE B 358 0.74 13.95 48.31
N SER B 359 1.55 14.98 48.09
CA SER B 359 1.79 15.50 46.74
C SER B 359 3.14 16.21 46.72
N ASN B 360 3.72 16.29 45.52
CA ASN B 360 4.98 16.99 45.28
C ASN B 360 6.10 16.45 46.16
N CYS B 361 6.37 15.15 45.99
CA CYS B 361 7.45 14.48 46.70
C CYS B 361 7.76 13.17 46.00
N VAL B 362 8.80 12.49 46.46
CA VAL B 362 9.16 11.16 45.98
C VAL B 362 9.36 10.27 47.18
N ALA B 363 8.58 9.19 47.26
CA ALA B 363 8.67 8.25 48.37
C ALA B 363 8.69 6.83 47.83
N ASP B 364 9.43 5.97 48.53
CA ASP B 364 9.55 4.56 48.17
C ASP B 364 8.59 3.75 49.04
N TYR B 365 7.68 3.02 48.40
CA TYR B 365 6.72 2.20 49.11
C TYR B 365 7.20 0.77 49.34
N SER B 366 8.35 0.40 48.80
CA SER B 366 8.86 -0.95 49.00
C SER B 366 9.45 -1.16 50.38
N VAL B 367 10.06 -0.12 50.96
CA VAL B 367 10.69 -0.24 52.26
C VAL B 367 9.70 -0.31 53.40
N LEU B 368 8.42 -0.03 53.15
CA LEU B 368 7.43 -0.04 54.21
C LEU B 368 7.24 -1.44 54.78
N TYR B 369 7.02 -2.42 53.91
CA TYR B 369 6.79 -3.79 54.35
C TYR B 369 8.08 -4.55 54.65
N ASN B 370 9.25 -3.96 54.34
CA ASN B 370 10.50 -4.64 54.62
C ASN B 370 10.74 -4.80 56.11
N SER B 371 10.35 -3.81 56.91
CA SER B 371 10.50 -3.90 58.35
C SER B 371 9.59 -4.96 58.92
N ALA B 372 10.04 -5.60 60.00
CA ALA B 372 9.30 -6.68 60.64
C ALA B 372 8.36 -6.20 61.73
N SER B 373 8.24 -4.89 61.94
CA SER B 373 7.38 -4.34 62.97
C SER B 373 5.96 -4.09 62.48
N PHE B 374 5.65 -4.42 61.23
CA PHE B 374 4.31 -4.23 60.68
C PHE B 374 3.48 -5.47 60.97
N SER B 375 2.54 -5.35 61.90
CA SER B 375 1.71 -6.49 62.27
C SER B 375 0.81 -6.92 61.12
N THR B 376 0.08 -5.98 60.53
CA THR B 376 -0.83 -6.26 59.44
C THR B 376 -0.51 -5.34 58.27
N PHE B 377 -0.29 -5.94 57.10
CA PHE B 377 0.04 -5.19 55.88
C PHE B 377 -0.70 -5.87 54.73
N LYS B 378 -1.88 -5.34 54.38
CA LYS B 378 -2.73 -5.96 53.38
C LYS B 378 -3.01 -4.95 52.27
N CYS B 379 -2.46 -5.20 51.09
CA CYS B 379 -2.64 -4.33 49.93
C CYS B 379 -3.72 -4.94 49.04
N TYR B 380 -4.76 -4.16 48.74
CA TYR B 380 -5.89 -4.62 47.96
C TYR B 380 -5.81 -4.24 46.49
N GLY B 381 -5.48 -2.97 46.20
CA GLY B 381 -5.53 -2.50 44.82
C GLY B 381 -4.38 -2.95 43.95
N VAL B 382 -3.27 -3.39 44.54
CA VAL B 382 -2.09 -3.79 43.78
C VAL B 382 -1.23 -4.66 44.69
N SER B 383 -0.40 -5.49 44.07
CA SER B 383 0.50 -6.34 44.84
C SER B 383 1.52 -5.48 45.59
N PRO B 384 1.92 -5.88 46.80
CA PRO B 384 2.81 -5.01 47.60
C PRO B 384 4.16 -4.75 46.96
N THR B 385 4.66 -5.65 46.14
CA THR B 385 6.01 -5.53 45.58
C THR B 385 6.04 -4.79 44.26
N LYS B 386 4.90 -4.31 43.76
CA LYS B 386 4.83 -3.61 42.48
C LYS B 386 4.46 -2.14 42.62
N LEU B 387 4.59 -1.59 43.82
CA LEU B 387 4.31 -0.17 44.01
C LEU B 387 5.34 0.72 43.32
N ASN B 388 6.61 0.29 43.33
CA ASN B 388 7.67 1.10 42.72
C ASN B 388 7.47 1.23 41.21
N ASP B 389 7.10 0.14 40.55
CA ASP B 389 6.92 0.17 39.10
C ASP B 389 5.75 1.06 38.69
N LEU B 390 4.63 0.95 39.39
CA LEU B 390 3.44 1.70 39.03
C LEU B 390 3.55 3.15 39.51
N CYS B 391 2.91 4.04 38.76
CA CYS B 391 2.94 5.48 39.03
C CYS B 391 1.52 5.95 39.32
N PHE B 392 1.36 6.69 40.43
CA PHE B 392 0.05 7.09 40.93
C PHE B 392 -0.05 8.61 41.02
N THR B 393 -1.21 9.07 41.49
CA THR B 393 -1.47 10.48 41.71
C THR B 393 -2.52 10.60 42.81
N ASN B 394 -2.49 11.73 43.52
CA ASN B 394 -3.47 12.06 44.55
C ASN B 394 -3.50 10.99 45.65
N VAL B 395 -2.38 10.87 46.35
CA VAL B 395 -2.24 9.89 47.42
C VAL B 395 -2.94 10.41 48.67
N TYR B 396 -3.84 9.61 49.23
CA TYR B 396 -4.59 9.96 50.42
C TYR B 396 -4.30 8.95 51.53
N ALA B 397 -4.13 9.44 52.74
CA ALA B 397 -3.86 8.61 53.91
C ALA B 397 -4.94 8.86 54.95
N ASP B 398 -5.55 7.78 55.45
CA ASP B 398 -6.58 7.85 56.47
C ASP B 398 -6.06 7.13 57.71
N SER B 399 -5.84 7.90 58.78
CA SER B 399 -5.23 7.37 59.99
C SER B 399 -6.23 7.40 61.14
N PHE B 400 -6.31 6.30 61.87
CA PHE B 400 -7.19 6.23 63.03
C PHE B 400 -6.73 5.11 63.95
N VAL B 401 -7.50 4.88 65.01
CA VAL B 401 -7.20 3.87 66.03
C VAL B 401 -8.41 2.96 66.16
N ILE B 402 -8.16 1.65 66.12
CA ILE B 402 -9.21 0.65 66.26
C ILE B 402 -8.82 -0.33 67.36
N ARG B 403 -9.75 -1.21 67.71
CA ARG B 403 -9.52 -2.22 68.72
C ARG B 403 -8.70 -3.37 68.15
N GLY B 404 -8.18 -4.21 69.05
CA GLY B 404 -7.29 -5.28 68.63
C GLY B 404 -7.96 -6.32 67.76
N ASP B 405 -9.18 -6.73 68.13
CA ASP B 405 -9.89 -7.79 67.44
C ASP B 405 -10.87 -7.26 66.39
N GLU B 406 -10.57 -6.12 65.79
CA GLU B 406 -11.43 -5.54 64.77
C GLU B 406 -10.70 -5.27 63.45
N VAL B 407 -9.50 -5.82 63.27
CA VAL B 407 -8.76 -5.61 62.03
C VAL B 407 -9.51 -6.19 60.84
N ARG B 408 -10.28 -7.27 61.07
CA ARG B 408 -11.11 -7.81 60.00
C ARG B 408 -12.24 -6.85 59.62
N GLN B 409 -12.72 -6.06 60.59
CA GLN B 409 -13.80 -5.13 60.31
C GLN B 409 -13.39 -4.03 59.36
N ILE B 410 -12.11 -3.67 59.34
CA ILE B 410 -11.62 -2.60 58.46
C ILE B 410 -11.28 -3.26 57.13
N ALA B 411 -12.30 -3.42 56.30
CA ALA B 411 -12.13 -4.02 54.98
C ALA B 411 -13.37 -3.67 54.15
N PRO B 412 -13.21 -3.42 52.85
CA PRO B 412 -14.35 -3.05 52.01
C PRO B 412 -15.29 -4.24 51.79
N GLY B 413 -16.55 -4.06 52.17
CA GLY B 413 -17.55 -5.09 51.95
C GLY B 413 -17.74 -6.02 53.12
N GLN B 414 -17.53 -5.52 54.34
CA GLN B 414 -17.72 -6.32 55.54
C GLN B 414 -18.52 -5.51 56.56
N THR B 415 -19.22 -6.22 57.43
CA THR B 415 -20.07 -5.59 58.44
C THR B 415 -19.23 -5.25 59.67
N GLY B 416 -19.90 -4.69 60.67
CA GLY B 416 -19.26 -4.29 61.92
C GLY B 416 -19.74 -2.92 62.33
N LYS B 417 -19.70 -2.66 63.65
CA LYS B 417 -20.12 -1.36 64.15
C LYS B 417 -19.24 -0.24 63.63
N ILE B 418 -17.92 -0.45 63.63
CA ILE B 418 -17.00 0.55 63.08
C ILE B 418 -17.19 0.68 61.57
N ALA B 419 -17.38 -0.45 60.88
CA ALA B 419 -17.55 -0.45 59.43
C ALA B 419 -18.89 0.12 58.99
N ASP B 420 -19.82 0.37 59.91
CA ASP B 420 -21.13 0.89 59.57
C ASP B 420 -21.39 2.31 60.08
N TYR B 421 -20.96 2.62 61.30
CA TYR B 421 -21.25 3.92 61.90
C TYR B 421 -20.02 4.78 62.14
N ASN B 422 -18.82 4.27 61.91
CA ASN B 422 -17.59 5.03 62.13
C ASN B 422 -16.82 5.28 60.85
N TYR B 423 -16.57 4.25 60.05
CA TYR B 423 -15.85 4.42 58.80
C TYR B 423 -16.19 3.24 57.89
N LYS B 424 -16.83 3.52 56.75
CA LYS B 424 -17.19 2.51 55.78
C LYS B 424 -16.40 2.75 54.49
N LEU B 425 -15.66 1.74 54.06
CA LEU B 425 -14.87 1.82 52.84
C LEU B 425 -15.72 1.42 51.63
N PRO B 426 -15.60 2.15 50.52
CA PRO B 426 -16.31 1.75 49.31
C PRO B 426 -15.79 0.44 48.76
N ASP B 427 -16.67 -0.27 48.04
CA ASP B 427 -16.29 -1.57 47.49
C ASP B 427 -15.14 -1.46 46.51
N ASP B 428 -15.16 -0.42 45.66
CA ASP B 428 -14.08 -0.20 44.70
C ASP B 428 -12.96 0.60 45.35
N PHE B 429 -12.29 -0.05 46.30
CA PHE B 429 -11.17 0.54 47.02
C PHE B 429 -9.87 -0.03 46.45
N THR B 430 -9.01 0.85 45.96
CA THR B 430 -7.71 0.48 45.40
C THR B 430 -6.62 1.10 46.26
N GLY B 431 -5.99 0.30 47.12
CA GLY B 431 -4.95 0.80 47.98
C GLY B 431 -4.36 -0.26 48.90
N CYS B 432 -4.02 0.15 50.12
CA CYS B 432 -3.41 -0.75 51.08
C CYS B 432 -3.79 -0.33 52.49
N VAL B 433 -3.65 -1.26 53.44
CA VAL B 433 -3.95 -1.03 54.84
C VAL B 433 -2.77 -1.51 55.67
N ILE B 434 -2.32 -0.66 56.60
CA ILE B 434 -1.22 -0.99 57.50
C ILE B 434 -1.72 -0.78 58.93
N ALA B 435 -1.73 -1.85 59.71
CA ALA B 435 -2.17 -1.82 61.10
C ALA B 435 -1.04 -2.32 61.99
N TRP B 436 -0.73 -1.57 63.04
CA TRP B 436 0.34 -1.95 63.94
C TRP B 436 -0.09 -1.76 65.39
N ASN B 437 0.43 -2.62 66.25
CA ASN B 437 0.10 -2.58 67.67
C ASN B 437 0.68 -1.35 68.33
N SER B 438 -0.08 -0.76 69.25
CA SER B 438 0.36 0.39 70.03
C SER B 438 0.08 0.16 71.52
N ASN B 439 0.33 -1.06 71.98
CA ASN B 439 0.11 -1.37 73.40
C ASN B 439 1.05 -0.58 74.29
N ASN B 440 2.31 -0.45 73.87
CA ASN B 440 3.29 0.29 74.66
C ASN B 440 3.07 1.80 74.56
N LEU B 441 2.29 2.27 73.59
CA LEU B 441 2.03 3.68 73.41
C LEU B 441 0.90 4.20 74.30
N ASP B 442 0.15 3.30 74.93
CA ASP B 442 -0.97 3.69 75.80
C ASP B 442 -0.92 2.93 77.12
N SER B 443 0.28 2.68 77.63
CA SER B 443 0.42 1.96 78.88
C SER B 443 0.00 2.84 80.06
N LYS B 444 -0.40 2.19 81.15
CA LYS B 444 -0.82 2.89 82.35
C LYS B 444 0.28 2.89 83.41
N GLY B 447 -5.80 1.60 80.53
CA GLY B 447 -4.67 2.49 80.31
C GLY B 447 -5.09 3.86 79.81
N ASN B 448 -5.85 3.88 78.71
CA ASN B 448 -6.33 5.11 78.11
C ASN B 448 -7.85 5.12 78.10
N TYR B 449 -8.42 6.27 78.46
CA TYR B 449 -9.87 6.41 78.55
C TYR B 449 -10.40 7.65 77.84
N ASN B 450 -9.57 8.33 77.04
CA ASN B 450 -9.98 9.51 76.31
C ASN B 450 -10.41 9.20 74.88
N TYR B 451 -10.48 7.92 74.52
CA TYR B 451 -10.88 7.50 73.19
C TYR B 451 -12.40 7.39 73.12
N LEU B 452 -12.97 7.77 71.97
CA LEU B 452 -14.40 7.73 71.76
C LEU B 452 -14.69 7.13 70.39
N TYR B 453 -15.91 6.60 70.24
CA TYR B 453 -16.34 6.00 69.00
C TYR B 453 -17.84 6.14 68.85
N ARG B 454 -18.31 6.05 67.61
CA ARG B 454 -19.73 6.16 67.30
C ARG B 454 -20.41 4.82 67.48
N LEU B 455 -21.62 4.85 68.07
CA LEU B 455 -22.38 3.62 68.30
C LEU B 455 -23.80 3.74 67.75
N PHE B 456 -24.33 4.97 67.72
CA PHE B 456 -25.71 5.21 67.30
C PHE B 456 -25.71 6.13 66.09
N ARG B 457 -26.42 5.72 65.04
CA ARG B 457 -26.59 6.54 63.85
C ARG B 457 -27.82 6.04 63.08
N LYS B 458 -28.54 6.97 62.46
CA LYS B 458 -29.75 6.60 61.73
C LYS B 458 -29.43 5.87 60.43
N SER B 459 -28.39 6.30 59.72
CA SER B 459 -28.03 5.74 58.44
C SER B 459 -26.53 5.46 58.39
N ASN B 460 -26.15 4.53 57.52
CA ASN B 460 -24.74 4.18 57.37
C ASN B 460 -23.96 5.35 56.81
N LEU B 461 -22.71 5.49 57.27
CA LEU B 461 -21.86 6.60 56.85
C LEU B 461 -21.47 6.46 55.39
N LYS B 462 -21.42 7.59 54.69
CA LYS B 462 -20.98 7.60 53.31
C LYS B 462 -19.47 7.34 53.24
N PRO B 463 -18.98 6.78 52.14
CA PRO B 463 -17.53 6.57 52.00
C PRO B 463 -16.77 7.89 52.05
N PHE B 464 -15.65 7.87 52.76
CA PHE B 464 -14.76 9.04 52.88
C PHE B 464 -15.52 10.27 53.38
N GLU B 465 -16.40 10.06 54.35
CA GLU B 465 -17.23 11.13 54.91
C GLU B 465 -16.76 11.43 56.33
N ARG B 466 -16.39 12.69 56.56
CA ARG B 466 -15.98 13.14 57.89
C ARG B 466 -17.16 13.82 58.60
N ASP B 467 -18.15 13.00 58.93
CA ASP B 467 -19.35 13.46 59.61
C ASP B 467 -19.08 13.53 61.11
N ILE B 468 -18.89 14.74 61.62
CA ILE B 468 -18.66 14.98 63.04
C ILE B 468 -19.80 15.83 63.59
N SER B 469 -20.45 15.32 64.63
CA SER B 469 -21.58 16.00 65.25
C SER B 469 -21.87 15.32 66.59
N THR B 470 -22.67 15.99 67.41
CA THR B 470 -23.11 15.45 68.69
C THR B 470 -24.62 15.63 68.83
N GLU B 471 -25.26 14.61 69.39
CA GLU B 471 -26.71 14.61 69.59
C GLU B 471 -27.08 13.44 70.49
N ILE B 472 -28.11 13.65 71.31
CA ILE B 472 -28.58 12.62 72.22
C ILE B 472 -29.44 11.65 71.42
N TYR B 473 -28.96 10.41 71.26
CA TYR B 473 -29.68 9.43 70.47
C TYR B 473 -30.95 9.00 71.19
N GLN B 474 -32.05 8.94 70.44
CA GLN B 474 -33.36 8.59 70.98
C GLN B 474 -33.74 7.20 70.48
N ALA B 475 -34.17 6.34 71.41
CA ALA B 475 -34.58 4.98 71.08
C ALA B 475 -36.04 4.70 71.41
N GLY B 476 -36.84 5.74 71.68
CA GLY B 476 -38.24 5.56 72.01
C GLY B 476 -39.11 6.47 71.19
N SER B 477 -40.39 6.08 71.09
CA SER B 477 -41.34 6.84 70.28
C SER B 477 -41.51 8.25 70.81
N THR B 478 -41.58 8.42 72.12
CA THR B 478 -41.71 9.74 72.70
C THR B 478 -40.44 10.56 72.43
N PRO B 479 -40.58 11.86 72.14
CA PRO B 479 -39.39 12.68 71.88
C PRO B 479 -38.50 12.79 73.10
N CYS B 480 -37.19 12.92 72.85
CA CYS B 480 -36.20 13.03 73.89
C CYS B 480 -35.66 14.46 73.94
N ASN B 481 -35.65 15.04 75.14
CA ASN B 481 -35.13 16.38 75.34
C ASN B 481 -34.64 16.51 76.78
N GLY B 482 -33.76 17.49 76.98
CA GLY B 482 -33.24 17.76 78.31
C GLY B 482 -32.12 16.83 78.73
N VAL B 483 -32.11 16.43 80.00
CA VAL B 483 -31.06 15.57 80.52
C VAL B 483 -31.25 14.15 79.98
N GLU B 484 -30.14 13.44 79.85
CA GLU B 484 -30.17 12.06 79.36
C GLU B 484 -30.92 11.17 80.33
N GLY B 485 -31.77 10.30 79.78
CA GLY B 485 -32.57 9.40 80.58
C GLY B 485 -33.11 8.23 79.77
N PHE B 486 -34.37 7.88 79.99
CA PHE B 486 -35.00 6.81 79.23
C PHE B 486 -35.06 7.18 77.75
N ASN B 487 -34.62 6.25 76.91
CA ASN B 487 -34.57 6.45 75.46
C ASN B 487 -33.74 7.68 75.09
N CYS B 488 -32.69 7.93 75.87
CA CYS B 488 -31.80 9.07 75.64
C CYS B 488 -30.38 8.60 75.96
N TYR B 489 -29.57 8.38 74.94
CA TYR B 489 -28.25 7.80 75.11
C TYR B 489 -27.19 8.70 74.47
N PHE B 490 -25.96 8.57 74.96
CA PHE B 490 -24.83 9.29 74.39
C PHE B 490 -24.16 8.42 73.34
N PRO B 491 -23.99 8.91 72.11
CA PRO B 491 -23.43 8.07 71.04
C PRO B 491 -21.93 7.86 71.12
N LEU B 492 -21.26 8.38 72.15
CA LEU B 492 -19.82 8.22 72.31
C LEU B 492 -19.53 7.51 73.63
N GLN B 493 -18.65 6.51 73.58
CA GLN B 493 -18.27 5.74 74.75
C GLN B 493 -16.75 5.57 74.77
N SER B 494 -16.22 5.33 75.97
CA SER B 494 -14.79 5.18 76.14
C SER B 494 -14.35 3.76 75.82
N TYR B 495 -13.03 3.55 75.83
CA TYR B 495 -12.43 2.24 75.57
C TYR B 495 -11.78 1.72 76.84
N GLY B 496 -12.11 0.49 77.20
CA GLY B 496 -11.50 -0.15 78.35
C GLY B 496 -10.19 -0.83 78.01
N PHE B 497 -9.21 -0.05 77.58
CA PHE B 497 -7.92 -0.58 77.15
C PHE B 497 -7.01 -0.71 78.37
N GLN B 498 -7.24 -1.78 79.12
CA GLN B 498 -6.43 -2.06 80.30
C GLN B 498 -5.01 -2.45 79.87
N PRO B 499 -4.00 -2.06 80.65
CA PRO B 499 -2.61 -2.40 80.29
C PRO B 499 -2.27 -3.86 80.49
N THR B 500 -3.13 -4.65 81.13
CA THR B 500 -2.88 -6.06 81.41
C THR B 500 -3.86 -6.96 80.65
N ASN B 501 -4.13 -6.63 79.40
CA ASN B 501 -5.03 -7.40 78.56
C ASN B 501 -4.32 -7.83 77.28
N GLY B 502 -4.76 -8.95 76.74
CA GLY B 502 -4.19 -9.51 75.53
C GLY B 502 -4.89 -9.03 74.28
N VAL B 503 -4.95 -9.91 73.28
CA VAL B 503 -5.61 -9.59 72.02
C VAL B 503 -7.10 -9.36 72.27
N GLY B 504 -7.64 -8.31 71.66
CA GLY B 504 -9.03 -7.93 71.84
C GLY B 504 -9.25 -6.72 72.71
N TYR B 505 -8.23 -6.27 73.44
CA TYR B 505 -8.35 -5.06 74.25
C TYR B 505 -7.12 -4.18 74.17
N GLN B 506 -6.36 -4.25 73.07
CA GLN B 506 -5.18 -3.43 72.88
C GLN B 506 -5.39 -2.46 71.73
N PRO B 507 -4.85 -1.24 71.82
CA PRO B 507 -5.06 -0.26 70.75
C PRO B 507 -4.22 -0.58 69.52
N TYR B 508 -4.83 -0.45 68.35
CA TYR B 508 -4.18 -0.69 67.07
C TYR B 508 -4.25 0.58 66.24
N ARG B 509 -3.10 1.00 65.70
CA ARG B 509 -3.06 2.16 64.82
C ARG B 509 -3.17 1.69 63.37
N VAL B 510 -4.15 2.22 62.65
CA VAL B 510 -4.45 1.79 61.29
C VAL B 510 -4.34 2.98 60.36
N VAL B 511 -3.55 2.81 59.29
CA VAL B 511 -3.40 3.81 58.24
C VAL B 511 -3.77 3.14 56.93
N VAL B 512 -4.72 3.74 56.21
CA VAL B 512 -5.18 3.23 54.92
C VAL B 512 -4.70 4.20 53.84
N LEU B 513 -3.97 3.68 52.87
CA LEU B 513 -3.43 4.46 51.77
C LEU B 513 -4.23 4.19 50.51
N SER B 514 -4.64 5.25 49.83
CA SER B 514 -5.39 5.15 48.58
C SER B 514 -4.76 6.07 47.54
N PHE B 515 -4.97 5.73 46.28
CA PHE B 515 -4.38 6.47 45.18
C PHE B 515 -5.39 6.59 44.04
N GLU B 516 -5.19 7.61 43.21
CA GLU B 516 -6.01 7.84 42.03
C GLU B 516 -5.31 7.28 40.79
N LEU B 517 -6.12 6.81 39.84
CA LEU B 517 -5.61 6.11 38.67
C LEU B 517 -5.21 7.09 37.56
N LEU B 518 -4.35 8.04 37.93
CA LEU B 518 -3.72 8.98 36.99
C LEU B 518 -4.79 9.78 36.23
N HIS B 519 -5.50 10.62 36.99
CA HIS B 519 -6.56 11.45 36.40
C HIS B 519 -6.02 12.29 35.24
N ALA B 520 -4.90 12.97 35.45
CA ALA B 520 -4.26 13.72 34.38
C ALA B 520 -2.79 13.97 34.68
N PRO B 521 -2.42 14.64 35.80
CA PRO B 521 -1.00 14.93 36.03
C PRO B 521 -0.28 13.82 36.79
N ALA B 522 1.01 14.00 37.04
CA ALA B 522 1.80 13.09 37.86
C ALA B 522 2.50 13.91 38.92
N THR B 523 2.24 13.58 40.19
CA THR B 523 2.79 14.34 41.32
C THR B 523 3.77 13.51 42.14
N VAL B 524 3.34 12.36 42.64
CA VAL B 524 4.16 11.52 43.51
C VAL B 524 4.19 10.11 42.94
N CYS B 525 5.39 9.60 42.68
CA CYS B 525 5.57 8.27 42.12
C CYS B 525 6.92 7.73 42.55
N GLY B 526 7.11 6.42 42.36
CA GLY B 526 8.30 5.74 42.80
C GLY B 526 9.56 6.23 42.13
N PRO B 527 10.68 6.19 42.85
CA PRO B 527 11.95 6.65 42.29
C PRO B 527 12.56 5.61 41.36
N LYS B 528 13.52 6.08 40.57
CA LYS B 528 14.22 5.25 39.60
C LYS B 528 15.70 5.14 39.97
N LYS B 529 16.34 4.11 39.42
CA LYS B 529 17.74 3.82 39.70
C LYS B 529 18.64 4.43 38.64
N SER B 530 19.92 4.56 38.99
CA SER B 530 20.91 5.12 38.07
C SER B 530 22.29 4.66 38.51
N THR B 531 23.11 4.29 37.53
CA THR B 531 24.47 3.83 37.77
C THR B 531 25.46 4.94 37.42
N ASN B 532 26.75 4.62 37.46
CA ASN B 532 27.78 5.58 37.10
C ASN B 532 27.94 5.65 35.58
N LEU B 533 28.87 6.47 35.13
CA LEU B 533 29.11 6.69 33.71
C LEU B 533 30.49 6.16 33.32
N VAL B 534 30.68 5.99 32.01
CA VAL B 534 31.93 5.50 31.45
C VAL B 534 32.36 6.42 30.32
N LYS B 535 33.64 6.33 29.97
CA LYS B 535 34.23 7.18 28.94
C LYS B 535 35.08 6.35 28.00
N ASN B 536 35.24 6.87 26.77
CA ASN B 536 36.08 6.23 25.75
C ASN B 536 35.61 4.81 25.43
N LYS B 537 34.29 4.61 25.45
CA LYS B 537 33.70 3.32 25.10
C LYS B 537 32.42 3.57 24.30
N CYS B 538 32.27 2.87 23.19
CA CYS B 538 31.03 2.96 22.42
C CYS B 538 29.91 2.31 23.24
N VAL B 539 29.04 3.14 23.80
CA VAL B 539 28.00 2.72 24.73
C VAL B 539 26.68 3.29 24.23
N ASN B 540 25.59 2.55 24.48
CA ASN B 540 24.25 3.05 24.25
C ASN B 540 23.66 3.58 25.57
N PHE B 541 23.03 4.75 25.49
CA PHE B 541 22.59 5.48 26.67
C PHE B 541 21.14 5.90 26.52
N ASN B 542 20.54 6.21 27.67
CA ASN B 542 19.12 6.55 27.84
C ASN B 542 18.98 7.80 28.72
N PHE B 543 19.72 8.85 28.37
CA PHE B 543 19.84 10.03 29.22
C PHE B 543 18.50 10.74 29.30
N ASN B 544 17.80 10.56 30.43
CA ASN B 544 16.55 11.27 30.73
C ASN B 544 15.52 11.12 29.61
N GLY B 545 15.40 9.89 29.11
CA GLY B 545 14.47 9.59 28.04
C GLY B 545 15.02 9.76 26.65
N LEU B 546 16.16 10.44 26.51
CA LEU B 546 16.82 10.60 25.21
C LEU B 546 17.74 9.40 25.00
N THR B 547 17.36 8.51 24.09
CA THR B 547 18.11 7.30 23.82
C THR B 547 19.03 7.50 22.61
N GLY B 548 20.17 6.84 22.64
CA GLY B 548 21.12 6.97 21.56
C GLY B 548 22.32 6.08 21.80
N THR B 549 23.27 6.17 20.87
CA THR B 549 24.51 5.41 20.92
C THR B 549 25.68 6.34 20.65
N GLY B 550 26.84 5.98 21.16
CA GLY B 550 28.05 6.73 20.87
C GLY B 550 29.03 6.65 22.02
N VAL B 551 30.03 7.52 21.96
CA VAL B 551 31.06 7.61 22.97
C VAL B 551 30.97 8.98 23.62
N LEU B 552 31.17 9.01 24.94
CA LEU B 552 31.02 10.21 25.75
C LEU B 552 32.38 10.84 25.97
N THR B 553 32.48 12.14 25.75
CA THR B 553 33.74 12.86 25.86
C THR B 553 33.52 14.15 26.64
N GLU B 554 34.54 14.56 27.38
CA GLU B 554 34.50 15.83 28.08
C GLU B 554 34.48 16.99 27.06
N SER B 555 33.81 18.07 27.42
CA SER B 555 33.56 19.17 26.51
C SER B 555 33.86 20.51 27.19
N ASN B 556 34.15 21.50 26.36
CA ASN B 556 34.42 22.86 26.83
C ASN B 556 33.31 23.84 26.48
N LYS B 557 32.25 23.40 25.81
CA LYS B 557 31.17 24.29 25.44
C LYS B 557 30.38 24.73 26.67
N LYS B 558 29.63 25.81 26.51
CA LYS B 558 28.87 26.41 27.59
C LYS B 558 27.38 26.42 27.24
N PHE B 559 26.55 26.08 28.22
CA PHE B 559 25.11 26.07 28.07
C PHE B 559 24.49 27.11 28.99
N LEU B 560 23.39 27.71 28.54
CA LEU B 560 22.61 28.57 29.40
C LEU B 560 21.95 27.73 30.50
N PRO B 561 21.62 28.32 31.65
CA PRO B 561 21.20 27.52 32.81
C PRO B 561 19.89 26.76 32.65
N PHE B 562 19.25 26.76 31.48
CA PHE B 562 17.96 26.10 31.34
C PHE B 562 17.82 25.12 30.18
N GLN B 563 18.84 24.96 29.34
CA GLN B 563 18.74 23.91 28.32
C GLN B 563 19.02 22.54 28.94
N GLN B 564 18.69 21.50 28.18
CA GLN B 564 18.95 20.12 28.58
C GLN B 564 19.95 19.43 27.67
N PHE B 565 19.72 19.45 26.37
CA PHE B 565 20.63 18.82 25.41
C PHE B 565 20.71 19.66 24.15
N GLY B 566 21.92 19.79 23.61
CA GLY B 566 22.15 20.55 22.40
C GLY B 566 22.20 19.69 21.16
N ARG B 567 22.35 20.36 20.02
CA ARG B 567 22.47 19.71 18.73
C ARG B 567 23.02 20.70 17.73
N ASP B 568 23.37 20.21 16.54
CA ASP B 568 23.93 21.06 15.49
C ASP B 568 22.99 21.23 14.31
N ILE B 569 22.56 20.15 13.67
CA ILE B 569 21.68 20.23 12.50
C ILE B 569 21.08 18.86 12.22
N ALA B 570 19.90 18.86 11.59
CA ALA B 570 19.26 17.63 11.11
C ALA B 570 19.02 16.63 12.26
N ASP B 571 18.71 17.16 13.44
CA ASP B 571 18.36 16.35 14.61
C ASP B 571 19.48 15.37 14.96
N THR B 572 20.63 15.93 15.34
CA THR B 572 21.80 15.15 15.74
C THR B 572 22.34 15.73 17.04
N THR B 573 22.07 15.05 18.15
CA THR B 573 22.51 15.54 19.45
C THR B 573 24.03 15.42 19.57
N ASP B 574 24.66 16.51 20.01
CA ASP B 574 26.11 16.54 20.21
C ASP B 574 26.52 16.85 21.64
N ALA B 575 25.59 17.15 22.53
CA ALA B 575 25.94 17.51 23.90
C ALA B 575 24.76 17.22 24.81
N VAL B 576 25.02 16.51 25.90
CA VAL B 576 24.01 16.16 26.89
C VAL B 576 24.55 16.49 28.27
N ARG B 577 23.67 17.00 29.13
CA ARG B 577 24.04 17.33 30.51
C ARG B 577 23.54 16.23 31.44
N ASP B 578 24.44 15.68 32.23
CA ASP B 578 24.06 14.62 33.16
C ASP B 578 23.22 15.19 34.29
N PRO B 579 22.02 14.64 34.55
CA PRO B 579 21.14 15.24 35.57
C PRO B 579 21.73 15.28 36.96
N GLN B 580 22.52 14.28 37.35
CA GLN B 580 23.01 14.19 38.72
C GLN B 580 24.14 15.19 39.00
N THR B 581 24.99 15.46 38.01
CA THR B 581 26.14 16.33 38.21
C THR B 581 26.01 17.67 37.52
N LEU B 582 25.18 17.78 36.48
CA LEU B 582 25.02 19.00 35.69
C LEU B 582 26.34 19.41 35.05
N GLU B 583 26.87 18.51 34.23
CA GLU B 583 28.10 18.73 33.48
C GLU B 583 27.84 18.48 32.00
N ILE B 584 28.45 19.31 31.16
CA ILE B 584 28.24 19.23 29.72
C ILE B 584 29.17 18.18 29.12
N LEU B 585 28.64 17.36 28.23
CA LEU B 585 29.38 16.27 27.61
C LEU B 585 29.30 16.41 26.09
N ASP B 586 29.94 15.47 25.39
CA ASP B 586 29.88 15.38 23.94
C ASP B 586 29.65 13.94 23.54
N ILE B 587 28.84 13.74 22.50
CA ILE B 587 28.50 12.42 21.98
C ILE B 587 29.09 12.30 20.58
N THR B 588 29.89 11.25 20.37
CA THR B 588 30.50 11.02 19.06
C THR B 588 30.23 9.58 18.64
N PRO B 589 29.67 9.33 17.46
CA PRO B 589 29.44 7.94 17.05
C PRO B 589 30.74 7.16 16.97
N CYS B 590 30.71 5.92 17.45
CA CYS B 590 31.92 5.11 17.48
C CYS B 590 32.30 4.68 16.07
N SER B 591 33.59 4.39 15.89
CA SER B 591 34.18 4.33 14.55
C SER B 591 33.58 3.21 13.72
N PHE B 592 33.45 3.47 12.42
CA PHE B 592 33.06 2.48 11.43
C PHE B 592 33.65 2.89 10.10
N GLY B 593 33.77 1.93 9.18
CA GLY B 593 34.27 2.28 7.87
C GLY B 593 34.60 1.05 7.05
N GLY B 594 34.96 1.31 5.79
CA GLY B 594 35.24 0.25 4.86
C GLY B 594 36.63 -0.34 5.01
N VAL B 595 36.82 -1.48 4.35
CA VAL B 595 38.09 -2.19 4.33
C VAL B 595 38.42 -2.54 2.90
N SER B 596 39.70 -2.39 2.53
CA SER B 596 40.15 -2.65 1.18
C SER B 596 41.41 -3.51 1.22
N VAL B 597 41.67 -4.19 0.12
CA VAL B 597 42.82 -5.09 -0.01
C VAL B 597 43.73 -4.57 -1.11
N ILE B 598 45.02 -4.52 -0.82
CA ILE B 598 46.04 -4.14 -1.79
C ILE B 598 46.86 -5.39 -2.11
N THR B 599 46.84 -5.79 -3.38
CA THR B 599 47.51 -7.00 -3.79
C THR B 599 48.31 -6.76 -5.06
N PRO B 600 49.46 -7.40 -5.20
CA PRO B 600 50.24 -7.32 -6.45
C PRO B 600 49.80 -8.31 -7.53
N GLY B 601 48.63 -8.92 -7.39
CA GLY B 601 48.19 -9.93 -8.34
C GLY B 601 48.44 -11.33 -7.83
N THR B 602 47.50 -12.24 -8.08
CA THR B 602 47.64 -13.61 -7.58
C THR B 602 48.74 -14.38 -8.30
N ASN B 603 49.12 -13.95 -9.51
CA ASN B 603 50.19 -14.64 -10.22
C ASN B 603 51.55 -14.37 -9.58
N THR B 604 51.83 -13.10 -9.26
CA THR B 604 53.13 -12.73 -8.73
C THR B 604 53.36 -13.35 -7.36
N SER B 605 52.37 -13.28 -6.48
CA SER B 605 52.49 -13.81 -5.13
C SER B 605 51.09 -13.94 -4.53
N ASN B 606 51.05 -14.40 -3.28
CA ASN B 606 49.81 -14.54 -2.53
C ASN B 606 49.88 -13.78 -1.21
N GLN B 607 50.51 -12.62 -1.23
CA GLN B 607 50.65 -11.76 -0.07
C GLN B 607 49.91 -10.45 -0.33
N VAL B 608 49.09 -10.03 0.64
CA VAL B 608 48.26 -8.84 0.49
C VAL B 608 48.42 -7.96 1.72
N ALA B 609 48.02 -6.69 1.55
CA ALA B 609 47.95 -5.74 2.65
C ALA B 609 46.51 -5.29 2.82
N VAL B 610 46.16 -4.89 4.03
CA VAL B 610 44.77 -4.55 4.36
C VAL B 610 44.71 -3.11 4.82
N LEU B 611 43.77 -2.34 4.27
CA LEU B 611 43.61 -0.93 4.58
C LEU B 611 42.23 -0.71 5.19
N TYR B 612 42.22 -0.23 6.43
CA TYR B 612 40.98 0.18 7.08
C TYR B 612 40.83 1.68 6.89
N GLN B 613 39.72 2.09 6.28
CA GLN B 613 39.52 3.48 5.88
C GLN B 613 38.91 4.29 7.01
N ASP B 614 39.56 5.40 7.37
CA ASP B 614 39.05 6.36 8.33
C ASP B 614 38.78 5.71 9.69
N VAL B 615 39.87 5.24 10.31
CA VAL B 615 39.80 4.68 11.65
C VAL B 615 41.18 4.81 12.29
N ASN B 616 41.19 4.97 13.61
CA ASN B 616 42.43 5.11 14.34
C ASN B 616 43.08 3.74 14.56
N CYS B 617 44.37 3.77 14.89
CA CYS B 617 45.12 2.52 15.06
C CYS B 617 44.61 1.69 16.22
N THR B 618 44.26 2.34 17.34
CA THR B 618 43.88 1.62 18.54
C THR B 618 42.50 1.00 18.45
N GLU B 619 41.68 1.40 17.49
CA GLU B 619 40.32 0.89 17.35
C GLU B 619 40.25 -0.36 16.49
N VAL B 620 41.37 -0.88 16.01
CA VAL B 620 41.39 -2.07 15.17
C VAL B 620 41.17 -3.33 16.01
N PRO B 621 41.93 -3.58 17.08
CA PRO B 621 41.75 -4.86 17.81
C PRO B 621 40.36 -5.03 18.42
N VAL B 622 39.72 -3.94 18.84
CA VAL B 622 38.43 -4.07 19.52
C VAL B 622 37.32 -4.47 18.56
N ALA B 623 37.54 -4.34 17.26
CA ALA B 623 36.52 -4.71 16.27
C ALA B 623 36.57 -6.19 15.94
N THR B 632 39.17 -15.90 11.93
CA THR B 632 40.57 -16.21 11.70
C THR B 632 41.32 -14.98 11.17
N TRP B 633 40.72 -13.81 11.34
CA TRP B 633 41.32 -12.55 10.93
C TRP B 633 42.08 -11.86 12.06
N ARG B 634 42.21 -12.52 13.22
CA ARG B 634 42.88 -11.89 14.35
C ARG B 634 44.36 -11.66 14.07
N VAL B 635 44.98 -12.53 13.26
CA VAL B 635 46.40 -12.40 12.96
C VAL B 635 46.70 -11.11 12.20
N TYR B 636 45.74 -10.58 11.45
CA TYR B 636 45.90 -9.33 10.74
C TYR B 636 45.45 -8.12 11.54
N SER B 637 44.98 -8.33 12.78
CA SER B 637 44.55 -7.21 13.60
C SER B 637 45.69 -6.65 14.44
N THR B 638 46.60 -7.52 14.89
CA THR B 638 47.73 -7.11 15.71
C THR B 638 48.92 -8.00 15.36
N GLY B 639 50.13 -7.54 15.67
CA GLY B 639 51.32 -8.29 15.37
C GLY B 639 52.03 -7.82 14.11
N SER B 640 51.30 -7.77 13.00
CA SER B 640 51.88 -7.31 11.74
C SER B 640 52.17 -5.81 11.80
N ASN B 641 53.03 -5.37 10.89
CA ASN B 641 53.40 -3.96 10.80
C ASN B 641 52.17 -3.08 10.58
N VAL B 642 52.10 -1.99 11.34
CA VAL B 642 50.97 -1.07 11.30
C VAL B 642 51.49 0.31 10.91
N PHE B 643 50.78 0.96 9.99
CA PHE B 643 51.12 2.31 9.54
C PHE B 643 49.85 3.16 9.53
N GLN B 644 50.02 4.45 9.82
CA GLN B 644 48.90 5.37 9.87
C GLN B 644 49.09 6.45 8.82
N THR B 645 48.10 6.64 7.96
CA THR B 645 48.14 7.66 6.93
C THR B 645 46.92 8.56 7.07
N ARG B 646 46.79 9.50 6.13
CA ARG B 646 45.60 10.36 6.12
C ARG B 646 44.37 9.63 5.63
N ALA B 647 44.55 8.51 4.91
CA ALA B 647 43.43 7.73 4.39
C ALA B 647 43.00 6.61 5.33
N GLY B 648 43.69 6.41 6.45
CA GLY B 648 43.32 5.36 7.37
C GLY B 648 44.51 4.63 7.97
N CYS B 649 44.39 3.32 8.13
CA CYS B 649 45.48 2.51 8.68
C CYS B 649 45.77 1.34 7.75
N LEU B 650 47.06 1.09 7.55
CA LEU B 650 47.54 0.04 6.65
C LEU B 650 48.27 -1.01 7.45
N ILE B 651 47.88 -2.27 7.26
CA ILE B 651 48.47 -3.41 7.97
C ILE B 651 49.03 -4.37 6.93
N GLY B 652 50.27 -4.78 7.13
CA GLY B 652 50.96 -5.67 6.21
C GLY B 652 51.94 -5.01 5.27
N ALA B 653 52.20 -3.72 5.43
CA ALA B 653 53.15 -3.01 4.59
C ALA B 653 54.16 -2.28 5.45
N GLU B 654 55.38 -2.13 4.93
CA GLU B 654 56.48 -1.50 5.63
C GLU B 654 56.76 -0.14 5.00
N HIS B 655 56.86 0.89 5.84
CA HIS B 655 57.13 2.23 5.36
C HIS B 655 58.62 2.41 5.08
N VAL B 656 58.93 3.09 3.97
CA VAL B 656 60.30 3.32 3.55
C VAL B 656 60.47 4.82 3.29
N ASN B 657 61.71 5.29 3.44
CA ASN B 657 62.02 6.71 3.30
C ASN B 657 62.39 7.10 1.87
N ASN B 658 62.35 6.17 0.93
CA ASN B 658 62.68 6.46 -0.46
C ASN B 658 61.47 7.06 -1.16
N SER B 659 61.55 7.21 -2.48
CA SER B 659 60.45 7.76 -3.26
C SER B 659 60.64 7.32 -4.71
N TYR B 660 59.71 6.51 -5.21
CA TYR B 660 59.77 5.99 -6.57
C TYR B 660 58.53 6.45 -7.34
N GLU B 661 58.38 5.93 -8.56
CA GLU B 661 57.19 6.13 -9.37
C GLU B 661 56.35 4.86 -9.23
N CYS B 662 55.29 4.95 -8.43
CA CYS B 662 54.53 3.78 -8.03
C CYS B 662 53.45 3.45 -9.06
N ASP B 663 52.70 2.39 -8.78
CA ASP B 663 51.64 1.92 -9.66
C ASP B 663 50.31 1.66 -8.97
N ILE B 664 50.29 1.44 -7.66
CA ILE B 664 49.05 1.20 -6.92
C ILE B 664 48.76 2.39 -6.04
N PRO B 665 47.81 3.26 -6.40
CA PRO B 665 47.52 4.42 -5.56
C PRO B 665 46.75 4.04 -4.30
N ILE B 666 47.05 4.73 -3.21
CA ILE B 666 46.34 4.57 -1.95
C ILE B 666 45.55 5.83 -1.59
N GLY B 667 46.23 6.95 -1.51
CA GLY B 667 45.55 8.23 -1.28
C GLY B 667 46.43 9.21 -0.54
N ALA B 668 46.11 10.49 -0.71
CA ALA B 668 46.80 11.60 -0.04
C ALA B 668 48.30 11.56 -0.32
N GLY B 669 48.68 11.22 -1.55
CA GLY B 669 50.06 11.16 -1.94
C GLY B 669 50.78 9.90 -1.50
N ILE B 670 50.10 8.99 -0.82
CA ILE B 670 50.69 7.73 -0.37
C ILE B 670 50.29 6.63 -1.34
N CYS B 671 51.27 5.81 -1.73
CA CYS B 671 51.02 4.72 -2.65
C CYS B 671 51.99 3.58 -2.36
N ALA B 672 51.58 2.37 -2.73
CA ALA B 672 52.31 1.16 -2.38
C ALA B 672 52.62 0.35 -3.63
N SER B 673 53.59 -0.56 -3.50
CA SER B 673 53.99 -1.43 -4.58
C SER B 673 54.67 -2.66 -3.99
N TYR B 674 54.78 -3.70 -4.83
CA TYR B 674 55.34 -4.96 -4.36
C TYR B 674 56.86 -4.92 -4.22
N GLN B 675 57.54 -4.17 -5.10
CA GLN B 675 59.00 -4.11 -5.13
C GLN B 675 59.63 -5.48 -5.34
N SER B 691 58.09 -8.15 -0.50
CA SER B 691 57.19 -7.62 0.51
C SER B 691 56.62 -6.27 0.08
N ILE B 692 55.33 -6.06 0.35
CA ILE B 692 54.67 -4.82 -0.05
C ILE B 692 55.25 -3.65 0.74
N ILE B 693 55.61 -2.59 0.03
CA ILE B 693 56.16 -1.38 0.64
C ILE B 693 55.34 -0.19 0.19
N ALA B 694 55.06 0.72 1.13
CA ALA B 694 54.31 1.94 0.86
C ALA B 694 55.20 3.14 1.10
N TYR B 695 55.00 4.18 0.31
CA TYR B 695 55.83 5.39 0.36
C TYR B 695 55.04 6.55 -0.22
N THR B 696 55.73 7.65 -0.48
CA THR B 696 55.16 8.84 -1.10
C THR B 696 55.64 8.92 -2.54
N MET B 697 54.70 9.04 -3.47
CA MET B 697 55.05 9.01 -4.89
C MET B 697 55.92 10.21 -5.26
N SER B 698 56.82 9.99 -6.20
CA SER B 698 57.70 11.02 -6.72
C SER B 698 57.23 11.44 -8.10
N LEU B 699 57.11 12.75 -8.32
CA LEU B 699 56.58 13.25 -9.58
C LEU B 699 57.49 12.88 -10.75
N GLY B 700 58.80 13.02 -10.57
CA GLY B 700 59.72 12.69 -11.64
C GLY B 700 61.11 13.18 -11.31
N ALA B 701 62.04 12.85 -12.20
CA ALA B 701 63.42 13.28 -12.05
C ALA B 701 63.52 14.80 -12.19
N GLU B 702 64.37 15.39 -11.37
CA GLU B 702 64.55 16.84 -11.35
C GLU B 702 65.85 17.22 -12.04
N ASN B 703 65.76 18.10 -13.03
CA ASN B 703 66.93 18.59 -13.75
C ASN B 703 66.77 20.09 -13.98
N SER B 704 67.90 20.78 -14.05
CA SER B 704 67.94 22.21 -14.28
C SER B 704 68.70 22.51 -15.56
N VAL B 705 68.17 23.46 -16.34
CA VAL B 705 68.81 23.90 -17.58
C VAL B 705 69.49 25.24 -17.31
N ALA B 706 70.73 25.37 -17.79
CA ALA B 706 71.57 26.52 -17.47
C ALA B 706 71.13 27.72 -18.30
N TYR B 707 70.14 28.44 -17.77
CA TYR B 707 69.67 29.64 -18.43
C TYR B 707 70.76 30.71 -18.45
N SER B 708 70.92 31.35 -19.60
CA SER B 708 71.88 32.43 -19.76
C SER B 708 71.38 33.35 -20.86
N ASN B 709 71.83 34.61 -20.82
CA ASN B 709 71.29 35.63 -21.70
C ASN B 709 72.09 35.81 -22.98
N ASN B 710 73.06 34.93 -23.25
CA ASN B 710 73.76 34.99 -24.54
C ASN B 710 74.04 33.60 -25.10
N SER B 711 73.22 32.61 -24.75
CA SER B 711 73.45 31.24 -25.19
C SER B 711 72.14 30.62 -25.63
N ILE B 712 72.23 29.70 -26.60
CA ILE B 712 71.08 29.00 -27.14
C ILE B 712 71.39 27.52 -27.23
N ALA B 713 70.48 26.75 -27.83
CA ALA B 713 70.71 25.33 -28.07
C ALA B 713 69.99 24.96 -29.35
N ILE B 714 70.74 24.56 -30.36
CA ILE B 714 70.21 24.25 -31.69
C ILE B 714 70.42 22.76 -31.95
N PRO B 715 69.37 22.01 -32.28
CA PRO B 715 69.55 20.58 -32.57
C PRO B 715 70.37 20.36 -33.82
N THR B 716 71.03 19.20 -33.87
CA THR B 716 71.82 18.82 -35.03
C THR B 716 71.41 17.49 -35.66
N ASN B 717 70.52 16.73 -35.03
CA ASN B 717 70.04 15.49 -35.62
C ASN B 717 68.56 15.33 -35.31
N PHE B 718 67.90 14.44 -36.04
CA PHE B 718 66.47 14.25 -35.90
C PHE B 718 66.12 12.77 -35.98
N THR B 719 64.98 12.42 -35.39
CA THR B 719 64.45 11.07 -35.41
C THR B 719 62.97 11.11 -35.74
N ILE B 720 62.46 9.99 -36.26
CA ILE B 720 61.07 9.85 -36.65
C ILE B 720 60.46 8.70 -35.86
N SER B 721 59.26 8.92 -35.33
CA SER B 721 58.57 7.95 -34.50
C SER B 721 57.13 7.82 -34.94
N VAL B 722 56.53 6.67 -34.63
CA VAL B 722 55.13 6.40 -34.92
C VAL B 722 54.42 6.06 -33.61
N THR B 723 53.28 6.68 -33.38
CA THR B 723 52.49 6.47 -32.17
C THR B 723 51.08 6.02 -32.55
N THR B 724 50.41 5.38 -31.59
CA THR B 724 49.09 4.82 -31.81
C THR B 724 48.07 5.46 -30.86
N GLU B 725 46.87 5.69 -31.38
CA GLU B 725 45.75 6.18 -30.58
C GLU B 725 44.51 5.37 -30.91
N ILE B 726 43.70 5.06 -29.90
CA ILE B 726 42.52 4.21 -30.07
C ILE B 726 41.30 4.99 -29.60
N LEU B 727 40.24 4.98 -30.40
CA LEU B 727 39.01 5.71 -30.06
C LEU B 727 37.79 4.87 -30.39
N PRO B 728 36.89 4.67 -29.43
CA PRO B 728 35.65 3.94 -29.72
C PRO B 728 34.62 4.85 -30.38
N VAL B 729 33.83 4.26 -31.28
CA VAL B 729 32.86 5.01 -32.05
C VAL B 729 31.44 4.49 -31.91
N SER B 730 31.22 3.24 -31.49
CA SER B 730 29.87 2.70 -31.45
C SER B 730 29.79 1.54 -30.48
N MET B 731 28.57 1.17 -30.13
CA MET B 731 28.28 0.03 -29.27
C MET B 731 27.14 -0.77 -29.90
N THR B 732 26.79 -1.88 -29.24
CA THR B 732 25.77 -2.78 -29.77
C THR B 732 24.38 -2.15 -29.69
N LYS B 733 23.56 -2.47 -30.70
CA LYS B 733 22.18 -2.01 -30.76
C LYS B 733 21.26 -3.11 -30.25
N THR B 734 20.48 -2.80 -29.21
CA THR B 734 19.62 -3.78 -28.57
C THR B 734 18.22 -3.22 -28.41
N SER B 735 17.23 -4.12 -28.38
CA SER B 735 15.84 -3.75 -28.18
C SER B 735 15.23 -4.69 -27.15
N VAL B 736 14.35 -4.14 -26.31
CA VAL B 736 13.72 -4.89 -25.22
C VAL B 736 12.22 -4.63 -25.26
N ASP B 737 11.44 -5.71 -25.24
CA ASP B 737 9.98 -5.60 -25.26
C ASP B 737 9.44 -5.43 -23.83
N CYS B 738 8.12 -5.35 -23.72
CA CYS B 738 7.46 -5.20 -22.43
C CYS B 738 6.64 -6.43 -22.04
N THR B 739 5.69 -6.83 -22.90
CA THR B 739 4.80 -7.94 -22.55
C THR B 739 5.57 -9.24 -22.41
N MET B 740 6.55 -9.48 -23.28
CA MET B 740 7.35 -10.69 -23.19
C MET B 740 8.27 -10.71 -21.98
N TYR B 741 8.48 -9.57 -21.33
CA TYR B 741 9.39 -9.49 -20.19
C TYR B 741 8.66 -9.48 -18.86
N ILE B 742 7.73 -8.55 -18.65
CA ILE B 742 7.06 -8.41 -17.37
C ILE B 742 5.79 -9.24 -17.26
N CYS B 743 5.34 -9.88 -18.33
CA CYS B 743 4.13 -10.70 -18.30
C CYS B 743 4.36 -12.12 -18.77
N GLY B 744 5.22 -12.33 -19.77
CA GLY B 744 5.46 -13.67 -20.26
C GLY B 744 4.27 -14.32 -20.95
N ASP B 745 3.57 -13.57 -21.80
CA ASP B 745 2.43 -14.07 -22.55
C ASP B 745 1.33 -14.59 -21.61
N SER B 746 0.80 -13.66 -20.82
CA SER B 746 -0.29 -13.96 -19.89
C SER B 746 -1.44 -12.99 -20.13
N THR B 747 -2.66 -13.50 -20.00
CA THR B 747 -3.84 -12.70 -20.29
C THR B 747 -4.15 -11.70 -19.16
N GLU B 748 -4.36 -12.21 -17.95
CA GLU B 748 -4.69 -11.33 -16.84
C GLU B 748 -3.54 -10.39 -16.50
N CYS B 749 -2.30 -10.81 -16.72
CA CYS B 749 -1.17 -9.91 -16.53
C CYS B 749 -1.26 -8.72 -17.47
N SER B 750 -1.55 -8.97 -18.75
CA SER B 750 -1.70 -7.88 -19.70
C SER B 750 -2.89 -6.99 -19.36
N ASN B 751 -3.99 -7.61 -18.92
CA ASN B 751 -5.18 -6.83 -18.54
C ASN B 751 -4.87 -5.91 -17.36
N LEU B 752 -4.15 -6.40 -16.36
CA LEU B 752 -3.76 -5.56 -15.24
C LEU B 752 -2.77 -4.49 -15.66
N LEU B 753 -1.86 -4.82 -16.57
CA LEU B 753 -0.85 -3.87 -17.01
C LEU B 753 -1.45 -2.74 -17.83
N LEU B 754 -2.50 -3.02 -18.60
CA LEU B 754 -3.07 -2.02 -19.50
C LEU B 754 -3.58 -0.79 -18.78
N GLN B 755 -3.90 -0.90 -17.49
CA GLN B 755 -4.45 0.22 -16.74
C GLN B 755 -3.37 1.16 -16.19
N TYR B 756 -2.10 0.88 -16.43
CA TYR B 756 -1.02 1.76 -16.00
C TYR B 756 -0.70 2.84 -17.02
N GLY B 757 -1.61 3.11 -17.96
CA GLY B 757 -1.39 4.14 -18.96
C GLY B 757 -0.42 3.69 -20.04
N SER B 758 -0.07 4.66 -20.89
CA SER B 758 0.85 4.42 -21.99
C SER B 758 2.26 4.83 -21.57
N PHE B 759 3.12 3.85 -21.33
CA PHE B 759 4.49 4.10 -20.91
C PHE B 759 5.54 3.33 -21.69
N CYS B 760 5.20 2.19 -22.31
CA CYS B 760 6.19 1.45 -23.08
C CYS B 760 6.50 2.10 -24.42
N THR B 761 5.65 3.02 -24.88
CA THR B 761 5.91 3.71 -26.14
C THR B 761 7.25 4.43 -26.09
N GLN B 762 7.48 5.21 -25.02
CA GLN B 762 8.77 5.85 -24.86
C GLN B 762 9.87 4.83 -24.56
N LEU B 763 9.53 3.76 -23.83
CA LEU B 763 10.52 2.74 -23.50
C LEU B 763 11.02 1.99 -24.71
N ASN B 764 10.31 2.09 -25.84
CA ASN B 764 10.79 1.55 -27.11
C ASN B 764 11.35 2.62 -28.03
N ARG B 765 10.75 3.82 -28.01
CA ARG B 765 11.24 4.89 -28.88
C ARG B 765 12.62 5.35 -28.45
N ALA B 766 12.94 5.28 -27.15
CA ALA B 766 14.29 5.62 -26.71
C ALA B 766 15.32 4.67 -27.29
N LEU B 767 15.03 3.37 -27.28
CA LEU B 767 15.97 2.40 -27.84
C LEU B 767 16.09 2.57 -29.35
N THR B 768 14.97 2.84 -30.04
CA THR B 768 15.07 3.11 -31.47
C THR B 768 15.93 4.35 -31.73
N GLY B 769 15.76 5.38 -30.91
CA GLY B 769 16.57 6.58 -31.07
C GLY B 769 18.05 6.33 -30.87
N ILE B 770 18.41 5.55 -29.85
CA ILE B 770 19.83 5.27 -29.63
C ILE B 770 20.39 4.39 -30.74
N ALA B 771 19.60 3.46 -31.28
CA ALA B 771 20.08 2.68 -32.41
C ALA B 771 20.34 3.56 -33.63
N VAL B 772 19.42 4.48 -33.92
CA VAL B 772 19.61 5.42 -35.02
C VAL B 772 20.84 6.28 -34.76
N GLU B 773 21.05 6.68 -33.50
CA GLU B 773 22.22 7.48 -33.15
C GLU B 773 23.52 6.72 -33.42
N GLN B 774 23.57 5.44 -33.06
CA GLN B 774 24.77 4.65 -33.33
C GLN B 774 25.02 4.53 -34.83
N ASP B 775 23.95 4.27 -35.61
CA ASP B 775 24.12 4.14 -37.06
C ASP B 775 24.62 5.45 -37.66
N LYS B 776 24.02 6.57 -37.26
CA LYS B 776 24.45 7.86 -37.78
C LYS B 776 25.88 8.17 -37.37
N ASN B 777 26.25 7.81 -36.13
CA ASN B 777 27.60 8.06 -35.66
C ASN B 777 28.62 7.33 -36.51
N THR B 778 28.43 6.02 -36.72
CA THR B 778 29.42 5.29 -37.50
C THR B 778 29.46 5.76 -38.95
N GLN B 779 28.29 6.05 -39.54
CA GLN B 779 28.28 6.53 -40.92
C GLN B 779 28.98 7.87 -41.06
N GLU B 780 28.77 8.76 -40.08
CA GLU B 780 29.40 10.08 -40.14
C GLU B 780 30.90 9.99 -39.90
N VAL B 781 31.34 9.09 -39.03
CA VAL B 781 32.77 8.98 -38.75
C VAL B 781 33.51 8.40 -39.95
N PHE B 782 32.98 7.34 -40.55
CA PHE B 782 33.77 6.64 -41.56
C PHE B 782 33.56 7.14 -42.98
N ALA B 783 32.36 7.56 -43.34
CA ALA B 783 32.05 7.95 -44.73
C ALA B 783 32.37 9.42 -44.93
N GLN B 784 33.51 9.70 -45.59
CA GLN B 784 33.88 11.08 -45.90
C GLN B 784 34.48 11.24 -47.29
N VAL B 785 34.41 10.23 -48.15
CA VAL B 785 34.92 10.33 -49.52
C VAL B 785 33.84 9.84 -50.48
N LYS B 786 33.70 10.55 -51.60
CA LYS B 786 32.67 10.25 -52.58
C LYS B 786 33.11 9.22 -53.61
N GLN B 787 34.36 8.79 -53.59
CA GLN B 787 34.88 7.82 -54.55
C GLN B 787 35.71 6.79 -53.81
N ILE B 788 36.17 5.78 -54.55
CA ILE B 788 37.01 4.72 -54.02
C ILE B 788 38.28 4.66 -54.88
N TYR B 789 39.43 4.75 -54.24
CA TYR B 789 40.71 4.76 -54.92
C TYR B 789 41.43 3.43 -54.75
N LYS B 790 42.20 3.07 -55.77
CA LYS B 790 43.00 1.85 -55.75
C LYS B 790 44.47 2.21 -55.97
N THR B 791 45.35 1.58 -55.19
CA THR B 791 46.77 1.78 -55.35
C THR B 791 47.25 1.18 -56.67
N PRO B 792 48.24 1.80 -57.32
CA PRO B 792 48.76 1.23 -58.56
C PRO B 792 49.45 -0.09 -58.29
N PRO B 793 49.44 -1.00 -59.27
CA PRO B 793 50.10 -2.31 -59.06
C PRO B 793 51.59 -2.21 -58.80
N ILE B 794 52.27 -1.25 -59.42
CA ILE B 794 53.71 -1.06 -59.22
C ILE B 794 53.90 -0.02 -58.13
N LYS B 795 54.55 -0.41 -57.04
CA LYS B 795 54.72 0.43 -55.87
C LYS B 795 56.19 0.73 -55.66
N ASP B 796 56.59 1.99 -55.91
CA ASP B 796 57.94 2.47 -55.59
C ASP B 796 57.77 3.88 -55.02
N PHE B 797 57.56 3.96 -53.72
CA PHE B 797 57.33 5.24 -53.04
C PHE B 797 58.61 5.84 -52.47
N GLY B 798 59.63 5.96 -53.31
CA GLY B 798 60.88 6.57 -52.91
C GLY B 798 61.57 5.90 -51.73
N GLY B 799 61.55 4.57 -51.71
CA GLY B 799 62.22 3.81 -50.67
C GLY B 799 61.35 3.42 -49.49
N PHE B 800 60.18 4.04 -49.32
CA PHE B 800 59.30 3.69 -48.23
C PHE B 800 58.62 2.35 -48.50
N ASN B 801 58.27 1.65 -47.41
CA ASN B 801 57.67 0.33 -47.48
C ASN B 801 56.33 0.36 -46.74
N PHE B 802 55.24 0.25 -47.49
CA PHE B 802 53.90 0.25 -46.93
C PHE B 802 53.23 -1.12 -47.00
N SER B 803 54.02 -2.19 -47.09
CA SER B 803 53.46 -3.53 -47.23
C SER B 803 52.64 -3.93 -46.01
N GLN B 804 53.10 -3.58 -44.82
CA GLN B 804 52.44 -3.96 -43.58
C GLN B 804 51.24 -3.07 -43.26
N ILE B 805 50.86 -2.15 -44.16
CA ILE B 805 49.70 -1.30 -43.93
C ILE B 805 48.69 -1.35 -45.05
N LEU B 806 49.05 -1.77 -46.26
CA LEU B 806 48.11 -1.88 -47.36
C LEU B 806 47.33 -3.19 -47.27
N PRO B 807 46.13 -3.25 -47.85
CA PRO B 807 45.34 -4.49 -47.79
C PRO B 807 46.07 -5.65 -48.44
N ASP B 808 45.90 -6.83 -47.86
CA ASP B 808 46.56 -8.04 -48.35
C ASP B 808 45.64 -8.77 -49.32
N PRO B 809 46.04 -8.95 -50.59
CA PRO B 809 45.18 -9.62 -51.58
C PRO B 809 45.26 -11.15 -51.53
N SER B 810 45.18 -11.71 -50.33
CA SER B 810 45.15 -13.16 -50.18
C SER B 810 44.18 -13.63 -49.09
N LYS B 811 43.41 -12.73 -48.48
CA LYS B 811 42.47 -13.08 -47.43
C LYS B 811 41.05 -12.92 -47.93
N PRO B 812 40.11 -13.75 -47.43
CA PRO B 812 38.70 -13.59 -47.82
C PRO B 812 38.13 -12.23 -47.43
N SER B 813 38.58 -11.66 -46.31
CA SER B 813 38.07 -10.37 -45.86
C SER B 813 38.86 -9.19 -46.41
N LYS B 814 40.00 -9.43 -47.06
CA LYS B 814 40.82 -8.39 -47.66
C LYS B 814 41.15 -7.29 -46.64
N ARG B 815 41.81 -7.70 -45.56
CA ARG B 815 42.20 -6.80 -44.49
C ARG B 815 43.72 -6.76 -44.38
N SER B 816 44.23 -5.64 -43.87
CA SER B 816 45.66 -5.47 -43.71
C SER B 816 46.13 -6.29 -42.51
N PHE B 817 47.44 -6.26 -42.24
CA PHE B 817 48.01 -7.09 -41.19
C PHE B 817 47.64 -6.54 -39.80
N ILE B 818 47.76 -5.23 -39.62
CA ILE B 818 47.47 -4.63 -38.32
C ILE B 818 46.00 -4.80 -37.97
N GLU B 819 45.11 -4.72 -38.97
CA GLU B 819 43.69 -4.97 -38.70
C GLU B 819 43.47 -6.41 -38.23
N ASP B 820 44.19 -7.37 -38.82
CA ASP B 820 44.06 -8.76 -38.39
C ASP B 820 44.51 -8.94 -36.94
N LEU B 821 45.66 -8.35 -36.58
CA LEU B 821 46.12 -8.44 -35.20
C LEU B 821 45.15 -7.75 -34.24
N LEU B 822 44.60 -6.60 -34.63
CA LEU B 822 43.62 -5.93 -33.78
C LEU B 822 42.37 -6.77 -33.58
N PHE B 823 41.88 -7.41 -34.64
CA PHE B 823 40.70 -8.24 -34.53
C PHE B 823 40.97 -9.47 -33.66
N ASN B 824 42.14 -10.08 -33.81
CA ASN B 824 42.46 -11.27 -33.03
C ASN B 824 42.83 -10.95 -31.59
N LYS B 825 43.19 -9.70 -31.29
CA LYS B 825 43.66 -9.36 -29.95
C LYS B 825 42.52 -9.39 -28.94
N VAL B 826 41.35 -8.84 -29.31
CA VAL B 826 40.21 -8.73 -28.42
C VAL B 826 39.12 -9.69 -28.87
N THR B 827 38.53 -10.39 -27.91
CA THR B 827 37.45 -11.32 -28.18
C THR B 827 36.55 -11.40 -26.95
N LEU B 828 35.25 -11.47 -27.19
CA LEU B 828 34.28 -11.54 -26.10
C LEU B 828 34.44 -12.84 -25.30
N PHE B 855 17.37 -14.93 -24.09
CA PHE B 855 16.28 -14.80 -25.04
C PHE B 855 14.92 -14.81 -24.31
N ASN B 856 14.61 -13.69 -23.66
CA ASN B 856 13.38 -13.54 -22.90
C ASN B 856 12.72 -12.20 -23.23
N GLY B 857 12.60 -11.92 -24.52
CA GLY B 857 12.01 -10.68 -24.98
C GLY B 857 13.00 -9.59 -25.36
N LEU B 858 14.29 -9.90 -25.44
CA LEU B 858 15.31 -8.94 -25.82
C LEU B 858 16.05 -9.46 -27.05
N THR B 859 16.38 -8.53 -27.96
CA THR B 859 17.04 -8.88 -29.21
C THR B 859 18.18 -7.91 -29.47
N VAL B 860 19.12 -8.34 -30.30
CA VAL B 860 20.26 -7.52 -30.71
C VAL B 860 20.19 -7.37 -32.23
N LEU B 861 20.14 -6.13 -32.69
CA LEU B 861 20.02 -5.89 -34.12
C LEU B 861 21.41 -5.80 -34.76
N PRO B 862 21.58 -6.37 -35.95
CA PRO B 862 22.88 -6.29 -36.62
C PRO B 862 23.15 -4.88 -37.10
N PRO B 863 24.42 -4.48 -37.20
CA PRO B 863 24.74 -3.14 -37.68
C PRO B 863 24.47 -3.01 -39.18
N LEU B 864 24.25 -1.76 -39.61
CA LEU B 864 23.96 -1.51 -41.01
C LEU B 864 25.19 -1.71 -41.88
N LEU B 865 26.35 -1.24 -41.43
CA LEU B 865 27.59 -1.32 -42.20
C LEU B 865 28.41 -2.51 -41.69
N THR B 866 28.63 -3.49 -42.57
CA THR B 866 29.42 -4.66 -42.20
C THR B 866 30.90 -4.30 -42.14
N ASP B 867 31.72 -5.30 -41.84
CA ASP B 867 33.16 -5.08 -41.71
C ASP B 867 33.80 -4.77 -43.06
N GLU B 868 33.28 -5.38 -44.13
CA GLU B 868 33.89 -5.19 -45.45
C GLU B 868 33.81 -3.75 -45.91
N MET B 869 32.67 -3.09 -45.65
CA MET B 869 32.53 -1.69 -46.05
C MET B 869 33.51 -0.80 -45.28
N ILE B 870 33.68 -1.06 -43.98
CA ILE B 870 34.64 -0.29 -43.19
C ILE B 870 36.05 -0.49 -43.69
N ALA B 871 36.41 -1.74 -43.99
CA ALA B 871 37.74 -2.02 -44.50
C ALA B 871 37.97 -1.33 -45.84
N GLN B 872 36.97 -1.34 -46.72
CA GLN B 872 37.10 -0.66 -48.01
C GLN B 872 37.24 0.85 -47.83
N TYR B 873 36.47 1.43 -46.90
CA TYR B 873 36.60 2.87 -46.65
C TYR B 873 37.99 3.22 -46.15
N THR B 874 38.53 2.42 -45.23
CA THR B 874 39.86 2.69 -44.72
C THR B 874 40.91 2.53 -45.81
N SER B 875 40.77 1.51 -46.66
CA SER B 875 41.72 1.32 -47.75
C SER B 875 41.66 2.48 -48.73
N ALA B 876 40.45 2.98 -49.03
CA ALA B 876 40.32 4.14 -49.92
C ALA B 876 40.98 5.36 -49.32
N LEU B 877 40.75 5.62 -48.03
CA LEU B 877 41.41 6.75 -47.38
C LEU B 877 42.92 6.63 -47.42
N LEU B 878 43.43 5.42 -47.14
CA LEU B 878 44.88 5.21 -47.14
C LEU B 878 45.47 5.43 -48.52
N ALA B 879 44.84 4.88 -49.56
CA ALA B 879 45.35 5.06 -50.92
C ALA B 879 45.28 6.53 -51.33
N GLY B 880 44.19 7.22 -50.99
CA GLY B 880 44.08 8.62 -51.35
C GLY B 880 45.14 9.48 -50.68
N THR B 881 45.40 9.24 -49.40
CA THR B 881 46.41 10.05 -48.72
C THR B 881 47.83 9.65 -49.14
N ILE B 882 48.03 8.40 -49.56
CA ILE B 882 49.36 8.01 -50.04
C ILE B 882 49.66 8.66 -51.39
N THR B 883 48.70 8.62 -52.31
CA THR B 883 48.97 9.04 -53.68
C THR B 883 48.78 10.54 -53.90
N SER B 884 47.60 11.05 -53.58
CA SER B 884 47.22 12.41 -53.96
C SER B 884 47.53 13.46 -52.90
N GLY B 885 48.16 13.07 -51.78
CA GLY B 885 48.44 14.05 -50.75
C GLY B 885 47.17 14.48 -50.04
N TRP B 886 47.04 15.79 -49.80
CA TRP B 886 45.85 16.35 -49.19
C TRP B 886 44.95 17.06 -50.19
N THR B 887 45.26 16.99 -51.48
CA THR B 887 44.45 17.68 -52.47
C THR B 887 43.13 16.96 -52.74
N PHE B 888 43.01 15.70 -52.35
CA PHE B 888 41.78 14.95 -52.59
C PHE B 888 40.71 15.21 -51.54
N GLY B 889 41.06 15.87 -50.44
CA GLY B 889 40.10 16.24 -49.42
C GLY B 889 39.47 17.60 -49.61
N ALA B 890 39.80 18.30 -50.69
CA ALA B 890 39.26 19.64 -50.95
C ALA B 890 38.87 19.77 -52.42
N GLY B 891 38.22 18.74 -52.96
CA GLY B 891 37.82 18.75 -54.35
C GLY B 891 38.20 17.46 -55.08
N ALA B 892 38.94 17.60 -56.17
CA ALA B 892 39.38 16.45 -56.96
C ALA B 892 40.77 16.00 -56.53
N ALA B 893 41.07 14.75 -56.84
CA ALA B 893 42.36 14.17 -56.46
C ALA B 893 43.42 14.51 -57.50
N LEU B 894 44.55 15.02 -57.03
CA LEU B 894 45.65 15.44 -57.88
C LEU B 894 46.88 14.59 -57.58
N GLN B 895 47.43 13.95 -58.60
CA GLN B 895 48.58 13.08 -58.43
C GLN B 895 49.83 13.89 -58.09
N ILE B 896 50.76 13.24 -57.39
CA ILE B 896 52.03 13.85 -57.00
C ILE B 896 52.97 12.76 -56.51
N PRO B 897 54.28 12.86 -56.79
CA PRO B 897 55.23 11.90 -56.22
C PRO B 897 55.34 12.04 -54.71
N PHE B 898 55.73 10.95 -54.06
CA PHE B 898 55.75 10.92 -52.60
C PHE B 898 56.86 11.81 -52.03
N ALA B 899 58.03 11.83 -52.68
CA ALA B 899 59.14 12.63 -52.17
C ALA B 899 58.80 14.12 -52.17
N MET B 900 58.17 14.60 -53.24
CA MET B 900 57.78 16.01 -53.29
C MET B 900 56.64 16.34 -52.35
N GLN B 901 55.99 15.33 -51.75
CA GLN B 901 55.01 15.54 -50.70
C GLN B 901 55.65 15.56 -49.32
N MET B 902 56.63 14.68 -49.10
CA MET B 902 57.43 14.77 -47.88
C MET B 902 58.15 16.11 -47.80
N ALA B 903 58.60 16.64 -48.95
CA ALA B 903 59.21 17.96 -48.96
C ALA B 903 58.22 19.03 -48.51
N TYR B 904 56.98 18.94 -48.99
CA TYR B 904 55.93 19.86 -48.55
C TYR B 904 55.72 19.75 -47.04
N ARG B 905 55.67 18.54 -46.52
CA ARG B 905 55.35 18.34 -45.12
C ARG B 905 56.47 18.82 -44.20
N PHE B 906 57.74 18.65 -44.62
CA PHE B 906 58.83 19.24 -43.87
C PHE B 906 58.82 20.76 -43.98
N ASN B 907 58.60 21.31 -45.17
CA ASN B 907 58.55 22.75 -45.33
C ASN B 907 57.43 23.39 -44.52
N GLY B 908 56.37 22.64 -44.24
CA GLY B 908 55.26 23.17 -43.45
C GLY B 908 55.52 23.29 -41.96
N ILE B 909 56.62 22.73 -41.45
CA ILE B 909 56.90 22.74 -40.02
C ILE B 909 58.17 23.55 -39.70
N GLY B 910 58.67 24.33 -40.65
CA GLY B 910 59.78 25.23 -40.42
C GLY B 910 61.12 24.73 -40.91
N VAL B 911 61.25 23.44 -41.20
CA VAL B 911 62.49 22.89 -41.73
C VAL B 911 62.46 22.99 -43.26
N THR B 912 63.52 23.55 -43.83
CA THR B 912 63.56 23.74 -45.27
C THR B 912 63.64 22.40 -46.00
N GLN B 913 63.22 22.41 -47.27
CA GLN B 913 63.17 21.20 -48.07
C GLN B 913 64.56 20.70 -48.48
N ASN B 914 65.60 21.50 -48.28
CA ASN B 914 66.95 21.04 -48.59
C ASN B 914 67.37 19.87 -47.72
N VAL B 915 66.80 19.77 -46.52
CA VAL B 915 67.20 18.72 -45.58
C VAL B 915 66.73 17.36 -46.07
N LEU B 916 65.51 17.28 -46.59
CA LEU B 916 64.94 15.98 -46.96
C LEU B 916 65.70 15.34 -48.12
N TYR B 917 65.93 16.09 -49.19
CA TYR B 917 66.49 15.52 -50.40
C TYR B 917 67.90 14.99 -50.21
N GLU B 918 68.61 15.44 -49.18
CA GLU B 918 69.95 14.96 -48.88
C GLU B 918 69.97 13.89 -47.79
N ASN B 919 68.82 13.57 -47.20
CA ASN B 919 68.73 12.59 -46.12
C ASN B 919 67.53 11.67 -46.33
N GLN B 920 67.38 11.17 -47.56
CA GLN B 920 66.22 10.33 -47.87
C GLN B 920 66.38 8.93 -47.29
N LYS B 921 67.56 8.34 -47.42
CA LYS B 921 67.76 6.95 -47.00
C LYS B 921 67.62 6.80 -45.49
N LEU B 922 68.16 7.75 -44.73
CA LEU B 922 68.04 7.70 -43.27
C LEU B 922 66.57 7.75 -42.85
N ILE B 923 65.79 8.64 -43.47
CA ILE B 923 64.38 8.77 -43.14
C ILE B 923 63.63 7.48 -43.49
N ALA B 924 63.90 6.92 -44.67
CA ALA B 924 63.23 5.68 -45.05
C ALA B 924 63.55 4.55 -44.08
N ASN B 925 64.83 4.41 -43.71
CA ASN B 925 65.22 3.35 -42.79
C ASN B 925 64.57 3.55 -41.42
N GLN B 926 64.55 4.79 -40.92
CA GLN B 926 63.93 5.06 -39.64
C GLN B 926 62.43 4.76 -39.66
N PHE B 927 61.75 5.13 -40.76
CA PHE B 927 60.33 4.85 -40.86
C PHE B 927 60.05 3.36 -40.89
N ASN B 928 60.84 2.60 -41.66
CA ASN B 928 60.64 1.15 -41.72
C ASN B 928 60.91 0.52 -40.35
N SER B 929 61.96 0.93 -39.67
CA SER B 929 62.26 0.39 -38.36
C SER B 929 61.16 0.72 -37.36
N ALA B 930 60.63 1.95 -37.40
CA ALA B 930 59.57 2.34 -36.49
C ALA B 930 58.30 1.53 -36.74
N ILE B 931 57.93 1.32 -38.01
CA ILE B 931 56.72 0.56 -38.28
C ILE B 931 56.89 -0.90 -37.89
N GLY B 932 58.10 -1.46 -38.10
CA GLY B 932 58.35 -2.81 -37.62
C GLY B 932 58.28 -2.91 -36.11
N LYS B 933 58.82 -1.91 -35.41
CA LYS B 933 58.79 -1.92 -33.95
C LYS B 933 57.37 -1.83 -33.42
N ILE B 934 56.53 -0.97 -34.03
CA ILE B 934 55.16 -0.86 -33.56
C ILE B 934 54.38 -2.12 -33.88
N GLN B 935 54.67 -2.76 -35.02
CA GLN B 935 54.07 -4.06 -35.32
C GLN B 935 54.44 -5.09 -34.25
N ASP B 936 55.72 -5.15 -33.86
CA ASP B 936 56.13 -6.09 -32.83
C ASP B 936 55.46 -5.78 -31.50
N SER B 937 55.37 -4.49 -31.14
CA SER B 937 54.76 -4.10 -29.88
C SER B 937 53.28 -4.47 -29.84
N LEU B 938 52.56 -4.24 -30.93
CA LEU B 938 51.15 -4.64 -30.98
C LEU B 938 51.01 -6.15 -30.94
N SER B 939 51.88 -6.87 -31.64
CA SER B 939 51.77 -8.33 -31.66
C SER B 939 52.03 -8.94 -30.29
N SER B 940 53.06 -8.47 -29.58
CA SER B 940 53.48 -9.11 -28.35
C SER B 940 52.71 -8.58 -27.14
N THR B 941 52.79 -7.27 -26.87
CA THR B 941 52.19 -6.69 -25.69
C THR B 941 50.68 -6.61 -25.83
N ALA B 942 49.96 -7.12 -24.83
CA ALA B 942 48.51 -7.10 -24.80
C ALA B 942 48.02 -6.01 -23.84
N SER B 943 46.72 -5.98 -23.61
CA SER B 943 46.08 -5.04 -22.68
C SER B 943 46.30 -3.59 -23.09
N ALA B 944 46.45 -3.34 -24.38
CA ALA B 944 46.57 -1.99 -24.92
C ALA B 944 45.24 -1.44 -25.43
N LEU B 945 44.16 -2.20 -25.31
CA LEU B 945 42.86 -1.80 -25.84
C LEU B 945 41.83 -1.71 -24.71
N GLY B 946 42.19 -1.04 -23.62
CA GLY B 946 41.34 -1.04 -22.44
C GLY B 946 39.97 -0.44 -22.66
N LYS B 947 39.87 0.60 -23.49
CA LYS B 947 38.60 1.31 -23.64
C LYS B 947 37.53 0.43 -24.27
N LEU B 948 37.85 -0.23 -25.37
CA LEU B 948 36.87 -1.07 -26.05
C LEU B 948 36.43 -2.24 -25.17
N GLN B 949 37.39 -2.88 -24.51
CA GLN B 949 37.06 -3.99 -23.62
C GLN B 949 36.20 -3.52 -22.46
N ASP B 950 36.50 -2.35 -21.90
CA ASP B 950 35.70 -1.82 -20.81
C ASP B 950 34.26 -1.54 -21.27
N VAL B 951 34.11 -0.95 -22.45
CA VAL B 951 32.76 -0.67 -22.96
C VAL B 951 31.98 -1.96 -23.16
N VAL B 952 32.60 -2.95 -23.79
CA VAL B 952 31.91 -4.21 -24.05
C VAL B 952 31.55 -4.90 -22.74
N ASN B 953 32.48 -4.91 -21.78
CA ASN B 953 32.21 -5.54 -20.50
C ASN B 953 31.09 -4.84 -19.75
N GLN B 954 31.08 -3.51 -19.79
CA GLN B 954 30.01 -2.76 -19.12
C GLN B 954 28.65 -3.08 -19.73
N ASN B 955 28.57 -3.11 -21.05
CA ASN B 955 27.29 -3.43 -21.70
C ASN B 955 26.84 -4.85 -21.36
N ALA B 956 27.77 -5.81 -21.42
CA ALA B 956 27.43 -7.18 -21.12
C ALA B 956 26.98 -7.34 -19.68
N GLN B 957 27.67 -6.69 -18.74
CA GLN B 957 27.30 -6.79 -17.33
C GLN B 957 25.93 -6.15 -17.08
N ALA B 958 25.66 -5.01 -17.73
CA ALA B 958 24.35 -4.39 -17.56
C ALA B 958 23.23 -5.30 -18.05
N LEU B 959 23.43 -5.90 -19.24
CA LEU B 959 22.42 -6.83 -19.75
C LEU B 959 22.27 -8.04 -18.84
N ASN B 960 23.39 -8.56 -18.34
CA ASN B 960 23.35 -9.74 -17.47
C ASN B 960 22.60 -9.45 -16.18
N THR B 961 22.85 -8.30 -15.56
CA THR B 961 22.14 -7.98 -14.32
C THR B 961 20.66 -7.69 -14.58
N LEU B 962 20.33 -7.10 -15.74
CA LEU B 962 18.94 -6.92 -16.09
C LEU B 962 18.23 -8.26 -16.22
N VAL B 963 18.89 -9.24 -16.85
CA VAL B 963 18.30 -10.57 -16.94
C VAL B 963 18.18 -11.23 -15.57
N LYS B 964 19.22 -11.08 -14.74
CA LYS B 964 19.23 -11.71 -13.42
C LYS B 964 18.19 -11.12 -12.48
N GLN B 965 17.77 -9.87 -12.69
CA GLN B 965 16.78 -9.25 -11.82
C GLN B 965 15.43 -9.97 -11.85
N LEU B 966 15.19 -10.82 -12.86
CA LEU B 966 13.89 -11.47 -12.98
C LEU B 966 13.61 -12.45 -11.84
N SER B 967 14.65 -13.10 -11.32
CA SER B 967 14.45 -14.14 -10.31
C SER B 967 14.05 -13.61 -8.94
N SER B 968 14.07 -12.29 -8.74
CA SER B 968 13.77 -11.74 -7.43
C SER B 968 12.31 -11.97 -7.06
N ASN B 969 12.08 -12.20 -5.76
CA ASN B 969 10.72 -12.43 -5.27
C ASN B 969 9.91 -11.14 -5.17
N PHE B 970 10.57 -10.02 -4.84
CA PHE B 970 9.92 -8.72 -4.70
C PHE B 970 8.83 -8.74 -3.64
N GLY B 971 8.99 -9.58 -2.62
CA GLY B 971 8.04 -9.66 -1.53
C GLY B 971 6.80 -10.49 -1.80
N ALA B 972 6.71 -11.13 -2.96
CA ALA B 972 5.55 -11.95 -3.29
C ALA B 972 5.72 -13.37 -2.73
N ILE B 973 4.72 -14.21 -2.98
CA ILE B 973 4.79 -15.59 -2.50
C ILE B 973 5.85 -16.37 -3.27
N SER B 974 5.87 -16.22 -4.59
CA SER B 974 6.84 -16.91 -5.44
C SER B 974 7.22 -16.00 -6.60
N SER B 975 8.38 -16.29 -7.18
CA SER B 975 8.92 -15.47 -8.26
C SER B 975 8.40 -15.87 -9.63
N VAL B 976 7.69 -16.99 -9.74
CA VAL B 976 7.18 -17.48 -11.02
C VAL B 976 5.69 -17.18 -11.11
N LEU B 977 5.28 -16.68 -12.28
CA LEU B 977 3.94 -16.10 -12.41
C LEU B 977 2.84 -17.16 -12.31
N ASN B 978 2.99 -18.25 -13.06
CA ASN B 978 1.88 -19.19 -13.21
C ASN B 978 1.61 -19.95 -11.90
N ASP B 979 2.65 -20.24 -11.12
CA ASP B 979 2.46 -20.97 -9.87
C ASP B 979 1.55 -20.21 -8.91
N ILE B 980 1.80 -18.91 -8.75
CA ILE B 980 0.93 -18.11 -7.91
C ILE B 980 -0.37 -17.75 -8.61
N LEU B 981 -0.41 -17.84 -9.94
CA LEU B 981 -1.66 -17.60 -10.65
C LEU B 981 -2.64 -18.75 -10.45
N SER B 982 -2.14 -19.99 -10.43
CA SER B 982 -2.98 -21.18 -10.37
C SER B 982 -3.15 -21.73 -8.96
N ARG B 983 -2.62 -21.04 -7.95
CA ARG B 983 -2.69 -21.53 -6.58
C ARG B 983 -3.49 -20.64 -5.64
N LEU B 984 -3.80 -19.41 -6.02
CA LEU B 984 -4.49 -18.49 -5.14
C LEU B 984 -5.63 -17.80 -5.89
N ASP B 985 -6.63 -17.37 -5.13
CA ASP B 985 -7.76 -16.65 -5.69
C ASP B 985 -7.37 -15.23 -6.05
N PRO B 986 -8.15 -14.57 -6.91
CA PRO B 986 -7.80 -13.22 -7.40
C PRO B 986 -7.59 -12.19 -6.29
N PRO B 987 -8.35 -12.21 -5.17
CA PRO B 987 -8.25 -11.09 -4.21
C PRO B 987 -6.84 -10.74 -3.76
N GLU B 988 -5.96 -11.72 -3.54
CA GLU B 988 -4.58 -11.42 -3.21
C GLU B 988 -3.62 -11.67 -4.37
N ALA B 989 -4.03 -12.49 -5.35
CA ALA B 989 -3.22 -12.64 -6.56
C ALA B 989 -3.03 -11.31 -7.25
N GLU B 990 -4.05 -10.45 -7.23
CA GLU B 990 -3.91 -9.13 -7.83
C GLU B 990 -2.81 -8.32 -7.14
N VAL B 991 -2.77 -8.38 -5.81
CA VAL B 991 -1.72 -7.66 -5.08
C VAL B 991 -0.34 -8.21 -5.41
N GLN B 992 -0.21 -9.54 -5.48
CA GLN B 992 1.07 -10.13 -5.82
C GLN B 992 1.53 -9.70 -7.21
N ILE B 993 0.59 -9.72 -8.18
CA ILE B 993 0.93 -9.30 -9.54
C ILE B 993 1.33 -7.83 -9.56
N ASP B 994 0.63 -6.99 -8.79
CA ASP B 994 0.98 -5.57 -8.75
C ASP B 994 2.39 -5.37 -8.22
N ARG B 995 2.76 -6.10 -7.16
CA ARG B 995 4.11 -5.99 -6.61
C ARG B 995 5.15 -6.41 -7.65
N LEU B 996 4.92 -7.54 -8.32
CA LEU B 996 5.86 -8.00 -9.33
C LEU B 996 6.01 -6.99 -10.46
N ILE B 997 4.88 -6.44 -10.92
CA ILE B 997 4.90 -5.49 -12.04
C ILE B 997 5.68 -4.24 -11.65
N THR B 998 5.42 -3.69 -10.45
CA THR B 998 6.11 -2.45 -10.09
C THR B 998 7.61 -2.68 -9.93
N GLY B 999 8.02 -3.83 -9.38
CA GLY B 999 9.44 -4.12 -9.28
C GLY B 999 10.10 -4.22 -10.65
N ARG B 1000 9.46 -4.95 -11.57
CA ARG B 1000 10.03 -5.11 -12.90
C ARG B 1000 10.10 -3.77 -13.65
N LEU B 1001 9.07 -2.93 -13.47
CA LEU B 1001 9.10 -1.61 -14.10
C LEU B 1001 10.24 -0.76 -13.57
N GLN B 1002 10.48 -0.80 -12.26
CA GLN B 1002 11.60 -0.05 -11.70
C GLN B 1002 12.92 -0.51 -12.31
N SER B 1003 13.11 -1.83 -12.41
CA SER B 1003 14.35 -2.34 -13.01
C SER B 1003 14.50 -1.88 -14.45
N LEU B 1004 13.41 -1.93 -15.23
CA LEU B 1004 13.47 -1.51 -16.63
C LEU B 1004 13.83 -0.03 -16.75
N GLN B 1005 13.24 0.82 -15.91
CA GLN B 1005 13.55 2.25 -15.95
C GLN B 1005 15.03 2.49 -15.65
N THR B 1006 15.55 1.80 -14.62
CA THR B 1006 16.97 1.97 -14.30
C THR B 1006 17.86 1.58 -15.48
N TYR B 1007 17.55 0.44 -16.10
CA TYR B 1007 18.36 -0.01 -17.24
C TYR B 1007 18.31 1.00 -18.39
N VAL B 1008 17.12 1.54 -18.68
CA VAL B 1008 16.98 2.49 -19.78
C VAL B 1008 17.80 3.75 -19.49
N THR B 1009 17.74 4.25 -18.26
CA THR B 1009 18.51 5.46 -17.93
C THR B 1009 20.00 5.23 -18.09
N GLN B 1010 20.51 4.09 -17.59
CA GLN B 1010 21.93 3.81 -17.74
C GLN B 1010 22.33 3.72 -19.21
N GLN B 1011 21.50 3.07 -20.03
CA GLN B 1011 21.80 2.97 -21.44
C GLN B 1011 21.84 4.34 -22.11
N LEU B 1012 20.92 5.23 -21.72
CA LEU B 1012 20.92 6.58 -22.30
C LEU B 1012 22.21 7.32 -21.96
N ILE B 1013 22.66 7.23 -20.70
CA ILE B 1013 23.89 7.90 -20.30
C ILE B 1013 25.07 7.37 -21.11
N ARG B 1014 25.17 6.05 -21.22
CA ARG B 1014 26.29 5.46 -21.96
C ARG B 1014 26.25 5.86 -23.43
N ALA B 1015 25.05 5.92 -24.02
CA ALA B 1015 24.93 6.33 -25.41
C ALA B 1015 25.40 7.77 -25.60
N ALA B 1016 25.04 8.65 -24.68
CA ALA B 1016 25.49 10.04 -24.80
C ALA B 1016 27.02 10.14 -24.74
N GLU B 1017 27.64 9.42 -23.80
CA GLU B 1017 29.10 9.49 -23.70
C GLU B 1017 29.75 8.93 -24.96
N ILE B 1018 29.23 7.82 -25.48
CA ILE B 1018 29.77 7.23 -26.70
C ILE B 1018 29.63 8.18 -27.88
N ARG B 1019 28.50 8.90 -27.94
CA ARG B 1019 28.31 9.87 -29.02
C ARG B 1019 29.36 10.97 -28.95
N ALA B 1020 29.63 11.48 -27.75
CA ALA B 1020 30.66 12.52 -27.61
C ALA B 1020 32.02 12.01 -28.06
N SER B 1021 32.37 10.79 -27.65
CA SER B 1021 33.66 10.21 -28.05
C SER B 1021 33.73 10.04 -29.57
N ALA B 1022 32.64 9.59 -30.18
CA ALA B 1022 32.63 9.40 -31.64
C ALA B 1022 32.79 10.73 -32.36
N ASN B 1023 32.15 11.78 -31.86
CA ASN B 1023 32.31 13.09 -32.48
C ASN B 1023 33.75 13.57 -32.40
N LEU B 1024 34.40 13.38 -31.23
CA LEU B 1024 35.80 13.77 -31.11
C LEU B 1024 36.67 12.98 -32.08
N ALA B 1025 36.43 11.67 -32.20
CA ALA B 1025 37.21 10.84 -33.11
C ALA B 1025 37.03 11.29 -34.55
N ALA B 1026 35.79 11.61 -34.95
CA ALA B 1026 35.55 12.07 -36.31
C ALA B 1026 36.28 13.37 -36.60
N THR B 1027 36.22 14.33 -35.65
CA THR B 1027 36.94 15.58 -35.84
C THR B 1027 38.45 15.35 -35.99
N LYS B 1028 39.01 14.50 -35.12
CA LYS B 1028 40.43 14.21 -35.19
C LYS B 1028 40.81 13.58 -36.52
N MET B 1029 40.02 12.61 -37.00
CA MET B 1029 40.33 11.97 -38.27
C MET B 1029 40.27 12.97 -39.41
N SER B 1030 39.23 13.82 -39.42
CA SER B 1030 39.06 14.78 -40.50
C SER B 1030 40.21 15.78 -40.53
N GLU B 1031 40.66 16.24 -39.37
CA GLU B 1031 41.68 17.29 -39.34
C GLU B 1031 43.10 16.76 -39.27
N CYS B 1032 43.31 15.45 -39.15
CA CYS B 1032 44.67 14.92 -39.13
C CYS B 1032 44.98 13.95 -40.27
N VAL B 1033 43.99 13.39 -40.95
CA VAL B 1033 44.22 12.48 -42.06
C VAL B 1033 44.16 13.20 -43.40
N LEU B 1034 43.19 14.10 -43.58
CA LEU B 1034 43.00 14.78 -44.84
C LEU B 1034 43.87 16.02 -45.00
N GLY B 1035 44.67 16.35 -44.01
CA GLY B 1035 45.56 17.50 -44.09
C GLY B 1035 46.72 17.37 -43.15
N GLN B 1036 47.17 18.51 -42.63
CA GLN B 1036 48.25 18.56 -41.65
C GLN B 1036 47.81 19.40 -40.47
N SER B 1037 48.24 19.02 -39.28
CA SER B 1037 47.82 19.67 -38.04
C SER B 1037 48.88 20.66 -37.58
N LYS B 1038 48.44 21.90 -37.31
CA LYS B 1038 49.32 22.92 -36.75
C LYS B 1038 49.18 23.07 -35.24
N ARG B 1039 48.05 22.67 -34.68
CA ARG B 1039 47.86 22.75 -33.24
C ARG B 1039 48.78 21.76 -32.52
N VAL B 1040 49.32 22.20 -31.39
CA VAL B 1040 50.35 21.43 -30.68
C VAL B 1040 49.69 20.31 -29.89
N ASP B 1041 50.32 19.14 -29.91
CA ASP B 1041 49.92 18.00 -29.07
C ASP B 1041 48.49 17.54 -29.34
N PHE B 1042 48.04 17.66 -30.59
CA PHE B 1042 46.73 17.15 -30.97
C PHE B 1042 46.80 15.76 -31.58
N CYS B 1043 47.75 15.53 -32.48
CA CYS B 1043 47.98 14.23 -33.11
C CYS B 1043 49.44 13.86 -32.91
N GLY B 1044 49.74 13.20 -31.80
CA GLY B 1044 51.09 12.77 -31.50
C GLY B 1044 51.84 13.76 -30.64
N LYS B 1045 53.01 13.33 -30.18
CA LYS B 1045 53.90 14.15 -29.35
C LYS B 1045 55.03 14.68 -30.23
N GLY B 1046 55.02 15.97 -30.46
CA GLY B 1046 55.99 16.62 -31.34
C GLY B 1046 55.34 17.14 -32.59
N TYR B 1047 56.19 17.53 -33.53
CA TYR B 1047 55.71 18.02 -34.82
C TYR B 1047 55.05 16.89 -35.60
N HIS B 1048 54.03 17.25 -36.38
CA HIS B 1048 53.18 16.27 -37.04
C HIS B 1048 53.51 16.22 -38.53
N LEU B 1049 53.54 15.01 -39.08
CA LEU B 1049 53.78 14.78 -40.50
C LEU B 1049 52.56 14.23 -41.21
N MET B 1050 52.04 13.09 -40.77
CA MET B 1050 50.85 12.50 -41.35
C MET B 1050 50.31 11.44 -40.40
N SER B 1051 49.20 10.82 -40.81
CA SER B 1051 48.57 9.79 -40.00
C SER B 1051 47.93 8.76 -40.93
N PHE B 1052 47.76 7.56 -40.39
CA PHE B 1052 47.16 6.45 -41.12
C PHE B 1052 46.06 5.84 -40.26
N PRO B 1053 44.85 5.68 -40.80
CA PRO B 1053 43.77 5.07 -40.02
C PRO B 1053 43.68 3.57 -40.23
N GLN B 1054 43.19 2.89 -39.20
CA GLN B 1054 42.97 1.45 -39.22
C GLN B 1054 41.71 1.13 -38.45
N SER B 1055 41.09 0.00 -38.82
CA SER B 1055 39.82 -0.40 -38.24
C SER B 1055 40.02 -1.21 -36.97
N ALA B 1056 39.02 -1.16 -36.10
CA ALA B 1056 38.95 -1.91 -34.86
C ALA B 1056 37.58 -2.55 -34.79
N PRO B 1057 37.40 -3.57 -33.93
CA PRO B 1057 36.07 -4.21 -33.85
C PRO B 1057 34.94 -3.24 -33.55
N HIS B 1058 35.16 -2.27 -32.68
CA HIS B 1058 34.16 -1.25 -32.39
C HIS B 1058 34.81 0.11 -32.23
N GLY B 1059 35.80 0.41 -33.05
CA GLY B 1059 36.51 1.67 -32.93
C GLY B 1059 37.44 1.91 -34.09
N VAL B 1060 38.33 2.89 -33.90
CA VAL B 1060 39.31 3.27 -34.91
C VAL B 1060 40.66 3.45 -34.23
N VAL B 1061 41.73 3.22 -34.99
CA VAL B 1061 43.09 3.34 -34.48
C VAL B 1061 43.90 4.20 -35.45
N PHE B 1062 44.51 5.25 -34.92
CA PHE B 1062 45.32 6.17 -35.71
C PHE B 1062 46.80 5.93 -35.44
N LEU B 1063 47.59 5.87 -36.51
CA LEU B 1063 49.05 5.82 -36.42
C LEU B 1063 49.57 7.18 -36.87
N HIS B 1064 50.14 7.93 -35.93
CA HIS B 1064 50.67 9.26 -36.19
C HIS B 1064 52.17 9.19 -36.39
N VAL B 1065 52.68 9.89 -37.41
CA VAL B 1065 54.10 9.97 -37.69
C VAL B 1065 54.59 11.34 -37.23
N THR B 1066 55.63 11.35 -36.40
CA THR B 1066 56.12 12.57 -35.77
C THR B 1066 57.57 12.83 -36.16
N TYR B 1067 58.16 13.85 -35.53
CA TYR B 1067 59.50 14.31 -35.85
C TYR B 1067 60.10 14.95 -34.60
N VAL B 1068 61.19 14.39 -34.09
CA VAL B 1068 61.75 14.84 -32.82
C VAL B 1068 63.24 15.15 -32.96
N PRO B 1069 63.69 16.33 -32.56
CA PRO B 1069 65.12 16.67 -32.68
C PRO B 1069 65.93 16.22 -31.46
N ALA B 1070 67.23 16.14 -31.66
CA ALA B 1070 68.17 15.66 -30.64
C ALA B 1070 69.58 16.02 -31.08
N GLN B 1071 70.55 15.69 -30.21
CA GLN B 1071 71.98 15.94 -30.42
C GLN B 1071 72.25 17.44 -30.59
N GLU B 1072 72.00 18.16 -29.49
CA GLU B 1072 72.08 19.62 -29.47
C GLU B 1072 73.50 20.10 -29.23
N LYS B 1073 73.68 21.42 -29.31
CA LYS B 1073 74.95 22.08 -29.04
C LYS B 1073 74.66 23.35 -28.25
N ASN B 1074 75.70 24.17 -28.03
CA ASN B 1074 75.59 25.34 -27.16
C ASN B 1074 75.69 26.65 -27.93
N PHE B 1075 76.79 26.89 -28.65
CA PHE B 1075 76.99 28.11 -29.42
C PHE B 1075 76.84 29.37 -28.57
N THR B 1076 76.67 30.52 -29.24
CA THR B 1076 76.54 31.81 -28.58
C THR B 1076 75.84 32.76 -29.55
N THR B 1077 74.79 33.41 -29.08
CA THR B 1077 73.91 34.19 -29.96
C THR B 1077 74.05 35.68 -29.72
N ALA B 1078 73.38 36.45 -30.58
CA ALA B 1078 73.36 37.90 -30.52
C ALA B 1078 72.10 38.38 -31.24
N PRO B 1079 71.52 39.50 -30.82
CA PRO B 1079 70.24 39.92 -31.44
C PRO B 1079 70.41 40.48 -32.84
N ALA B 1080 71.40 41.35 -33.08
CA ALA B 1080 71.56 41.99 -34.37
C ALA B 1080 73.03 42.34 -34.57
N ILE B 1081 73.42 42.52 -35.83
CA ILE B 1081 74.80 42.83 -36.17
C ILE B 1081 74.82 44.17 -36.90
N CYS B 1082 75.54 45.14 -36.37
CA CYS B 1082 75.59 46.46 -37.01
C CYS B 1082 76.94 46.66 -37.68
N HIS B 1083 76.89 47.07 -38.94
CA HIS B 1083 78.06 47.34 -39.76
C HIS B 1083 77.89 48.71 -40.39
N ASP B 1084 78.99 49.46 -40.50
CA ASP B 1084 79.00 50.79 -41.11
C ASP B 1084 78.01 51.73 -40.43
N GLY B 1085 77.70 51.46 -39.16
CA GLY B 1085 76.79 52.29 -38.41
C GLY B 1085 75.32 51.97 -38.58
N LYS B 1086 74.96 50.90 -39.30
CA LYS B 1086 73.58 50.51 -39.47
C LYS B 1086 73.42 49.04 -39.09
N ALA B 1087 72.29 48.72 -38.47
CA ALA B 1087 72.08 47.41 -37.85
C ALA B 1087 71.25 46.51 -38.74
N HIS B 1088 71.79 45.32 -39.04
CA HIS B 1088 71.10 44.29 -39.80
C HIS B 1088 70.56 43.23 -38.85
N PHE B 1089 69.33 42.79 -39.12
CA PHE B 1089 68.56 41.73 -38.48
C PHE B 1089 68.34 40.59 -39.47
N PRO B 1090 68.28 39.34 -38.99
CA PRO B 1090 68.07 38.23 -39.90
C PRO B 1090 66.64 38.18 -40.42
N ARG B 1091 66.48 37.57 -41.60
CA ARG B 1091 65.15 37.43 -42.19
C ARG B 1091 64.40 36.26 -41.59
N GLU B 1092 64.92 35.04 -41.77
CA GLU B 1092 64.34 33.82 -41.21
C GLU B 1092 65.50 32.98 -40.67
N GLY B 1093 65.83 33.18 -39.40
CA GLY B 1093 66.94 32.46 -38.81
C GLY B 1093 67.38 33.12 -37.52
N VAL B 1094 68.64 32.84 -37.16
CA VAL B 1094 69.20 33.31 -35.90
C VAL B 1094 70.71 33.35 -36.07
N PHE B 1095 71.34 34.34 -35.41
CA PHE B 1095 72.79 34.47 -35.42
C PHE B 1095 73.42 33.49 -34.43
N VAL B 1096 74.47 32.80 -34.86
CA VAL B 1096 75.20 31.87 -34.02
C VAL B 1096 76.69 32.11 -34.22
N SER B 1097 77.48 31.65 -33.26
CA SER B 1097 78.92 31.80 -33.33
C SER B 1097 79.58 30.62 -32.62
N ASN B 1098 80.59 30.04 -33.25
CA ASN B 1098 81.35 28.94 -32.68
C ASN B 1098 82.57 29.42 -31.90
N GLY B 1099 82.72 30.73 -31.70
CA GLY B 1099 83.84 31.26 -30.96
C GLY B 1099 84.55 32.41 -31.65
N THR B 1100 84.66 32.34 -32.97
CA THR B 1100 85.34 33.39 -33.72
C THR B 1100 84.63 33.82 -34.99
N HIS B 1101 83.65 33.08 -35.48
CA HIS B 1101 82.94 33.43 -36.71
C HIS B 1101 81.44 33.42 -36.46
N TRP B 1102 80.72 34.23 -37.23
CA TRP B 1102 79.28 34.43 -37.05
C TRP B 1102 78.55 33.94 -38.28
N PHE B 1103 77.48 33.17 -38.07
CA PHE B 1103 76.69 32.59 -39.14
C PHE B 1103 75.21 32.76 -38.82
N VAL B 1104 74.37 32.49 -39.82
CA VAL B 1104 72.92 32.51 -39.65
C VAL B 1104 72.39 31.11 -39.93
N THR B 1105 71.56 30.60 -39.02
CA THR B 1105 70.98 29.28 -39.15
C THR B 1105 69.49 29.33 -38.84
N GLN B 1106 68.73 28.42 -39.46
CA GLN B 1106 67.32 28.30 -39.11
C GLN B 1106 67.17 27.67 -37.74
N ARG B 1107 66.01 27.91 -37.12
CA ARG B 1107 65.86 27.61 -35.69
C ARG B 1107 65.83 26.11 -35.42
N ASN B 1108 65.21 25.33 -36.30
CA ASN B 1108 64.94 23.93 -36.01
C ASN B 1108 66.00 22.97 -36.54
N PHE B 1109 67.08 23.48 -37.12
CA PHE B 1109 68.15 22.62 -37.60
C PHE B 1109 69.45 23.42 -37.68
N TYR B 1110 70.56 22.71 -37.75
CA TYR B 1110 71.89 23.33 -37.82
C TYR B 1110 72.40 23.22 -39.26
N GLU B 1111 72.53 24.37 -39.91
CA GLU B 1111 73.09 24.46 -41.25
C GLU B 1111 73.65 25.87 -41.45
N PRO B 1112 74.89 26.12 -41.01
CA PRO B 1112 75.39 27.49 -41.02
C PRO B 1112 75.63 28.02 -42.42
N GLN B 1113 75.38 29.32 -42.58
CA GLN B 1113 75.65 30.04 -43.81
C GLN B 1113 76.36 31.34 -43.48
N ILE B 1114 77.22 31.79 -44.41
CA ILE B 1114 77.92 33.04 -44.21
C ILE B 1114 76.94 34.20 -44.29
N ILE B 1115 77.28 35.29 -43.62
CA ILE B 1115 76.38 36.45 -43.54
C ILE B 1115 76.58 37.31 -44.77
N THR B 1116 75.50 37.56 -45.51
CA THR B 1116 75.49 38.47 -46.65
C THR B 1116 74.45 39.55 -46.41
N THR B 1117 74.24 40.38 -47.44
CA THR B 1117 73.19 41.39 -47.39
C THR B 1117 71.89 40.89 -48.01
N ASP B 1118 71.83 39.63 -48.41
CA ASP B 1118 70.63 39.06 -49.02
C ASP B 1118 69.71 38.43 -48.00
N ASN B 1119 70.26 37.82 -46.94
CA ASN B 1119 69.48 37.15 -45.92
C ASN B 1119 69.28 38.01 -44.68
N THR B 1120 69.69 39.27 -44.72
CA THR B 1120 69.49 40.19 -43.61
C THR B 1120 68.91 41.50 -44.13
N PHE B 1121 68.12 42.15 -43.28
CA PHE B 1121 67.55 43.45 -43.61
C PHE B 1121 67.97 44.47 -42.56
N VAL B 1122 68.16 45.71 -43.00
CA VAL B 1122 68.75 46.76 -42.19
C VAL B 1122 67.67 47.77 -41.82
N SER B 1123 67.74 48.31 -40.60
CA SER B 1123 66.81 49.33 -40.14
C SER B 1123 67.42 50.05 -38.96
N GLY B 1124 67.70 51.34 -39.12
CA GLY B 1124 68.18 52.16 -38.02
C GLY B 1124 69.67 52.05 -37.80
N ASN B 1125 70.10 52.67 -36.69
CA ASN B 1125 71.49 52.66 -36.27
C ASN B 1125 71.62 51.92 -34.94
N CYS B 1126 72.77 51.30 -34.73
CA CYS B 1126 72.95 50.42 -33.57
C CYS B 1126 73.32 51.25 -32.34
N ASP B 1127 72.30 51.94 -31.82
CA ASP B 1127 72.40 52.69 -30.58
C ASP B 1127 71.25 52.44 -29.62
N VAL B 1128 70.14 51.85 -30.07
CA VAL B 1128 68.98 51.61 -29.22
C VAL B 1128 68.90 50.16 -28.77
N VAL B 1129 69.16 49.21 -29.68
CA VAL B 1129 69.06 47.80 -29.36
C VAL B 1129 70.12 47.43 -28.32
N ILE B 1130 69.78 46.49 -27.44
CA ILE B 1130 70.65 46.05 -26.36
C ILE B 1130 71.32 44.75 -26.78
N GLY B 1131 72.63 44.67 -26.60
CA GLY B 1131 73.38 43.46 -26.92
C GLY B 1131 73.95 43.39 -28.32
N ILE B 1132 74.04 44.52 -29.02
CA ILE B 1132 74.53 44.52 -30.39
C ILE B 1132 75.99 44.13 -30.41
N VAL B 1133 76.35 43.21 -31.30
CA VAL B 1133 77.73 42.77 -31.48
C VAL B 1133 78.28 43.45 -32.72
N ASN B 1134 79.61 43.56 -32.77
CA ASN B 1134 80.30 44.25 -33.86
C ASN B 1134 80.92 43.21 -34.78
N ASN B 1135 80.65 43.33 -36.07
CA ASN B 1135 81.16 42.40 -37.08
C ASN B 1135 81.07 43.09 -38.44
N THR B 1136 81.28 42.31 -39.50
CA THR B 1136 81.21 42.81 -40.86
C THR B 1136 80.26 41.95 -41.68
N VAL B 1137 79.68 42.55 -42.72
CA VAL B 1137 78.74 41.89 -43.61
C VAL B 1137 79.31 41.93 -45.02
N TYR B 1138 79.41 40.76 -45.65
CA TYR B 1138 80.02 40.63 -46.98
C TYR B 1138 78.93 40.75 -48.03
N ASP B 1139 78.88 41.89 -48.71
CA ASP B 1139 77.97 42.06 -49.83
C ASP B 1139 78.52 41.35 -51.07
N PRO B 1140 77.64 40.82 -51.92
CA PRO B 1140 78.09 40.02 -53.07
C PRO B 1140 78.34 40.81 -54.35
N LEU B 1141 77.90 42.06 -54.43
CA LEU B 1141 78.06 42.82 -55.67
C LEU B 1141 79.48 43.31 -55.87
N GLN B 1142 80.16 43.70 -54.78
CA GLN B 1142 81.50 44.26 -54.89
C GLN B 1142 82.52 43.31 -55.51
N PRO B 1143 82.67 42.06 -55.05
CA PRO B 1143 83.68 41.19 -55.68
C PRO B 1143 83.39 40.91 -57.15
N GLU B 1144 82.12 40.83 -57.53
CA GLU B 1144 81.78 40.62 -58.94
C GLU B 1144 81.96 41.89 -59.76
N LEU B 1145 81.94 43.06 -59.12
CA LEU B 1145 82.11 44.31 -59.86
C LEU B 1145 83.48 44.40 -60.51
N ASP B 1146 84.52 43.98 -59.79
CA ASP B 1146 85.88 44.03 -60.32
C ASP B 1146 86.16 42.84 -61.24
N ALA C 27 -6.92 53.10 24.52
CA ALA C 27 -5.83 53.52 23.66
C ALA C 27 -5.26 52.33 22.87
N TYR C 28 -4.41 52.62 21.89
CA TYR C 28 -3.80 51.61 21.06
C TYR C 28 -2.32 51.90 20.90
N THR C 29 -1.55 50.84 20.65
CA THR C 29 -0.10 50.97 20.49
C THR C 29 0.36 49.92 19.49
N ASN C 30 1.52 50.17 18.89
CA ASN C 30 2.08 49.30 17.86
C ASN C 30 3.30 48.59 18.44
N SER C 31 3.18 47.28 18.64
CA SER C 31 4.31 46.45 19.04
C SER C 31 5.17 46.16 17.82
N PHE C 32 6.42 46.59 17.85
CA PHE C 32 7.28 46.50 16.67
C PHE C 32 7.89 45.12 16.51
N THR C 33 8.71 44.70 17.48
CA THR C 33 9.43 43.43 17.36
C THR C 33 9.50 42.63 18.65
N ARG C 34 8.87 43.08 19.73
CA ARG C 34 8.91 42.32 20.97
C ARG C 34 8.02 41.07 20.86
N GLY C 35 8.22 40.14 21.78
CA GLY C 35 7.39 38.96 21.86
C GLY C 35 7.97 37.74 21.18
N VAL C 36 9.26 37.47 21.40
CA VAL C 36 9.92 36.27 20.90
C VAL C 36 10.52 35.53 22.08
N TYR C 37 10.24 34.23 22.15
CA TYR C 37 10.63 33.41 23.28
C TYR C 37 11.28 32.12 22.79
N TYR C 38 12.19 31.57 23.60
CA TYR C 38 12.85 30.32 23.28
C TYR C 38 11.81 29.20 23.23
N PRO C 39 11.54 28.62 22.06
CA PRO C 39 10.43 27.67 21.96
C PRO C 39 10.73 26.33 22.61
N ASP C 40 11.96 25.82 22.49
CA ASP C 40 12.32 24.51 23.00
C ASP C 40 13.43 24.64 24.03
N LYS C 41 13.85 23.48 24.56
CA LYS C 41 14.94 23.42 25.52
C LYS C 41 16.26 23.01 24.89
N VAL C 42 16.30 22.88 23.57
CA VAL C 42 17.54 22.49 22.89
C VAL C 42 18.48 23.69 22.80
N PHE C 43 19.73 23.41 22.47
CA PHE C 43 20.76 24.43 22.34
C PHE C 43 21.29 24.43 20.91
N ARG C 44 21.46 25.63 20.36
CA ARG C 44 22.03 25.78 19.02
C ARG C 44 23.00 26.96 19.03
N SER C 45 23.92 26.95 18.08
CA SER C 45 24.96 27.98 18.02
C SER C 45 25.24 28.33 16.57
N SER C 46 25.11 29.62 16.24
CA SER C 46 25.43 30.15 14.92
C SER C 46 24.68 29.41 13.82
N VAL C 47 23.35 29.53 13.86
CA VAL C 47 22.49 28.85 12.89
C VAL C 47 21.22 29.67 12.69
N LEU C 48 20.66 29.58 11.49
CA LEU C 48 19.38 30.18 11.17
C LEU C 48 18.33 29.07 11.18
N HIS C 49 17.34 29.20 12.06
CA HIS C 49 16.32 28.17 12.26
C HIS C 49 14.94 28.72 11.97
N SER C 50 14.13 27.92 11.28
CA SER C 50 12.77 28.28 10.95
C SER C 50 11.80 27.52 11.85
N THR C 51 10.96 28.24 12.58
CA THR C 51 10.02 27.64 13.53
C THR C 51 8.61 28.13 13.23
N GLN C 52 7.67 27.19 13.14
CA GLN C 52 6.26 27.49 12.97
C GLN C 52 5.58 27.31 14.32
N ASP C 53 5.17 28.41 14.94
CA ASP C 53 4.67 28.35 16.31
C ASP C 53 3.85 29.61 16.57
N LEU C 54 3.27 29.67 17.77
CA LEU C 54 2.47 30.82 18.17
C LEU C 54 3.38 31.97 18.55
N PHE C 55 3.20 33.11 17.88
CA PHE C 55 4.02 34.30 18.12
C PHE C 55 3.16 35.54 18.04
N LEU C 56 3.72 36.65 18.51
CA LEU C 56 3.09 37.96 18.36
C LEU C 56 3.58 38.58 17.06
N PRO C 57 2.69 38.87 16.10
CA PRO C 57 3.14 39.38 14.81
C PRO C 57 3.85 40.71 14.93
N PHE C 58 4.81 40.93 14.04
CA PHE C 58 5.56 42.18 14.04
C PHE C 58 4.65 43.34 13.65
N PHE C 59 4.85 44.48 14.30
CA PHE C 59 4.05 45.68 14.08
C PHE C 59 2.56 45.36 14.23
N SER C 60 2.18 44.96 15.44
CA SER C 60 0.82 44.52 15.72
C SER C 60 0.13 45.48 16.68
N ASN C 61 -1.20 45.48 16.63
CA ASN C 61 -1.99 46.31 17.53
C ASN C 61 -2.03 45.69 18.92
N VAL C 62 -1.77 46.50 19.94
CA VAL C 62 -1.89 46.09 21.33
C VAL C 62 -2.68 47.18 22.08
N THR C 63 -3.58 46.75 22.95
CA THR C 63 -4.33 47.72 23.74
C THR C 63 -3.40 48.37 24.77
N TRP C 64 -3.91 49.42 25.42
CA TRP C 64 -3.13 50.14 26.43
C TRP C 64 -4.13 50.66 27.47
N PHE C 65 -4.32 49.88 28.52
CA PHE C 65 -5.27 50.24 29.56
C PHE C 65 -4.69 51.30 30.48
N HIS C 66 -5.54 51.86 31.33
CA HIS C 66 -5.15 52.88 32.29
C HIS C 66 -5.58 52.45 33.68
N ALA C 67 -4.65 52.54 34.64
CA ALA C 67 -4.93 52.17 36.02
C ALA C 67 -5.23 53.42 36.84
N ILE C 68 -6.42 53.97 36.62
CA ILE C 68 -6.90 55.17 37.29
C ILE C 68 -8.38 54.98 37.63
N HIS C 69 -8.95 55.98 38.29
CA HIS C 69 -10.36 55.94 38.66
C HIS C 69 -11.23 56.51 37.55
N ASP C 80 -8.48 50.71 35.02
CA ASP C 80 -9.58 49.78 35.23
C ASP C 80 -9.19 48.38 34.76
N ASN C 81 -9.82 47.36 35.35
CA ASN C 81 -9.50 45.96 35.06
C ASN C 81 -10.77 45.21 34.70
N PRO C 82 -11.26 45.36 33.47
CA PRO C 82 -12.43 44.58 33.04
C PRO C 82 -12.08 43.12 32.80
N VAL C 83 -13.04 42.34 32.34
CA VAL C 83 -12.78 40.94 31.98
C VAL C 83 -12.22 40.89 30.58
N LEU C 84 -11.14 40.12 30.40
CA LEU C 84 -10.48 40.05 29.10
C LEU C 84 -10.53 38.63 28.54
N PRO C 85 -10.59 38.48 27.23
CA PRO C 85 -10.47 37.15 26.62
C PRO C 85 -9.05 36.64 26.68
N PHE C 86 -8.93 35.31 26.54
CA PHE C 86 -7.63 34.65 26.55
C PHE C 86 -7.11 34.44 25.13
N ASN C 87 -7.91 33.79 24.28
CA ASN C 87 -7.62 33.63 22.86
C ASN C 87 -6.26 32.97 22.64
N ASP C 88 -6.04 31.85 23.33
CA ASP C 88 -4.88 30.99 23.12
C ASP C 88 -3.57 31.75 23.32
N GLY C 89 -3.37 32.19 24.55
CA GLY C 89 -2.13 32.84 24.93
C GLY C 89 -2.26 34.34 25.03
N VAL C 90 -1.49 34.94 25.94
CA VAL C 90 -1.50 36.38 26.15
C VAL C 90 -0.08 36.87 26.38
N TYR C 91 0.23 38.03 25.81
CA TYR C 91 1.50 38.71 26.03
C TYR C 91 1.21 39.94 26.88
N PHE C 92 1.69 39.91 28.12
CA PHE C 92 1.45 40.97 29.09
C PHE C 92 2.71 41.80 29.23
N ALA C 93 2.57 43.11 29.31
CA ALA C 93 3.73 43.97 29.52
C ALA C 93 3.34 45.13 30.41
N SER C 94 4.25 45.51 31.30
CA SER C 94 4.01 46.63 32.21
C SER C 94 5.20 47.57 32.17
N THR C 95 4.91 48.86 32.27
CA THR C 95 5.93 49.91 32.26
C THR C 95 5.64 50.90 33.38
N GLU C 96 5.47 50.37 34.59
CA GLU C 96 5.16 51.17 35.77
C GLU C 96 6.09 50.75 36.89
N LYS C 97 6.87 51.71 37.40
CA LYS C 97 7.84 51.39 38.45
C LYS C 97 7.14 51.09 39.78
N SER C 98 6.04 51.80 40.07
CA SER C 98 5.35 51.58 41.33
C SER C 98 4.81 50.16 41.41
N ASN C 99 4.88 49.58 42.61
CA ASN C 99 4.46 48.20 42.85
C ASN C 99 2.95 48.16 43.02
N ILE C 100 2.25 48.28 41.90
CA ILE C 100 0.80 48.26 41.87
C ILE C 100 0.26 46.87 41.49
N ILE C 101 0.88 46.23 40.50
CA ILE C 101 0.44 44.91 40.07
C ILE C 101 0.93 43.87 41.08
N ARG C 102 0.00 43.06 41.58
CA ARG C 102 0.32 42.03 42.56
C ARG C 102 0.21 40.63 41.99
N GLY C 103 -0.94 40.25 41.45
CA GLY C 103 -1.13 38.90 40.98
C GLY C 103 -2.01 38.79 39.75
N TRP C 104 -2.61 37.62 39.56
CA TRP C 104 -3.40 37.34 38.37
C TRP C 104 -4.45 36.30 38.71
N ILE C 105 -5.64 36.47 38.12
CA ILE C 105 -6.75 35.56 38.30
C ILE C 105 -7.10 34.98 36.93
N PHE C 106 -7.35 33.66 36.89
CA PHE C 106 -7.68 32.99 35.65
C PHE C 106 -8.89 32.11 35.88
N GLY C 107 -9.57 31.77 34.78
CA GLY C 107 -10.69 30.86 34.87
C GLY C 107 -11.61 30.98 33.68
N THR C 108 -12.44 29.96 33.49
CA THR C 108 -13.40 29.93 32.41
C THR C 108 -14.80 30.37 32.83
N THR C 109 -15.10 30.35 34.13
CA THR C 109 -16.40 30.77 34.63
C THR C 109 -16.32 31.83 35.71
N LEU C 110 -15.15 32.08 36.30
CA LEU C 110 -14.99 33.06 37.38
C LEU C 110 -15.93 32.77 38.53
N ASP C 111 -16.08 31.49 38.87
CA ASP C 111 -17.00 31.06 39.92
C ASP C 111 -16.44 29.81 40.58
N SER C 112 -16.93 29.54 41.79
CA SER C 112 -16.52 28.35 42.53
C SER C 112 -17.00 27.05 41.90
N LYS C 113 -17.92 27.12 40.94
CA LYS C 113 -18.41 25.91 40.29
C LYS C 113 -17.29 25.19 39.54
N THR C 114 -16.44 25.94 38.85
CA THR C 114 -15.37 25.38 38.04
C THR C 114 -14.02 25.86 38.56
N GLN C 115 -12.99 25.04 38.35
CA GLN C 115 -11.65 25.36 38.83
C GLN C 115 -11.16 26.66 38.21
N SER C 116 -10.53 27.50 39.05
CA SER C 116 -10.02 28.79 38.61
C SER C 116 -8.61 28.97 39.17
N LEU C 117 -7.63 29.05 38.28
CA LEU C 117 -6.24 29.24 38.69
C LEU C 117 -6.04 30.64 39.27
N LEU C 118 -5.06 30.77 40.15
CA LEU C 118 -4.78 32.05 40.80
C LEU C 118 -3.31 32.12 41.19
N ILE C 119 -2.70 33.26 40.89
CA ILE C 119 -1.28 33.51 41.15
C ILE C 119 -1.18 34.78 42.00
N VAL C 120 -0.42 34.71 43.10
CA VAL C 120 -0.26 35.85 43.99
C VAL C 120 1.22 36.02 44.33
N ASN C 121 1.70 37.26 44.22
CA ASN C 121 3.03 37.62 44.70
C ASN C 121 2.94 38.07 46.15
N ASN C 122 4.00 37.77 46.91
CA ASN C 122 4.04 38.06 48.34
C ASN C 122 5.26 38.91 48.71
N ALA C 123 5.97 39.45 47.73
CA ALA C 123 7.18 40.26 47.86
C ALA C 123 8.36 39.47 48.44
N THR C 124 8.17 38.21 48.79
CA THR C 124 9.26 37.34 49.22
C THR C 124 9.19 36.02 48.47
N ASN C 125 7.99 35.65 48.04
CA ASN C 125 7.77 34.40 47.30
C ASN C 125 6.45 34.53 46.54
N VAL C 126 6.24 33.58 45.62
CA VAL C 126 5.04 33.55 44.80
C VAL C 126 4.28 32.27 45.11
N VAL C 127 2.95 32.38 45.15
CA VAL C 127 2.08 31.26 45.46
C VAL C 127 1.12 31.05 44.31
N ILE C 128 0.99 29.80 43.87
CA ILE C 128 0.12 29.41 42.77
C ILE C 128 -0.88 28.39 43.31
N LYS C 129 -2.17 28.65 43.13
CA LYS C 129 -3.18 27.72 43.63
C LYS C 129 -4.28 27.56 42.59
N VAL C 130 -4.88 26.36 42.58
CA VAL C 130 -5.91 26.01 41.60
C VAL C 130 -7.28 25.87 42.25
N CYS C 131 -7.35 25.84 43.57
CA CYS C 131 -8.62 25.65 44.27
C CYS C 131 -9.62 26.74 43.91
N GLU C 132 -10.89 26.36 43.86
CA GLU C 132 -11.96 27.26 43.43
C GLU C 132 -12.16 28.39 44.44
N PHE C 133 -12.59 29.54 43.92
CA PHE C 133 -13.06 30.66 44.72
C PHE C 133 -14.45 31.05 44.25
N GLN C 134 -15.30 31.43 45.20
CA GLN C 134 -16.56 32.07 44.85
C GLN C 134 -16.29 33.44 44.23
N PHE C 135 -17.14 33.81 43.28
CA PHE C 135 -16.94 35.04 42.54
C PHE C 135 -16.94 36.26 43.46
N CYS C 136 -16.01 37.17 43.22
CA CYS C 136 -15.95 38.46 43.90
C CYS C 136 -16.06 39.57 42.88
N ASN C 137 -16.99 40.50 43.09
CA ASN C 137 -17.24 41.54 42.10
C ASN C 137 -16.02 42.44 41.92
N ASP C 138 -15.40 42.86 43.01
CA ASP C 138 -14.23 43.75 42.95
C ASP C 138 -13.06 43.12 43.68
N PRO C 139 -12.02 42.66 42.98
CA PRO C 139 -10.85 42.11 43.67
C PRO C 139 -10.20 43.16 44.56
N PHE C 140 -9.72 42.70 45.72
CA PHE C 140 -9.09 43.58 46.70
C PHE C 140 -7.84 42.91 47.25
N LEU C 141 -7.13 43.64 48.12
CA LEU C 141 -5.96 43.09 48.79
C LEU C 141 -5.76 43.86 50.08
N GLY C 142 -5.31 43.15 51.12
CA GLY C 142 -5.08 43.76 52.41
C GLY C 142 -4.10 43.00 53.27
N VAL C 143 -3.26 43.70 53.99
CA VAL C 143 -2.26 43.07 54.87
C VAL C 143 -2.43 43.57 56.30
N VAL C 159 -11.74 38.44 47.58
CA VAL C 159 -11.02 37.35 46.93
C VAL C 159 -10.83 36.19 47.90
N TYR C 160 -11.47 36.28 49.05
CA TYR C 160 -11.40 35.25 50.09
C TYR C 160 -12.83 34.83 50.42
N SER C 161 -13.36 33.87 49.65
CA SER C 161 -14.75 33.46 49.82
C SER C 161 -14.99 31.96 49.81
N SER C 162 -14.04 31.14 49.35
CA SER C 162 -14.25 29.70 49.31
C SER C 162 -12.91 28.98 49.16
N ALA C 163 -12.79 27.82 49.80
CA ALA C 163 -11.60 26.99 49.70
C ALA C 163 -12.00 25.52 49.55
N ASN C 164 -12.96 25.25 48.69
CA ASN C 164 -13.51 23.90 48.54
C ASN C 164 -12.86 23.18 47.37
N ASN C 165 -12.56 21.89 47.58
CA ASN C 165 -12.06 20.99 46.54
C ASN C 165 -10.76 21.51 45.91
N CYS C 166 -9.72 21.59 46.73
CA CYS C 166 -8.40 21.98 46.27
C CYS C 166 -7.61 20.75 45.83
N THR C 167 -7.00 20.83 44.65
CA THR C 167 -6.29 19.70 44.08
C THR C 167 -4.83 20.00 43.70
N PHE C 168 -4.36 21.23 43.92
CA PHE C 168 -3.00 21.56 43.53
C PHE C 168 -2.52 22.76 44.36
N GLU C 169 -1.20 22.88 44.46
CA GLU C 169 -0.56 24.02 45.11
C GLU C 169 0.86 24.12 44.61
N TYR C 170 1.42 25.32 44.72
CA TYR C 170 2.80 25.54 44.31
C TYR C 170 3.34 26.77 45.03
N VAL C 171 4.58 26.66 45.50
CA VAL C 171 5.28 27.78 46.14
C VAL C 171 6.63 27.93 45.44
N SER C 172 6.95 29.16 45.05
CA SER C 172 8.20 29.43 44.35
C SER C 172 8.67 30.83 44.74
N GLN C 173 9.63 31.36 43.97
CA GLN C 173 10.17 32.69 44.23
C GLN C 173 9.73 33.67 43.15
N PHE C 186 15.65 54.70 33.69
CA PHE C 186 14.93 53.58 33.10
C PHE C 186 14.53 52.57 34.17
N LYS C 187 13.26 52.18 34.17
CA LYS C 187 12.72 51.26 35.16
C LYS C 187 12.53 49.87 34.55
N ASN C 188 12.11 48.93 35.38
CA ASN C 188 11.92 47.55 34.94
C ASN C 188 10.63 47.39 34.15
N LEU C 189 10.65 46.44 33.22
CA LEU C 189 9.49 46.08 32.42
C LEU C 189 9.29 44.58 32.52
N ARG C 190 8.42 44.15 33.43
CA ARG C 190 8.19 42.73 33.67
C ARG C 190 7.32 42.19 32.55
N GLU C 191 7.95 41.80 31.46
CA GLU C 191 7.24 41.19 30.34
C GLU C 191 6.95 39.73 30.63
N PHE C 192 5.73 39.31 30.30
CA PHE C 192 5.29 37.94 30.54
C PHE C 192 4.56 37.41 29.30
N VAL C 193 4.62 36.10 29.13
CA VAL C 193 3.84 35.40 28.12
C VAL C 193 3.20 34.20 28.79
N PHE C 194 1.87 34.13 28.75
CA PHE C 194 1.11 33.03 29.32
C PHE C 194 0.53 32.19 28.19
N LYS C 195 0.74 30.88 28.26
CA LYS C 195 0.26 29.97 27.23
C LYS C 195 -0.27 28.71 27.88
N ASN C 196 -1.13 27.99 27.17
CA ASN C 196 -1.68 26.73 27.65
C ASN C 196 -1.81 25.78 26.46
N ILE C 197 -1.00 24.72 26.46
CA ILE C 197 -1.00 23.75 25.36
C ILE C 197 -1.00 22.35 25.95
N ASP C 198 -1.90 21.50 25.45
CA ASP C 198 -2.04 20.08 25.85
C ASP C 198 -1.98 19.90 27.37
N GLY C 199 -2.70 20.76 28.09
CA GLY C 199 -2.81 20.64 29.52
C GLY C 199 -1.65 21.20 30.32
N TYR C 200 -0.63 21.74 29.66
CA TYR C 200 0.50 22.36 30.32
C TYR C 200 0.38 23.87 30.21
N PHE C 201 0.53 24.56 31.34
CA PHE C 201 0.42 26.00 31.42
C PHE C 201 1.82 26.57 31.59
N LYS C 202 2.23 27.42 30.65
CA LYS C 202 3.60 27.90 30.54
C LYS C 202 3.64 29.40 30.78
N ILE C 203 4.62 29.84 31.58
CA ILE C 203 4.88 31.25 31.84
C ILE C 203 6.30 31.54 31.40
N TYR C 204 6.46 32.53 30.53
CA TYR C 204 7.78 33.03 30.15
C TYR C 204 7.91 34.46 30.67
N SER C 205 9.09 34.81 31.17
CA SER C 205 9.29 36.10 31.82
C SER C 205 10.56 36.78 31.32
N LYS C 206 10.56 38.10 31.44
CA LYS C 206 11.75 38.90 31.19
C LYS C 206 11.64 40.18 32.01
N HIS C 207 12.79 40.70 32.44
CA HIS C 207 12.83 41.76 33.44
C HIS C 207 13.30 43.10 32.88
N THR C 208 14.49 43.14 32.27
CA THR C 208 15.09 44.40 31.84
C THR C 208 15.24 44.45 30.32
N PRO C 209 14.41 45.22 29.61
CA PRO C 209 14.58 45.34 28.16
C PRO C 209 15.51 46.48 27.77
N ILE C 210 15.66 46.72 26.47
CA ILE C 210 16.50 47.79 25.95
C ILE C 210 15.64 49.04 25.76
N ASN C 211 16.11 50.17 26.28
CA ASN C 211 15.36 51.41 26.28
C ASN C 211 15.90 52.36 25.21
N LEU C 212 15.01 52.79 24.30
CA LEU C 212 15.31 53.87 23.38
C LEU C 212 14.66 55.18 23.84
N VAL C 213 13.34 55.19 23.97
CA VAL C 213 12.59 56.31 24.53
C VAL C 213 11.57 55.77 25.51
N ARG C 214 11.09 56.65 26.38
CA ARG C 214 10.08 56.26 27.36
C ARG C 214 8.70 56.22 26.71
N ASP C 215 7.78 55.52 27.38
CA ASP C 215 6.38 55.33 27.00
C ASP C 215 6.22 54.51 25.73
N LEU C 216 7.31 54.02 25.12
CA LEU C 216 7.23 53.20 23.92
C LEU C 216 8.32 52.15 23.99
N PRO C 217 7.98 50.86 23.84
CA PRO C 217 8.97 49.78 23.98
C PRO C 217 9.74 49.44 22.70
N GLN C 218 10.74 50.26 22.39
CA GLN C 218 11.62 49.98 21.26
C GLN C 218 12.69 48.97 21.66
N GLY C 219 13.52 48.59 20.70
CA GLY C 219 14.58 47.63 20.95
C GLY C 219 14.13 46.20 20.74
N PHE C 220 15.04 45.28 21.03
CA PHE C 220 14.80 43.86 20.85
C PHE C 220 15.14 43.10 22.13
N SER C 221 14.37 42.06 22.40
CA SER C 221 14.59 41.23 23.59
C SER C 221 13.97 39.86 23.37
N ALA C 222 14.58 38.85 23.98
CA ALA C 222 14.10 37.48 23.89
C ALA C 222 13.65 37.02 25.28
N LEU C 223 12.66 36.13 25.30
CA LEU C 223 12.03 35.67 26.53
C LEU C 223 12.46 34.25 26.84
N GLU C 224 12.67 33.96 28.12
CA GLU C 224 13.15 32.68 28.62
C GLU C 224 12.07 31.98 29.44
N PRO C 225 12.03 30.64 29.43
CA PRO C 225 10.98 29.91 30.16
C PRO C 225 11.26 29.91 31.66
N LEU C 226 10.25 30.27 32.45
CA LEU C 226 10.39 30.41 33.89
C LEU C 226 9.90 29.16 34.64
N VAL C 227 8.64 28.79 34.46
CA VAL C 227 8.04 27.66 35.16
C VAL C 227 7.14 26.91 34.18
N ASP C 228 6.52 25.84 34.68
CA ASP C 228 5.59 25.03 33.90
C ASP C 228 4.66 24.33 34.88
N LEU C 229 3.37 24.31 34.56
CA LEU C 229 2.37 23.77 35.47
C LEU C 229 1.56 22.68 34.76
N PRO C 230 1.59 21.44 35.23
CA PRO C 230 0.70 20.39 34.68
C PRO C 230 -0.65 20.36 35.38
N ILE C 231 -1.51 21.33 35.05
CA ILE C 231 -2.78 21.49 35.73
C ILE C 231 -3.88 20.76 34.96
N GLY C 232 -4.10 21.15 33.71
CA GLY C 232 -5.13 20.54 32.90
C GLY C 232 -6.51 21.15 33.13
N ILE C 233 -6.62 22.47 32.92
CA ILE C 233 -7.89 23.17 33.09
C ILE C 233 -8.37 23.67 31.74
N ASN C 234 -9.53 24.31 31.72
CA ASN C 234 -10.16 24.71 30.47
C ASN C 234 -10.22 26.24 30.40
N ILE C 235 -9.08 26.87 30.67
CA ILE C 235 -9.01 28.32 30.82
C ILE C 235 -9.62 29.04 29.63
N THR C 236 -10.37 30.11 29.92
CA THR C 236 -10.99 30.93 28.88
C THR C 236 -10.83 32.43 29.11
N ARG C 237 -10.67 32.90 30.35
CA ARG C 237 -10.63 34.32 30.64
C ARG C 237 -9.71 34.58 31.82
N PHE C 238 -9.30 35.84 31.97
CA PHE C 238 -8.35 36.21 33.02
C PHE C 238 -8.58 37.66 33.42
N GLN C 239 -7.87 38.07 34.47
CA GLN C 239 -7.97 39.41 35.02
C GLN C 239 -6.74 39.68 35.87
N THR C 240 -6.43 40.97 36.05
CA THR C 240 -5.29 41.39 36.84
C THR C 240 -5.75 41.86 38.23
N LEU C 241 -4.80 42.32 39.03
CA LEU C 241 -5.07 42.81 40.37
C LEU C 241 -4.43 44.18 40.56
N LEU C 242 -5.13 45.06 41.28
CA LEU C 242 -4.69 46.43 41.52
C LEU C 242 -4.42 46.63 43.00
N ALA C 243 -3.37 47.40 43.31
CA ALA C 243 -2.98 47.68 44.69
C ALA C 243 -3.74 48.90 45.18
N LEU C 244 -4.90 48.65 45.80
CA LEU C 244 -5.71 49.72 46.34
C LEU C 244 -5.25 50.09 47.75
N HIS C 245 -5.85 51.15 48.29
CA HIS C 245 -5.53 51.61 49.63
C HIS C 245 -6.76 52.15 50.34
N ALA C 264 -1.27 51.05 33.89
CA ALA C 264 -0.98 50.90 32.47
C ALA C 264 -0.28 49.58 32.19
N TYR C 265 -0.91 48.74 31.36
CA TYR C 265 -0.34 47.45 31.02
C TYR C 265 -0.84 47.02 29.65
N TYR C 266 0.08 46.78 28.73
CA TYR C 266 -0.27 46.35 27.38
C TYR C 266 -0.57 44.86 27.34
N VAL C 267 -1.59 44.49 26.57
CA VAL C 267 -2.08 43.12 26.47
C VAL C 267 -2.22 42.77 25.00
N GLY C 268 -1.29 41.99 24.48
CA GLY C 268 -1.37 41.53 23.10
C GLY C 268 -1.71 40.06 22.99
N TYR C 269 -2.17 39.62 21.82
CA TYR C 269 -2.53 38.23 21.59
C TYR C 269 -1.54 37.59 20.63
N LEU C 270 -1.70 36.28 20.44
CA LEU C 270 -0.76 35.49 19.66
C LEU C 270 -1.49 34.82 18.49
N GLN C 271 -0.76 34.64 17.40
CA GLN C 271 -1.24 33.96 16.21
C GLN C 271 -0.24 32.90 15.78
N PRO C 272 -0.69 31.85 15.09
CA PRO C 272 0.23 30.78 14.63
C PRO C 272 1.06 31.18 13.41
N ARG C 273 2.17 31.86 13.69
CA ARG C 273 3.00 32.40 12.62
C ARG C 273 4.21 31.50 12.38
N THR C 274 5.05 31.93 11.44
CA THR C 274 6.31 31.26 11.13
C THR C 274 7.43 32.29 11.20
N PHE C 275 8.49 31.95 11.93
CA PHE C 275 9.57 32.88 12.20
C PHE C 275 10.91 32.27 11.79
N LEU C 276 11.87 33.12 11.49
CA LEU C 276 13.25 32.72 11.24
C LEU C 276 14.14 33.42 12.27
N LEU C 277 14.88 32.63 13.04
CA LEU C 277 15.67 33.13 14.15
C LEU C 277 17.14 32.85 13.91
N LYS C 278 17.99 33.79 14.30
CA LYS C 278 19.44 33.65 14.19
C LYS C 278 19.99 33.43 15.60
N TYR C 279 20.58 32.25 15.82
CA TYR C 279 21.12 31.91 17.13
C TYR C 279 22.55 32.42 17.24
N ASN C 280 22.86 33.03 18.39
CA ASN C 280 24.20 33.53 18.65
C ASN C 280 25.17 32.37 18.84
N GLU C 281 26.47 32.68 18.87
CA GLU C 281 27.44 31.62 19.14
C GLU C 281 27.36 31.15 20.59
N ASN C 282 26.83 31.98 21.49
CA ASN C 282 26.62 31.59 22.87
C ASN C 282 25.30 30.86 23.08
N GLY C 283 24.42 30.84 22.07
CA GLY C 283 23.13 30.20 22.18
C GLY C 283 21.96 31.15 22.30
N THR C 284 22.20 32.43 22.56
CA THR C 284 21.13 33.39 22.69
C THR C 284 20.56 33.77 21.32
N ILE C 285 19.41 34.44 21.34
CA ILE C 285 18.74 34.89 20.13
C ILE C 285 19.02 36.38 19.95
N THR C 286 19.50 36.74 18.76
CA THR C 286 19.85 38.12 18.46
C THR C 286 18.95 38.75 17.41
N ASP C 287 18.63 38.03 16.33
CA ASP C 287 17.81 38.56 15.25
C ASP C 287 16.67 37.61 14.93
N ALA C 288 15.50 38.18 14.65
CA ALA C 288 14.33 37.42 14.27
C ALA C 288 13.63 38.13 13.13
N VAL C 289 13.03 37.35 12.23
CA VAL C 289 12.31 37.90 11.09
C VAL C 289 11.05 37.08 10.85
N ASP C 290 9.99 37.75 10.41
CA ASP C 290 8.75 37.09 10.06
C ASP C 290 8.87 36.41 8.70
N CYS C 291 7.96 35.47 8.44
CA CYS C 291 7.93 34.77 7.15
C CYS C 291 6.84 35.28 6.23
N ALA C 292 5.77 35.88 6.76
CA ALA C 292 4.73 36.50 5.93
C ALA C 292 4.40 37.86 6.53
N LEU C 293 5.17 38.86 6.15
CA LEU C 293 4.91 40.26 6.49
C LEU C 293 4.96 41.17 5.28
N ASP C 294 5.87 40.91 4.35
CA ASP C 294 6.08 41.74 3.17
C ASP C 294 6.96 40.95 2.20
N PRO C 295 6.99 41.35 0.92
CA PRO C 295 7.75 40.55 -0.07
C PRO C 295 9.21 40.36 0.30
N LEU C 296 9.88 41.38 0.86
CA LEU C 296 11.29 41.22 1.23
C LEU C 296 11.46 40.19 2.34
N SER C 297 10.60 40.24 3.36
CA SER C 297 10.68 39.26 4.44
C SER C 297 10.38 37.86 3.94
N GLU C 298 9.41 37.74 3.04
CA GLU C 298 9.10 36.43 2.45
C GLU C 298 10.28 35.90 1.64
N THR C 299 10.95 36.79 0.90
CA THR C 299 12.14 36.38 0.16
C THR C 299 13.24 35.89 1.10
N LYS C 300 13.45 36.62 2.20
CA LYS C 300 14.45 36.19 3.17
C LYS C 300 14.09 34.83 3.78
N CYS C 301 12.81 34.63 4.09
CA CYS C 301 12.37 33.36 4.66
C CYS C 301 12.57 32.22 3.68
N THR C 302 12.24 32.44 2.40
CA THR C 302 12.36 31.37 1.41
C THR C 302 13.82 31.06 1.10
N LEU C 303 14.67 32.09 1.01
CA LEU C 303 16.08 31.89 0.69
C LEU C 303 16.87 31.31 1.86
N LYS C 304 16.30 31.31 3.07
CA LYS C 304 16.96 30.81 4.27
C LYS C 304 18.28 31.54 4.52
N SER C 305 18.31 32.83 4.22
CA SER C 305 19.48 33.66 4.45
C SER C 305 19.03 34.97 5.08
N PHE C 306 19.95 35.60 5.82
CA PHE C 306 19.62 36.84 6.50
C PHE C 306 19.85 38.07 5.63
N THR C 307 20.59 37.94 4.54
CA THR C 307 20.79 39.01 3.57
C THR C 307 20.63 38.45 2.16
N VAL C 308 20.11 39.29 1.27
CA VAL C 308 19.82 38.89 -0.11
C VAL C 308 20.57 39.82 -1.05
N GLU C 309 21.12 39.25 -2.12
CA GLU C 309 21.84 40.01 -3.13
C GLU C 309 20.89 40.45 -4.23
N LYS C 310 21.38 41.36 -5.08
CA LYS C 310 20.57 41.90 -6.17
C LYS C 310 20.20 40.81 -7.16
N GLY C 311 18.93 40.82 -7.59
CA GLY C 311 18.48 39.86 -8.57
C GLY C 311 16.97 39.75 -8.56
N ILE C 312 16.48 38.60 -9.05
CA ILE C 312 15.07 38.27 -9.09
C ILE C 312 14.90 36.87 -8.52
N TYR C 313 13.92 36.70 -7.63
CA TYR C 313 13.71 35.44 -6.94
C TYR C 313 12.26 35.02 -7.05
N GLN C 314 12.04 33.71 -7.13
CA GLN C 314 10.70 33.13 -7.17
C GLN C 314 10.34 32.65 -5.77
N THR C 315 9.27 33.21 -5.19
CA THR C 315 8.88 32.91 -3.83
C THR C 315 7.71 31.93 -3.76
N SER C 316 6.58 32.27 -4.38
CA SER C 316 5.37 31.47 -4.23
C SER C 316 4.55 31.58 -5.50
N ASN C 317 3.28 31.20 -5.43
CA ASN C 317 2.36 31.28 -6.55
C ASN C 317 0.97 31.57 -6.01
N PHE C 318 0.03 31.80 -6.92
CA PHE C 318 -1.33 32.12 -6.51
C PHE C 318 -2.31 31.64 -7.59
N ARG C 319 -3.57 31.50 -7.17
CA ARG C 319 -4.65 31.11 -8.05
C ARG C 319 -5.92 31.83 -7.61
N VAL C 320 -6.85 32.00 -8.54
CA VAL C 320 -8.09 32.71 -8.28
C VAL C 320 -9.14 31.72 -7.78
N GLN C 321 -9.73 32.01 -6.63
CA GLN C 321 -10.71 31.14 -6.00
C GLN C 321 -12.08 31.29 -6.68
N PRO C 322 -12.90 30.24 -6.64
CA PRO C 322 -14.25 30.36 -7.18
C PRO C 322 -15.13 31.26 -6.31
N THR C 323 -16.25 31.68 -6.89
CA THR C 323 -17.16 32.62 -6.24
C THR C 323 -18.47 31.97 -5.83
N GLU C 324 -19.18 31.33 -6.76
CA GLU C 324 -20.47 30.73 -6.46
C GLU C 324 -20.56 29.40 -7.21
N SER C 325 -21.76 28.81 -7.22
CA SER C 325 -22.02 27.57 -7.93
C SER C 325 -23.30 27.69 -8.72
N ILE C 326 -23.32 27.08 -9.91
CA ILE C 326 -24.49 27.07 -10.78
C ILE C 326 -24.74 25.66 -11.27
N VAL C 327 -25.98 25.42 -11.71
CA VAL C 327 -26.37 24.11 -12.24
C VAL C 327 -27.51 24.33 -13.23
N ARG C 328 -27.49 23.57 -14.33
CA ARG C 328 -28.48 23.69 -15.38
C ARG C 328 -29.01 22.31 -15.74
N PHE C 329 -30.26 22.27 -16.18
CA PHE C 329 -30.93 21.02 -16.54
C PHE C 329 -32.01 21.34 -17.56
N PRO C 330 -32.39 20.36 -18.38
CA PRO C 330 -33.40 20.62 -19.42
C PRO C 330 -34.75 20.99 -18.82
N ASN C 331 -35.66 21.42 -19.71
CA ASN C 331 -36.97 21.89 -19.28
C ASN C 331 -37.82 20.77 -18.66
N ILE C 332 -37.49 19.51 -18.95
CA ILE C 332 -38.21 18.31 -18.51
C ILE C 332 -39.71 18.56 -18.40
N THR C 333 -40.34 18.95 -19.51
CA THR C 333 -41.77 19.24 -19.55
C THR C 333 -42.49 18.03 -20.13
N ASN C 334 -42.85 17.10 -19.25
CA ASN C 334 -43.54 15.86 -19.62
C ASN C 334 -44.69 15.59 -18.66
N LEU C 335 -45.52 16.60 -18.44
CA LEU C 335 -46.62 16.49 -17.49
C LEU C 335 -47.53 15.32 -17.84
N CYS C 336 -47.92 14.57 -16.82
CA CYS C 336 -48.68 13.33 -16.97
C CYS C 336 -49.95 13.38 -16.12
N PRO C 337 -50.89 12.43 -16.34
CA PRO C 337 -52.23 12.57 -15.75
C PRO C 337 -52.31 12.55 -14.22
N PHE C 338 -51.19 12.60 -13.51
CA PHE C 338 -51.25 12.69 -12.06
C PHE C 338 -52.12 13.85 -11.59
N GLY C 339 -52.11 14.97 -12.32
CA GLY C 339 -52.93 16.11 -11.95
C GLY C 339 -54.41 15.96 -12.27
N GLU C 340 -54.79 14.91 -13.00
CA GLU C 340 -56.17 14.69 -13.40
C GLU C 340 -56.86 13.60 -12.59
N VAL C 341 -56.16 12.49 -12.30
CA VAL C 341 -56.78 11.38 -11.60
C VAL C 341 -57.24 11.79 -10.21
N PHE C 342 -56.48 12.66 -9.53
CA PHE C 342 -56.90 13.15 -8.23
C PHE C 342 -58.04 14.16 -8.33
N ASN C 343 -58.26 14.75 -9.50
CA ASN C 343 -59.34 15.72 -9.70
C ASN C 343 -60.52 15.12 -10.46
N ALA C 344 -60.54 13.80 -10.64
CA ALA C 344 -61.63 13.16 -11.35
C ALA C 344 -62.83 12.99 -10.41
N THR C 345 -63.96 13.61 -10.78
CA THR C 345 -65.15 13.52 -9.95
C THR C 345 -65.68 12.10 -9.87
N ARG C 346 -65.67 11.39 -11.00
CA ARG C 346 -66.21 10.03 -11.07
C ARG C 346 -65.09 9.03 -10.85
N PHE C 347 -65.23 8.19 -9.83
CA PHE C 347 -64.30 7.12 -9.52
C PHE C 347 -65.00 5.77 -9.68
N ALA C 348 -64.28 4.71 -9.35
CA ALA C 348 -64.78 3.36 -9.44
C ALA C 348 -65.24 2.87 -8.07
N SER C 349 -65.80 1.66 -8.05
CA SER C 349 -66.29 1.09 -6.80
C SER C 349 -65.13 0.60 -5.94
N VAL C 350 -65.42 0.35 -4.67
CA VAL C 350 -64.39 -0.10 -3.74
C VAL C 350 -63.92 -1.51 -4.09
N TYR C 351 -64.84 -2.41 -4.43
CA TYR C 351 -64.45 -3.76 -4.80
C TYR C 351 -63.84 -3.79 -6.19
N ALA C 352 -64.42 -3.06 -7.13
CA ALA C 352 -63.87 -2.94 -8.48
C ALA C 352 -63.05 -1.64 -8.57
N TRP C 353 -61.95 -1.63 -7.82
CA TRP C 353 -61.09 -0.46 -7.75
C TRP C 353 -60.47 -0.14 -9.11
N ASN C 354 -60.31 1.15 -9.38
CA ASN C 354 -59.73 1.59 -10.64
C ASN C 354 -58.21 1.55 -10.55
N ARG C 355 -57.59 0.85 -11.51
CA ARG C 355 -56.15 0.68 -11.56
C ARG C 355 -55.58 1.49 -12.72
N LYS C 356 -54.53 2.27 -12.43
CA LYS C 356 -53.89 3.09 -13.45
C LYS C 356 -52.38 2.87 -13.39
N ARG C 357 -51.76 2.75 -14.55
CA ARG C 357 -50.32 2.60 -14.67
C ARG C 357 -49.74 3.83 -15.37
N ILE C 358 -48.73 4.45 -14.74
CA ILE C 358 -48.10 5.64 -15.28
C ILE C 358 -46.60 5.39 -15.38
N SER C 359 -46.02 5.72 -16.54
CA SER C 359 -44.59 5.60 -16.76
C SER C 359 -44.15 6.67 -17.75
N ASN C 360 -42.86 6.98 -17.72
CA ASN C 360 -42.23 7.96 -18.61
C ASN C 360 -42.86 9.35 -18.48
N CYS C 361 -42.78 9.91 -17.27
CA CYS C 361 -43.17 11.29 -17.05
C CYS C 361 -42.47 11.79 -15.79
N VAL C 362 -42.50 13.12 -15.62
CA VAL C 362 -41.99 13.76 -14.41
C VAL C 362 -43.11 14.61 -13.84
N ALA C 363 -43.58 14.25 -12.64
CA ALA C 363 -44.65 14.98 -11.96
C ALA C 363 -44.19 15.34 -10.55
N ASP C 364 -44.38 16.61 -10.19
CA ASP C 364 -43.98 17.06 -8.87
C ASP C 364 -44.85 16.42 -7.80
N TYR C 365 -44.21 15.99 -6.71
CA TYR C 365 -44.91 15.35 -5.61
C TYR C 365 -45.10 16.28 -4.41
N SER C 366 -44.35 17.38 -4.34
CA SER C 366 -44.52 18.33 -3.24
C SER C 366 -45.88 18.99 -3.28
N VAL C 367 -46.36 19.34 -4.47
CA VAL C 367 -47.65 20.01 -4.60
C VAL C 367 -48.80 19.10 -4.19
N LEU C 368 -48.59 17.79 -4.14
CA LEU C 368 -49.64 16.88 -3.72
C LEU C 368 -50.03 17.14 -2.27
N TYR C 369 -49.04 17.21 -1.37
CA TYR C 369 -49.31 17.50 0.03
C TYR C 369 -49.25 18.99 0.36
N ASN C 370 -48.83 19.83 -0.59
CA ASN C 370 -48.87 21.27 -0.35
C ASN C 370 -50.30 21.76 -0.18
N SER C 371 -51.22 21.25 -1.00
CA SER C 371 -52.63 21.62 -0.88
C SER C 371 -53.23 21.05 0.40
N ALA C 372 -54.04 21.86 1.07
CA ALA C 372 -54.70 21.46 2.31
C ALA C 372 -56.04 20.79 2.08
N SER C 373 -56.48 20.66 0.83
CA SER C 373 -57.76 20.04 0.53
C SER C 373 -57.77 18.54 0.77
N PHE C 374 -56.61 17.93 1.00
CA PHE C 374 -56.50 16.49 1.25
C PHE C 374 -56.77 16.23 2.72
N SER C 375 -57.78 15.41 3.01
CA SER C 375 -58.13 15.11 4.40
C SER C 375 -56.99 14.40 5.11
N THR C 376 -56.37 13.42 4.46
CA THR C 376 -55.21 12.75 5.02
C THR C 376 -54.29 12.29 3.90
N PHE C 377 -52.99 12.38 4.16
CA PHE C 377 -51.94 12.01 3.20
C PHE C 377 -50.82 11.36 4.00
N LYS C 378 -50.76 10.04 3.98
CA LYS C 378 -49.83 9.30 4.82
C LYS C 378 -49.03 8.34 3.97
N CYS C 379 -47.71 8.51 3.96
CA CYS C 379 -46.81 7.62 3.23
C CYS C 379 -46.09 6.73 4.24
N TYR C 380 -46.12 5.42 4.00
CA TYR C 380 -45.59 4.46 4.95
C TYR C 380 -44.12 4.15 4.69
N GLY C 381 -43.78 3.73 3.48
CA GLY C 381 -42.44 3.34 3.15
C GLY C 381 -41.48 4.44 2.80
N VAL C 382 -41.92 5.70 2.82
CA VAL C 382 -41.09 6.83 2.45
C VAL C 382 -41.57 8.07 3.19
N SER C 383 -40.62 8.90 3.62
CA SER C 383 -40.99 10.17 4.23
C SER C 383 -41.59 11.09 3.16
N PRO C 384 -42.62 11.88 3.51
CA PRO C 384 -43.30 12.68 2.48
C PRO C 384 -42.42 13.70 1.79
N THR C 385 -41.34 14.15 2.44
CA THR C 385 -40.49 15.19 1.88
C THR C 385 -39.32 14.64 1.06
N LYS C 386 -39.24 13.31 0.89
CA LYS C 386 -38.15 12.70 0.16
C LYS C 386 -38.60 12.12 -1.18
N LEU C 387 -39.89 12.21 -1.51
CA LEU C 387 -40.38 11.66 -2.77
C LEU C 387 -39.69 12.27 -3.97
N ASN C 388 -39.48 13.59 -3.95
CA ASN C 388 -38.82 14.25 -5.07
C ASN C 388 -37.37 13.81 -5.22
N ASP C 389 -36.70 13.51 -4.10
CA ASP C 389 -35.28 13.17 -4.16
C ASP C 389 -35.06 11.79 -4.78
N LEU C 390 -35.81 10.80 -4.35
CA LEU C 390 -35.66 9.44 -4.86
C LEU C 390 -36.27 9.31 -6.25
N CYS C 391 -35.82 8.29 -6.98
CA CYS C 391 -36.28 8.07 -8.34
C CYS C 391 -36.87 6.67 -8.47
N PHE C 392 -38.00 6.58 -9.18
CA PHE C 392 -38.80 5.35 -9.20
C PHE C 392 -39.08 4.88 -10.62
N THR C 393 -39.95 3.88 -10.76
CA THR C 393 -40.33 3.36 -12.06
C THR C 393 -41.69 2.69 -11.96
N ASN C 394 -42.53 2.87 -13.00
CA ASN C 394 -43.80 2.18 -13.16
C ASN C 394 -44.74 2.43 -11.98
N VAL C 395 -45.18 3.69 -11.88
CA VAL C 395 -46.10 4.06 -10.80
C VAL C 395 -47.45 3.42 -11.04
N TYR C 396 -48.07 2.95 -9.96
CA TYR C 396 -49.39 2.36 -9.97
C TYR C 396 -50.30 3.13 -9.03
N ALA C 397 -51.54 3.35 -9.47
CA ALA C 397 -52.53 4.07 -8.66
C ALA C 397 -53.79 3.23 -8.56
N ASP C 398 -54.29 3.05 -7.34
CA ASP C 398 -55.54 2.34 -7.09
C ASP C 398 -56.51 3.33 -6.46
N SER C 399 -57.59 3.65 -7.17
CA SER C 399 -58.53 4.67 -6.76
C SER C 399 -59.90 4.05 -6.53
N PHE C 400 -60.55 4.46 -5.44
CA PHE C 400 -61.91 4.01 -5.16
C PHE C 400 -62.57 4.97 -4.18
N VAL C 401 -63.79 4.64 -3.79
CA VAL C 401 -64.58 5.43 -2.84
C VAL C 401 -65.01 4.51 -1.71
N ILE C 402 -64.79 4.96 -0.48
CA ILE C 402 -65.15 4.19 0.70
C ILE C 402 -65.97 5.06 1.64
N ARG C 403 -66.31 4.50 2.81
CA ARG C 403 -67.05 5.23 3.83
C ARG C 403 -66.11 6.14 4.60
N GLY C 404 -66.70 7.09 5.33
CA GLY C 404 -65.91 8.09 6.03
C GLY C 404 -65.05 7.51 7.14
N ASP C 405 -65.60 6.57 7.90
CA ASP C 405 -64.92 6.01 9.07
C ASP C 405 -64.15 4.73 8.75
N GLU C 406 -63.67 4.57 7.52
CA GLU C 406 -62.96 3.36 7.13
C GLU C 406 -61.56 3.64 6.57
N VAL C 407 -61.08 4.89 6.67
CA VAL C 407 -59.76 5.21 6.15
C VAL C 407 -58.69 4.44 6.92
N ARG C 408 -58.89 4.22 8.21
CA ARG C 408 -57.96 3.40 8.99
C ARG C 408 -57.95 1.95 8.53
N GLN C 409 -59.03 1.49 7.90
CA GLN C 409 -59.09 0.10 7.46
C GLN C 409 -58.09 -0.19 6.35
N ILE C 410 -57.82 0.78 5.49
CA ILE C 410 -56.90 0.58 4.37
C ILE C 410 -55.47 0.75 4.87
N ALA C 411 -54.87 -0.35 5.34
CA ALA C 411 -53.50 -0.35 5.84
C ALA C 411 -53.00 -1.78 5.88
N PRO C 412 -51.71 -2.01 5.62
CA PRO C 412 -51.19 -3.38 5.59
C PRO C 412 -51.13 -3.98 6.99
N GLY C 413 -51.90 -5.04 7.20
CA GLY C 413 -51.88 -5.76 8.47
C GLY C 413 -52.91 -5.28 9.47
N GLN C 414 -54.06 -4.84 8.98
CA GLN C 414 -55.15 -4.39 9.84
C GLN C 414 -56.46 -5.03 9.37
N THR C 415 -57.36 -5.20 10.32
CA THR C 415 -58.65 -5.84 10.05
C THR C 415 -59.61 -4.83 9.44
N GLY C 416 -60.87 -5.24 9.27
CA GLY C 416 -61.88 -4.39 8.68
C GLY C 416 -62.60 -5.11 7.56
N LYS C 417 -63.88 -4.77 7.38
CA LYS C 417 -64.69 -5.44 6.36
C LYS C 417 -64.14 -5.18 4.96
N ILE C 418 -63.82 -3.91 4.67
CA ILE C 418 -63.18 -3.58 3.40
C ILE C 418 -61.77 -4.13 3.35
N ALA C 419 -61.06 -4.09 4.49
CA ALA C 419 -59.70 -4.60 4.55
C ALA C 419 -59.63 -6.11 4.38
N ASP C 420 -60.76 -6.81 4.48
CA ASP C 420 -60.80 -8.26 4.35
C ASP C 420 -61.43 -8.73 3.06
N TYR C 421 -62.63 -8.25 2.73
CA TYR C 421 -63.39 -8.76 1.61
C TYR C 421 -63.41 -7.82 0.41
N ASN C 422 -62.84 -6.62 0.53
CA ASN C 422 -62.89 -5.66 -0.57
C ASN C 422 -61.53 -5.22 -1.06
N TYR C 423 -60.57 -4.96 -0.16
CA TYR C 423 -59.25 -4.50 -0.57
C TYR C 423 -58.28 -4.74 0.57
N LYS C 424 -57.29 -5.60 0.35
CA LYS C 424 -56.26 -5.89 1.33
C LYS C 424 -54.89 -5.65 0.71
N LEU C 425 -54.05 -4.89 1.42
CA LEU C 425 -52.71 -4.52 0.96
C LEU C 425 -51.67 -5.54 1.42
N PRO C 426 -50.63 -5.77 0.62
CA PRO C 426 -49.55 -6.65 1.05
C PRO C 426 -48.79 -6.07 2.22
N ASP C 427 -48.20 -6.95 3.03
CA ASP C 427 -47.47 -6.51 4.21
C ASP C 427 -46.26 -5.65 3.83
N ASP C 428 -45.53 -6.05 2.80
CA ASP C 428 -44.37 -5.29 2.32
C ASP C 428 -44.87 -4.25 1.32
N PHE C 429 -45.46 -3.19 1.86
CA PHE C 429 -46.02 -2.11 1.07
C PHE C 429 -45.11 -0.90 1.13
N THR C 430 -44.68 -0.41 -0.03
CA THR C 430 -43.83 0.77 -0.14
C THR C 430 -44.54 1.78 -1.03
N GLY C 431 -45.34 2.64 -0.41
CA GLY C 431 -46.08 3.65 -1.14
C GLY C 431 -46.70 4.71 -0.26
N CYS C 432 -47.88 5.20 -0.67
CA CYS C 432 -48.54 6.26 0.07
C CYS C 432 -50.05 6.14 -0.14
N VAL C 433 -50.80 6.72 0.80
CA VAL C 433 -52.26 6.68 0.77
C VAL C 433 -52.78 8.10 0.92
N ILE C 434 -53.74 8.47 0.07
CA ILE C 434 -54.39 9.78 0.12
C ILE C 434 -55.89 9.56 0.24
N ALA C 435 -56.53 10.27 1.16
CA ALA C 435 -57.98 10.18 1.31
C ALA C 435 -58.54 11.57 1.54
N TRP C 436 -59.68 11.86 0.91
CA TRP C 436 -60.31 13.16 1.08
C TRP C 436 -61.82 13.05 0.92
N ASN C 437 -62.54 13.85 1.69
CA ASN C 437 -64.00 13.85 1.65
C ASN C 437 -64.49 14.42 0.33
N SER C 438 -65.58 13.84 -0.19
CA SER C 438 -66.26 14.33 -1.38
C SER C 438 -67.77 14.27 -1.19
N ASN C 439 -68.24 14.66 -0.01
CA ASN C 439 -69.68 14.64 0.27
C ASN C 439 -70.42 15.61 -0.64
N ASN C 440 -69.82 16.78 -0.90
CA ASN C 440 -70.47 17.77 -1.77
C ASN C 440 -70.64 17.26 -3.19
N LEU C 441 -69.84 16.28 -3.62
CA LEU C 441 -69.97 15.70 -4.94
C LEU C 441 -71.02 14.60 -5.02
N ASP C 442 -71.60 14.20 -3.88
CA ASP C 442 -72.63 13.17 -3.84
C ASP C 442 -73.86 13.60 -3.07
N SER C 443 -74.00 14.90 -2.79
CA SER C 443 -75.14 15.39 -2.04
C SER C 443 -76.42 15.31 -2.88
N LYS C 444 -77.56 15.23 -2.19
CA LYS C 444 -78.85 15.15 -2.85
C LYS C 444 -79.59 16.48 -2.77
N GLY C 447 -78.60 10.45 -0.53
CA GLY C 447 -77.72 11.16 -1.43
C GLY C 447 -77.27 10.32 -2.61
N ASN C 448 -76.21 9.53 -2.40
CA ASN C 448 -75.68 8.64 -3.41
C ASN C 448 -76.08 7.20 -3.09
N TYR C 449 -76.70 6.54 -4.07
CA TYR C 449 -77.19 5.17 -3.90
C TYR C 449 -76.72 4.29 -5.04
N ASN C 450 -75.48 4.50 -5.49
CA ASN C 450 -74.90 3.70 -6.57
C ASN C 450 -73.57 3.07 -6.14
N TYR C 451 -73.30 3.01 -4.84
CA TYR C 451 -72.06 2.47 -4.31
C TYR C 451 -72.31 1.06 -3.78
N LEU C 452 -71.52 0.11 -4.25
CA LEU C 452 -71.63 -1.28 -3.84
C LEU C 452 -70.32 -1.77 -3.26
N TYR C 453 -70.40 -2.85 -2.47
CA TYR C 453 -69.23 -3.39 -1.80
C TYR C 453 -69.48 -4.85 -1.47
N ARG C 454 -68.38 -5.59 -1.28
CA ARG C 454 -68.47 -7.00 -0.95
C ARG C 454 -68.72 -7.19 0.54
N LEU C 455 -69.52 -8.20 0.88
CA LEU C 455 -69.87 -8.47 2.27
C LEU C 455 -69.62 -9.93 2.64
N PHE C 456 -69.68 -10.83 1.66
CA PHE C 456 -69.56 -12.25 1.91
C PHE C 456 -68.55 -12.86 0.95
N ARG C 457 -67.60 -13.62 1.50
CA ARG C 457 -66.65 -14.38 0.70
C ARG C 457 -66.11 -15.51 1.56
N LYS C 458 -65.77 -16.63 0.91
CA LYS C 458 -65.27 -17.79 1.63
C LYS C 458 -63.94 -17.49 2.32
N SER C 459 -63.05 -16.77 1.65
CA SER C 459 -61.71 -16.49 2.18
C SER C 459 -61.37 -15.03 1.93
N ASN C 460 -60.34 -14.56 2.62
CA ASN C 460 -59.89 -13.19 2.48
C ASN C 460 -59.28 -12.95 1.10
N LEU C 461 -59.32 -11.70 0.66
CA LEU C 461 -58.83 -11.34 -0.66
C LEU C 461 -57.31 -11.44 -0.74
N LYS C 462 -56.81 -11.71 -1.94
CA LYS C 462 -55.38 -11.75 -2.20
C LYS C 462 -54.85 -10.33 -2.40
N PRO C 463 -53.55 -10.12 -2.15
CA PRO C 463 -52.98 -8.77 -2.33
C PRO C 463 -53.04 -8.34 -3.80
N PHE C 464 -53.58 -7.14 -4.02
CA PHE C 464 -53.70 -6.56 -5.36
C PHE C 464 -54.43 -7.50 -6.31
N GLU C 465 -55.50 -8.11 -5.82
CA GLU C 465 -56.30 -9.06 -6.59
C GLU C 465 -57.58 -8.39 -7.05
N ARG C 466 -57.83 -8.40 -8.36
CA ARG C 466 -59.06 -7.84 -8.93
C ARG C 466 -60.14 -8.93 -8.93
N ASP C 467 -60.73 -9.12 -7.75
CA ASP C 467 -61.76 -10.13 -7.55
C ASP C 467 -63.12 -9.51 -7.85
N ILE C 468 -63.50 -9.55 -9.12
CA ILE C 468 -64.82 -9.10 -9.57
C ILE C 468 -65.60 -10.33 -10.05
N SER C 469 -66.75 -10.57 -9.43
CA SER C 469 -67.57 -11.72 -9.76
C SER C 469 -68.97 -11.49 -9.19
N THR C 470 -69.93 -12.25 -9.71
CA THR C 470 -71.31 -12.20 -9.24
C THR C 470 -71.80 -13.61 -8.97
N GLU C 471 -72.44 -13.79 -7.81
CA GLU C 471 -72.98 -15.07 -7.40
C GLU C 471 -73.84 -14.85 -6.16
N ILE C 472 -74.88 -15.67 -6.03
CA ILE C 472 -75.77 -15.60 -4.87
C ILE C 472 -75.08 -16.34 -3.73
N TYR C 473 -74.64 -15.59 -2.71
CA TYR C 473 -73.91 -16.18 -1.60
C TYR C 473 -74.83 -17.10 -0.81
N GLN C 474 -74.34 -18.29 -0.47
CA GLN C 474 -75.10 -19.30 0.24
C GLN C 474 -74.62 -19.37 1.69
N ALA C 475 -75.57 -19.28 2.62
CA ALA C 475 -75.28 -19.37 4.05
C ALA C 475 -76.09 -20.48 4.71
N GLY C 476 -76.45 -21.51 3.95
CA GLY C 476 -77.24 -22.60 4.47
C GLY C 476 -76.67 -23.94 4.08
N SER C 477 -77.05 -24.96 4.85
CA SER C 477 -76.59 -26.32 4.57
C SER C 477 -77.09 -26.80 3.21
N THR C 478 -78.36 -26.56 2.91
CA THR C 478 -78.90 -26.94 1.62
C THR C 478 -78.30 -26.05 0.51
N PRO C 479 -78.07 -26.61 -0.67
CA PRO C 479 -77.55 -25.79 -1.77
C PRO C 479 -78.52 -24.68 -2.14
N CYS C 480 -77.97 -23.51 -2.50
CA CYS C 480 -78.76 -22.35 -2.85
C CYS C 480 -78.74 -22.17 -4.36
N ASN C 481 -79.93 -22.12 -4.96
CA ASN C 481 -80.05 -21.94 -6.40
C ASN C 481 -81.39 -21.26 -6.69
N GLY C 482 -81.69 -21.11 -7.97
CA GLY C 482 -82.96 -20.51 -8.36
C GLY C 482 -83.04 -19.05 -7.94
N VAL C 483 -84.13 -18.70 -7.28
CA VAL C 483 -84.40 -17.32 -6.86
C VAL C 483 -83.78 -17.10 -5.50
N GLU C 484 -83.44 -15.84 -5.21
CA GLU C 484 -82.87 -15.49 -3.92
C GLU C 484 -83.90 -15.67 -2.81
N GLY C 485 -83.46 -16.22 -1.69
CA GLY C 485 -84.34 -16.49 -0.56
C GLY C 485 -83.58 -16.74 0.72
N PHE C 486 -84.02 -17.74 1.49
CA PHE C 486 -83.32 -18.09 2.72
C PHE C 486 -81.89 -18.53 2.41
N ASN C 487 -80.94 -17.98 3.17
CA ASN C 487 -79.52 -18.30 3.02
C ASN C 487 -79.04 -18.06 1.59
N CYS C 488 -79.66 -17.09 0.91
CA CYS C 488 -79.33 -16.73 -0.46
C CYS C 488 -79.25 -15.21 -0.51
N TYR C 489 -78.04 -14.68 -0.31
CA TYR C 489 -77.84 -13.25 -0.16
C TYR C 489 -77.11 -12.67 -1.36
N PHE C 490 -77.29 -11.37 -1.57
CA PHE C 490 -76.56 -10.64 -2.59
C PHE C 490 -75.29 -10.07 -1.98
N PRO C 491 -74.10 -10.37 -2.52
CA PRO C 491 -72.86 -9.93 -1.87
C PRO C 491 -72.57 -8.45 -2.09
N LEU C 492 -73.52 -7.71 -2.67
CA LEU C 492 -73.38 -6.29 -2.91
C LEU C 492 -74.54 -5.54 -2.27
N GLN C 493 -74.23 -4.50 -1.52
CA GLN C 493 -75.23 -3.67 -0.86
C GLN C 493 -74.90 -2.20 -1.06
N SER C 494 -75.93 -1.37 -0.96
CA SER C 494 -75.76 0.07 -1.16
C SER C 494 -75.26 0.74 0.12
N TYR C 495 -75.09 2.04 0.06
CA TYR C 495 -74.62 2.85 1.18
C TYR C 495 -75.66 3.91 1.52
N GLY C 496 -75.80 4.19 2.81
CA GLY C 496 -76.68 5.24 3.27
C GLY C 496 -75.98 6.58 3.36
N PHE C 497 -75.56 7.12 2.21
CA PHE C 497 -74.82 8.37 2.16
C PHE C 497 -75.76 9.54 1.90
N GLN C 498 -76.67 9.76 2.84
CA GLN C 498 -77.62 10.86 2.73
C GLN C 498 -76.91 12.20 2.90
N PRO C 499 -77.40 13.26 2.24
CA PRO C 499 -76.75 14.58 2.37
C PRO C 499 -76.84 15.17 3.78
N THR C 500 -77.75 14.68 4.62
CA THR C 500 -77.93 15.19 5.98
C THR C 500 -77.28 14.26 7.01
N ASN C 501 -76.14 13.67 6.65
CA ASN C 501 -75.43 12.75 7.51
C ASN C 501 -74.08 13.36 7.91
N GLY C 502 -73.70 13.13 9.16
CA GLY C 502 -72.44 13.65 9.67
C GLY C 502 -71.29 12.68 9.50
N VAL C 503 -70.42 12.60 10.51
CA VAL C 503 -69.27 11.70 10.45
C VAL C 503 -69.75 10.26 10.51
N GLY C 504 -69.26 9.44 9.59
CA GLY C 504 -69.63 8.03 9.52
C GLY C 504 -70.49 7.67 8.33
N TYR C 505 -70.98 8.65 7.57
CA TYR C 505 -71.76 8.36 6.37
C TYR C 505 -71.41 9.29 5.22
N GLN C 506 -70.19 9.84 5.19
CA GLN C 506 -69.75 10.73 4.13
C GLN C 506 -68.76 10.01 3.23
N PRO C 507 -69.02 9.91 1.94
CA PRO C 507 -68.10 9.19 1.05
C PRO C 507 -66.72 9.84 1.00
N TYR C 508 -65.68 9.01 1.02
CA TYR C 508 -64.30 9.46 0.96
C TYR C 508 -63.63 8.86 -0.26
N ARG C 509 -63.02 9.72 -1.08
CA ARG C 509 -62.21 9.26 -2.20
C ARG C 509 -60.82 8.87 -1.69
N VAL C 510 -60.39 7.65 -2.01
CA VAL C 510 -59.12 7.12 -1.54
C VAL C 510 -58.31 6.65 -2.73
N VAL C 511 -57.07 7.14 -2.82
CA VAL C 511 -56.12 6.76 -3.86
C VAL C 511 -54.85 6.25 -3.17
N VAL C 512 -54.44 5.04 -3.51
CA VAL C 512 -53.22 4.43 -3.02
C VAL C 512 -52.20 4.43 -4.14
N LEU C 513 -51.05 5.05 -3.89
CA LEU C 513 -49.98 5.15 -4.88
C LEU C 513 -48.86 4.20 -4.49
N SER C 514 -48.41 3.41 -5.45
CA SER C 514 -47.32 2.46 -5.25
C SER C 514 -46.29 2.62 -6.36
N PHE C 515 -45.07 2.21 -6.07
CA PHE C 515 -43.97 2.37 -7.01
C PHE C 515 -43.06 1.15 -6.92
N GLU C 516 -42.29 0.94 -8.00
CA GLU C 516 -41.31 -0.12 -8.06
C GLU C 516 -39.92 0.48 -7.85
N LEU C 517 -39.04 -0.28 -7.19
CA LEU C 517 -37.71 0.21 -6.81
C LEU C 517 -36.68 -0.07 -7.91
N LEU C 518 -36.96 0.48 -9.09
CA LEU C 518 -36.03 0.45 -10.23
C LEU C 518 -35.66 -0.98 -10.61
N HIS C 519 -36.67 -1.69 -11.11
CA HIS C 519 -36.46 -3.08 -11.53
C HIS C 519 -35.39 -3.17 -12.60
N ALA C 520 -35.43 -2.28 -13.59
CA ALA C 520 -34.40 -2.24 -14.62
C ALA C 520 -34.28 -0.84 -15.22
N PRO C 521 -35.36 -0.22 -15.76
CA PRO C 521 -35.20 1.11 -16.34
C PRO C 521 -35.41 2.23 -15.34
N ALA C 522 -35.30 3.48 -15.79
CA ALA C 522 -35.56 4.66 -14.97
C ALA C 522 -36.40 5.62 -15.79
N THR C 523 -37.68 5.73 -15.45
CA THR C 523 -38.64 6.50 -16.24
C THR C 523 -39.22 7.69 -15.49
N VAL C 524 -39.76 7.47 -14.30
CA VAL C 524 -40.57 8.47 -13.59
C VAL C 524 -39.89 8.82 -12.28
N CYS C 525 -39.64 10.12 -12.08
CA CYS C 525 -39.29 10.70 -10.79
C CYS C 525 -39.26 12.21 -10.87
N GLY C 526 -38.86 12.83 -9.75
CA GLY C 526 -39.04 14.24 -9.54
C GLY C 526 -38.17 15.13 -10.41
N PRO C 527 -38.53 16.41 -10.47
CA PRO C 527 -37.78 17.34 -11.32
C PRO C 527 -36.50 17.81 -10.63
N LYS C 528 -35.78 18.68 -11.33
CA LYS C 528 -34.54 19.26 -10.85
C LYS C 528 -34.64 20.78 -10.85
N LYS C 529 -33.90 21.41 -9.94
CA LYS C 529 -33.89 22.86 -9.79
C LYS C 529 -32.79 23.45 -10.67
N SER C 530 -33.13 24.49 -11.44
CA SER C 530 -32.21 25.14 -12.36
C SER C 530 -32.07 26.61 -11.98
N THR C 531 -30.84 27.07 -11.90
CA THR C 531 -30.53 28.46 -11.58
C THR C 531 -30.18 29.21 -12.86
N ASN C 532 -29.72 30.46 -12.70
CA ASN C 532 -29.30 31.30 -13.82
C ASN C 532 -27.79 31.28 -13.95
N LEU C 533 -27.31 31.50 -15.17
CA LEU C 533 -25.89 31.45 -15.46
C LEU C 533 -25.24 32.82 -15.26
N VAL C 534 -23.91 32.81 -15.18
CA VAL C 534 -23.11 34.01 -15.02
C VAL C 534 -21.97 33.97 -16.03
N LYS C 535 -21.39 35.13 -16.29
CA LYS C 535 -20.32 35.27 -17.27
C LYS C 535 -19.16 36.05 -16.66
N ASN C 536 -17.96 35.76 -17.16
CA ASN C 536 -16.73 36.44 -16.75
C ASN C 536 -16.50 36.32 -15.25
N LYS C 537 -16.72 35.12 -14.71
CA LYS C 537 -16.51 34.85 -13.29
C LYS C 537 -15.92 33.46 -13.13
N CYS C 538 -14.98 33.32 -12.19
CA CYS C 538 -14.41 32.02 -11.85
C CYS C 538 -15.45 31.24 -11.05
N VAL C 539 -16.15 30.33 -11.71
CA VAL C 539 -17.26 29.59 -11.13
C VAL C 539 -17.07 28.11 -11.43
N ASN C 540 -17.69 27.25 -10.62
CA ASN C 540 -17.78 25.83 -10.90
C ASN C 540 -19.18 25.49 -11.39
N PHE C 541 -19.24 24.68 -12.44
CA PHE C 541 -20.48 24.38 -13.15
C PHE C 541 -20.77 22.88 -13.14
N ASN C 542 -22.04 22.54 -13.26
CA ASN C 542 -22.55 21.18 -13.20
C ASN C 542 -23.52 20.92 -14.34
N PHE C 543 -23.10 21.23 -15.57
CA PHE C 543 -23.98 21.17 -16.73
C PHE C 543 -24.34 19.73 -17.05
N ASN C 544 -25.53 19.31 -16.62
CA ASN C 544 -26.09 18.00 -16.96
C ASN C 544 -25.11 16.87 -16.70
N GLY C 545 -24.52 16.88 -15.50
CA GLY C 545 -23.54 15.89 -15.11
C GLY C 545 -22.10 16.28 -15.40
N LEU C 546 -21.86 17.00 -16.48
CA LEU C 546 -20.52 17.48 -16.80
C LEU C 546 -20.16 18.58 -15.81
N THR C 547 -19.30 18.25 -14.85
CA THR C 547 -18.93 19.17 -13.79
C THR C 547 -17.48 19.62 -13.95
N GLY C 548 -17.22 20.87 -13.59
CA GLY C 548 -15.88 21.41 -13.74
C GLY C 548 -15.80 22.80 -13.16
N THR C 549 -14.62 23.41 -13.33
CA THR C 549 -14.36 24.76 -12.85
C THR C 549 -13.76 25.59 -13.97
N GLY C 550 -14.06 26.88 -13.98
CA GLY C 550 -13.50 27.76 -14.98
C GLY C 550 -14.33 29.02 -15.10
N VAL C 551 -14.16 29.70 -16.23
CA VAL C 551 -14.90 30.92 -16.54
C VAL C 551 -15.65 30.71 -17.85
N LEU C 552 -16.90 31.17 -17.89
CA LEU C 552 -17.81 30.96 -19.00
C LEU C 552 -17.81 32.20 -19.89
N THR C 553 -17.59 32.00 -21.19
CA THR C 553 -17.59 33.09 -22.15
C THR C 553 -18.48 32.74 -23.34
N GLU C 554 -18.82 33.77 -24.12
CA GLU C 554 -19.56 33.56 -25.35
C GLU C 554 -18.65 32.97 -26.42
N SER C 555 -19.26 32.23 -27.36
CA SER C 555 -18.52 31.53 -28.40
C SER C 555 -19.10 31.87 -29.76
N ASN C 556 -18.47 31.31 -30.80
CA ASN C 556 -18.96 31.45 -32.16
C ASN C 556 -18.90 30.16 -32.96
N LYS C 557 -18.49 29.05 -32.35
CA LYS C 557 -18.41 27.78 -33.06
C LYS C 557 -19.82 27.26 -33.37
N LYS C 558 -19.89 26.35 -34.35
CA LYS C 558 -21.14 25.78 -34.79
C LYS C 558 -21.16 24.29 -34.49
N PHE C 559 -22.19 23.84 -33.78
CA PHE C 559 -22.43 22.43 -33.51
C PHE C 559 -23.43 21.86 -34.51
N LEU C 560 -23.28 20.59 -34.81
CA LEU C 560 -24.34 19.87 -35.49
C LEU C 560 -25.51 19.69 -34.51
N PRO C 561 -26.73 19.51 -35.02
CA PRO C 561 -27.91 19.56 -34.14
C PRO C 561 -27.99 18.48 -33.08
N PHE C 562 -26.98 17.61 -32.95
CA PHE C 562 -27.09 16.50 -32.02
C PHE C 562 -25.93 16.34 -31.04
N GLN C 563 -24.90 17.17 -31.11
CA GLN C 563 -23.87 17.08 -30.07
C GLN C 563 -24.32 17.81 -28.81
N GLN C 564 -23.62 17.52 -27.71
CA GLN C 564 -23.88 18.17 -26.43
C GLN C 564 -22.69 19.00 -25.95
N PHE C 565 -21.50 18.41 -25.87
CA PHE C 565 -20.32 19.12 -25.39
C PHE C 565 -19.12 18.74 -26.24
N GLY C 566 -18.34 19.75 -26.65
CA GLY C 566 -17.17 19.51 -27.44
C GLY C 566 -15.90 19.38 -26.62
N ARG C 567 -14.80 19.07 -27.30
CA ARG C 567 -13.48 18.98 -26.69
C ARG C 567 -12.44 19.04 -27.80
N ASP C 568 -11.18 19.19 -27.39
CA ASP C 568 -10.08 19.29 -28.34
C ASP C 568 -9.12 18.11 -28.26
N ILE C 569 -8.56 17.83 -27.07
CA ILE C 569 -7.58 16.76 -26.93
C ILE C 569 -7.41 16.40 -25.46
N ALA C 570 -7.13 15.13 -25.18
CA ALA C 570 -6.81 14.65 -23.83
C ALA C 570 -7.93 14.94 -22.84
N ASP C 571 -9.17 14.86 -23.32
CA ASP C 571 -10.37 15.00 -22.47
C ASP C 571 -10.38 16.34 -21.75
N THR C 572 -10.43 17.42 -22.53
CA THR C 572 -10.49 18.78 -22.01
C THR C 572 -11.66 19.50 -22.68
N THR C 573 -12.79 19.57 -21.98
CA THR C 573 -13.97 20.21 -22.53
C THR C 573 -13.72 21.71 -22.74
N ASP C 574 -14.14 22.21 -23.90
CA ASP C 574 -13.95 23.61 -24.24
C ASP C 574 -15.20 24.28 -24.80
N ALA C 575 -16.33 23.59 -24.86
CA ALA C 575 -17.55 24.19 -25.37
C ALA C 575 -18.74 23.37 -24.89
N VAL C 576 -19.72 24.05 -24.30
CA VAL C 576 -20.93 23.41 -23.80
C VAL C 576 -22.13 24.24 -24.24
N ARG C 577 -23.24 23.58 -24.50
CA ARG C 577 -24.49 24.23 -24.84
C ARG C 577 -25.47 24.08 -23.68
N ASP C 578 -26.11 25.18 -23.30
CA ASP C 578 -27.04 25.15 -22.17
C ASP C 578 -28.37 24.54 -22.62
N PRO C 579 -28.87 23.51 -21.93
CA PRO C 579 -30.12 22.87 -22.35
C PRO C 579 -31.32 23.82 -22.38
N GLN C 580 -31.35 24.81 -21.48
CA GLN C 580 -32.50 25.72 -21.43
C GLN C 580 -32.64 26.54 -22.70
N THR C 581 -31.51 27.06 -23.21
CA THR C 581 -31.55 28.00 -24.32
C THR C 581 -30.90 27.45 -25.59
N LEU C 582 -30.06 26.42 -25.48
CA LEU C 582 -29.37 25.81 -26.61
C LEU C 582 -28.46 26.82 -27.31
N GLU C 583 -27.51 27.35 -26.54
CA GLU C 583 -26.49 28.25 -27.05
C GLU C 583 -25.12 27.72 -26.66
N ILE C 584 -24.21 27.64 -27.64
CA ILE C 584 -22.88 27.13 -27.38
C ILE C 584 -22.07 28.16 -26.61
N LEU C 585 -21.37 27.70 -25.57
CA LEU C 585 -20.55 28.56 -24.72
C LEU C 585 -19.10 28.13 -24.82
N ASP C 586 -18.23 28.80 -24.06
CA ASP C 586 -16.81 28.47 -24.01
C ASP C 586 -16.33 28.42 -22.57
N ILE C 587 -15.48 27.45 -22.28
CA ILE C 587 -14.87 27.27 -20.96
C ILE C 587 -13.41 27.71 -21.05
N THR C 588 -12.99 28.56 -20.12
CA THR C 588 -11.60 28.96 -20.05
C THR C 588 -11.07 28.67 -18.64
N PRO C 589 -9.91 28.01 -18.51
CA PRO C 589 -9.40 27.69 -17.18
C PRO C 589 -9.18 28.95 -16.34
N CYS C 590 -9.49 28.83 -15.06
CA CYS C 590 -9.42 29.99 -14.16
C CYS C 590 -7.96 30.35 -13.93
N SER C 591 -7.67 31.65 -13.97
CA SER C 591 -6.29 32.11 -14.07
C SER C 591 -5.50 31.81 -12.80
N PHE C 592 -4.21 31.50 -12.99
CA PHE C 592 -3.28 31.25 -11.90
C PHE C 592 -1.88 31.49 -12.42
N GLY C 593 -0.93 31.60 -11.50
CA GLY C 593 0.46 31.77 -11.91
C GLY C 593 1.36 32.06 -10.73
N GLY C 594 2.65 31.97 -11.00
CA GLY C 594 3.65 32.24 -9.97
C GLY C 594 3.87 33.72 -9.75
N VAL C 595 4.68 34.02 -8.73
CA VAL C 595 5.03 35.38 -8.37
C VAL C 595 6.55 35.46 -8.22
N SER C 596 7.09 36.64 -8.48
CA SER C 596 8.53 36.87 -8.35
C SER C 596 8.78 38.24 -7.74
N VAL C 597 9.92 38.36 -7.07
CA VAL C 597 10.34 39.60 -6.43
C VAL C 597 11.65 40.04 -7.05
N ILE C 598 11.71 41.31 -7.46
CA ILE C 598 12.91 41.92 -8.02
C ILE C 598 13.49 42.85 -6.97
N THR C 599 14.73 42.60 -6.56
CA THR C 599 15.35 43.43 -5.54
C THR C 599 16.74 43.87 -5.98
N PRO C 600 17.14 45.10 -5.64
CA PRO C 600 18.50 45.57 -5.96
C PRO C 600 19.55 45.20 -4.91
N GLY C 601 19.25 44.30 -3.98
CA GLY C 601 20.19 43.95 -2.94
C GLY C 601 19.91 44.68 -1.65
N THR C 602 19.75 43.93 -0.56
CA THR C 602 19.47 44.54 0.74
C THR C 602 20.63 45.36 1.27
N ASN C 603 21.83 45.22 0.69
CA ASN C 603 22.96 46.03 1.11
C ASN C 603 22.85 47.48 0.66
N THR C 604 21.99 47.76 -0.32
CA THR C 604 21.83 49.11 -0.85
C THR C 604 20.55 49.79 -0.36
N SER C 605 19.39 49.15 -0.54
CA SER C 605 18.12 49.71 -0.15
C SER C 605 17.21 48.60 0.36
N ASN C 606 15.96 48.94 0.61
CA ASN C 606 14.96 48.01 1.13
C ASN C 606 13.67 48.11 0.32
N GLN C 607 13.79 48.34 -0.98
CA GLN C 607 12.64 48.43 -1.87
C GLN C 607 12.66 47.27 -2.85
N VAL C 608 11.47 46.75 -3.16
CA VAL C 608 11.33 45.60 -4.05
C VAL C 608 10.20 45.87 -5.04
N ALA C 609 10.22 45.10 -6.13
CA ALA C 609 9.14 45.12 -7.12
C ALA C 609 8.55 43.72 -7.23
N VAL C 610 7.27 43.64 -7.54
CA VAL C 610 6.54 42.38 -7.58
C VAL C 610 6.11 42.12 -9.02
N LEU C 611 6.37 40.91 -9.51
CA LEU C 611 6.02 40.52 -10.87
C LEU C 611 5.10 39.31 -10.81
N TYR C 612 3.90 39.46 -11.39
CA TYR C 612 2.95 38.37 -11.52
C TYR C 612 2.97 37.89 -12.96
N GLN C 613 3.18 36.59 -13.15
CA GLN C 613 3.44 36.03 -14.47
C GLN C 613 2.14 35.58 -15.14
N ASP C 614 1.95 36.01 -16.39
CA ASP C 614 0.83 35.58 -17.23
C ASP C 614 -0.51 35.84 -16.52
N VAL C 615 -0.68 37.06 -16.05
CA VAL C 615 -1.91 37.50 -15.38
C VAL C 615 -2.24 38.90 -15.87
N ASN C 616 -3.49 39.11 -16.29
CA ASN C 616 -3.91 40.44 -16.70
C ASN C 616 -4.00 41.37 -15.50
N CYS C 617 -3.79 42.66 -15.76
CA CYS C 617 -3.79 43.65 -14.69
C CYS C 617 -5.17 43.87 -14.08
N THR C 618 -6.24 43.37 -14.70
CA THR C 618 -7.57 43.58 -14.16
C THR C 618 -7.80 42.78 -12.88
N GLU C 619 -7.21 41.59 -12.79
CA GLU C 619 -7.44 40.68 -11.67
C GLU C 619 -6.19 40.47 -10.83
N VAL C 620 -5.45 41.54 -10.57
CA VAL C 620 -4.27 41.44 -9.70
C VAL C 620 -4.64 41.00 -8.29
N PRO C 621 -5.62 41.60 -7.61
CA PRO C 621 -5.89 41.08 -6.25
C PRO C 621 -6.86 39.90 -6.27
N TRP C 633 1.14 43.70 1.91
CA TRP C 633 0.63 43.14 0.67
C TRP C 633 -0.52 43.98 0.12
N ARG C 634 -1.26 44.63 1.01
CA ARG C 634 -2.32 45.53 0.59
C ARG C 634 -1.75 46.73 -0.16
N VAL C 635 -0.58 47.21 0.26
CA VAL C 635 0.08 48.30 -0.46
C VAL C 635 0.50 47.88 -1.86
N TYR C 636 1.04 46.67 -2.01
CA TYR C 636 1.48 46.19 -3.32
C TYR C 636 0.38 45.44 -4.04
N SER C 637 -0.81 46.05 -4.15
CA SER C 637 -1.89 45.48 -4.96
C SER C 637 -2.48 46.45 -5.96
N THR C 638 -2.68 47.72 -5.61
CA THR C 638 -3.19 48.74 -6.52
C THR C 638 -2.45 50.04 -6.21
N GLY C 639 -2.95 51.15 -6.76
CA GLY C 639 -2.40 52.45 -6.45
C GLY C 639 -1.10 52.78 -7.16
N SER C 640 -0.10 51.94 -6.99
CA SER C 640 1.21 52.19 -7.57
C SER C 640 1.17 52.03 -9.09
N ASN C 641 2.31 52.25 -9.72
CA ASN C 641 2.41 52.21 -11.17
C ASN C 641 2.37 50.78 -11.69
N VAL C 642 1.18 50.23 -11.88
CA VAL C 642 1.03 48.91 -12.47
C VAL C 642 1.40 48.98 -13.95
N PHE C 643 2.43 48.23 -14.34
CA PHE C 643 2.96 48.28 -15.69
C PHE C 643 2.78 46.91 -16.33
N GLN C 644 2.16 46.89 -17.51
CA GLN C 644 1.81 45.65 -18.18
C GLN C 644 2.89 45.30 -19.19
N THR C 645 3.48 44.12 -19.03
CA THR C 645 4.52 43.62 -19.91
C THR C 645 4.00 42.43 -20.70
N ARG C 646 4.90 41.86 -21.52
CA ARG C 646 4.57 40.61 -22.21
C ARG C 646 4.67 39.41 -21.28
N ALA C 647 5.50 39.50 -20.24
CA ALA C 647 5.69 38.40 -19.31
C ALA C 647 4.72 38.44 -18.13
N GLY C 648 3.93 39.48 -18.00
CA GLY C 648 2.99 39.59 -16.90
C GLY C 648 2.81 41.05 -16.51
N CYS C 649 2.44 41.25 -15.25
CA CYS C 649 2.24 42.58 -14.69
C CYS C 649 3.29 42.86 -13.62
N LEU C 650 3.71 44.11 -13.53
CA LEU C 650 4.77 44.51 -12.61
C LEU C 650 4.28 45.67 -11.75
N ILE C 651 4.51 45.58 -10.46
CA ILE C 651 4.07 46.57 -9.49
C ILE C 651 5.26 47.04 -8.69
N GLY C 652 5.40 48.36 -8.53
CA GLY C 652 6.45 48.95 -7.72
C GLY C 652 7.54 49.66 -8.49
N ALA C 653 7.45 49.71 -9.82
CA ALA C 653 8.46 50.39 -10.63
C ALA C 653 7.79 51.26 -11.67
N GLU C 654 8.49 52.31 -12.08
CA GLU C 654 7.98 53.27 -13.06
C GLU C 654 8.61 53.01 -14.42
N HIS C 655 7.85 53.36 -15.46
CA HIS C 655 8.32 53.21 -16.83
C HIS C 655 9.09 54.45 -17.27
N VAL C 656 10.06 54.24 -18.17
CA VAL C 656 10.87 55.32 -18.70
C VAL C 656 11.20 54.99 -20.15
N ASN C 657 11.25 56.03 -21.00
CA ASN C 657 11.48 55.85 -22.42
C ASN C 657 12.96 55.71 -22.77
N ASN C 658 13.86 55.88 -21.81
CA ASN C 658 15.28 55.70 -22.06
C ASN C 658 15.59 54.22 -22.29
N SER C 659 16.82 53.93 -22.69
CA SER C 659 17.22 52.56 -22.97
C SER C 659 18.74 52.47 -22.85
N TYR C 660 19.21 51.66 -21.91
CA TYR C 660 20.64 51.41 -21.77
C TYR C 660 20.81 50.06 -21.10
N GLU C 661 22.04 49.53 -21.18
CA GLU C 661 22.32 48.18 -20.73
C GLU C 661 21.94 48.01 -19.25
N CYS C 662 21.25 46.91 -18.95
CA CYS C 662 20.73 46.63 -17.62
C CYS C 662 21.46 45.44 -17.02
N ASP C 663 21.05 45.08 -15.80
CA ASP C 663 21.71 44.01 -15.07
C ASP C 663 20.72 42.95 -14.59
N ILE C 664 19.48 43.36 -14.33
CA ILE C 664 18.43 42.45 -13.86
C ILE C 664 17.48 42.19 -15.03
N PRO C 665 17.50 41.00 -15.63
CA PRO C 665 16.59 40.73 -16.75
C PRO C 665 15.22 40.31 -16.26
N ILE C 666 14.19 40.76 -16.99
CA ILE C 666 12.80 40.42 -16.69
C ILE C 666 12.22 39.50 -17.77
N GLY C 667 12.23 39.95 -19.01
CA GLY C 667 11.79 39.10 -20.11
C GLY C 667 11.23 39.92 -21.26
N ALA C 668 11.25 39.30 -22.44
CA ALA C 668 10.70 39.90 -23.66
C ALA C 668 11.34 41.25 -23.97
N GLY C 669 12.64 41.36 -23.72
CA GLY C 669 13.35 42.60 -23.95
C GLY C 669 13.14 43.66 -22.90
N ILE C 670 12.40 43.36 -21.84
CA ILE C 670 12.15 44.30 -20.76
C ILE C 670 13.03 43.92 -19.58
N CYS C 671 13.68 44.91 -18.98
CA CYS C 671 14.52 44.66 -17.81
C CYS C 671 14.47 45.89 -16.91
N ALA C 672 14.81 45.68 -15.64
CA ALA C 672 14.67 46.72 -14.63
C ALA C 672 15.96 46.87 -13.85
N SER C 673 16.14 48.05 -13.25
CA SER C 673 17.33 48.36 -12.48
C SER C 673 17.00 49.45 -11.47
N TYR C 674 17.90 49.61 -10.51
CA TYR C 674 17.75 50.59 -9.44
C TYR C 674 18.37 51.91 -9.86
N GLN C 675 17.55 52.90 -10.18
CA GLN C 675 18.04 54.21 -10.58
C GLN C 675 18.57 54.98 -9.38
N SER C 691 14.71 55.12 -6.80
CA SER C 691 13.61 54.23 -7.14
C SER C 691 14.06 53.13 -8.10
N ILE C 692 13.11 52.32 -8.55
CA ILE C 692 13.38 51.22 -9.46
C ILE C 692 12.66 51.52 -10.77
N ILE C 693 13.40 51.43 -11.88
CA ILE C 693 12.88 51.77 -13.20
C ILE C 693 12.99 50.54 -14.10
N ALA C 694 11.92 50.27 -14.85
CA ALA C 694 11.88 49.17 -15.80
C ALA C 694 11.76 49.74 -17.21
N TYR C 695 12.66 49.33 -18.09
CA TYR C 695 12.72 49.86 -19.44
C TYR C 695 12.99 48.72 -20.41
N THR C 696 13.28 49.07 -21.65
CA THR C 696 13.60 48.11 -22.71
C THR C 696 15.11 48.00 -22.85
N MET C 697 15.61 46.77 -22.98
CA MET C 697 17.03 46.55 -23.10
C MET C 697 17.57 47.23 -24.36
N SER C 698 18.73 47.86 -24.23
CA SER C 698 19.40 48.50 -25.35
C SER C 698 20.50 47.59 -25.88
N LEU C 699 20.55 47.46 -27.21
CA LEU C 699 21.50 46.53 -27.82
C LEU C 699 22.94 46.94 -27.53
N GLY C 700 23.24 48.22 -27.65
CA GLY C 700 24.58 48.72 -27.41
C GLY C 700 24.77 50.07 -28.06
N ALA C 701 25.98 50.59 -27.88
CA ALA C 701 26.34 51.86 -28.51
C ALA C 701 26.35 51.68 -30.03
N GLU C 702 25.72 52.63 -30.72
CA GLU C 702 25.60 52.57 -32.17
C GLU C 702 26.52 53.59 -32.80
N ASN C 703 27.32 53.15 -33.78
CA ASN C 703 28.21 54.03 -34.52
C ASN C 703 28.19 53.63 -35.99
N SER C 704 28.49 54.59 -36.85
CA SER C 704 28.56 54.36 -38.29
C SER C 704 30.01 54.50 -38.74
N VAL C 705 30.52 53.46 -39.37
CA VAL C 705 31.91 53.43 -39.82
C VAL C 705 31.99 53.95 -41.24
N ALA C 706 32.98 54.83 -41.47
CA ALA C 706 33.17 55.44 -42.79
C ALA C 706 33.89 54.45 -43.69
N TYR C 707 33.19 53.98 -44.72
CA TYR C 707 33.75 53.02 -45.68
C TYR C 707 33.91 53.71 -47.03
N SER C 708 35.10 53.56 -47.63
CA SER C 708 35.36 54.13 -48.93
C SER C 708 36.32 53.23 -49.69
N ASN C 709 36.25 53.30 -51.02
CA ASN C 709 37.11 52.54 -51.91
C ASN C 709 38.50 53.15 -52.09
N ASN C 710 38.88 54.11 -51.26
CA ASN C 710 40.15 54.79 -51.46
C ASN C 710 40.92 55.07 -50.17
N SER C 711 40.44 54.60 -49.02
CA SER C 711 41.07 54.91 -47.75
C SER C 711 41.20 53.66 -46.91
N ILE C 712 42.26 53.61 -46.09
CA ILE C 712 42.52 52.55 -45.14
C ILE C 712 42.90 53.16 -43.80
N ALA C 713 42.88 52.33 -42.77
CA ALA C 713 43.28 52.73 -41.43
C ALA C 713 44.39 51.80 -40.95
N ILE C 714 45.43 52.39 -40.38
CA ILE C 714 46.59 51.62 -39.91
C ILE C 714 46.93 52.03 -38.49
N PRO C 715 47.15 51.08 -37.57
CA PRO C 715 47.55 51.45 -36.21
C PRO C 715 48.97 51.99 -36.17
N THR C 716 49.24 52.78 -35.14
CA THR C 716 50.57 53.33 -34.93
C THR C 716 51.14 53.08 -33.54
N ASN C 717 50.36 52.49 -32.62
CA ASN C 717 50.85 52.18 -31.29
C ASN C 717 50.19 50.88 -30.82
N PHE C 718 50.71 50.31 -29.75
CA PHE C 718 50.22 49.03 -29.27
C PHE C 718 50.20 49.00 -27.75
N THR C 719 49.34 48.13 -27.21
CA THR C 719 49.23 47.90 -25.78
C THR C 719 49.23 46.39 -25.53
N ILE C 720 49.59 46.03 -24.30
CA ILE C 720 49.63 44.63 -23.87
C ILE C 720 48.68 44.48 -22.69
N SER C 721 47.81 43.48 -22.77
CA SER C 721 46.78 43.25 -21.77
C SER C 721 46.92 41.85 -21.18
N VAL C 722 46.44 41.68 -19.96
CA VAL C 722 46.47 40.40 -19.26
C VAL C 722 45.05 40.07 -18.81
N THR C 723 44.61 38.85 -19.10
CA THR C 723 43.25 38.42 -18.79
C THR C 723 43.29 37.09 -18.03
N THR C 724 42.19 36.77 -17.37
CA THR C 724 42.07 35.55 -16.59
C THR C 724 40.94 34.67 -17.12
N GLU C 725 41.14 33.36 -16.98
CA GLU C 725 40.11 32.38 -17.30
C GLU C 725 40.12 31.29 -16.24
N ILE C 726 38.96 31.01 -15.66
CA ILE C 726 38.83 30.05 -14.56
C ILE C 726 38.06 28.84 -15.07
N LEU C 727 38.62 27.64 -14.83
CA LEU C 727 37.98 26.42 -15.30
C LEU C 727 38.00 25.34 -14.21
N PRO C 728 36.85 24.77 -13.87
CA PRO C 728 36.83 23.67 -12.91
C PRO C 728 37.18 22.34 -13.56
N VAL C 729 37.85 21.48 -12.79
CA VAL C 729 38.31 20.20 -13.30
C VAL C 729 37.81 19.01 -12.50
N SER C 730 37.47 19.17 -11.22
CA SER C 730 37.06 18.03 -10.41
C SER C 730 36.23 18.51 -9.22
N MET C 731 35.53 17.57 -8.61
CA MET C 731 34.75 17.83 -7.41
C MET C 731 34.96 16.70 -6.42
N THR C 732 34.32 16.81 -5.25
CA THR C 732 34.56 15.88 -4.16
C THR C 732 34.06 14.48 -4.51
N LYS C 733 34.75 13.47 -3.96
CA LYS C 733 34.40 12.07 -4.15
C LYS C 733 33.71 11.56 -2.89
N THR C 734 32.52 11.00 -3.04
CA THR C 734 31.73 10.51 -1.93
C THR C 734 31.29 9.08 -2.18
N SER C 735 30.99 8.38 -1.10
CA SER C 735 30.53 7.00 -1.19
C SER C 735 29.54 6.73 -0.06
N VAL C 736 28.36 6.22 -0.42
CA VAL C 736 27.27 5.99 0.53
C VAL C 736 26.97 4.49 0.57
N ASP C 737 26.75 3.98 1.78
CA ASP C 737 26.43 2.58 2.00
C ASP C 737 24.91 2.38 2.06
N CYS C 738 24.50 1.11 1.98
CA CYS C 738 23.08 0.77 1.97
C CYS C 738 22.56 0.40 3.35
N THR C 739 23.14 -0.64 3.96
CA THR C 739 22.60 -1.16 5.21
C THR C 739 22.64 -0.12 6.33
N MET C 740 23.74 0.62 6.44
CA MET C 740 23.84 1.66 7.45
C MET C 740 22.87 2.82 7.17
N TYR C 741 22.50 3.03 5.92
CA TYR C 741 21.66 4.17 5.56
C TYR C 741 20.18 3.90 5.84
N ILE C 742 19.68 2.75 5.41
CA ILE C 742 18.24 2.51 5.45
C ILE C 742 17.73 2.51 6.89
N CYS C 743 18.35 1.71 7.76
CA CYS C 743 17.95 1.68 9.15
C CYS C 743 19.09 1.57 10.14
N GLY C 744 20.31 1.28 9.71
CA GLY C 744 21.42 1.18 10.64
C GLY C 744 21.53 -0.14 11.39
N ASP C 745 21.79 -1.22 10.65
CA ASP C 745 22.13 -2.52 11.23
C ASP C 745 21.00 -3.10 12.07
N SER C 746 19.89 -3.41 11.40
CA SER C 746 18.81 -4.18 11.97
C SER C 746 18.63 -5.46 11.17
N THR C 747 18.37 -6.57 11.88
CA THR C 747 18.29 -7.87 11.22
C THR C 747 17.12 -7.93 10.25
N GLU C 748 15.94 -7.46 10.67
CA GLU C 748 14.78 -7.50 9.81
C GLU C 748 14.97 -6.66 8.55
N CYS C 749 15.74 -5.57 8.65
CA CYS C 749 16.06 -4.78 7.47
C CYS C 749 16.71 -5.63 6.40
N SER C 750 17.77 -6.35 6.78
CA SER C 750 18.44 -7.24 5.83
C SER C 750 17.53 -8.35 5.37
N ASN C 751 16.74 -8.92 6.28
CA ASN C 751 15.87 -10.04 5.92
C ASN C 751 14.87 -9.65 4.84
N LEU C 752 14.26 -8.48 4.96
CA LEU C 752 13.33 -8.01 3.95
C LEU C 752 14.03 -7.47 2.70
N LEU C 753 15.21 -6.87 2.85
CA LEU C 753 15.88 -6.25 1.70
C LEU C 753 16.54 -7.28 0.79
N LEU C 754 16.97 -8.43 1.33
CA LEU C 754 17.70 -9.38 0.50
C LEU C 754 16.84 -9.96 -0.62
N GLN C 755 15.52 -9.83 -0.55
CA GLN C 755 14.63 -10.33 -1.57
C GLN C 755 14.37 -9.32 -2.68
N TYR C 756 14.82 -8.08 -2.54
CA TYR C 756 14.57 -7.06 -3.56
C TYR C 756 15.51 -7.17 -4.74
N GLY C 757 16.63 -7.89 -4.61
CA GLY C 757 17.61 -8.03 -5.67
C GLY C 757 18.99 -7.59 -5.21
N SER C 758 19.71 -6.90 -6.09
CA SER C 758 21.07 -6.45 -5.82
C SER C 758 21.26 -5.02 -6.34
N PHE C 759 20.36 -4.13 -5.93
CA PHE C 759 20.45 -2.73 -6.36
C PHE C 759 21.74 -2.07 -5.88
N CYS C 760 22.13 -2.37 -4.64
CA CYS C 760 23.29 -1.72 -4.05
C CYS C 760 24.56 -2.05 -4.82
N THR C 761 24.60 -3.20 -5.49
CA THR C 761 25.76 -3.58 -6.28
C THR C 761 26.05 -2.54 -7.35
N GLN C 762 25.07 -2.22 -8.20
CA GLN C 762 25.32 -1.22 -9.22
C GLN C 762 25.37 0.18 -8.66
N LEU C 763 24.71 0.43 -7.51
CA LEU C 763 24.87 1.74 -6.88
C LEU C 763 26.33 2.00 -6.51
N ASN C 764 26.94 1.05 -5.78
CA ASN C 764 28.34 1.20 -5.40
C ASN C 764 29.24 1.17 -6.63
N ARG C 765 28.89 0.34 -7.62
CA ARG C 765 29.70 0.28 -8.84
C ARG C 765 29.73 1.64 -9.54
N ALA C 766 28.57 2.29 -9.67
CA ALA C 766 28.52 3.60 -10.30
C ALA C 766 29.30 4.64 -9.49
N LEU C 767 29.16 4.61 -8.16
CA LEU C 767 29.88 5.57 -7.34
C LEU C 767 31.39 5.41 -7.49
N THR C 768 31.88 4.17 -7.43
CA THR C 768 33.31 3.93 -7.62
C THR C 768 33.75 4.33 -9.02
N GLY C 769 32.90 4.07 -10.03
CA GLY C 769 33.24 4.46 -11.38
C GLY C 769 33.43 5.96 -11.52
N ILE C 770 32.52 6.75 -10.96
CA ILE C 770 32.66 8.20 -11.08
C ILE C 770 33.85 8.69 -10.26
N ALA C 771 34.14 8.07 -9.12
CA ALA C 771 35.32 8.47 -8.36
C ALA C 771 36.60 8.23 -9.15
N VAL C 772 36.71 7.04 -9.75
CA VAL C 772 37.89 6.73 -10.57
C VAL C 772 37.97 7.67 -11.76
N GLU C 773 36.82 7.98 -12.38
CA GLU C 773 36.81 8.88 -13.52
C GLU C 773 37.33 10.26 -13.13
N GLN C 774 36.89 10.78 -11.98
CA GLN C 774 37.36 12.09 -11.55
C GLN C 774 38.85 12.08 -11.24
N ASP C 775 39.34 11.02 -10.60
CA ASP C 775 40.77 10.93 -10.30
C ASP C 775 41.59 10.91 -11.59
N LYS C 776 41.24 10.04 -12.53
CA LYS C 776 41.95 10.01 -13.80
C LYS C 776 41.82 11.33 -14.55
N ASN C 777 40.68 12.00 -14.40
CA ASN C 777 40.45 13.27 -15.07
C ASN C 777 41.44 14.32 -14.60
N THR C 778 41.55 14.50 -13.28
CA THR C 778 42.50 15.49 -12.78
C THR C 778 43.95 15.08 -13.10
N GLN C 779 44.24 13.78 -13.03
CA GLN C 779 45.60 13.33 -13.33
C GLN C 779 46.00 13.64 -14.76
N GLU C 780 45.09 13.41 -15.71
CA GLU C 780 45.39 13.71 -17.10
C GLU C 780 45.35 15.20 -17.40
N VAL C 781 44.57 15.97 -16.65
CA VAL C 781 44.51 17.41 -16.87
C VAL C 781 45.83 18.06 -16.48
N PHE C 782 46.36 17.72 -15.30
CA PHE C 782 47.55 18.44 -14.85
C PHE C 782 48.85 17.83 -15.37
N ALA C 783 49.07 16.54 -15.14
CA ALA C 783 50.36 15.91 -15.42
C ALA C 783 50.57 15.78 -16.91
N GLN C 784 51.37 16.68 -17.49
CA GLN C 784 51.74 16.60 -18.91
C GLN C 784 53.23 16.81 -19.14
N VAL C 785 54.06 16.61 -18.11
CA VAL C 785 55.50 16.72 -18.24
C VAL C 785 56.13 15.50 -17.58
N LYS C 786 57.36 15.18 -18.02
CA LYS C 786 58.08 14.03 -17.50
C LYS C 786 59.26 14.40 -16.61
N GLN C 787 59.76 15.62 -16.68
CA GLN C 787 60.78 16.13 -15.77
C GLN C 787 60.21 17.27 -14.94
N ILE C 788 61.00 17.72 -13.98
CA ILE C 788 60.64 18.83 -13.10
C ILE C 788 61.75 19.86 -13.19
N TYR C 789 61.53 20.90 -13.99
CA TYR C 789 62.50 21.97 -14.13
C TYR C 789 62.40 22.95 -12.97
N LYS C 790 63.43 23.78 -12.83
CA LYS C 790 63.42 24.85 -11.85
C LYS C 790 64.17 26.05 -12.40
N THR C 791 63.80 27.24 -11.93
CA THR C 791 64.38 28.49 -12.39
C THR C 791 65.79 28.68 -11.80
N PRO C 792 66.68 29.33 -12.54
CA PRO C 792 68.00 29.64 -11.98
C PRO C 792 67.87 30.64 -10.83
N PRO C 793 68.81 30.63 -9.89
CA PRO C 793 68.71 31.54 -8.74
C PRO C 793 68.70 33.00 -9.12
N ILE C 794 69.42 33.40 -10.17
CA ILE C 794 69.47 34.78 -10.61
C ILE C 794 68.41 35.00 -11.69
N LYS C 795 67.55 35.99 -11.48
CA LYS C 795 66.43 36.26 -12.37
C LYS C 795 66.68 37.58 -13.09
N ASP C 796 67.17 37.50 -14.33
CA ASP C 796 67.32 38.66 -15.21
C ASP C 796 66.70 38.28 -16.55
N PHE C 797 65.37 38.46 -16.65
CA PHE C 797 64.62 38.08 -17.83
C PHE C 797 64.40 39.27 -18.75
N GLY C 798 65.51 39.89 -19.15
CA GLY C 798 65.45 40.99 -20.10
C GLY C 798 64.65 42.19 -19.62
N GLY C 799 64.59 42.41 -18.30
CA GLY C 799 63.87 43.52 -17.73
C GLY C 799 62.51 43.18 -17.19
N PHE C 800 61.94 42.03 -17.57
CA PHE C 800 60.65 41.62 -17.05
C PHE C 800 60.77 41.22 -15.59
N ASN C 801 59.63 41.20 -14.89
CA ASN C 801 59.57 40.87 -13.47
C ASN C 801 58.51 39.82 -13.24
N PHE C 802 58.95 38.60 -12.90
CA PHE C 802 58.05 37.49 -12.61
C PHE C 802 58.04 37.13 -11.12
N SER C 803 58.41 38.08 -10.25
CA SER C 803 58.52 37.79 -8.83
C SER C 803 57.17 37.57 -8.16
N GLN C 804 56.08 37.98 -8.79
CA GLN C 804 54.75 37.77 -8.22
C GLN C 804 54.10 36.48 -8.68
N ILE C 805 54.72 35.74 -9.60
CA ILE C 805 54.11 34.54 -10.15
C ILE C 805 54.95 33.32 -9.80
N LEU C 806 56.26 33.52 -9.66
CA LEU C 806 57.15 32.43 -9.33
C LEU C 806 57.02 32.08 -7.85
N PRO C 807 57.16 30.80 -7.48
CA PRO C 807 57.09 30.43 -6.06
C PRO C 807 58.23 31.02 -5.26
N ASP C 808 57.93 31.33 -4.00
CA ASP C 808 58.92 31.88 -3.06
C ASP C 808 59.25 30.84 -2.01
N PRO C 809 60.51 30.41 -1.87
CA PRO C 809 60.88 29.37 -0.90
C PRO C 809 60.95 29.88 0.54
N SER C 810 59.91 30.59 0.97
CA SER C 810 59.81 31.08 2.33
C SER C 810 58.53 30.65 3.03
N LYS C 811 57.41 30.63 2.30
CA LYS C 811 56.15 30.20 2.91
C LYS C 811 56.16 28.69 3.13
N PRO C 812 55.48 28.21 4.17
CA PRO C 812 55.46 26.76 4.44
C PRO C 812 54.87 25.94 3.30
N SER C 813 53.85 26.45 2.61
CA SER C 813 53.23 25.70 1.53
C SER C 813 53.94 25.84 0.20
N LYS C 814 54.88 26.78 0.08
CA LYS C 814 55.63 27.01 -1.15
C LYS C 814 54.70 27.29 -2.33
N ARG C 815 53.91 28.36 -2.17
CA ARG C 815 52.95 28.77 -3.18
C ARG C 815 53.18 30.23 -3.54
N SER C 816 52.74 30.60 -4.75
CA SER C 816 52.93 31.96 -5.25
C SER C 816 51.90 32.91 -4.63
N PHE C 817 52.07 34.20 -4.95
CA PHE C 817 51.18 35.22 -4.41
C PHE C 817 49.76 35.06 -4.93
N ILE C 818 49.61 34.90 -6.24
CA ILE C 818 48.28 34.78 -6.84
C ILE C 818 47.59 33.50 -6.37
N GLU C 819 48.36 32.41 -6.19
CA GLU C 819 47.78 31.18 -5.70
C GLU C 819 47.25 31.35 -4.28
N ASP C 820 48.00 32.05 -3.43
CA ASP C 820 47.52 32.33 -2.08
C ASP C 820 46.26 33.19 -2.11
N LEU C 821 46.23 34.21 -2.97
CA LEU C 821 45.04 35.04 -3.08
C LEU C 821 43.83 34.23 -3.52
N LEU C 822 44.03 33.33 -4.49
CA LEU C 822 42.92 32.48 -4.94
C LEU C 822 42.46 31.54 -3.84
N PHE C 823 43.40 30.98 -3.08
CA PHE C 823 43.02 30.05 -2.01
C PHE C 823 42.27 30.76 -0.90
N ASN C 824 42.64 32.00 -0.60
CA ASN C 824 41.99 32.73 0.49
C ASN C 824 40.65 33.33 0.10
N LYS C 825 40.24 33.24 -1.17
CA LYS C 825 39.00 33.83 -1.64
C LYS C 825 37.84 32.84 -1.65
N VAL C 826 38.04 31.62 -1.16
CA VAL C 826 36.97 30.62 -1.12
C VAL C 826 36.76 30.19 0.33
N THR C 827 35.60 29.59 0.57
CA THR C 827 35.25 29.13 1.90
C THR C 827 34.41 27.86 1.83
N LYS C 854 29.43 14.56 10.63
CA LYS C 854 29.21 14.34 9.22
C LYS C 854 29.20 12.85 8.89
N PHE C 855 28.87 12.02 9.88
CA PHE C 855 28.90 10.57 9.71
C PHE C 855 27.48 10.06 9.95
N ASN C 856 26.78 9.71 8.87
CA ASN C 856 25.44 9.14 8.97
C ASN C 856 25.25 7.98 8.01
N GLY C 857 26.33 7.30 7.61
CA GLY C 857 26.27 6.24 6.62
C GLY C 857 26.97 6.57 5.33
N LEU C 858 27.59 7.74 5.20
CA LEU C 858 28.26 8.14 3.98
C LEU C 858 29.63 8.72 4.33
N THR C 859 30.60 8.50 3.45
CA THR C 859 31.98 8.92 3.66
C THR C 859 32.45 9.75 2.47
N VAL C 860 33.44 10.58 2.73
CA VAL C 860 34.06 11.42 1.71
C VAL C 860 35.51 11.00 1.58
N LEU C 861 35.92 10.62 0.36
CA LEU C 861 37.28 10.14 0.16
C LEU C 861 38.22 11.30 -0.17
N PRO C 862 39.50 11.18 0.18
CA PRO C 862 40.45 12.24 -0.15
C PRO C 862 41.06 12.01 -1.52
N PRO C 863 41.36 13.09 -2.25
CA PRO C 863 41.95 12.92 -3.59
C PRO C 863 43.35 12.36 -3.52
N LEU C 864 43.74 11.66 -4.59
CA LEU C 864 45.07 11.05 -4.64
C LEU C 864 46.17 12.11 -4.66
N LEU C 865 45.99 13.17 -5.44
CA LEU C 865 47.00 14.20 -5.59
C LEU C 865 46.71 15.35 -4.64
N THR C 866 47.65 15.62 -3.73
CA THR C 866 47.49 16.71 -2.78
C THR C 866 47.80 18.05 -3.46
N ASP C 867 47.62 19.14 -2.71
CA ASP C 867 47.83 20.47 -3.27
C ASP C 867 49.30 20.73 -3.58
N GLU C 868 50.21 20.20 -2.78
CA GLU C 868 51.64 20.46 -2.99
C GLU C 868 52.10 19.90 -4.33
N MET C 869 51.63 18.70 -4.69
CA MET C 869 52.02 18.12 -5.97
C MET C 869 51.49 18.95 -7.14
N ILE C 870 50.26 19.47 -7.02
CA ILE C 870 49.70 20.31 -8.08
C ILE C 870 50.51 21.59 -8.20
N ALA C 871 50.88 22.19 -7.07
CA ALA C 871 51.71 23.39 -7.09
C ALA C 871 53.06 23.12 -7.73
N GLN C 872 53.65 21.96 -7.44
CA GLN C 872 54.93 21.61 -8.05
C GLN C 872 54.78 21.43 -9.56
N TYR C 873 53.69 20.81 -10.01
CA TYR C 873 53.45 20.68 -11.45
C TYR C 873 53.32 22.05 -12.10
N THR C 874 52.57 22.96 -11.48
CA THR C 874 52.39 24.29 -12.06
C THR C 874 53.72 25.04 -12.11
N SER C 875 54.53 24.94 -11.05
CA SER C 875 55.81 25.62 -11.04
C SER C 875 56.74 25.05 -12.10
N ALA C 876 56.75 23.72 -12.27
CA ALA C 876 57.58 23.12 -13.30
C ALA C 876 57.15 23.57 -14.69
N LEU C 877 55.83 23.58 -14.95
CA LEU C 877 55.35 24.02 -16.24
C LEU C 877 55.72 25.47 -16.52
N LEU C 878 55.58 26.34 -15.51
CA LEU C 878 55.87 27.75 -15.71
C LEU C 878 57.37 27.99 -15.92
N ALA C 879 58.22 27.31 -15.14
CA ALA C 879 59.65 27.44 -15.34
C ALA C 879 60.06 26.93 -16.72
N GLY C 880 59.47 25.82 -17.16
CA GLY C 880 59.79 25.31 -18.49
C GLY C 880 59.37 26.25 -19.59
N THR C 881 58.18 26.83 -19.49
CA THR C 881 57.70 27.72 -20.54
C THR C 881 58.37 29.08 -20.50
N ILE C 882 59.01 29.46 -19.38
CA ILE C 882 59.76 30.71 -19.35
C ILE C 882 61.18 30.49 -19.87
N THR C 883 61.88 29.50 -19.33
CA THR C 883 63.30 29.35 -19.65
C THR C 883 63.53 28.79 -21.05
N SER C 884 62.75 27.76 -21.42
CA SER C 884 63.00 27.03 -22.67
C SER C 884 62.01 27.39 -23.77
N GLY C 885 61.22 28.44 -23.61
CA GLY C 885 60.27 28.83 -24.63
C GLY C 885 59.13 27.84 -24.78
N TRP C 886 59.10 27.13 -25.92
CA TRP C 886 58.09 26.11 -26.14
C TRP C 886 58.64 24.83 -26.74
N THR C 887 59.96 24.73 -26.94
CA THR C 887 60.53 23.51 -27.49
C THR C 887 60.55 22.36 -26.49
N PHE C 888 60.26 22.64 -25.22
CA PHE C 888 60.23 21.59 -24.20
C PHE C 888 58.96 20.75 -24.24
N GLY C 889 57.95 21.18 -25.00
CA GLY C 889 56.74 20.41 -25.16
C GLY C 889 56.78 19.35 -26.24
N ALA C 890 57.85 19.30 -27.03
CA ALA C 890 57.99 18.32 -28.10
C ALA C 890 59.11 17.32 -27.81
N GLY C 891 60.33 17.81 -27.55
CA GLY C 891 61.44 16.94 -27.26
C GLY C 891 62.16 17.32 -25.98
N ALA C 892 63.46 17.56 -26.07
CA ALA C 892 64.26 17.99 -24.94
C ALA C 892 64.24 19.51 -24.83
N ALA C 893 64.29 20.00 -23.60
CA ALA C 893 64.24 21.44 -23.36
C ALA C 893 65.50 22.11 -23.87
N LEU C 894 65.32 23.19 -24.63
CA LEU C 894 66.44 23.92 -25.23
C LEU C 894 66.43 25.35 -24.70
N GLN C 895 67.57 25.78 -24.16
CA GLN C 895 67.68 27.11 -23.59
C GLN C 895 67.63 28.17 -24.69
N ILE C 896 67.10 29.34 -24.33
CA ILE C 896 67.02 30.48 -25.24
C ILE C 896 66.74 31.74 -24.42
N PRO C 897 67.40 32.86 -24.72
CA PRO C 897 67.10 34.09 -23.97
C PRO C 897 65.67 34.56 -24.22
N PHE C 898 65.11 35.22 -23.20
CA PHE C 898 63.71 35.61 -23.24
C PHE C 898 63.44 36.67 -24.31
N ALA C 899 64.39 37.56 -24.57
CA ALA C 899 64.17 38.63 -25.54
C ALA C 899 63.91 38.08 -26.93
N MET C 900 64.72 37.12 -27.37
CA MET C 900 64.51 36.55 -28.70
C MET C 900 63.28 35.65 -28.74
N GLN C 901 62.91 35.05 -27.61
CA GLN C 901 61.64 34.34 -27.55
C GLN C 901 60.47 35.28 -27.79
N MET C 902 60.51 36.45 -27.15
CA MET C 902 59.45 37.45 -27.38
C MET C 902 59.48 37.94 -28.83
N ALA C 903 60.67 38.10 -29.40
CA ALA C 903 60.79 38.53 -30.79
C ALA C 903 60.14 37.50 -31.72
N TYR C 904 60.40 36.22 -31.49
CA TYR C 904 59.78 35.18 -32.31
C TYR C 904 58.27 35.16 -32.11
N ARG C 905 57.80 35.39 -30.89
CA ARG C 905 56.36 35.40 -30.65
C ARG C 905 55.69 36.57 -31.38
N PHE C 906 56.34 37.74 -31.42
CA PHE C 906 55.82 38.83 -32.24
C PHE C 906 55.85 38.48 -33.71
N ASN C 907 56.96 37.90 -34.19
CA ASN C 907 57.06 37.54 -35.60
C ASN C 907 56.02 36.52 -36.01
N GLY C 908 55.53 35.71 -35.06
CA GLY C 908 54.50 34.74 -35.37
C GLY C 908 53.18 35.38 -35.77
N ILE C 909 52.84 36.53 -35.16
CA ILE C 909 51.54 37.14 -35.39
C ILE C 909 51.55 38.16 -36.52
N GLY C 910 52.67 38.36 -37.20
CA GLY C 910 52.72 39.26 -38.33
C GLY C 910 53.64 40.44 -38.15
N VAL C 911 53.65 41.02 -36.95
CA VAL C 911 54.54 42.14 -36.68
C VAL C 911 55.98 41.66 -36.70
N THR C 912 56.84 42.39 -37.43
CA THR C 912 58.23 41.98 -37.57
C THR C 912 58.98 42.18 -36.25
N GLN C 913 60.08 41.43 -36.11
CA GLN C 913 60.88 41.50 -34.89
C GLN C 913 61.47 42.89 -34.68
N ASN C 914 61.68 43.64 -35.77
CA ASN C 914 62.28 44.97 -35.67
C ASN C 914 61.52 45.87 -34.70
N VAL C 915 60.21 45.68 -34.58
CA VAL C 915 59.41 46.52 -33.69
C VAL C 915 59.83 46.32 -32.24
N LEU C 916 60.15 45.08 -31.85
CA LEU C 916 60.38 44.78 -30.45
C LEU C 916 61.67 45.44 -29.95
N TYR C 917 62.76 45.30 -30.69
CA TYR C 917 64.07 45.67 -30.17
C TYR C 917 64.21 47.17 -29.92
N GLU C 918 63.37 47.97 -30.56
CA GLU C 918 63.35 49.41 -30.30
C GLU C 918 62.31 49.83 -29.27
N ASN C 919 61.54 48.90 -28.73
CA ASN C 919 60.49 49.19 -27.77
C ASN C 919 60.50 48.19 -26.63
N GLN C 920 61.69 47.86 -26.12
CA GLN C 920 61.78 46.89 -25.04
C GLN C 920 61.33 47.48 -23.70
N LYS C 921 61.75 48.71 -23.39
CA LYS C 921 61.40 49.33 -22.12
C LYS C 921 59.90 49.55 -22.00
N LEU C 922 59.27 50.04 -23.06
CA LEU C 922 57.83 50.26 -23.03
C LEU C 922 57.08 48.96 -22.79
N ILE C 923 57.48 47.89 -23.48
CA ILE C 923 56.82 46.61 -23.32
C ILE C 923 56.99 46.07 -21.90
N ALA C 924 58.21 46.16 -21.37
CA ALA C 924 58.44 45.69 -20.00
C ALA C 924 57.60 46.48 -19.00
N ASN C 925 57.57 47.81 -19.14
CA ASN C 925 56.79 48.63 -18.21
C ASN C 925 55.30 48.32 -18.32
N GLN C 926 54.79 48.15 -19.54
CA GLN C 926 53.38 47.82 -19.72
C GLN C 926 53.05 46.47 -19.11
N PHE C 927 53.92 45.48 -19.29
CA PHE C 927 53.69 44.16 -18.72
C PHE C 927 53.66 44.22 -17.20
N ASN C 928 54.63 44.92 -16.60
CA ASN C 928 54.67 45.03 -15.15
C ASN C 928 53.43 45.75 -14.60
N SER C 929 53.04 46.85 -15.25
CA SER C 929 51.86 47.59 -14.80
C SER C 929 50.60 46.74 -14.93
N ALA C 930 50.48 45.99 -16.03
CA ALA C 930 49.32 45.14 -16.22
C ALA C 930 49.25 44.04 -15.17
N ILE C 931 50.39 43.42 -14.85
CA ILE C 931 50.37 42.35 -13.85
C ILE C 931 50.07 42.91 -12.47
N GLY C 932 50.58 44.10 -12.15
CA GLY C 932 50.22 44.73 -10.89
C GLY C 932 48.75 45.05 -10.81
N LYS C 933 48.19 45.59 -11.90
CA LYS C 933 46.77 45.92 -11.93
C LYS C 933 45.91 44.68 -11.78
N ILE C 934 46.27 43.58 -12.45
CA ILE C 934 45.45 42.38 -12.37
C ILE C 934 45.54 41.76 -10.98
N GLN C 935 46.73 41.80 -10.37
CA GLN C 935 46.85 41.32 -8.98
C GLN C 935 45.99 42.14 -8.05
N ASP C 936 46.02 43.47 -8.19
CA ASP C 936 45.21 44.33 -7.32
C ASP C 936 43.71 44.08 -7.55
N SER C 937 43.31 43.91 -8.81
CA SER C 937 41.91 43.64 -9.12
C SER C 937 41.45 42.32 -8.52
N LEU C 938 42.28 41.28 -8.60
CA LEU C 938 41.93 40.01 -7.99
C LEU C 938 41.85 40.13 -6.47
N SER C 939 42.77 40.90 -5.87
CA SER C 939 42.75 41.08 -4.43
C SER C 939 41.50 41.81 -3.97
N SER C 940 41.09 42.84 -4.71
CA SER C 940 39.99 43.71 -4.27
C SER C 940 38.63 43.16 -4.71
N THR C 941 38.44 42.99 -6.02
CA THR C 941 37.14 42.57 -6.54
C THR C 941 36.80 41.16 -6.08
N ALA C 942 35.53 40.96 -5.74
CA ALA C 942 35.01 39.66 -5.30
C ALA C 942 34.01 39.13 -6.32
N SER C 943 33.47 37.95 -6.02
CA SER C 943 32.48 37.28 -6.87
C SER C 943 33.02 37.01 -8.27
N ALA C 944 34.33 36.83 -8.40
CA ALA C 944 34.96 36.49 -9.66
C ALA C 944 35.20 35.00 -9.83
N LEU C 945 34.76 34.18 -8.90
CA LEU C 945 34.98 32.73 -8.90
C LEU C 945 33.65 32.00 -8.78
N GLY C 946 32.68 32.40 -9.60
CA GLY C 946 31.33 31.89 -9.47
C GLY C 946 31.20 30.40 -9.75
N LYS C 947 31.99 29.88 -10.69
CA LYS C 947 31.81 28.49 -11.12
C LYS C 947 32.15 27.51 -10.01
N LEU C 948 33.32 27.68 -9.38
CA LEU C 948 33.72 26.76 -8.32
C LEU C 948 32.76 26.82 -7.14
N GLN C 949 32.36 28.04 -6.75
CA GLN C 949 31.42 28.18 -5.64
C GLN C 949 30.08 27.55 -5.98
N ASP C 950 29.62 27.71 -7.23
CA ASP C 950 28.37 27.08 -7.64
C ASP C 950 28.44 25.57 -7.56
N VAL C 951 29.55 24.99 -8.04
CA VAL C 951 29.70 23.54 -8.00
C VAL C 951 29.69 23.04 -6.56
N VAL C 952 30.48 23.69 -5.69
CA VAL C 952 30.55 23.27 -4.29
C VAL C 952 29.18 23.41 -3.63
N ASN C 953 28.49 24.53 -3.88
CA ASN C 953 27.20 24.75 -3.26
C ASN C 953 26.17 23.73 -3.71
N GLN C 954 26.14 23.41 -5.01
CA GLN C 954 25.16 22.45 -5.49
C GLN C 954 25.43 21.05 -4.95
N ASN C 955 26.71 20.66 -4.88
CA ASN C 955 27.04 19.35 -4.31
C ASN C 955 26.64 19.28 -2.84
N ALA C 956 26.97 20.33 -2.07
CA ALA C 956 26.62 20.34 -0.66
C ALA C 956 25.11 20.33 -0.46
N GLN C 957 24.38 21.07 -1.29
CA GLN C 957 22.93 21.10 -1.18
C GLN C 957 22.32 19.73 -1.49
N ALA C 958 22.84 19.04 -2.51
CA ALA C 958 22.33 17.70 -2.82
C ALA C 958 22.58 16.74 -1.66
N LEU C 959 23.80 16.77 -1.09
CA LEU C 959 24.08 15.90 0.03
C LEU C 959 23.21 16.23 1.23
N ASN C 960 23.01 17.53 1.50
CA ASN C 960 22.21 17.95 2.65
C ASN C 960 20.75 17.53 2.48
N THR C 961 20.20 17.66 1.28
CA THR C 961 18.82 17.24 1.09
C THR C 961 18.68 15.72 1.17
N LEU C 962 19.69 14.97 0.72
CA LEU C 962 19.66 13.52 0.94
C LEU C 962 19.65 13.20 2.42
N VAL C 963 20.49 13.88 3.21
CA VAL C 963 20.52 13.62 4.65
C VAL C 963 19.18 13.98 5.29
N LYS C 964 18.60 15.11 4.88
CA LYS C 964 17.34 15.57 5.47
C LYS C 964 16.18 14.64 5.11
N GLN C 965 16.22 14.01 3.94
CA GLN C 965 15.13 13.13 3.54
C GLN C 965 15.00 11.89 4.43
N LEU C 966 16.00 11.60 5.26
CA LEU C 966 15.96 10.40 6.10
C LEU C 966 14.85 10.46 7.15
N SER C 967 14.38 11.65 7.51
CA SER C 967 13.42 11.82 8.59
C SER C 967 11.99 12.00 8.08
N SER C 968 11.61 11.30 7.01
CA SER C 968 10.28 11.42 6.45
C SER C 968 9.43 10.22 6.83
N ASN C 969 8.14 10.48 7.06
CA ASN C 969 7.22 9.43 7.48
C ASN C 969 6.98 8.41 6.37
N PHE C 970 6.86 8.89 5.13
CA PHE C 970 6.67 8.04 3.95
C PHE C 970 5.40 7.19 4.06
N GLY C 971 4.37 7.72 4.71
CA GLY C 971 3.10 7.03 4.82
C GLY C 971 2.98 6.07 5.98
N ALA C 972 4.05 5.85 6.74
CA ALA C 972 4.01 4.96 7.89
C ALA C 972 3.48 5.73 9.10
N ILE C 973 3.59 5.14 10.29
CA ILE C 973 3.14 5.82 11.50
C ILE C 973 4.26 6.59 12.18
N SER C 974 5.52 6.25 11.92
CA SER C 974 6.65 6.95 12.54
C SER C 974 7.86 6.84 11.63
N SER C 975 8.81 7.74 11.83
CA SER C 975 10.03 7.77 11.04
C SER C 975 11.18 7.02 11.68
N VAL C 976 10.98 6.46 12.87
CA VAL C 976 12.01 5.71 13.58
C VAL C 976 11.66 4.23 13.50
N LEU C 977 12.54 3.45 12.88
CA LEU C 977 12.29 2.01 12.72
C LEU C 977 12.48 1.25 14.02
N ASN C 978 13.36 1.74 14.89
CA ASN C 978 13.57 1.08 16.18
C ASN C 978 12.30 1.12 17.03
N ASP C 979 11.59 2.25 17.01
CA ASP C 979 10.33 2.35 17.74
C ASP C 979 9.28 1.40 17.16
N ILE C 980 9.20 1.32 15.82
CA ILE C 980 8.13 0.57 15.19
C ILE C 980 8.38 -0.94 15.21
N LEU C 981 9.63 -1.38 15.34
CA LEU C 981 9.91 -2.82 15.28
C LEU C 981 9.46 -3.55 16.54
N SER C 982 9.19 -2.83 17.63
CA SER C 982 8.81 -3.45 18.90
C SER C 982 7.60 -2.75 19.52
N ARG C 983 6.69 -2.26 18.68
CA ARG C 983 5.50 -1.59 19.19
C ARG C 983 4.23 -1.95 18.42
N LEU C 984 4.28 -2.92 17.51
CA LEU C 984 3.11 -3.26 16.70
C LEU C 984 3.12 -4.75 16.40
N ASP C 985 1.96 -5.23 15.97
CA ASP C 985 1.84 -6.61 15.49
C ASP C 985 2.68 -6.76 14.21
N PRO C 986 3.50 -7.81 14.13
CA PRO C 986 4.38 -7.98 12.96
C PRO C 986 3.64 -7.92 11.63
N PRO C 987 2.46 -8.57 11.48
CA PRO C 987 1.85 -8.64 10.13
C PRO C 987 1.74 -7.31 9.40
N GLU C 988 1.41 -6.22 10.11
CA GLU C 988 1.47 -4.90 9.49
C GLU C 988 2.84 -4.25 9.62
N ALA C 989 3.66 -4.74 10.56
CA ALA C 989 5.01 -4.19 10.70
C ALA C 989 5.83 -4.41 9.44
N GLU C 990 5.73 -5.60 8.84
CA GLU C 990 6.44 -5.81 7.58
C GLU C 990 5.95 -4.83 6.51
N VAL C 991 4.66 -4.51 6.50
CA VAL C 991 4.14 -3.58 5.51
C VAL C 991 4.74 -2.19 5.70
N GLN C 992 4.75 -1.70 6.95
CA GLN C 992 5.34 -0.38 7.18
C GLN C 992 6.83 -0.36 6.85
N ILE C 993 7.53 -1.45 7.19
CA ILE C 993 8.96 -1.52 6.89
C ILE C 993 9.19 -1.50 5.38
N ASP C 994 8.35 -2.22 4.63
CA ASP C 994 8.47 -2.23 3.17
C ASP C 994 8.23 -0.84 2.60
N ARG C 995 7.24 -0.12 3.11
CA ARG C 995 6.98 1.23 2.64
C ARG C 995 8.19 2.14 2.88
N LEU C 996 8.74 2.08 4.09
CA LEU C 996 9.92 2.90 4.39
C LEU C 996 11.09 2.53 3.49
N ILE C 997 11.31 1.23 3.27
CA ILE C 997 12.43 0.77 2.48
C ILE C 997 12.31 1.26 1.04
N THR C 998 11.11 1.13 0.46
CA THR C 998 10.97 1.53 -0.94
C THR C 998 11.08 3.04 -1.10
N GLY C 999 10.58 3.83 -0.13
CA GLY C 999 10.76 5.27 -0.22
C GLY C 999 12.22 5.67 -0.18
N ARG C 1000 12.97 5.10 0.78
CA ARG C 1000 14.38 5.44 0.89
C ARG C 1000 15.17 4.99 -0.34
N LEU C 1001 14.82 3.82 -0.89
CA LEU C 1001 15.48 3.35 -2.10
C LEU C 1001 15.22 4.29 -3.27
N GLN C 1002 13.99 4.79 -3.40
CA GLN C 1002 13.69 5.73 -4.48
C GLN C 1002 14.51 7.01 -4.34
N SER C 1003 14.61 7.53 -3.11
CA SER C 1003 15.43 8.73 -2.91
C SER C 1003 16.88 8.48 -3.29
N LEU C 1004 17.42 7.31 -2.90
CA LEU C 1004 18.81 6.98 -3.23
C LEU C 1004 19.01 6.92 -4.74
N GLN C 1005 18.06 6.31 -5.46
CA GLN C 1005 18.19 6.23 -6.92
C GLN C 1005 18.20 7.61 -7.55
N THR C 1006 17.32 8.50 -7.08
CA THR C 1006 17.30 9.87 -7.62
C THR C 1006 18.63 10.56 -7.40
N TYR C 1007 19.19 10.42 -6.19
CA TYR C 1007 20.47 11.05 -5.90
C TYR C 1007 21.57 10.51 -6.81
N VAL C 1008 21.59 9.19 -7.03
CA VAL C 1008 22.61 8.60 -7.88
C VAL C 1008 22.51 9.14 -9.30
N THR C 1009 21.29 9.25 -9.83
CA THR C 1009 21.13 9.79 -11.18
C THR C 1009 21.64 11.22 -11.28
N GLN C 1010 21.30 12.05 -10.28
CA GLN C 1010 21.79 13.44 -10.30
C GLN C 1010 23.32 13.48 -10.27
N GLN C 1011 23.93 12.62 -9.44
CA GLN C 1011 25.39 12.59 -9.37
C GLN C 1011 26.00 12.19 -10.69
N LEU C 1012 25.39 11.22 -11.39
CA LEU C 1012 25.90 10.82 -12.70
C LEU C 1012 25.86 11.98 -13.69
N ILE C 1013 24.75 12.72 -13.71
CA ILE C 1013 24.65 13.85 -14.65
C ILE C 1013 25.73 14.88 -14.35
N ARG C 1014 25.90 15.22 -13.07
CA ARG C 1014 26.89 16.23 -12.70
C ARG C 1014 28.30 15.76 -13.05
N ALA C 1015 28.59 14.47 -12.85
CA ALA C 1015 29.91 13.94 -13.19
C ALA C 1015 30.17 14.04 -14.68
N ALA C 1016 29.17 13.73 -15.50
CA ALA C 1016 29.35 13.86 -16.95
C ALA C 1016 29.65 15.29 -17.36
N GLU C 1017 28.92 16.25 -16.80
CA GLU C 1017 29.16 17.65 -17.15
C GLU C 1017 30.56 18.09 -16.73
N ILE C 1018 30.98 17.70 -15.52
CA ILE C 1018 32.31 18.06 -15.03
C ILE C 1018 33.39 17.44 -15.92
N ARG C 1019 33.18 16.21 -16.37
CA ARG C 1019 34.15 15.58 -17.26
C ARG C 1019 34.28 16.37 -18.57
N ALA C 1020 33.16 16.79 -19.15
CA ALA C 1020 33.23 17.58 -20.37
C ALA C 1020 34.00 18.89 -20.14
N SER C 1021 33.71 19.58 -19.04
CA SER C 1021 34.39 20.84 -18.76
C SER C 1021 35.89 20.62 -18.57
N ALA C 1022 36.27 19.56 -17.86
CA ALA C 1022 37.69 19.30 -17.64
C ALA C 1022 38.40 18.90 -18.92
N ASN C 1023 37.72 18.20 -19.82
CA ASN C 1023 38.32 17.92 -21.13
C ASN C 1023 38.60 19.21 -21.89
N LEU C 1024 37.65 20.14 -21.87
CA LEU C 1024 37.90 21.44 -22.51
C LEU C 1024 39.08 22.16 -21.87
N ALA C 1025 39.16 22.13 -20.54
CA ALA C 1025 40.26 22.79 -19.85
C ALA C 1025 41.60 22.16 -20.20
N ALA C 1026 41.64 20.83 -20.29
CA ALA C 1026 42.89 20.16 -20.66
C ALA C 1026 43.32 20.52 -22.07
N THR C 1027 42.36 20.58 -23.01
CA THR C 1027 42.70 21.00 -24.37
C THR C 1027 43.27 22.42 -24.39
N LYS C 1028 42.64 23.33 -23.65
CA LYS C 1028 43.13 24.71 -23.61
C LYS C 1028 44.54 24.77 -23.01
N MET C 1029 44.78 24.03 -21.94
CA MET C 1029 46.09 24.05 -21.31
C MET C 1029 47.15 23.49 -22.25
N SER C 1030 46.81 22.44 -22.99
CA SER C 1030 47.78 21.83 -23.90
C SER C 1030 48.08 22.74 -25.08
N GLU C 1031 47.09 23.49 -25.57
CA GLU C 1031 47.30 24.24 -26.80
C GLU C 1031 47.79 25.66 -26.57
N CYS C 1032 47.29 26.36 -25.56
CA CYS C 1032 47.61 27.77 -25.39
C CYS C 1032 48.80 28.04 -24.46
N VAL C 1033 49.43 27.00 -23.91
CA VAL C 1033 50.56 27.16 -23.02
C VAL C 1033 51.83 26.58 -23.62
N LEU C 1034 51.78 25.33 -24.07
CA LEU C 1034 52.96 24.66 -24.63
C LEU C 1034 53.34 25.19 -26.01
N GLY C 1035 52.52 26.03 -26.62
CA GLY C 1035 52.82 26.62 -27.91
C GLY C 1035 52.14 27.96 -28.05
N GLN C 1036 51.87 28.33 -29.30
CA GLN C 1036 51.14 29.57 -29.60
C GLN C 1036 49.99 29.23 -30.52
N SER C 1037 48.83 29.83 -30.25
CA SER C 1037 47.60 29.51 -30.96
C SER C 1037 47.28 30.59 -31.98
N LYS C 1038 46.81 30.16 -33.15
CA LYS C 1038 46.38 31.06 -34.21
C LYS C 1038 44.87 31.22 -34.29
N ARG C 1039 44.11 30.28 -33.74
CA ARG C 1039 42.65 30.38 -33.77
C ARG C 1039 42.19 31.60 -32.99
N VAL C 1040 41.25 32.34 -33.58
CA VAL C 1040 40.85 33.64 -33.04
C VAL C 1040 39.97 33.44 -31.82
N ASP C 1041 40.27 34.19 -30.76
CA ASP C 1041 39.45 34.28 -29.55
C ASP C 1041 39.35 32.95 -28.80
N PHE C 1042 40.20 31.98 -29.13
CA PHE C 1042 40.23 30.74 -28.37
C PHE C 1042 40.67 31.01 -26.94
N CYS C 1043 41.88 31.54 -26.76
CA CYS C 1043 42.36 32.00 -25.46
C CYS C 1043 42.81 33.44 -25.60
N GLY C 1044 42.21 34.32 -24.79
CA GLY C 1044 42.50 35.74 -24.86
C GLY C 1044 41.54 36.47 -25.78
N LYS C 1045 41.69 37.80 -25.80
CA LYS C 1045 40.88 38.67 -26.65
C LYS C 1045 41.83 39.54 -27.47
N GLY C 1046 42.09 39.13 -28.70
CA GLY C 1046 43.05 39.80 -29.56
C GLY C 1046 44.05 38.84 -30.14
N TYR C 1047 45.32 39.25 -30.23
CA TYR C 1047 46.38 38.39 -30.70
C TYR C 1047 47.09 37.78 -29.50
N HIS C 1048 47.24 36.46 -29.51
CA HIS C 1048 47.74 35.73 -28.35
C HIS C 1048 49.27 35.71 -28.36
N LEU C 1049 49.85 35.93 -27.18
CA LEU C 1049 51.30 35.90 -27.01
C LEU C 1049 51.74 34.70 -26.18
N MET C 1050 51.22 34.55 -24.97
CA MET C 1050 51.57 33.43 -24.10
C MET C 1050 50.55 33.35 -22.97
N SER C 1051 50.70 32.33 -22.14
CA SER C 1051 49.81 32.12 -21.01
C SER C 1051 50.59 31.52 -19.85
N PHE C 1052 50.07 31.74 -18.64
CA PHE C 1052 50.66 31.21 -17.43
C PHE C 1052 49.57 30.49 -16.63
N PRO C 1053 49.80 29.25 -16.22
CA PRO C 1053 48.80 28.53 -15.43
C PRO C 1053 49.01 28.69 -13.93
N GLN C 1054 47.91 28.63 -13.20
CA GLN C 1054 47.90 28.69 -11.75
C GLN C 1054 46.86 27.72 -11.22
N SER C 1055 47.11 27.21 -10.02
CA SER C 1055 46.20 26.25 -9.42
C SER C 1055 45.03 26.95 -8.74
N ALA C 1056 44.05 26.16 -8.34
CA ALA C 1056 42.91 26.67 -7.59
C ALA C 1056 42.46 25.57 -6.63
N PRO C 1057 41.55 25.88 -5.70
CA PRO C 1057 40.99 24.81 -4.85
C PRO C 1057 40.53 23.58 -5.62
N HIS C 1058 39.72 23.77 -6.67
CA HIS C 1058 39.24 22.66 -7.48
C HIS C 1058 39.21 23.07 -8.96
N GLY C 1059 40.27 23.69 -9.43
CA GLY C 1059 40.29 24.14 -10.81
C GLY C 1059 41.62 24.78 -11.17
N VAL C 1060 41.63 25.37 -12.36
CA VAL C 1060 42.82 26.00 -12.92
C VAL C 1060 42.47 27.40 -13.36
N VAL C 1061 43.48 28.29 -13.34
CA VAL C 1061 43.33 29.68 -13.73
C VAL C 1061 44.42 30.01 -14.74
N PHE C 1062 44.02 30.47 -15.92
CA PHE C 1062 44.96 30.83 -16.97
C PHE C 1062 45.06 32.35 -17.05
N LEU C 1063 46.31 32.85 -17.06
CA LEU C 1063 46.57 34.26 -17.30
C LEU C 1063 47.10 34.39 -18.72
N HIS C 1064 46.32 35.01 -19.59
CA HIS C 1064 46.64 35.18 -21.00
C HIS C 1064 47.21 36.57 -21.24
N VAL C 1065 48.28 36.65 -22.03
CA VAL C 1065 48.89 37.92 -22.42
C VAL C 1065 48.55 38.16 -23.88
N THR C 1066 48.00 39.34 -24.18
CA THR C 1066 47.49 39.64 -25.51
C THR C 1066 47.99 40.99 -25.97
N TYR C 1067 48.06 41.15 -27.29
CA TYR C 1067 48.58 42.34 -27.95
C TYR C 1067 47.44 43.03 -28.70
N VAL C 1068 47.25 44.33 -28.45
CA VAL C 1068 46.12 45.07 -28.98
C VAL C 1068 46.61 46.36 -29.62
N PRO C 1069 46.31 46.61 -30.90
CA PRO C 1069 46.72 47.87 -31.53
C PRO C 1069 45.84 49.04 -31.10
N ALA C 1070 46.37 50.24 -31.31
CA ALA C 1070 45.70 51.48 -30.94
C ALA C 1070 46.42 52.64 -31.61
N GLN C 1071 45.85 53.83 -31.45
CA GLN C 1071 46.38 55.07 -32.04
C GLN C 1071 46.45 54.96 -33.57
N GLU C 1072 45.27 54.81 -34.18
CA GLU C 1072 45.18 54.56 -35.61
C GLU C 1072 45.28 55.86 -36.39
N LYS C 1073 45.59 55.72 -37.69
CA LYS C 1073 45.64 56.84 -38.61
C LYS C 1073 45.00 56.42 -39.93
N ASN C 1074 44.54 57.42 -40.68
CA ASN C 1074 43.86 57.20 -41.95
C ASN C 1074 44.77 57.58 -43.11
N PHE C 1075 44.76 56.76 -44.16
CA PHE C 1075 45.63 56.97 -45.31
C PHE C 1075 44.89 56.60 -46.58
N THR C 1076 45.48 56.98 -47.72
CA THR C 1076 44.95 56.67 -49.04
C THR C 1076 45.76 55.54 -49.65
N THR C 1077 45.07 54.52 -50.16
CA THR C 1077 45.71 53.30 -50.63
C THR C 1077 45.63 53.20 -52.16
N ALA C 1078 46.17 52.10 -52.68
CA ALA C 1078 46.17 51.79 -54.11
C ALA C 1078 46.55 50.33 -54.30
N PRO C 1079 45.89 49.61 -55.21
CA PRO C 1079 46.16 48.18 -55.37
C PRO C 1079 47.55 47.89 -55.91
N ALA C 1080 47.92 48.51 -57.02
CA ALA C 1080 49.22 48.27 -57.65
C ALA C 1080 49.66 49.52 -58.38
N ILE C 1081 50.97 49.63 -58.60
CA ILE C 1081 51.56 50.81 -59.24
C ILE C 1081 52.30 50.35 -60.48
N CYS C 1082 51.97 50.92 -61.64
CA CYS C 1082 52.63 50.52 -62.87
C CYS C 1082 53.59 51.62 -63.32
N HIS C 1083 54.84 51.22 -63.52
CA HIS C 1083 55.90 52.08 -64.01
C HIS C 1083 56.45 51.50 -65.30
N ASP C 1084 56.66 52.38 -66.29
CA ASP C 1084 57.17 51.99 -67.61
C ASP C 1084 56.30 50.88 -68.21
N GLY C 1085 54.99 50.97 -68.00
CA GLY C 1085 54.07 49.98 -68.53
C GLY C 1085 54.05 48.64 -67.82
N LYS C 1086 54.73 48.52 -66.68
CA LYS C 1086 54.77 47.26 -65.94
C LYS C 1086 54.17 47.47 -64.56
N ALA C 1087 53.21 46.61 -64.20
CA ALA C 1087 52.49 46.74 -62.94
C ALA C 1087 53.22 46.01 -61.83
N HIS C 1088 53.45 46.69 -60.72
CA HIS C 1088 54.11 46.13 -59.55
C HIS C 1088 53.13 46.06 -58.38
N PHE C 1089 53.17 44.92 -57.69
CA PHE C 1089 52.42 44.57 -56.50
C PHE C 1089 53.37 44.37 -55.33
N PRO C 1090 52.91 44.58 -54.10
CA PRO C 1090 53.80 44.39 -52.95
C PRO C 1090 53.90 42.93 -52.54
N ARG C 1091 55.05 42.58 -51.96
CA ARG C 1091 55.26 41.21 -51.51
C ARG C 1091 54.52 40.95 -50.19
N GLU C 1092 54.88 41.69 -49.15
CA GLU C 1092 54.23 41.60 -47.85
C GLU C 1092 54.06 43.02 -47.33
N GLY C 1093 52.85 43.55 -47.44
CA GLY C 1093 52.59 44.92 -47.04
C GLY C 1093 51.47 45.52 -47.88
N VAL C 1094 51.47 46.85 -47.95
CA VAL C 1094 50.40 47.59 -48.60
C VAL C 1094 50.94 48.96 -48.97
N PHE C 1095 50.44 49.50 -50.08
CA PHE C 1095 50.78 50.85 -50.49
C PHE C 1095 49.96 51.87 -49.71
N VAL C 1096 50.63 52.91 -49.22
CA VAL C 1096 49.98 54.00 -48.52
C VAL C 1096 50.52 55.32 -49.07
N SER C 1097 49.77 56.38 -48.83
CA SER C 1097 50.15 57.71 -49.30
C SER C 1097 49.67 58.74 -48.28
N ASN C 1098 50.58 59.63 -47.88
CA ASN C 1098 50.23 60.70 -46.95
C ASN C 1098 49.74 61.95 -47.65
N GLY C 1099 49.60 61.92 -48.98
CA GLY C 1099 49.10 63.06 -49.72
C GLY C 1099 49.93 63.42 -50.94
N THR C 1100 51.24 63.24 -50.84
CA THR C 1100 52.15 63.59 -51.93
C THR C 1100 52.96 62.41 -52.43
N HIS C 1101 53.50 61.59 -51.54
CA HIS C 1101 54.39 60.49 -51.91
C HIS C 1101 53.70 59.15 -51.63
N TRP C 1102 54.43 58.07 -51.87
CA TRP C 1102 53.93 56.71 -51.70
C TRP C 1102 54.95 55.89 -50.92
N PHE C 1103 54.45 54.96 -50.12
CA PHE C 1103 55.29 54.10 -49.31
C PHE C 1103 54.65 52.71 -49.23
N VAL C 1104 55.45 51.74 -48.81
CA VAL C 1104 54.97 50.39 -48.53
C VAL C 1104 55.14 50.12 -47.04
N THR C 1105 54.03 49.75 -46.39
CA THR C 1105 54.03 49.50 -44.95
C THR C 1105 53.34 48.18 -44.66
N GLN C 1106 53.71 47.58 -43.53
CA GLN C 1106 53.05 46.34 -43.13
C GLN C 1106 51.63 46.63 -42.63
N ARG C 1107 50.83 45.56 -42.54
CA ARG C 1107 49.41 45.74 -42.25
C ARG C 1107 49.18 46.08 -40.78
N ASN C 1108 49.93 45.47 -39.87
CA ASN C 1108 49.67 45.58 -38.44
C ASN C 1108 50.47 46.68 -37.76
N PHE C 1109 51.25 47.46 -38.51
CA PHE C 1109 52.04 48.54 -37.93
C PHE C 1109 52.34 49.55 -39.00
N TYR C 1110 52.80 50.73 -38.57
CA TYR C 1110 53.08 51.85 -39.48
C TYR C 1110 54.54 52.21 -39.38
N GLU C 1111 55.36 51.64 -40.25
CA GLU C 1111 56.73 52.09 -40.45
C GLU C 1111 57.01 52.18 -41.95
N PRO C 1112 56.97 53.37 -42.53
CA PRO C 1112 57.05 53.50 -43.99
C PRO C 1112 58.44 53.21 -44.52
N GLN C 1113 58.46 52.68 -45.74
CA GLN C 1113 59.68 52.44 -46.49
C GLN C 1113 59.49 52.93 -47.92
N ILE C 1114 60.60 53.30 -48.56
CA ILE C 1114 60.54 53.76 -49.94
C ILE C 1114 60.30 52.56 -50.86
N ILE C 1115 59.68 52.82 -52.00
CA ILE C 1115 59.33 51.76 -52.94
C ILE C 1115 60.54 51.46 -53.81
N THR C 1116 61.04 50.24 -53.74
CA THR C 1116 62.13 49.77 -54.57
C THR C 1116 61.67 48.55 -55.35
N THR C 1117 62.60 47.93 -56.07
CA THR C 1117 62.34 46.69 -56.79
C THR C 1117 62.64 45.46 -55.94
N ASP C 1118 63.05 45.64 -54.69
CA ASP C 1118 63.34 44.50 -53.82
C ASP C 1118 62.10 44.00 -53.10
N ASN C 1119 61.18 44.89 -52.73
CA ASN C 1119 60.00 44.52 -51.97
C ASN C 1119 58.74 44.52 -52.83
N THR C 1120 58.88 44.59 -54.15
CA THR C 1120 57.74 44.56 -55.07
C THR C 1120 58.04 43.57 -56.19
N PHE C 1121 56.97 43.00 -56.75
CA PHE C 1121 57.10 42.06 -57.86
C PHE C 1121 56.16 42.46 -58.98
N VAL C 1122 56.56 42.17 -60.22
CA VAL C 1122 55.89 42.65 -61.41
C VAL C 1122 55.18 41.49 -62.09
N SER C 1123 53.99 41.76 -62.63
CA SER C 1123 53.23 40.76 -63.38
C SER C 1123 52.27 41.48 -64.31
N GLY C 1124 52.48 41.34 -65.61
CA GLY C 1124 51.58 41.91 -66.60
C GLY C 1124 51.80 43.40 -66.81
N ASN C 1125 50.75 44.05 -67.33
CA ASN C 1125 50.77 45.47 -67.61
C ASN C 1125 49.48 46.09 -67.12
N CYS C 1126 49.51 47.39 -66.85
CA CYS C 1126 48.38 48.09 -66.25
C CYS C 1126 47.38 48.45 -67.34
N ASP C 1127 46.54 47.47 -67.69
CA ASP C 1127 45.48 47.67 -68.67
C ASP C 1127 44.13 47.22 -68.13
N VAL C 1128 44.12 46.17 -67.30
CA VAL C 1128 42.88 45.57 -66.86
C VAL C 1128 42.61 45.75 -65.37
N VAL C 1129 43.65 45.90 -64.54
CA VAL C 1129 43.44 46.06 -63.11
C VAL C 1129 42.81 47.41 -62.82
N ILE C 1130 41.99 47.46 -61.78
CA ILE C 1130 41.20 48.64 -61.44
C ILE C 1130 41.83 49.34 -60.24
N GLY C 1131 41.93 50.67 -60.32
CA GLY C 1131 42.52 51.46 -59.26
C GLY C 1131 43.98 51.79 -59.43
N ILE C 1132 44.54 51.57 -60.61
CA ILE C 1132 45.97 51.75 -60.82
C ILE C 1132 46.32 53.23 -60.79
N VAL C 1133 47.45 53.55 -60.17
CA VAL C 1133 47.94 54.92 -60.06
C VAL C 1133 49.37 54.99 -60.56
N ASN C 1134 49.66 56.00 -61.38
CA ASN C 1134 51.01 56.19 -61.90
C ASN C 1134 51.95 56.68 -60.79
N ASN C 1135 53.19 56.23 -60.87
CA ASN C 1135 54.25 56.65 -59.95
C ASN C 1135 55.58 56.16 -60.53
N THR C 1136 56.65 56.35 -59.77
CA THR C 1136 57.98 55.90 -60.17
C THR C 1136 58.52 54.93 -59.13
N VAL C 1137 59.33 53.98 -59.59
CA VAL C 1137 59.88 52.93 -58.74
C VAL C 1137 61.39 53.07 -58.73
N TYR C 1138 61.96 53.25 -57.55
CA TYR C 1138 63.41 53.40 -57.39
C TYR C 1138 64.10 52.05 -57.51
N ASP C 1139 65.34 52.08 -57.99
CA ASP C 1139 66.18 50.90 -58.05
C ASP C 1139 67.58 51.28 -57.59
N PRO C 1140 68.31 50.35 -56.98
CA PRO C 1140 69.65 50.69 -56.46
C PRO C 1140 70.77 50.45 -57.46
N LEU C 1141 70.50 49.66 -58.51
CA LEU C 1141 71.56 49.26 -59.43
C LEU C 1141 72.15 50.46 -60.17
N GLN C 1142 71.28 51.31 -60.72
CA GLN C 1142 71.77 52.49 -61.42
C GLN C 1142 72.53 53.45 -60.53
N PRO C 1143 72.03 53.85 -59.35
CA PRO C 1143 72.84 54.71 -58.48
C PRO C 1143 74.14 54.08 -58.02
N GLU C 1144 74.15 52.76 -57.78
CA GLU C 1144 75.36 52.12 -57.30
C GLU C 1144 76.41 51.99 -58.41
N LEU C 1145 75.97 51.75 -59.65
CA LEU C 1145 76.91 51.62 -60.76
C LEU C 1145 77.53 52.95 -61.14
N ASP C 1146 76.91 54.08 -60.79
CA ASP C 1146 77.45 55.38 -61.14
C ASP C 1146 78.10 56.04 -59.93
N GLU D 1 -39.22 -43.24 39.72
CA GLU D 1 -40.25 -43.46 38.71
C GLU D 1 -40.62 -44.94 38.62
N VAL D 2 -40.28 -45.69 39.68
CA VAL D 2 -40.54 -47.13 39.73
C VAL D 2 -41.83 -47.36 40.51
N GLN D 3 -42.72 -48.18 39.93
CA GLN D 3 -43.99 -48.50 40.55
C GLN D 3 -44.35 -49.95 40.22
N LEU D 4 -45.23 -50.52 41.04
CA LEU D 4 -45.62 -51.92 40.87
C LEU D 4 -47.05 -52.09 41.35
N GLN D 5 -47.93 -52.48 40.44
CA GLN D 5 -49.34 -52.73 40.75
C GLN D 5 -49.61 -54.22 40.63
N GLN D 6 -50.17 -54.80 41.68
CA GLN D 6 -50.46 -56.22 41.74
C GLN D 6 -51.96 -56.45 41.89
N SER D 7 -52.34 -57.72 41.97
CA SER D 7 -53.74 -58.11 42.11
C SER D 7 -54.14 -58.11 43.58
N GLY D 8 -55.45 -58.22 43.81
CA GLY D 8 -56.00 -58.22 45.14
C GLY D 8 -55.98 -59.59 45.78
N PRO D 9 -56.66 -59.73 46.91
CA PRO D 9 -56.70 -61.03 47.59
C PRO D 9 -57.44 -62.07 46.76
N GLU D 10 -57.03 -63.32 46.95
CA GLU D 10 -57.60 -64.44 46.20
C GLU D 10 -57.93 -65.58 47.15
N LEU D 11 -58.99 -66.31 46.80
CA LEU D 11 -59.39 -67.53 47.52
C LEU D 11 -59.21 -68.71 46.58
N VAL D 12 -58.45 -69.71 47.04
CA VAL D 12 -58.07 -70.84 46.21
C VAL D 12 -58.66 -72.11 46.81
N LYS D 13 -58.63 -73.18 46.01
CA LYS D 13 -59.12 -74.50 46.40
C LYS D 13 -57.99 -75.51 46.34
N PRO D 14 -57.90 -76.42 47.31
CA PRO D 14 -56.85 -77.45 47.27
C PRO D 14 -56.95 -78.29 46.00
N GLY D 15 -55.80 -78.65 45.47
CA GLY D 15 -55.74 -79.41 44.23
C GLY D 15 -56.27 -78.67 43.02
N ALA D 16 -55.92 -77.39 42.89
CA ALA D 16 -56.37 -76.57 41.77
C ALA D 16 -55.20 -75.70 41.30
N SER D 17 -55.44 -74.95 40.23
CA SER D 17 -54.43 -74.08 39.64
C SER D 17 -54.96 -72.65 39.59
N VAL D 18 -54.14 -71.70 40.07
CA VAL D 18 -54.51 -70.29 40.07
C VAL D 18 -53.34 -69.48 39.50
N LYS D 19 -53.61 -68.22 39.18
CA LYS D 19 -52.64 -67.34 38.55
C LYS D 19 -52.54 -66.03 39.32
N ILE D 20 -51.31 -65.52 39.45
CA ILE D 20 -51.03 -64.24 40.09
C ILE D 20 -50.13 -63.41 39.18
N SER D 21 -50.48 -62.14 38.99
CA SER D 21 -49.79 -61.27 38.05
C SER D 21 -49.07 -60.14 38.79
N CYS D 22 -47.81 -59.92 38.43
CA CYS D 22 -47.02 -58.78 38.89
C CYS D 22 -46.79 -57.87 37.70
N LYS D 23 -47.27 -56.63 37.79
CA LYS D 23 -47.22 -55.68 36.69
C LYS D 23 -46.12 -54.66 36.92
N THR D 24 -45.28 -54.44 35.91
CA THR D 24 -44.22 -53.45 35.95
C THR D 24 -44.42 -52.45 34.82
N SER D 25 -44.39 -51.17 35.17
CA SER D 25 -44.59 -50.11 34.18
C SER D 25 -43.85 -48.86 34.63
N GLY D 26 -43.57 -47.99 33.67
CA GLY D 26 -42.88 -46.75 33.93
C GLY D 26 -41.37 -46.82 33.87
N TYR D 27 -40.80 -48.01 33.68
CA TYR D 27 -39.35 -48.16 33.62
C TYR D 27 -39.01 -49.35 32.73
N THR D 28 -37.75 -49.39 32.31
CA THR D 28 -37.29 -50.46 31.43
C THR D 28 -37.34 -51.81 32.15
N PHE D 29 -37.71 -52.85 31.41
CA PHE D 29 -37.93 -54.17 31.97
C PHE D 29 -36.91 -55.21 31.50
N THR D 30 -36.11 -54.91 30.48
CA THR D 30 -35.29 -55.93 29.84
C THR D 30 -34.12 -56.35 30.72
N GLU D 31 -33.47 -55.40 31.38
CA GLU D 31 -32.18 -55.69 32.01
C GLU D 31 -32.33 -56.41 33.35
N TYR D 32 -33.01 -55.79 34.31
CA TYR D 32 -33.03 -56.28 35.67
C TYR D 32 -33.97 -57.48 35.84
N THR D 33 -33.51 -58.47 36.59
CA THR D 33 -34.29 -59.66 36.85
C THR D 33 -35.43 -59.36 37.83
N ILE D 34 -36.37 -60.31 37.93
CA ILE D 34 -37.54 -60.16 38.79
C ILE D 34 -37.55 -61.31 39.79
N TYR D 35 -37.73 -60.98 41.07
CA TYR D 35 -37.69 -61.94 42.15
C TYR D 35 -39.06 -62.09 42.80
N TRP D 36 -39.32 -63.29 43.30
CA TRP D 36 -40.58 -63.65 43.94
C TRP D 36 -40.29 -64.24 45.30
N VAL D 37 -40.94 -63.72 46.34
CA VAL D 37 -40.80 -64.20 47.71
C VAL D 37 -42.18 -64.34 48.34
N LYS D 38 -42.22 -64.95 49.52
CA LYS D 38 -43.47 -65.19 50.23
C LYS D 38 -43.33 -64.78 51.69
N GLN D 39 -44.46 -64.39 52.27
CA GLN D 39 -44.56 -64.14 53.71
C GLN D 39 -45.80 -64.86 54.22
N SER D 40 -45.60 -65.78 55.17
CA SER D 40 -46.70 -66.57 55.73
C SER D 40 -47.16 -65.96 57.05
N LEU D 41 -47.76 -64.77 56.94
CA LEU D 41 -48.34 -64.05 58.05
C LEU D 41 -47.30 -63.76 59.14
N GLY D 42 -46.27 -63.02 58.73
CA GLY D 42 -45.25 -62.55 59.66
C GLY D 42 -44.17 -63.54 60.00
N LYS D 43 -44.14 -64.72 59.39
CA LYS D 43 -43.11 -65.70 59.66
C LYS D 43 -41.85 -65.35 58.87
N SER D 44 -40.90 -66.29 58.83
CA SER D 44 -39.65 -66.06 58.12
C SER D 44 -39.90 -65.94 56.62
N LEU D 45 -39.09 -65.10 55.97
CA LEU D 45 -39.24 -64.85 54.54
C LEU D 45 -38.60 -65.99 53.75
N GLU D 46 -39.31 -66.46 52.73
CA GLU D 46 -38.82 -67.51 51.85
C GLU D 46 -38.64 -66.96 50.45
N TRP D 47 -37.47 -67.20 49.86
CA TRP D 47 -37.19 -66.76 48.49
C TRP D 47 -37.79 -67.78 47.53
N ILE D 48 -38.96 -67.46 46.98
CA ILE D 48 -39.65 -68.40 46.10
C ILE D 48 -38.82 -68.65 44.85
N GLY D 49 -38.27 -67.61 44.25
CA GLY D 49 -37.41 -67.80 43.11
C GLY D 49 -37.17 -66.51 42.35
N GLY D 50 -36.69 -66.66 41.12
CA GLY D 50 -36.39 -65.51 40.29
C GLY D 50 -36.36 -65.87 38.82
N ASN D 51 -36.48 -64.84 37.98
CA ASN D 51 -36.47 -65.03 36.55
C ASN D 51 -35.80 -63.85 35.86
N ASN D 52 -35.24 -64.12 34.67
CA ASN D 52 -34.52 -63.14 33.89
C ASN D 52 -35.36 -62.73 32.68
N PRO D 53 -35.77 -61.47 32.59
CA PRO D 53 -36.59 -61.05 31.43
C PRO D 53 -35.90 -61.23 30.09
N ASN D 54 -34.59 -61.04 30.02
CA ASN D 54 -33.88 -61.09 28.74
C ASN D 54 -33.62 -62.52 28.29
N ASN D 55 -32.89 -63.29 29.10
CA ASN D 55 -32.54 -64.66 28.73
C ASN D 55 -33.66 -65.65 28.99
N ASP D 56 -34.78 -65.21 29.59
CA ASP D 56 -35.90 -66.08 29.96
C ASP D 56 -35.45 -67.18 30.91
N ASP D 57 -34.44 -66.89 31.72
CA ASP D 57 -33.93 -67.86 32.67
C ASP D 57 -34.88 -68.02 33.86
N THR D 58 -34.74 -69.14 34.56
CA THR D 58 -35.60 -69.46 35.69
C THR D 58 -34.77 -70.11 36.78
N THR D 59 -34.90 -69.61 38.01
CA THR D 59 -34.19 -70.18 39.16
C THR D 59 -35.14 -70.34 40.33
N TYR D 60 -35.02 -71.47 41.01
CA TYR D 60 -35.84 -71.81 42.17
C TYR D 60 -34.95 -71.91 43.41
N LYS D 61 -35.58 -72.20 44.54
CA LYS D 61 -34.86 -72.46 45.78
C LYS D 61 -34.57 -73.96 45.89
N GLN D 62 -34.08 -74.40 47.05
CA GLN D 62 -33.76 -75.81 47.24
C GLN D 62 -35.01 -76.68 47.17
N PHE D 63 -36.09 -76.25 47.83
CA PHE D 63 -37.33 -77.01 47.89
C PHE D 63 -38.47 -76.12 47.38
N PHE D 64 -38.83 -76.28 46.11
CA PHE D 64 -39.93 -75.52 45.52
C PHE D 64 -40.80 -76.39 44.63
N LYS D 65 -40.49 -77.67 44.47
CA LYS D 65 -41.24 -78.53 43.55
C LYS D 65 -42.71 -78.62 43.94
N GLY D 66 -43.58 -78.57 42.95
CA GLY D 66 -45.02 -78.61 43.16
C GLY D 66 -45.73 -77.49 42.43
N LYS D 67 -45.11 -76.31 42.42
CA LYS D 67 -45.64 -75.17 41.66
C LYS D 67 -44.51 -74.39 40.99
N ALA D 68 -43.42 -75.06 40.66
CA ALA D 68 -42.23 -74.39 40.10
C ALA D 68 -42.52 -74.01 38.66
N THR D 69 -42.96 -72.77 38.47
CA THR D 69 -43.27 -72.26 37.15
C THR D 69 -43.14 -70.74 37.07
N LEU D 70 -42.47 -70.26 36.03
CA LEU D 70 -42.27 -68.83 35.85
C LEU D 70 -42.68 -68.40 34.44
N THR D 71 -43.13 -67.16 34.30
CA THR D 71 -43.55 -66.64 33.01
C THR D 71 -43.59 -65.12 32.97
N VAL D 72 -43.13 -64.55 31.86
CA VAL D 72 -43.11 -63.10 31.68
C VAL D 72 -43.54 -62.78 30.26
N ASP D 73 -43.97 -61.54 30.06
CA ASP D 73 -44.27 -61.05 28.72
C ASP D 73 -43.96 -59.56 28.63
N LYS D 74 -43.48 -59.14 27.46
CA LYS D 74 -43.08 -57.77 27.23
C LYS D 74 -44.19 -56.92 26.63
N SER D 75 -45.12 -57.53 25.89
CA SER D 75 -46.26 -56.79 25.36
C SER D 75 -47.09 -56.20 26.49
N SER D 76 -47.36 -57.00 27.53
CA SER D 76 -47.97 -56.49 28.74
C SER D 76 -46.95 -56.05 29.77
N SER D 77 -45.67 -56.36 29.56
CA SER D 77 -44.57 -55.97 30.45
C SER D 77 -44.85 -56.41 31.89
N THR D 78 -45.30 -57.66 32.04
CA THR D 78 -45.69 -58.17 33.34
C THR D 78 -45.23 -59.62 33.47
N ALA D 79 -45.51 -60.21 34.64
CA ALA D 79 -45.12 -61.57 34.94
C ALA D 79 -46.31 -62.32 35.54
N TYR D 80 -46.41 -63.60 35.20
CA TYR D 80 -47.49 -64.46 35.67
C TYR D 80 -46.92 -65.68 36.37
N MET D 81 -47.44 -65.94 37.57
CA MET D 81 -47.10 -67.10 38.38
C MET D 81 -48.29 -68.05 38.42
N GLU D 82 -48.02 -69.33 38.24
CA GLU D 82 -49.04 -70.38 38.33
C GLU D 82 -48.83 -71.16 39.61
N LEU D 83 -49.89 -71.26 40.42
CA LEU D 83 -49.85 -71.98 41.68
C LEU D 83 -50.68 -73.25 41.56
N ARG D 84 -50.10 -74.38 41.95
CA ARG D 84 -50.74 -75.68 41.94
C ARG D 84 -50.49 -76.38 43.27
N SER D 85 -51.34 -77.35 43.57
CA SER D 85 -51.25 -78.14 44.81
C SER D 85 -51.32 -77.22 46.04
N LEU D 86 -52.46 -76.52 46.15
CA LEU D 86 -52.70 -75.60 47.26
C LEU D 86 -53.27 -76.38 48.46
N THR D 87 -52.49 -77.34 48.94
CA THR D 87 -53.01 -78.39 49.80
C THR D 87 -53.54 -77.88 51.15
N SER D 88 -52.66 -77.44 52.04
CA SER D 88 -53.11 -77.09 53.40
C SER D 88 -52.47 -75.84 54.00
N GLU D 89 -51.37 -75.32 53.48
CA GLU D 89 -50.65 -74.28 54.20
C GLU D 89 -50.11 -73.17 53.30
N ASP D 90 -50.55 -73.08 52.04
CA ASP D 90 -50.03 -72.08 51.13
C ASP D 90 -50.70 -70.73 51.26
N SER D 91 -51.64 -70.57 52.20
CA SER D 91 -52.30 -69.29 52.42
C SER D 91 -51.29 -68.30 52.97
N ALA D 92 -50.85 -67.38 52.14
CA ALA D 92 -49.82 -66.42 52.50
C ALA D 92 -49.82 -65.30 51.46
N VAL D 93 -48.87 -64.39 51.57
CA VAL D 93 -48.80 -63.24 50.67
C VAL D 93 -47.55 -63.37 49.80
N TYR D 94 -47.71 -63.12 48.50
CA TYR D 94 -46.62 -63.11 47.53
C TYR D 94 -46.12 -61.69 47.32
N TYR D 95 -44.81 -61.54 47.23
CA TYR D 95 -44.18 -60.26 47.00
C TYR D 95 -43.28 -60.35 45.77
N CYS D 96 -43.44 -59.39 44.86
CA CYS D 96 -42.70 -59.32 43.61
C CYS D 96 -41.77 -58.12 43.66
N ALA D 97 -40.49 -58.35 43.42
CA ALA D 97 -39.47 -57.33 43.60
C ALA D 97 -38.54 -57.26 42.40
N ARG D 98 -37.87 -56.12 42.27
CA ARG D 98 -36.91 -55.88 41.20
C ARG D 98 -35.60 -55.37 41.80
N ASP D 99 -34.49 -55.87 41.30
CA ASP D 99 -33.17 -55.48 41.77
C ASP D 99 -32.53 -54.49 40.79
N GLY D 100 -31.40 -53.93 41.22
CA GLY D 100 -30.65 -53.01 40.38
C GLY D 100 -29.19 -53.38 40.29
N TYR D 101 -28.70 -53.61 39.08
CA TYR D 101 -27.31 -54.01 38.88
C TYR D 101 -26.34 -52.84 39.04
N PRO D 102 -26.57 -51.68 38.42
CA PRO D 102 -25.65 -50.55 38.64
C PRO D 102 -25.57 -50.10 40.09
N TYR D 103 -26.67 -50.18 40.83
CA TYR D 103 -26.71 -49.72 42.20
C TYR D 103 -27.89 -50.37 42.90
N TYR D 104 -27.82 -50.40 44.23
CA TYR D 104 -28.91 -50.88 45.09
C TYR D 104 -29.25 -52.35 44.79
N TYR D 105 -28.27 -53.20 45.10
CA TYR D 105 -28.49 -54.65 45.04
C TYR D 105 -29.55 -55.08 46.05
N ALA D 106 -29.88 -56.37 45.99
CA ALA D 106 -30.70 -57.05 47.00
C ALA D 106 -32.07 -56.42 47.14
N LEU D 107 -32.86 -56.49 46.06
CA LEU D 107 -34.30 -56.23 46.09
C LEU D 107 -34.60 -54.83 46.62
N ASP D 108 -34.12 -53.83 45.89
CA ASP D 108 -34.30 -52.44 46.30
C ASP D 108 -35.77 -52.06 46.35
N PHE D 109 -36.54 -52.45 45.34
CA PHE D 109 -37.94 -52.07 45.20
C PHE D 109 -38.84 -53.27 45.43
N TRP D 110 -39.94 -53.04 46.15
CA TRP D 110 -40.89 -54.09 46.53
C TRP D 110 -42.27 -53.75 45.99
N GLY D 111 -43.22 -54.67 46.23
CA GLY D 111 -44.59 -54.47 45.82
C GLY D 111 -45.53 -54.64 47.01
N GLN D 112 -46.81 -54.35 46.75
CA GLN D 112 -47.81 -54.45 47.82
C GLN D 112 -48.12 -55.89 48.20
N GLY D 113 -47.86 -56.84 47.31
CA GLY D 113 -48.11 -58.24 47.61
C GLY D 113 -49.55 -58.65 47.34
N THR D 114 -49.73 -59.95 47.10
CA THR D 114 -51.05 -60.52 46.86
C THR D 114 -51.28 -61.64 47.86
N SER D 115 -52.37 -61.55 48.62
CA SER D 115 -52.67 -62.52 49.67
C SER D 115 -53.61 -63.59 49.12
N VAL D 116 -53.17 -64.84 49.18
CA VAL D 116 -53.97 -65.98 48.73
C VAL D 116 -54.30 -66.84 49.94
N THR D 117 -55.57 -67.20 50.08
CA THR D 117 -56.07 -67.98 51.20
C THR D 117 -56.69 -69.26 50.68
N VAL D 118 -56.34 -70.38 51.30
CA VAL D 118 -56.85 -71.70 50.90
C VAL D 118 -58.05 -72.04 51.75
N SER D 119 -59.12 -72.49 51.10
CA SER D 119 -60.35 -72.87 51.80
C SER D 119 -61.10 -73.88 50.94
N SER D 120 -62.02 -74.60 51.58
CA SER D 120 -62.83 -75.60 50.89
C SER D 120 -63.86 -74.93 49.98
N ASP E 1 -24.06 -75.44 56.46
CA ASP E 1 -24.79 -75.37 55.21
C ASP E 1 -25.49 -74.02 55.05
N ILE E 2 -26.81 -74.01 55.25
CA ILE E 2 -27.61 -72.80 55.15
C ILE E 2 -28.43 -72.68 56.44
N VAL E 3 -28.02 -71.76 57.32
CA VAL E 3 -28.73 -71.53 58.56
C VAL E 3 -28.44 -70.10 59.01
N MET E 4 -29.47 -69.44 59.53
CA MET E 4 -29.35 -68.07 60.01
C MET E 4 -30.21 -67.91 61.25
N THR E 5 -29.57 -67.56 62.37
CA THR E 5 -30.25 -67.42 63.65
C THR E 5 -29.99 -66.09 64.33
N GLN E 6 -28.88 -65.40 64.00
CA GLN E 6 -28.46 -64.14 64.63
C GLN E 6 -28.63 -64.14 66.15
N SER E 7 -28.55 -65.34 66.76
CA SER E 7 -28.47 -65.52 68.20
C SER E 7 -29.67 -64.98 68.96
N GLN E 8 -30.69 -64.49 68.24
CA GLN E 8 -31.87 -63.94 68.90
C GLN E 8 -33.03 -63.94 67.91
N LYS E 9 -34.24 -63.90 68.46
CA LYS E 9 -35.45 -63.77 67.67
C LYS E 9 -36.18 -62.45 67.88
N PHE E 10 -36.05 -61.85 69.07
CA PHE E 10 -36.65 -60.56 69.36
C PHE E 10 -35.91 -59.92 70.52
N MET E 11 -35.81 -58.60 70.48
CA MET E 11 -35.10 -57.84 71.51
C MET E 11 -35.94 -56.63 71.92
N SER E 12 -35.74 -56.20 73.17
CA SER E 12 -36.57 -55.17 73.76
C SER E 12 -35.70 -54.05 74.33
N THR E 13 -36.05 -52.81 74.01
CA THR E 13 -35.41 -51.63 74.58
C THR E 13 -36.51 -50.66 75.01
N SER E 14 -36.41 -50.14 76.23
CA SER E 14 -37.50 -49.33 76.78
C SER E 14 -37.41 -47.88 76.29
N VAL E 15 -36.38 -47.15 76.70
CA VAL E 15 -36.26 -45.73 76.41
C VAL E 15 -34.78 -45.36 76.30
N GLY E 16 -34.41 -44.69 75.21
CA GLY E 16 -33.11 -44.06 75.11
C GLY E 16 -31.96 -44.98 74.74
N ASP E 17 -31.98 -46.21 75.23
CA ASP E 17 -30.88 -47.14 75.00
C ASP E 17 -30.77 -47.47 73.51
N ARG E 18 -29.53 -47.49 73.03
CA ARG E 18 -29.27 -47.78 71.63
C ARG E 18 -29.64 -49.21 71.29
N VAL E 19 -30.09 -49.42 70.06
CA VAL E 19 -30.50 -50.73 69.56
C VAL E 19 -29.43 -51.24 68.60
N SER E 20 -29.05 -52.50 68.77
CA SER E 20 -28.07 -53.14 67.92
C SER E 20 -28.46 -54.60 67.74
N VAL E 21 -28.41 -55.07 66.50
CA VAL E 21 -28.76 -56.45 66.15
C VAL E 21 -27.67 -57.02 65.26
N THR E 22 -27.25 -58.25 65.56
CA THR E 22 -26.28 -58.95 64.74
C THR E 22 -26.99 -59.78 63.68
N CYS E 23 -26.21 -60.24 62.70
CA CYS E 23 -26.68 -61.15 61.66
C CYS E 23 -25.68 -62.27 61.45
N LYS E 24 -25.30 -62.94 62.55
CA LYS E 24 -24.38 -64.05 62.48
C LYS E 24 -24.86 -65.08 61.47
N SER E 25 -23.99 -65.42 60.52
CA SER E 25 -24.33 -66.29 59.41
C SER E 25 -23.64 -67.66 59.57
N SER E 26 -23.75 -68.48 58.53
CA SER E 26 -23.15 -69.80 58.52
C SER E 26 -21.66 -69.68 58.25
N GLN E 27 -21.02 -70.80 57.93
CA GLN E 27 -19.59 -70.81 57.63
C GLN E 27 -19.29 -69.89 56.44
N ASN E 28 -18.00 -69.62 56.24
CA ASN E 28 -17.56 -68.64 55.25
C ASN E 28 -18.01 -68.98 53.82
N VAL E 29 -18.89 -68.15 53.27
CA VAL E 29 -19.34 -68.29 51.89
C VAL E 29 -19.10 -66.96 51.18
N GLY E 30 -19.07 -65.88 51.94
CA GLY E 30 -18.85 -64.56 51.37
C GLY E 30 -19.23 -63.48 52.35
N THR E 31 -19.19 -62.24 51.86
CA THR E 31 -19.49 -61.05 52.67
C THR E 31 -20.46 -60.17 51.88
N ASN E 32 -21.75 -60.45 52.02
CA ASN E 32 -22.78 -59.62 51.38
C ASN E 32 -24.11 -59.87 52.09
N VAL E 33 -24.64 -58.84 52.75
CA VAL E 33 -25.88 -58.92 53.51
C VAL E 33 -26.71 -57.67 53.24
N ALA E 34 -27.87 -57.61 53.88
CA ALA E 34 -28.72 -56.42 53.88
C ALA E 34 -29.68 -56.53 55.05
N TRP E 35 -30.27 -55.41 55.43
CA TRP E 35 -31.26 -55.36 56.50
C TRP E 35 -32.47 -54.56 56.04
N TYR E 36 -33.64 -55.15 56.21
CA TYR E 36 -34.91 -54.54 55.83
C TYR E 36 -35.80 -54.36 57.05
N GLN E 37 -36.56 -53.26 57.06
CA GLN E 37 -37.58 -53.01 58.04
C GLN E 37 -38.93 -53.48 57.51
N GLN E 38 -39.65 -54.25 58.34
CA GLN E 38 -40.96 -54.77 57.97
C GLN E 38 -41.99 -54.15 58.91
N LYS E 39 -42.71 -53.15 58.41
CA LYS E 39 -43.79 -52.56 59.18
C LYS E 39 -44.99 -53.52 59.19
N PRO E 40 -45.78 -53.49 60.26
CA PRO E 40 -46.89 -54.45 60.37
C PRO E 40 -48.03 -54.14 59.42
N GLY E 41 -47.92 -54.56 58.17
CA GLY E 41 -49.02 -54.43 57.23
C GLY E 41 -48.66 -54.08 55.79
N GLN E 42 -47.52 -53.43 55.59
CA GLN E 42 -47.13 -53.00 54.25
C GLN E 42 -45.79 -53.65 53.86
N SER E 43 -45.29 -53.24 52.70
CA SER E 43 -44.10 -53.87 52.13
C SER E 43 -42.87 -53.57 52.98
N PRO E 44 -41.88 -54.46 52.98
CA PRO E 44 -40.64 -54.21 53.71
C PRO E 44 -39.91 -52.99 53.16
N LYS E 45 -39.25 -52.27 54.06
CA LYS E 45 -38.44 -51.11 53.71
C LYS E 45 -36.97 -51.43 54.04
N ALA E 46 -36.11 -51.24 53.05
CA ALA E 46 -34.69 -51.53 53.25
C ALA E 46 -34.10 -50.58 54.29
N LEU E 47 -33.37 -51.14 55.25
CA LEU E 47 -32.74 -50.37 56.31
C LEU E 47 -31.26 -50.11 56.04
N ILE E 48 -30.48 -51.16 55.79
CA ILE E 48 -29.05 -51.01 55.55
C ILE E 48 -28.62 -51.92 54.41
N TYR E 49 -27.55 -51.51 53.72
CA TYR E 49 -26.97 -52.25 52.61
C TYR E 49 -25.60 -52.75 53.04
N SER E 50 -25.38 -54.06 52.97
CA SER E 50 -24.14 -54.71 53.34
C SER E 50 -23.69 -54.36 54.76
N ALA E 51 -24.62 -53.88 55.58
CA ALA E 51 -24.43 -53.60 57.00
C ALA E 51 -23.56 -52.36 57.26
N SER E 52 -22.95 -51.80 56.21
CA SER E 52 -22.24 -50.53 56.38
C SER E 52 -22.21 -49.80 55.04
N TYR E 53 -23.23 -48.97 54.81
CA TYR E 53 -23.36 -48.01 53.70
C TYR E 53 -24.49 -47.05 54.05
N ARG E 54 -24.90 -46.24 53.08
CA ARG E 54 -25.91 -45.21 53.28
C ARG E 54 -26.97 -45.29 52.19
N TYR E 55 -28.16 -44.79 52.50
CA TYR E 55 -29.27 -44.73 51.57
C TYR E 55 -29.59 -43.28 51.25
N SER E 56 -29.75 -42.99 49.95
CA SER E 56 -30.08 -41.63 49.54
C SER E 56 -31.48 -41.22 49.99
N GLY E 57 -32.44 -42.13 49.88
CA GLY E 57 -33.83 -41.85 50.20
C GLY E 57 -34.23 -42.07 51.63
N VAL E 58 -33.29 -42.38 52.53
CA VAL E 58 -33.60 -42.63 53.92
C VAL E 58 -32.77 -41.69 54.78
N PRO E 59 -33.34 -41.10 55.84
CA PRO E 59 -32.53 -40.27 56.75
C PRO E 59 -31.59 -41.13 57.58
N ASP E 60 -30.47 -41.53 56.98
CA ASP E 60 -29.59 -42.53 57.57
C ASP E 60 -28.75 -41.90 58.68
N HIS E 61 -28.98 -42.33 59.92
CA HIS E 61 -28.09 -42.08 61.04
C HIS E 61 -27.88 -43.44 61.71
N PHE E 62 -26.94 -44.21 61.18
CA PHE E 62 -26.76 -45.60 61.55
C PHE E 62 -25.28 -45.91 61.76
N THR E 63 -25.03 -46.95 62.56
CA THR E 63 -23.68 -47.45 62.78
C THR E 63 -23.64 -48.92 62.38
N GLY E 64 -22.62 -49.29 61.61
CA GLY E 64 -22.53 -50.65 61.10
C GLY E 64 -21.45 -51.49 61.76
N SER E 65 -20.83 -52.36 60.96
CA SER E 65 -19.79 -53.25 61.46
C SER E 65 -18.75 -53.43 60.36
N GLY E 66 -17.78 -54.31 60.60
CA GLY E 66 -16.71 -54.55 59.64
C GLY E 66 -17.06 -55.58 58.59
N SER E 67 -16.15 -56.51 58.34
CA SER E 67 -16.36 -57.55 57.34
C SER E 67 -16.12 -58.94 57.92
N GLY E 68 -16.15 -59.96 57.07
CA GLY E 68 -15.94 -61.32 57.53
C GLY E 68 -17.20 -62.16 57.51
N THR E 69 -17.26 -63.16 58.38
CA THR E 69 -18.42 -64.04 58.47
C THR E 69 -19.44 -63.59 59.50
N ASP E 70 -19.21 -62.45 60.17
CA ASP E 70 -20.12 -61.93 61.17
C ASP E 70 -20.49 -60.49 60.83
N PHE E 71 -21.73 -60.13 61.13
CA PHE E 71 -22.26 -58.83 60.77
C PHE E 71 -23.05 -58.26 61.94
N THR E 72 -23.07 -56.94 62.05
CA THR E 72 -23.77 -56.24 63.11
C THR E 72 -24.28 -54.91 62.59
N LEU E 73 -25.38 -54.44 63.17
CA LEU E 73 -25.99 -53.19 62.78
C LEU E 73 -26.44 -52.45 64.05
N THR E 74 -26.19 -51.15 64.09
CA THR E 74 -26.59 -50.30 65.21
C THR E 74 -27.43 -49.15 64.68
N ILE E 75 -28.60 -48.95 65.28
CA ILE E 75 -29.51 -47.89 64.87
C ILE E 75 -29.40 -46.76 65.89
N SER E 76 -29.87 -45.57 65.49
CA SER E 76 -29.69 -44.36 66.30
C SER E 76 -30.28 -44.53 67.70
N ASN E 77 -31.60 -44.70 67.78
CA ASN E 77 -32.28 -44.80 69.07
C ASN E 77 -33.66 -45.41 68.81
N VAL E 78 -34.48 -45.44 69.85
CA VAL E 78 -35.83 -46.01 69.78
C VAL E 78 -36.78 -44.82 69.64
N GLN E 79 -37.11 -44.48 68.40
CA GLN E 79 -38.05 -43.40 68.12
C GLN E 79 -39.48 -43.93 68.23
N SER E 80 -40.45 -43.11 67.86
CA SER E 80 -41.86 -43.49 67.94
C SER E 80 -42.32 -44.31 66.75
N ALA E 81 -41.46 -44.52 65.75
CA ALA E 81 -41.79 -45.29 64.56
C ALA E 81 -40.77 -46.38 64.32
N ASP E 82 -40.35 -47.06 65.40
CA ASP E 82 -39.37 -48.13 65.31
C ASP E 82 -39.95 -49.51 65.55
N LEU E 83 -41.19 -49.61 66.02
CA LEU E 83 -41.81 -50.90 66.29
C LEU E 83 -42.09 -51.59 64.96
N ALA E 84 -41.25 -52.56 64.61
CA ALA E 84 -41.37 -53.28 63.36
C ALA E 84 -40.54 -54.55 63.45
N GLU E 85 -40.49 -55.30 62.36
CA GLU E 85 -39.70 -56.52 62.27
C GLU E 85 -38.40 -56.23 61.52
N TYR E 86 -37.34 -56.95 61.91
CA TYR E 86 -36.01 -56.76 61.35
C TYR E 86 -35.65 -58.01 60.54
N PHE E 87 -35.35 -57.83 59.26
CA PHE E 87 -34.99 -58.95 58.39
C PHE E 87 -33.57 -58.78 57.87
N CYS E 88 -32.77 -59.83 57.96
CA CYS E 88 -31.43 -59.81 57.41
C CYS E 88 -31.37 -60.61 56.12
N GLN E 89 -30.35 -60.31 55.32
CA GLN E 89 -30.24 -60.88 53.98
C GLN E 89 -28.90 -61.59 53.83
N GLN E 90 -28.86 -62.51 52.87
CA GLN E 90 -27.64 -63.26 52.55
C GLN E 90 -27.76 -63.73 51.11
N TYR E 91 -26.99 -63.12 50.20
CA TYR E 91 -27.07 -63.41 48.77
C TYR E 91 -25.68 -63.82 48.28
N ASN E 92 -25.37 -65.11 48.41
CA ASN E 92 -24.16 -65.68 47.85
C ASN E 92 -24.44 -66.78 46.83
N ASN E 93 -25.25 -67.77 47.19
CA ASN E 93 -25.66 -68.83 46.30
C ASN E 93 -27.08 -68.57 45.80
N TYR E 94 -27.43 -69.24 44.70
CA TYR E 94 -28.75 -69.04 44.11
C TYR E 94 -29.90 -69.38 45.06
N PRO E 95 -29.88 -70.49 45.82
CA PRO E 95 -30.98 -70.73 46.76
C PRO E 95 -30.97 -69.76 47.93
N TRP E 96 -31.45 -68.54 47.70
CA TRP E 96 -31.48 -67.53 48.75
C TRP E 96 -32.35 -67.97 49.92
N THR E 97 -31.85 -67.75 51.13
CA THR E 97 -32.58 -68.09 52.34
C THR E 97 -32.17 -67.12 53.44
N PHE E 98 -33.15 -66.52 54.11
CA PHE E 98 -32.90 -65.54 55.14
C PHE E 98 -33.10 -66.18 56.51
N GLY E 99 -33.00 -65.37 57.57
CA GLY E 99 -33.16 -65.83 58.92
C GLY E 99 -34.60 -65.76 59.39
N GLY E 100 -34.79 -66.06 60.68
CA GLY E 100 -36.10 -66.01 61.29
C GLY E 100 -36.60 -64.62 61.59
N GLY E 101 -35.76 -63.61 61.46
CA GLY E 101 -36.15 -62.24 61.71
C GLY E 101 -35.96 -61.82 63.15
N THR E 102 -35.95 -60.51 63.35
CA THR E 102 -35.80 -59.92 64.68
C THR E 102 -36.93 -58.92 64.91
N LYS E 103 -37.48 -58.92 66.12
CA LYS E 103 -38.58 -58.04 66.48
C LYS E 103 -38.13 -57.08 67.57
N LEU E 104 -38.38 -55.79 67.37
CA LEU E 104 -38.05 -54.75 68.34
C LEU E 104 -39.31 -54.36 69.09
N GLU E 105 -39.27 -54.48 70.42
CA GLU E 105 -40.40 -54.16 71.28
C GLU E 105 -40.01 -53.05 72.24
N ILE E 106 -40.89 -52.06 72.37
CA ILE E 106 -40.67 -50.96 73.32
C ILE E 106 -41.22 -51.40 74.66
N LYS E 107 -40.33 -51.69 75.61
CA LYS E 107 -40.70 -52.23 76.91
C LYS E 107 -41.28 -51.11 77.77
N ARG E 108 -42.60 -50.97 77.74
CA ARG E 108 -43.27 -50.01 78.60
C ARG E 108 -43.25 -50.48 80.04
N THR E 109 -43.12 -49.53 80.96
CA THR E 109 -43.06 -49.82 82.39
C THR E 109 -44.42 -49.53 83.03
N VAL E 110 -44.49 -49.71 84.34
CA VAL E 110 -45.72 -49.48 85.10
C VAL E 110 -45.97 -47.99 85.24
N GLU F 1 -46.40 -11.88 60.58
CA GLU F 1 -45.51 -12.90 61.12
C GLU F 1 -45.12 -12.59 62.56
N VAL F 2 -45.51 -11.41 63.03
CA VAL F 2 -45.13 -10.93 64.35
C VAL F 2 -46.30 -11.14 65.31
N GLN F 3 -46.03 -11.79 66.44
CA GLN F 3 -47.04 -12.11 67.42
C GLN F 3 -46.44 -12.05 68.83
N LEU F 4 -47.32 -12.01 69.83
CA LEU F 4 -46.92 -11.99 71.22
C LEU F 4 -47.71 -13.04 71.98
N GLN F 5 -47.03 -13.74 72.89
CA GLN F 5 -47.61 -14.84 73.63
C GLN F 5 -47.45 -14.61 75.13
N GLN F 6 -48.44 -15.10 75.89
CA GLN F 6 -48.45 -14.97 77.33
C GLN F 6 -49.22 -16.15 77.92
N SER F 7 -48.99 -16.40 79.21
CA SER F 7 -49.62 -17.51 79.90
C SER F 7 -51.09 -17.21 80.16
N GLY F 8 -51.81 -18.24 80.62
CA GLY F 8 -53.22 -18.11 80.90
C GLY F 8 -53.50 -17.52 82.27
N PRO F 9 -54.76 -17.55 82.69
CA PRO F 9 -55.11 -16.99 84.00
C PRO F 9 -54.47 -17.77 85.13
N GLU F 10 -54.17 -17.06 86.22
CA GLU F 10 -53.52 -17.63 87.39
C GLU F 10 -54.20 -17.15 88.65
N LEU F 11 -54.08 -17.96 89.71
CA LEU F 11 -54.57 -17.60 91.03
C LEU F 11 -53.39 -17.41 91.97
N VAL F 12 -53.35 -16.26 92.64
CA VAL F 12 -52.22 -15.90 93.47
C VAL F 12 -52.67 -15.84 94.93
N LYS F 13 -51.70 -15.61 95.82
CA LYS F 13 -51.94 -15.54 97.25
C LYS F 13 -51.44 -14.19 97.79
N PRO F 14 -52.20 -13.55 98.67
CA PRO F 14 -51.74 -12.27 99.22
C PRO F 14 -50.43 -12.40 99.97
N GLY F 15 -49.58 -11.38 99.85
CA GLY F 15 -48.29 -11.37 100.50
C GLY F 15 -47.34 -12.45 100.01
N ALA F 16 -47.29 -12.66 98.69
CA ALA F 16 -46.42 -13.68 98.11
C ALA F 16 -45.73 -13.06 96.90
N SER F 17 -44.96 -13.90 96.19
CA SER F 17 -44.22 -13.48 95.01
C SER F 17 -44.64 -14.34 93.83
N VAL F 18 -44.98 -13.70 92.70
CA VAL F 18 -45.40 -14.42 91.51
C VAL F 18 -44.66 -13.86 90.30
N LYS F 19 -44.59 -14.67 89.25
CA LYS F 19 -43.83 -14.36 88.04
C LYS F 19 -44.75 -14.40 86.83
N ILE F 20 -44.58 -13.42 85.93
CA ILE F 20 -45.32 -13.34 84.69
C ILE F 20 -44.33 -13.15 83.54
N SER F 21 -44.51 -13.91 82.48
CA SER F 21 -43.60 -13.92 81.34
C SER F 21 -44.32 -13.48 80.07
N CYS F 22 -43.60 -12.74 79.22
CA CYS F 22 -44.09 -12.28 77.94
C CYS F 22 -43.12 -12.72 76.85
N LYS F 23 -43.63 -13.37 75.81
CA LYS F 23 -42.81 -13.87 74.70
C LYS F 23 -43.17 -13.12 73.43
N THR F 24 -42.16 -12.81 72.63
CA THR F 24 -42.35 -12.12 71.36
C THR F 24 -41.76 -12.95 70.23
N SER F 25 -42.49 -13.03 69.11
CA SER F 25 -42.03 -13.77 67.94
C SER F 25 -42.27 -12.94 66.69
N GLY F 26 -41.48 -13.22 65.65
CA GLY F 26 -41.59 -12.54 64.38
C GLY F 26 -40.58 -11.42 64.18
N TYR F 27 -39.98 -10.90 65.24
CA TYR F 27 -38.94 -9.89 65.14
C TYR F 27 -37.85 -10.20 66.15
N THR F 28 -36.63 -9.75 65.85
CA THR F 28 -35.55 -9.88 66.80
C THR F 28 -35.79 -8.96 68.00
N PHE F 29 -35.32 -9.41 69.17
CA PHE F 29 -35.65 -8.76 70.42
C PHE F 29 -34.76 -7.56 70.74
N THR F 30 -33.79 -7.25 69.87
CA THR F 30 -32.79 -6.25 70.21
C THR F 30 -33.37 -4.84 70.22
N GLU F 31 -34.14 -4.48 69.19
CA GLU F 31 -34.50 -3.07 69.00
C GLU F 31 -35.84 -2.70 69.60
N TYR F 32 -36.72 -3.66 69.85
CA TYR F 32 -38.06 -3.38 70.33
C TYR F 32 -38.15 -3.55 71.84
N THR F 33 -38.52 -2.47 72.53
CA THR F 33 -38.65 -2.46 73.97
C THR F 33 -39.94 -3.16 74.40
N ILE F 34 -40.10 -3.37 75.70
CA ILE F 34 -41.26 -4.07 76.24
C ILE F 34 -41.94 -3.20 77.29
N TYR F 35 -43.25 -2.97 77.11
CA TYR F 35 -44.04 -2.20 78.05
C TYR F 35 -45.14 -3.09 78.61
N TRP F 36 -45.64 -2.72 79.79
CA TRP F 36 -46.66 -3.48 80.47
C TRP F 36 -47.80 -2.56 80.89
N VAL F 37 -49.04 -3.02 80.71
CA VAL F 37 -50.21 -2.27 81.14
C VAL F 37 -51.17 -3.22 81.85
N LYS F 38 -52.09 -2.65 82.62
CA LYS F 38 -52.99 -3.40 83.48
C LYS F 38 -54.42 -2.91 83.31
N GLN F 39 -55.36 -3.84 83.17
CA GLN F 39 -56.79 -3.55 83.18
C GLN F 39 -57.40 -4.23 84.40
N SER F 40 -57.93 -3.42 85.31
CA SER F 40 -58.52 -3.93 86.55
C SER F 40 -60.05 -4.04 86.40
N LEU F 41 -60.45 -4.96 85.53
CA LEU F 41 -61.86 -5.29 85.30
C LEU F 41 -62.67 -4.07 84.88
N GLY F 42 -62.30 -3.54 83.70
CA GLY F 42 -63.05 -2.46 83.09
C GLY F 42 -62.64 -1.06 83.49
N LYS F 43 -61.68 -0.92 84.41
CA LYS F 43 -61.22 0.41 84.83
C LYS F 43 -60.23 0.95 83.80
N SER F 44 -59.55 2.04 84.15
CA SER F 44 -58.59 2.64 83.24
C SER F 44 -57.31 1.80 83.19
N LEU F 45 -56.61 1.89 82.06
CA LEU F 45 -55.33 1.21 81.91
C LEU F 45 -54.27 1.93 82.73
N GLU F 46 -53.45 1.15 83.44
CA GLU F 46 -52.36 1.68 84.26
C GLU F 46 -51.03 1.25 83.68
N TRP F 47 -50.11 2.20 83.55
CA TRP F 47 -48.78 1.92 83.02
C TRP F 47 -47.96 1.18 84.06
N ILE F 48 -47.87 -0.15 83.91
CA ILE F 48 -47.09 -0.95 84.85
C ILE F 48 -45.61 -0.58 84.79
N GLY F 49 -45.08 -0.42 83.59
CA GLY F 49 -43.70 -0.04 83.43
C GLY F 49 -43.22 -0.35 82.02
N GLY F 50 -41.94 -0.09 81.80
CA GLY F 50 -41.31 -0.40 80.53
C GLY F 50 -39.84 -0.70 80.74
N ASN F 51 -39.25 -1.38 79.74
CA ASN F 51 -37.84 -1.67 79.80
C ASN F 51 -37.29 -1.83 78.40
N ASN F 52 -36.00 -1.45 78.24
CA ASN F 52 -35.21 -1.61 77.02
C ASN F 52 -34.59 -3.01 77.00
N PRO F 53 -34.59 -3.69 75.86
CA PRO F 53 -34.02 -5.03 75.81
C PRO F 53 -32.51 -5.03 75.59
N ASN F 54 -31.98 -3.96 74.98
CA ASN F 54 -30.57 -3.90 74.65
C ASN F 54 -29.74 -3.32 75.79
N ASN F 55 -30.13 -2.17 76.33
CA ASN F 55 -29.41 -1.54 77.41
C ASN F 55 -29.84 -2.04 78.79
N ASP F 56 -30.91 -2.83 78.86
CA ASP F 56 -31.45 -3.33 80.13
C ASP F 56 -31.79 -2.19 81.07
N ASP F 57 -32.30 -1.09 80.52
CA ASP F 57 -32.73 0.06 81.31
C ASP F 57 -34.24 0.00 81.49
N THR F 58 -34.68 0.10 82.74
CA THR F 58 -36.08 -0.10 83.09
C THR F 58 -36.63 1.12 83.81
N THR F 59 -37.82 1.55 83.39
CA THR F 59 -38.46 2.74 83.92
C THR F 59 -39.88 2.43 84.39
N TYR F 60 -40.31 3.15 85.43
CA TYR F 60 -41.51 2.87 86.20
C TYR F 60 -42.34 4.12 86.40
N LYS F 61 -43.62 3.92 86.69
CA LYS F 61 -44.51 5.02 87.00
C LYS F 61 -44.26 5.52 88.43
N GLN F 62 -44.92 6.62 88.78
CA GLN F 62 -44.74 7.22 90.10
C GLN F 62 -45.19 6.27 91.21
N PHE F 63 -46.35 5.65 91.05
CA PHE F 63 -46.91 4.75 92.07
C PHE F 63 -46.77 3.31 91.59
N PHE F 64 -45.58 2.74 91.86
CA PHE F 64 -45.34 1.34 91.53
C PHE F 64 -44.51 0.62 92.58
N LYS F 65 -44.25 1.23 93.74
CA LYS F 65 -43.40 0.61 94.74
C LYS F 65 -44.05 -0.67 95.29
N GLY F 66 -43.25 -1.73 95.41
CA GLY F 66 -43.73 -2.99 95.91
C GLY F 66 -43.49 -4.16 94.98
N LYS F 67 -43.60 -3.91 93.67
CA LYS F 67 -43.36 -4.94 92.67
C LYS F 67 -42.44 -4.44 91.58
N ALA F 68 -41.42 -3.67 91.95
CA ALA F 68 -40.56 -2.97 90.99
C ALA F 68 -39.41 -3.87 90.55
N THR F 69 -39.68 -4.68 89.52
CA THR F 69 -38.66 -5.56 88.96
C THR F 69 -39.08 -6.04 87.58
N LEU F 70 -38.23 -5.80 86.58
CA LEU F 70 -38.38 -6.30 85.22
C LEU F 70 -37.06 -6.89 84.75
N THR F 71 -37.14 -7.87 83.84
CA THR F 71 -35.93 -8.41 83.23
C THR F 71 -36.27 -8.94 81.85
N VAL F 72 -35.25 -9.01 80.99
CA VAL F 72 -35.37 -9.51 79.63
C VAL F 72 -34.18 -10.43 79.35
N ASP F 73 -34.43 -11.54 78.67
CA ASP F 73 -33.35 -12.45 78.30
C ASP F 73 -33.50 -12.89 76.84
N LYS F 74 -32.38 -13.07 76.17
CA LYS F 74 -32.35 -13.56 74.80
C LYS F 74 -32.17 -15.08 74.72
N SER F 75 -31.88 -15.74 75.83
CA SER F 75 -31.77 -17.20 75.82
C SER F 75 -33.10 -17.83 75.43
N SER F 76 -34.19 -17.34 76.00
CA SER F 76 -35.54 -17.71 75.59
C SER F 76 -36.22 -16.62 74.77
N SER F 77 -35.55 -15.49 74.56
CA SER F 77 -36.09 -14.35 73.82
C SER F 77 -37.43 -13.91 74.39
N THR F 78 -37.41 -13.58 75.68
CA THR F 78 -38.64 -13.25 76.39
C THR F 78 -38.32 -12.26 77.52
N ALA F 79 -39.36 -11.91 78.27
CA ALA F 79 -39.24 -11.00 79.41
C ALA F 79 -39.99 -11.57 80.60
N TYR F 80 -39.47 -11.30 81.80
CA TYR F 80 -40.10 -11.72 83.04
C TYR F 80 -40.30 -10.51 83.95
N MET F 81 -41.37 -10.59 84.76
CA MET F 81 -41.65 -9.59 85.77
C MET F 81 -42.19 -10.29 87.01
N GLU F 82 -41.98 -9.68 88.17
CA GLU F 82 -42.37 -10.27 89.44
C GLU F 82 -43.27 -9.33 90.21
N LEU F 83 -44.32 -9.89 90.80
CA LEU F 83 -45.26 -9.15 91.64
C LEU F 83 -45.15 -9.63 93.08
N ARG F 84 -45.07 -8.69 94.00
CA ARG F 84 -44.99 -8.96 95.42
C ARG F 84 -46.02 -8.11 96.15
N SER F 85 -46.47 -8.60 97.31
CA SER F 85 -47.49 -7.94 98.11
C SER F 85 -48.79 -7.76 97.33
N LEU F 86 -49.38 -8.90 96.96
CA LEU F 86 -50.66 -8.94 96.24
C LEU F 86 -51.79 -8.74 97.25
N THR F 87 -51.83 -7.52 97.82
CA THR F 87 -52.58 -7.29 99.04
C THR F 87 -54.09 -7.50 98.91
N SER F 88 -54.78 -6.63 98.18
CA SER F 88 -56.24 -6.73 98.12
C SER F 88 -56.87 -6.45 96.76
N GLU F 89 -56.18 -5.81 95.81
CA GLU F 89 -56.86 -5.34 94.62
C GLU F 89 -56.06 -5.54 93.33
N ASP F 90 -54.93 -6.24 93.37
CA ASP F 90 -54.10 -6.39 92.19
C ASP F 90 -54.60 -7.45 91.22
N SER F 91 -55.74 -8.08 91.53
CA SER F 91 -56.35 -9.05 90.60
C SER F 91 -56.82 -8.31 89.36
N ALA F 92 -56.13 -8.53 88.23
CA ALA F 92 -56.40 -7.79 87.01
C ALA F 92 -55.81 -8.57 85.83
N VAL F 93 -56.02 -8.07 84.63
CA VAL F 93 -55.47 -8.67 83.41
C VAL F 93 -54.33 -7.79 82.91
N TYR F 94 -53.21 -8.43 82.62
CA TYR F 94 -51.96 -7.74 82.28
C TYR F 94 -51.67 -7.93 80.80
N TYR F 95 -51.37 -6.82 80.12
CA TYR F 95 -51.09 -6.83 78.69
C TYR F 95 -49.65 -6.42 78.45
N CYS F 96 -48.96 -7.18 77.61
CA CYS F 96 -47.58 -6.92 77.21
C CYS F 96 -47.58 -6.28 75.83
N ALA F 97 -46.93 -5.13 75.69
CA ALA F 97 -47.00 -4.34 74.48
C ALA F 97 -45.59 -3.97 74.01
N ARG F 98 -45.51 -3.65 72.72
CA ARG F 98 -44.27 -3.26 72.07
C ARG F 98 -44.51 -2.05 71.20
N ASP F 99 -43.61 -1.07 71.27
CA ASP F 99 -43.69 0.14 70.47
C ASP F 99 -42.62 0.12 69.39
N GLY F 100 -42.91 0.81 68.28
CA GLY F 100 -41.99 0.86 67.16
C GLY F 100 -41.47 2.24 66.86
N TYR F 101 -40.16 2.44 67.04
CA TYR F 101 -39.52 3.72 66.78
C TYR F 101 -39.30 4.00 65.30
N PRO F 102 -38.96 3.01 64.46
CA PRO F 102 -38.83 3.31 63.02
C PRO F 102 -40.08 3.90 62.40
N TYR F 103 -41.26 3.39 62.77
CA TYR F 103 -42.51 3.82 62.14
C TYR F 103 -43.66 3.16 62.90
N TYR F 104 -44.86 3.74 62.76
CA TYR F 104 -46.04 3.30 63.52
C TYR F 104 -45.80 3.40 65.03
N TYR F 105 -45.71 4.65 65.50
CA TYR F 105 -45.55 4.92 66.92
C TYR F 105 -46.78 4.45 67.70
N ALA F 106 -46.67 4.60 69.03
CA ALA F 106 -47.80 4.50 69.95
C ALA F 106 -48.41 3.08 69.97
N LEU F 107 -47.58 2.11 70.35
CA LEU F 107 -48.03 0.79 70.82
C LEU F 107 -48.99 0.13 69.84
N ASP F 108 -48.43 -0.24 68.68
CA ASP F 108 -49.22 -0.85 67.62
C ASP F 108 -49.97 -2.09 68.11
N PHE F 109 -49.24 -3.11 68.52
CA PHE F 109 -49.81 -4.41 68.82
C PHE F 109 -49.91 -4.64 70.32
N TRP F 110 -50.69 -5.65 70.70
CA TRP F 110 -50.90 -6.03 72.08
C TRP F 110 -50.89 -7.55 72.17
N GLY F 111 -51.30 -8.08 73.33
CA GLY F 111 -51.35 -9.51 73.53
C GLY F 111 -52.61 -9.91 74.28
N GLN F 112 -52.79 -11.22 74.40
CA GLN F 112 -53.95 -11.74 75.13
C GLN F 112 -53.87 -11.43 76.62
N GLY F 113 -52.65 -11.27 77.15
CA GLY F 113 -52.47 -10.93 78.54
C GLY F 113 -52.65 -12.12 79.47
N THR F 114 -52.34 -11.88 80.74
CA THR F 114 -52.50 -12.86 81.80
C THR F 114 -53.43 -12.31 82.86
N SER F 115 -54.49 -13.06 83.18
CA SER F 115 -55.48 -12.62 84.16
C SER F 115 -55.16 -13.27 85.50
N VAL F 116 -54.68 -12.45 86.45
CA VAL F 116 -54.30 -12.91 87.77
C VAL F 116 -55.40 -12.54 88.76
N THR F 117 -55.81 -13.50 89.57
CA THR F 117 -56.87 -13.30 90.56
C THR F 117 -56.32 -13.60 91.94
N VAL F 118 -56.56 -12.68 92.88
CA VAL F 118 -56.05 -12.81 94.24
C VAL F 118 -57.08 -13.57 95.07
N SER F 119 -56.60 -14.56 95.84
CA SER F 119 -57.46 -15.35 96.70
C SER F 119 -56.62 -15.95 97.82
N SER F 120 -57.27 -16.25 98.94
CA SER F 120 -56.59 -16.82 100.09
C SER F 120 -56.80 -18.33 100.16
N ASP G 1 -50.66 18.88 87.61
CA ASP G 1 -49.67 17.85 87.34
C ASP G 1 -50.01 17.08 86.07
N ILE G 2 -50.50 15.85 86.23
CA ILE G 2 -50.89 15.00 85.10
C ILE G 2 -52.32 14.55 85.38
N VAL G 3 -53.28 15.17 84.67
CA VAL G 3 -54.69 14.84 84.85
C VAL G 3 -55.41 15.25 83.58
N MET G 4 -56.46 14.51 83.23
CA MET G 4 -57.28 14.82 82.07
C MET G 4 -58.70 14.35 82.30
N THR G 5 -59.66 15.12 81.80
CA THR G 5 -61.08 14.81 81.93
C THR G 5 -61.76 14.51 80.61
N GLN G 6 -61.16 14.93 79.48
CA GLN G 6 -61.66 14.72 78.12
C GLN G 6 -63.14 15.08 77.97
N SER G 7 -63.64 15.95 78.83
CA SER G 7 -64.96 16.58 78.76
C SER G 7 -66.12 15.61 78.84
N GLN G 8 -65.88 14.31 78.97
CA GLN G 8 -66.96 13.33 78.98
C GLN G 8 -66.42 12.00 79.50
N LYS G 9 -67.35 11.17 79.97
CA LYS G 9 -67.05 9.80 80.36
C LYS G 9 -67.70 8.77 79.45
N PHE G 10 -68.88 9.07 78.90
CA PHE G 10 -69.56 8.20 77.96
C PHE G 10 -70.48 9.04 77.09
N MET G 11 -70.64 8.61 75.84
CA MET G 11 -71.47 9.32 74.87
C MET G 11 -72.50 8.36 74.29
N SER G 12 -73.66 8.91 73.93
CA SER G 12 -74.74 8.15 73.33
C SER G 12 -75.24 8.88 72.09
N THR G 13 -75.28 8.16 70.97
CA THR G 13 -75.80 8.69 69.72
C THR G 13 -76.76 7.66 69.11
N SER G 14 -77.91 8.14 68.64
CA SER G 14 -78.97 7.21 68.21
C SER G 14 -78.73 6.70 66.79
N VAL G 15 -78.81 7.59 65.80
CA VAL G 15 -78.76 7.21 64.39
C VAL G 15 -78.10 8.32 63.59
N GLY G 16 -77.08 7.97 62.81
CA GLY G 16 -76.57 8.84 61.77
C GLY G 16 -75.64 9.95 62.20
N ASP G 17 -75.88 10.53 63.38
CA ASP G 17 -75.10 11.68 63.81
C ASP G 17 -73.63 11.30 64.01
N ARG G 18 -72.73 12.14 63.50
CA ARG G 18 -71.31 11.88 63.63
C ARG G 18 -70.88 11.98 65.08
N VAL G 19 -69.97 11.10 65.48
CA VAL G 19 -69.48 11.02 66.86
C VAL G 19 -68.07 11.61 66.91
N SER G 20 -67.85 12.50 67.88
CA SER G 20 -66.55 13.11 68.09
C SER G 20 -66.21 13.10 69.58
N VAL G 21 -64.95 12.82 69.88
CA VAL G 21 -64.49 12.75 71.26
C VAL G 21 -63.18 13.53 71.39
N THR G 22 -63.09 14.34 72.43
CA THR G 22 -61.89 15.12 72.70
C THR G 22 -61.02 14.42 73.74
N CYS G 23 -59.76 14.84 73.81
CA CYS G 23 -58.79 14.34 74.77
C CYS G 23 -58.07 15.49 75.45
N LYS G 24 -58.85 16.46 75.94
CA LYS G 24 -58.28 17.62 76.61
C LYS G 24 -57.42 17.19 77.79
N SER G 25 -56.22 17.76 77.88
CA SER G 25 -55.22 17.38 78.86
C SER G 25 -54.89 18.58 79.75
N SER G 26 -53.85 18.42 80.57
CA SER G 26 -53.40 19.46 81.48
C SER G 26 -52.59 20.52 80.74
N GLN G 27 -51.87 21.35 81.49
CA GLN G 27 -51.07 22.44 80.91
C GLN G 27 -50.09 21.92 79.86
N ASN G 28 -49.58 22.82 79.02
CA ASN G 28 -48.76 22.45 77.88
C ASN G 28 -47.54 21.61 78.27
N VAL G 29 -47.49 20.39 77.74
CA VAL G 29 -46.35 19.51 77.94
C VAL G 29 -45.86 19.04 76.57
N GLY G 30 -46.77 19.04 75.59
CA GLY G 30 -46.43 18.61 74.26
C GLY G 30 -47.68 18.30 73.46
N THR G 31 -47.45 17.96 72.19
CA THR G 31 -48.54 17.64 71.24
C THR G 31 -48.24 16.28 70.60
N ASN G 32 -48.65 15.21 71.28
CA ASN G 32 -48.53 13.86 70.73
C ASN G 32 -49.48 12.95 71.52
N VAL G 33 -50.50 12.43 70.84
CA VAL G 33 -51.51 11.58 71.45
C VAL G 33 -51.85 10.45 70.49
N ALA G 34 -52.74 9.56 70.94
CA ALA G 34 -53.25 8.47 70.13
C ALA G 34 -54.60 8.03 70.69
N TRP G 35 -55.35 7.29 69.88
CA TRP G 35 -56.64 6.76 70.30
C TRP G 35 -56.72 5.29 69.93
N TYR G 36 -57.19 4.47 70.85
CA TYR G 36 -57.33 3.04 70.66
C TYR G 36 -58.77 2.61 70.93
N GLN G 37 -59.23 1.62 70.16
CA GLN G 37 -60.53 1.01 70.37
C GLN G 37 -60.38 -0.27 71.18
N GLN G 38 -61.31 -0.50 72.10
CA GLN G 38 -61.26 -1.66 72.99
C GLN G 38 -62.67 -2.25 73.07
N LYS G 39 -62.88 -3.36 72.37
CA LYS G 39 -64.10 -4.12 72.52
C LYS G 39 -64.06 -4.94 73.80
N PRO G 40 -65.22 -5.30 74.36
CA PRO G 40 -65.24 -5.96 75.67
C PRO G 40 -64.79 -7.41 75.64
N GLY G 41 -63.49 -7.67 75.74
CA GLY G 41 -63.02 -9.02 75.93
C GLY G 41 -61.72 -9.42 75.24
N GLN G 42 -61.35 -8.76 74.16
CA GLN G 42 -60.16 -9.11 73.39
C GLN G 42 -59.07 -8.07 73.61
N SER G 43 -57.94 -8.29 72.95
CA SER G 43 -56.80 -7.39 73.06
C SER G 43 -57.13 -6.02 72.45
N PRO G 44 -56.50 -4.96 72.92
CA PRO G 44 -56.79 -3.62 72.39
C PRO G 44 -56.39 -3.51 70.93
N LYS G 45 -57.11 -2.64 70.21
CA LYS G 45 -56.86 -2.40 68.80
C LYS G 45 -56.65 -0.90 68.58
N ALA G 46 -55.68 -0.57 67.73
CA ALA G 46 -55.39 0.83 67.46
C ALA G 46 -56.47 1.45 66.59
N LEU G 47 -56.76 2.73 66.84
CA LEU G 47 -57.77 3.46 66.08
C LEU G 47 -57.18 4.62 65.29
N ILE G 48 -56.37 5.46 65.94
CA ILE G 48 -55.76 6.60 65.25
C ILE G 48 -54.50 6.98 66.00
N TYR G 49 -53.54 7.57 65.28
CA TYR G 49 -52.27 8.00 65.83
C TYR G 49 -52.06 9.47 65.53
N SER G 50 -51.64 10.23 66.55
CA SER G 50 -51.39 11.66 66.47
C SER G 50 -52.64 12.45 66.10
N ALA G 51 -53.81 11.81 66.21
CA ALA G 51 -55.12 12.43 66.01
C ALA G 51 -55.36 12.87 64.57
N SER G 52 -54.34 12.78 63.71
CA SER G 52 -54.52 13.07 62.29
C SER G 52 -53.51 12.21 61.52
N TYR G 53 -53.94 11.03 61.10
CA TYR G 53 -53.13 10.11 60.31
C TYR G 53 -54.05 9.04 59.74
N ARG G 54 -53.46 8.03 59.10
CA ARG G 54 -54.21 6.94 58.50
C ARG G 54 -53.53 5.62 58.83
N TYR G 55 -54.33 4.55 58.78
CA TYR G 55 -53.84 3.20 59.03
C TYR G 55 -54.01 2.37 57.76
N SER G 56 -52.96 1.65 57.37
CA SER G 56 -53.00 0.87 56.15
C SER G 56 -53.93 -0.34 56.28
N GLY G 57 -53.93 -0.98 57.44
CA GLY G 57 -54.71 -2.19 57.65
C GLY G 57 -56.17 -1.98 57.99
N VAL G 58 -56.62 -0.73 58.06
CA VAL G 58 -58.01 -0.43 58.41
C VAL G 58 -58.59 0.44 57.30
N PRO G 59 -59.85 0.23 56.91
CA PRO G 59 -60.48 1.14 55.94
C PRO G 59 -60.76 2.49 56.57
N ASP G 60 -59.73 3.33 56.66
CA ASP G 60 -59.80 4.56 57.43
C ASP G 60 -60.58 5.62 56.67
N HIS G 61 -61.71 6.05 57.24
CA HIS G 61 -62.47 7.21 56.76
C HIS G 61 -62.72 8.06 58.02
N PHE G 62 -61.75 8.89 58.37
CA PHE G 62 -61.75 9.60 59.64
C PHE G 62 -61.43 11.07 59.42
N THR G 63 -61.90 11.90 60.35
CA THR G 63 -61.60 13.33 60.37
C THR G 63 -60.92 13.66 61.69
N GLY G 64 -59.77 14.31 61.61
CA GLY G 64 -58.96 14.64 62.76
C GLY G 64 -59.10 16.07 63.22
N SER G 65 -58.06 16.57 63.87
CA SER G 65 -58.04 17.93 64.38
C SER G 65 -56.67 18.54 64.05
N GLY G 66 -56.41 19.72 64.61
CA GLY G 66 -55.17 20.41 64.36
C GLY G 66 -54.05 20.03 65.31
N SER G 67 -53.37 21.03 65.86
CA SER G 67 -52.26 20.83 66.77
C SER G 67 -52.43 21.74 67.98
N GLY G 68 -51.52 21.62 68.94
CA GLY G 68 -51.57 22.41 70.14
C GLY G 68 -51.84 21.59 71.39
N THR G 69 -52.47 22.20 72.39
CA THR G 69 -52.79 21.53 73.63
C THR G 69 -54.18 20.90 73.64
N ASP G 70 -54.93 21.03 72.54
CA ASP G 70 -56.26 20.46 72.43
C ASP G 70 -56.28 19.37 71.37
N PHE G 71 -57.01 18.30 71.65
CA PHE G 71 -57.09 17.15 70.75
C PHE G 71 -58.54 16.74 70.56
N THR G 72 -58.87 16.32 69.35
CA THR G 72 -60.21 15.87 69.02
C THR G 72 -60.13 14.82 67.92
N LEU G 73 -60.99 13.81 68.00
CA LEU G 73 -61.05 12.75 67.01
C LEU G 73 -62.50 12.50 66.62
N THR G 74 -62.76 12.46 65.32
CA THR G 74 -64.09 12.20 64.78
C THR G 74 -64.07 10.87 64.05
N ILE G 75 -65.07 10.04 64.32
CA ILE G 75 -65.19 8.73 63.70
C ILE G 75 -66.13 8.84 62.51
N SER G 76 -66.08 7.83 61.64
CA SER G 76 -66.84 7.87 60.38
C SER G 76 -68.33 8.06 60.64
N ASN G 77 -68.95 7.09 61.32
CA ASN G 77 -70.38 7.13 61.60
C ASN G 77 -70.68 6.16 62.73
N VAL G 78 -71.96 5.95 63.01
CA VAL G 78 -72.40 5.02 64.03
C VAL G 78 -72.81 3.74 63.31
N GLN G 79 -71.86 2.82 63.18
CA GLN G 79 -72.11 1.55 62.51
C GLN G 79 -72.59 0.52 63.54
N SER G 80 -72.64 -0.75 63.14
CA SER G 80 -73.12 -1.82 64.00
C SER G 80 -72.02 -2.39 64.89
N ALA G 81 -70.78 -1.89 64.78
CA ALA G 81 -69.66 -2.36 65.57
C ALA G 81 -68.90 -1.17 66.16
N ASP G 82 -69.63 -0.21 66.72
CA ASP G 82 -69.04 0.97 67.31
C ASP G 82 -69.21 1.04 68.82
N LEU G 83 -70.07 0.22 69.41
CA LEU G 83 -70.28 0.21 70.86
C LEU G 83 -69.09 -0.46 71.51
N ALA G 84 -68.15 0.35 72.01
CA ALA G 84 -66.95 -0.16 72.64
C ALA G 84 -66.35 0.96 73.49
N GLU G 85 -65.13 0.75 73.97
CA GLU G 85 -64.42 1.72 74.78
C GLU G 85 -63.36 2.42 73.94
N TYR G 86 -63.17 3.72 74.18
CA TYR G 86 -62.14 4.49 73.51
C TYR G 86 -61.12 4.94 74.54
N PHE G 87 -59.85 4.60 74.32
CA PHE G 87 -58.77 4.94 75.23
C PHE G 87 -57.83 5.93 74.58
N CYS G 88 -57.36 6.90 75.37
CA CYS G 88 -56.50 7.96 74.88
C CYS G 88 -55.09 7.75 75.41
N GLN G 89 -54.12 7.73 74.50
CA GLN G 89 -52.71 7.60 74.82
C GLN G 89 -52.07 8.98 74.81
N GLN G 90 -51.46 9.36 75.93
CA GLN G 90 -50.73 10.62 76.06
C GLN G 90 -49.31 10.28 76.50
N TYR G 91 -48.37 10.31 75.56
CA TYR G 91 -47.00 9.85 75.77
C TYR G 91 -46.06 11.05 75.65
N ASN G 92 -45.84 11.75 76.76
CA ASN G 92 -44.86 12.82 76.84
C ASN G 92 -43.76 12.53 77.85
N ASN G 93 -44.13 12.22 79.08
CA ASN G 93 -43.16 11.84 80.10
C ASN G 93 -43.07 10.32 80.21
N TYR G 94 -42.00 9.85 80.86
CA TYR G 94 -41.81 8.42 81.04
C TYR G 94 -42.92 7.77 81.85
N PRO G 95 -43.36 8.32 83.01
CA PRO G 95 -44.46 7.69 83.74
C PRO G 95 -45.81 7.96 83.08
N TRP G 96 -46.17 7.14 82.09
CA TRP G 96 -47.44 7.32 81.39
C TRP G 96 -48.61 7.23 82.35
N THR G 97 -49.59 8.12 82.15
CA THR G 97 -50.82 8.13 82.92
C THR G 97 -52.00 8.22 81.96
N PHE G 98 -53.03 7.43 82.20
CA PHE G 98 -54.19 7.34 81.33
C PHE G 98 -55.41 7.89 82.05
N GLY G 99 -56.55 7.85 81.35
CA GLY G 99 -57.81 8.33 81.90
C GLY G 99 -58.90 7.27 81.76
N GLY G 100 -60.10 7.67 82.18
CA GLY G 100 -61.24 6.77 82.13
C GLY G 100 -61.73 6.48 80.74
N GLY G 101 -61.36 7.29 79.76
CA GLY G 101 -61.79 7.11 78.40
C GLY G 101 -63.23 7.55 78.18
N THR G 102 -63.75 7.17 77.01
CA THR G 102 -65.11 7.48 76.63
C THR G 102 -65.76 6.25 76.01
N LYS G 103 -67.00 5.98 76.41
CA LYS G 103 -67.74 4.81 75.96
C LYS G 103 -68.90 5.26 75.08
N LEU G 104 -69.01 4.66 73.90
CA LEU G 104 -70.08 4.98 72.95
C LEU G 104 -71.19 3.95 73.07
N GLU G 105 -72.43 4.43 73.20
CA GLU G 105 -73.60 3.57 73.33
C GLU G 105 -74.62 3.97 72.26
N ILE G 106 -75.17 2.97 71.58
CA ILE G 106 -76.21 3.21 70.58
C ILE G 106 -77.54 3.41 71.30
N LYS G 107 -78.10 4.61 71.16
CA LYS G 107 -79.35 4.96 71.84
C LYS G 107 -80.51 4.34 71.08
N ARG G 108 -80.85 3.11 71.45
CA ARG G 108 -81.97 2.41 70.82
C ARG G 108 -83.28 3.03 71.27
N THR G 109 -84.22 3.16 70.34
CA THR G 109 -85.52 3.73 70.60
C THR G 109 -86.61 2.67 70.49
N VAL G 110 -87.75 2.95 71.12
CA VAL G 110 -88.87 2.03 71.10
C VAL G 110 -89.52 2.00 69.73
N GLU H 1 -65.78 -28.89 22.64
CA GLU H 1 -65.80 -27.61 23.36
C GLU H 1 -67.14 -26.91 23.20
N VAL H 2 -67.92 -27.36 22.21
CA VAL H 2 -69.24 -26.78 21.91
C VAL H 2 -70.31 -27.63 22.58
N GLN H 3 -71.26 -26.97 23.24
CA GLN H 3 -72.34 -27.64 23.93
C GLN H 3 -73.62 -26.85 23.74
N LEU H 4 -74.75 -27.51 24.01
CA LEU H 4 -76.06 -26.86 23.89
C LEU H 4 -76.95 -27.42 24.99
N GLN H 5 -77.15 -26.64 26.04
CA GLN H 5 -77.98 -27.03 27.18
C GLN H 5 -79.25 -26.20 27.18
N GLN H 6 -80.39 -26.87 27.24
CA GLN H 6 -81.70 -26.23 27.22
C GLN H 6 -82.37 -26.39 28.59
N SER H 7 -83.57 -25.82 28.70
CA SER H 7 -84.31 -25.90 29.94
C SER H 7 -84.99 -27.27 30.09
N GLY H 8 -85.51 -27.53 31.28
CA GLY H 8 -86.12 -28.79 31.59
C GLY H 8 -87.58 -28.84 31.17
N PRO H 9 -88.27 -29.91 31.57
CA PRO H 9 -89.68 -30.05 31.21
C PRO H 9 -90.55 -28.98 31.88
N GLU H 10 -91.65 -28.65 31.22
CA GLU H 10 -92.58 -27.64 31.72
C GLU H 10 -94.00 -28.13 31.54
N LEU H 11 -94.90 -27.60 32.36
CA LEU H 11 -96.32 -27.88 32.29
C LEU H 11 -97.04 -26.62 31.83
N VAL H 12 -97.80 -26.71 30.76
CA VAL H 12 -98.47 -25.57 30.16
C VAL H 12 -99.98 -25.72 30.33
N LYS H 13 -100.69 -24.66 29.96
CA LYS H 13 -102.15 -24.60 30.03
C LYS H 13 -102.73 -24.28 28.67
N PRO H 14 -103.82 -24.93 28.27
CA PRO H 14 -104.44 -24.61 26.98
C PRO H 14 -104.87 -23.16 26.91
N GLY H 15 -104.72 -22.58 25.72
CA GLY H 15 -105.03 -21.18 25.52
C GLY H 15 -104.14 -20.23 26.27
N ALA H 16 -102.84 -20.49 26.30
CA ALA H 16 -101.88 -19.66 27.00
C ALA H 16 -100.59 -19.55 26.17
N SER H 17 -99.79 -18.55 26.50
CA SER H 17 -98.53 -18.29 25.83
C SER H 17 -97.38 -18.69 26.74
N VAL H 18 -96.43 -19.46 26.20
CA VAL H 18 -95.28 -19.93 26.95
C VAL H 18 -94.01 -19.57 26.19
N LYS H 19 -92.90 -19.55 26.91
CA LYS H 19 -91.60 -19.18 26.35
C LYS H 19 -90.64 -20.35 26.48
N ILE H 20 -89.89 -20.61 25.41
CA ILE H 20 -88.91 -21.69 25.36
C ILE H 20 -87.58 -21.11 24.88
N SER H 21 -86.51 -21.42 25.60
CA SER H 21 -85.20 -20.84 25.36
C SER H 21 -84.20 -21.91 24.96
N CYS H 22 -83.42 -21.63 23.92
CA CYS H 22 -82.28 -22.44 23.52
C CYS H 22 -81.01 -21.70 23.87
N LYS H 23 -80.17 -22.32 24.70
CA LYS H 23 -78.94 -21.72 25.18
C LYS H 23 -77.75 -22.45 24.57
N THR H 24 -76.80 -21.68 24.03
CA THR H 24 -75.59 -22.24 23.45
C THR H 24 -74.38 -21.74 24.22
N SER H 25 -73.35 -22.58 24.29
CA SER H 25 -72.13 -22.25 25.02
C SER H 25 -70.95 -22.93 24.35
N GLY H 26 -69.77 -22.39 24.62
CA GLY H 26 -68.54 -22.92 24.06
C GLY H 26 -68.15 -22.34 22.72
N TYR H 27 -69.01 -21.54 22.10
CA TYR H 27 -68.68 -20.92 20.81
C TYR H 27 -69.54 -19.69 20.65
N THR H 28 -69.11 -18.80 19.75
CA THR H 28 -69.83 -17.56 19.50
C THR H 28 -71.11 -17.84 18.72
N PHE H 29 -71.92 -16.78 18.54
CA PHE H 29 -73.19 -16.88 17.84
C PHE H 29 -73.21 -15.95 16.64
N THR H 30 -72.13 -15.94 15.86
CA THR H 30 -71.98 -15.00 14.76
C THR H 30 -72.59 -15.52 13.46
N GLU H 31 -72.12 -16.67 12.98
CA GLU H 31 -72.52 -17.19 11.67
C GLU H 31 -73.44 -18.40 11.74
N TYR H 32 -73.25 -19.29 12.72
CA TYR H 32 -74.04 -20.51 12.76
C TYR H 32 -75.48 -20.21 13.16
N THR H 33 -76.43 -20.74 12.37
CA THR H 33 -77.84 -20.53 12.61
C THR H 33 -78.36 -21.53 13.64
N ILE H 34 -79.65 -21.45 13.94
CA ILE H 34 -80.29 -22.31 14.92
C ILE H 34 -81.49 -22.99 14.27
N TYR H 35 -81.55 -24.32 14.40
CA TYR H 35 -82.65 -25.11 13.87
C TYR H 35 -83.36 -25.82 15.01
N TRP H 36 -84.63 -26.14 14.82
CA TRP H 36 -85.44 -26.79 15.85
C TRP H 36 -86.16 -27.98 15.28
N VAL H 37 -86.27 -29.05 16.09
CA VAL H 37 -87.01 -30.24 15.73
C VAL H 37 -87.87 -30.64 16.92
N LYS H 38 -88.88 -31.48 16.64
CA LYS H 38 -89.87 -31.85 17.64
C LYS H 38 -90.09 -33.36 17.64
N GLN H 39 -90.12 -33.95 18.83
CA GLN H 39 -90.52 -35.34 19.04
C GLN H 39 -91.83 -35.32 19.83
N SER H 40 -92.90 -35.80 19.20
CA SER H 40 -94.22 -35.81 19.81
C SER H 40 -94.51 -37.19 20.41
N LEU H 41 -93.76 -37.50 21.47
CA LEU H 41 -93.94 -38.74 22.24
C LEU H 41 -93.77 -39.98 21.37
N GLY H 42 -92.56 -40.13 20.83
CA GLY H 42 -92.21 -41.31 20.07
C GLY H 42 -92.48 -41.24 18.58
N LYS H 43 -93.13 -40.18 18.10
CA LYS H 43 -93.40 -40.06 16.68
C LYS H 43 -92.15 -39.57 15.94
N SER H 44 -92.28 -39.37 14.63
CA SER H 44 -91.16 -38.93 13.82
C SER H 44 -90.82 -37.47 14.13
N LEU H 45 -89.59 -37.10 13.80
CA LEU H 45 -89.14 -35.72 14.00
C LEU H 45 -89.82 -34.79 13.02
N GLU H 46 -90.14 -33.58 13.48
CA GLU H 46 -90.72 -32.54 12.66
C GLU H 46 -89.87 -31.29 12.76
N TRP H 47 -89.50 -30.73 11.62
CA TRP H 47 -88.68 -29.52 11.57
C TRP H 47 -89.51 -28.34 12.05
N ILE H 48 -89.27 -27.91 13.29
CA ILE H 48 -90.03 -26.79 13.85
C ILE H 48 -89.75 -25.51 13.08
N GLY H 49 -88.48 -25.24 12.80
CA GLY H 49 -88.12 -24.05 12.06
C GLY H 49 -86.64 -23.79 12.13
N GLY H 50 -86.24 -22.67 11.53
CA GLY H 50 -84.85 -22.26 11.55
C GLY H 50 -84.74 -20.76 11.51
N ASN H 51 -83.65 -20.25 12.11
CA ASN H 51 -83.43 -18.81 12.12
C ASN H 51 -81.93 -18.52 12.11
N ASN H 52 -81.57 -17.44 11.40
CA ASN H 52 -80.20 -16.96 11.33
C ASN H 52 -79.82 -16.20 12.60
N PRO H 53 -78.54 -16.18 12.96
CA PRO H 53 -78.14 -15.45 14.17
C PRO H 53 -77.97 -13.96 13.93
N ASN H 54 -77.58 -13.59 12.71
CA ASN H 54 -77.26 -12.20 12.40
C ASN H 54 -78.32 -11.54 11.51
N ASN H 55 -78.74 -12.21 10.44
CA ASN H 55 -79.71 -11.61 9.51
C ASN H 55 -81.12 -11.58 10.07
N ASP H 56 -81.39 -12.30 11.17
CA ASP H 56 -82.71 -12.35 11.79
C ASP H 56 -83.79 -12.85 10.85
N ASP H 57 -83.42 -13.61 9.83
CA ASP H 57 -84.37 -14.20 8.90
C ASP H 57 -84.78 -15.58 9.38
N THR H 58 -86.09 -15.81 9.46
CA THR H 58 -86.64 -17.04 10.04
C THR H 58 -87.52 -17.74 9.02
N THR H 59 -87.36 -19.06 8.92
CA THR H 59 -88.14 -19.87 8.01
C THR H 59 -88.81 -21.02 8.76
N TYR H 60 -89.97 -21.42 8.26
CA TYR H 60 -90.84 -22.40 8.90
C TYR H 60 -91.27 -23.45 7.89
N LYS H 61 -91.84 -24.54 8.40
CA LYS H 61 -92.45 -25.54 7.55
C LYS H 61 -93.84 -25.09 7.14
N GLN H 62 -94.43 -25.82 6.18
CA GLN H 62 -95.74 -25.45 5.66
C GLN H 62 -96.81 -25.53 6.73
N PHE H 63 -96.79 -26.60 7.54
CA PHE H 63 -97.77 -26.77 8.61
C PHE H 63 -97.11 -26.40 9.94
N PHE H 64 -97.04 -25.10 10.20
CA PHE H 64 -96.44 -24.60 11.43
C PHE H 64 -97.21 -23.47 12.10
N LYS H 65 -98.27 -22.93 11.48
CA LYS H 65 -98.94 -21.77 12.04
C LYS H 65 -99.47 -22.03 13.44
N GLY H 66 -99.21 -21.11 14.35
CA GLY H 66 -99.62 -21.25 15.74
C GLY H 66 -98.52 -20.88 16.71
N LYS H 67 -97.27 -21.14 16.34
CA LYS H 67 -96.11 -20.81 17.15
C LYS H 67 -95.03 -20.18 16.28
N ALA H 68 -95.43 -19.23 15.43
CA ALA H 68 -94.54 -18.67 14.42
C ALA H 68 -93.88 -17.40 14.96
N THR H 69 -92.83 -17.60 15.75
CA THR H 69 -92.01 -16.48 16.23
C THR H 69 -90.68 -17.01 16.74
N LEU H 70 -89.60 -16.41 16.25
CA LEU H 70 -88.23 -16.73 16.65
C LEU H 70 -87.49 -15.44 16.93
N THR H 71 -86.60 -15.46 17.93
CA THR H 71 -85.71 -14.33 18.14
C THR H 71 -84.40 -14.82 18.71
N VAL H 72 -83.34 -14.04 18.51
CA VAL H 72 -82.01 -14.35 19.03
C VAL H 72 -81.40 -13.09 19.63
N ASP H 73 -80.69 -13.25 20.74
CA ASP H 73 -80.03 -12.13 21.38
C ASP H 73 -78.61 -12.50 21.77
N LYS H 74 -77.69 -11.57 21.55
CA LYS H 74 -76.28 -11.76 21.90
C LYS H 74 -75.96 -11.32 23.32
N SER H 75 -76.88 -10.66 24.01
CA SER H 75 -76.64 -10.28 25.40
C SER H 75 -76.45 -11.51 26.27
N SER H 76 -77.29 -12.52 26.08
CA SER H 76 -77.09 -13.83 26.68
C SER H 76 -76.66 -14.89 25.67
N SER H 77 -76.56 -14.51 24.39
CA SER H 77 -76.18 -15.42 23.31
C SER H 77 -77.08 -16.65 23.28
N THR H 78 -78.39 -16.39 23.16
CA THR H 78 -79.38 -17.46 23.18
C THR H 78 -80.49 -17.12 22.20
N ALA H 79 -81.46 -18.03 22.10
CA ALA H 79 -82.61 -17.89 21.23
C ALA H 79 -83.89 -18.12 22.01
N TYR H 80 -84.93 -17.35 21.70
CA TYR H 80 -86.21 -17.39 22.38
C TYR H 80 -87.33 -17.67 21.38
N MET H 81 -88.29 -18.49 21.81
CA MET H 81 -89.50 -18.78 21.06
C MET H 81 -90.71 -18.62 21.97
N GLU H 82 -91.82 -18.18 21.38
CA GLU H 82 -93.09 -18.07 22.08
C GLU H 82 -94.08 -19.03 21.44
N LEU H 83 -94.61 -19.93 22.24
CA LEU H 83 -95.60 -20.91 21.78
C LEU H 83 -96.97 -20.53 22.29
N ARG H 84 -97.94 -20.50 21.38
CA ARG H 84 -99.31 -20.15 21.69
C ARG H 84 -100.24 -21.25 21.20
N SER H 85 -101.48 -21.23 21.71
CA SER H 85 -102.50 -22.21 21.38
C SER H 85 -102.03 -23.64 21.70
N LEU H 86 -101.75 -23.86 22.98
CA LEU H 86 -101.32 -25.16 23.49
C LEU H 86 -102.55 -26.01 23.80
N THR H 87 -103.41 -26.17 22.79
CA THR H 87 -104.77 -26.64 23.00
C THR H 87 -104.85 -28.07 23.55
N SER H 88 -104.51 -29.07 22.74
CA SER H 88 -104.72 -30.45 23.17
C SER H 88 -103.59 -31.42 22.81
N GLU H 89 -102.67 -31.09 21.90
CA GLU H 89 -101.73 -32.09 21.42
C GLU H 89 -100.31 -31.55 21.25
N ASP H 90 -100.03 -30.33 21.67
CA ASP H 90 -98.69 -29.77 21.52
C ASP H 90 -97.72 -30.26 22.58
N SER H 91 -98.13 -31.19 23.43
CA SER H 91 -97.24 -31.78 24.43
C SER H 91 -96.18 -32.61 23.73
N ALA H 92 -94.97 -32.09 23.68
CA ALA H 92 -93.88 -32.75 22.95
C ALA H 92 -92.56 -32.20 23.48
N VAL H 93 -91.46 -32.77 22.99
CA VAL H 93 -90.13 -32.34 23.37
C VAL H 93 -89.45 -31.67 22.18
N TYR H 94 -88.87 -30.50 22.41
CA TYR H 94 -88.22 -29.72 21.38
C TYR H 94 -86.71 -29.84 21.52
N TYR H 95 -86.03 -30.13 20.42
CA TYR H 95 -84.58 -30.22 20.38
C TYR H 95 -84.03 -29.10 19.53
N CYS H 96 -83.10 -28.34 20.10
CA CYS H 96 -82.47 -27.21 19.43
C CYS H 96 -81.07 -27.61 18.98
N ALA H 97 -80.74 -27.30 17.72
CA ALA H 97 -79.49 -27.75 17.14
C ALA H 97 -78.84 -26.62 16.36
N ARG H 98 -77.54 -26.75 16.14
CA ARG H 98 -76.76 -25.78 15.38
C ARG H 98 -76.05 -26.51 14.24
N ASP H 99 -76.16 -25.96 13.03
CA ASP H 99 -75.57 -26.56 11.86
C ASP H 99 -74.15 -26.07 11.65
N GLY H 100 -73.28 -26.97 11.17
CA GLY H 100 -71.90 -26.63 10.91
C GLY H 100 -71.62 -26.47 9.42
N TYR H 101 -71.26 -25.25 9.01
CA TYR H 101 -71.01 -24.95 7.60
C TYR H 101 -69.64 -25.41 7.12
N PRO H 102 -68.56 -25.28 7.89
CA PRO H 102 -67.28 -25.85 7.42
C PRO H 102 -67.36 -27.34 7.13
N TYR H 103 -68.09 -28.10 7.94
CA TYR H 103 -68.24 -29.54 7.74
C TYR H 103 -69.32 -30.03 8.68
N TYR H 104 -69.67 -31.32 8.53
CA TYR H 104 -70.69 -31.96 9.34
C TYR H 104 -72.04 -31.25 9.21
N TYR H 105 -72.59 -31.31 8.00
CA TYR H 105 -73.86 -30.68 7.71
C TYR H 105 -75.00 -31.40 8.41
N ALA H 106 -76.19 -30.79 8.34
CA ALA H 106 -77.45 -31.41 8.76
C ALA H 106 -77.44 -31.80 10.24
N LEU H 107 -77.38 -30.78 11.10
CA LEU H 107 -77.58 -30.91 12.54
C LEU H 107 -76.56 -31.89 13.15
N ASP H 108 -75.30 -31.45 13.11
CA ASP H 108 -74.22 -32.25 13.68
C ASP H 108 -74.46 -32.54 15.16
N PHE H 109 -74.75 -31.51 15.94
CA PHE H 109 -74.93 -31.66 17.37
C PHE H 109 -76.34 -31.24 17.79
N TRP H 110 -76.85 -31.89 18.82
CA TRP H 110 -78.21 -31.69 19.30
C TRP H 110 -78.17 -31.22 20.76
N GLY H 111 -79.35 -31.10 21.36
CA GLY H 111 -79.47 -30.75 22.75
C GLY H 111 -80.44 -31.67 23.46
N GLN H 112 -80.47 -31.56 24.79
CA GLN H 112 -81.35 -32.42 25.58
C GLN H 112 -82.82 -32.12 25.33
N GLY H 113 -83.15 -30.91 24.89
CA GLY H 113 -84.51 -30.57 24.56
C GLY H 113 -85.34 -30.19 25.78
N THR H 114 -86.45 -29.49 25.50
CA THR H 114 -87.40 -29.10 26.53
C THR H 114 -88.72 -29.82 26.26
N SER H 115 -89.22 -30.55 27.25
CA SER H 115 -90.43 -31.34 27.11
C SER H 115 -91.59 -30.59 27.76
N VAL H 116 -92.50 -30.08 26.93
CA VAL H 116 -93.66 -29.33 27.41
C VAL H 116 -94.88 -30.25 27.36
N THR H 117 -95.62 -30.33 28.46
CA THR H 117 -96.79 -31.17 28.58
C THR H 117 -98.00 -30.31 28.88
N VAL H 118 -99.10 -30.57 28.17
CA VAL H 118 -100.32 -29.79 28.32
C VAL H 118 -101.21 -30.46 29.36
N SER H 119 -101.73 -29.66 30.29
CA SER H 119 -102.61 -30.16 31.34
C SER H 119 -103.47 -29.01 31.84
N SER H 120 -104.56 -29.37 32.51
CA SER H 120 -105.48 -28.38 33.06
C SER H 120 -105.46 -28.40 34.58
N ASP I 1 -95.24 -35.81 -3.94
CA ASP I 1 -95.05 -34.49 -3.33
C ASP I 1 -94.00 -34.57 -2.22
N ILE I 2 -94.46 -34.59 -0.98
CA ILE I 2 -93.59 -34.67 0.19
C ILE I 2 -94.09 -35.86 1.02
N VAL I 3 -93.52 -37.03 0.79
CA VAL I 3 -93.91 -38.23 1.51
C VAL I 3 -92.81 -39.27 1.35
N MET I 4 -92.51 -39.98 2.43
CA MET I 4 -91.54 -41.06 2.41
C MET I 4 -91.83 -42.01 3.55
N THR I 5 -91.50 -43.29 3.34
CA THR I 5 -91.76 -44.33 4.33
C THR I 5 -90.54 -45.18 4.64
N GLN I 6 -89.41 -44.95 3.99
CA GLN I 6 -88.17 -45.70 4.18
C GLN I 6 -88.33 -47.19 3.85
N SER I 7 -89.37 -47.53 3.09
CA SER I 7 -89.67 -48.88 2.61
C SER I 7 -90.00 -49.86 3.72
N GLN I 8 -89.98 -49.44 4.98
CA GLN I 8 -90.29 -50.32 6.11
C GLN I 8 -90.54 -49.47 7.34
N LYS I 9 -91.31 -50.03 8.27
CA LYS I 9 -91.59 -49.37 9.54
C LYS I 9 -90.79 -49.94 10.70
N PHE I 10 -90.51 -51.24 10.70
CA PHE I 10 -89.72 -51.87 11.75
C PHE I 10 -89.09 -53.13 11.19
N MET I 11 -87.88 -53.43 11.66
CA MET I 11 -87.14 -54.60 11.24
C MET I 11 -86.56 -55.31 12.46
N SER I 12 -86.47 -56.64 12.36
CA SER I 12 -85.94 -57.47 13.43
C SER I 12 -84.94 -58.47 12.85
N THR I 13 -83.75 -58.53 13.46
CA THR I 13 -82.72 -59.48 13.07
C THR I 13 -82.17 -60.13 14.32
N SER I 14 -82.03 -61.46 14.30
CA SER I 14 -81.68 -62.18 15.52
C SER I 14 -80.17 -62.17 15.78
N VAL I 15 -79.40 -62.81 14.91
CA VAL I 15 -77.96 -62.98 15.14
C VAL I 15 -77.23 -62.93 13.80
N GLY I 16 -76.21 -62.08 13.73
CA GLY I 16 -75.24 -62.16 12.65
C GLY I 16 -75.64 -61.53 11.33
N ASP I 17 -76.92 -61.64 10.98
CA ASP I 17 -77.37 -61.17 9.67
C ASP I 17 -77.22 -59.66 9.56
N ARG I 18 -76.68 -59.21 8.42
CA ARG I 18 -76.47 -57.79 8.19
C ARG I 18 -77.80 -57.06 8.03
N VAL I 19 -77.81 -55.79 8.39
CA VAL I 19 -78.99 -54.95 8.33
C VAL I 19 -78.73 -53.78 7.39
N SER I 20 -79.66 -53.55 6.46
CA SER I 20 -79.58 -52.43 5.54
C SER I 20 -80.96 -51.78 5.46
N VAL I 21 -80.97 -50.46 5.27
CA VAL I 21 -82.21 -49.69 5.27
C VAL I 21 -82.25 -48.79 4.04
N THR I 22 -83.42 -48.70 3.43
CA THR I 22 -83.64 -47.86 2.26
C THR I 22 -84.35 -46.57 2.66
N CYS I 23 -84.01 -45.49 1.98
CA CYS I 23 -84.66 -44.18 2.17
C CYS I 23 -85.16 -43.64 0.84
N LYS I 24 -85.89 -44.47 0.10
CA LYS I 24 -86.50 -44.05 -1.16
C LYS I 24 -87.35 -42.81 -0.92
N SER I 25 -86.94 -41.69 -1.52
CA SER I 25 -87.57 -40.40 -1.25
C SER I 25 -88.67 -40.13 -2.28
N SER I 26 -89.14 -38.89 -2.31
CA SER I 26 -90.19 -38.47 -3.24
C SER I 26 -89.57 -38.23 -4.62
N GLN I 27 -90.34 -37.57 -5.49
CA GLN I 27 -89.89 -37.25 -6.85
C GLN I 27 -88.54 -36.55 -6.85
N ASN I 28 -87.82 -36.62 -7.97
CA ASN I 28 -86.47 -36.10 -8.06
C ASN I 28 -86.37 -34.59 -7.78
N VAL I 29 -85.68 -34.24 -6.70
CA VAL I 29 -85.40 -32.85 -6.36
C VAL I 29 -83.89 -32.71 -6.17
N GLY I 30 -83.25 -33.81 -5.80
CA GLY I 30 -81.81 -33.81 -5.59
C GLY I 30 -81.37 -35.09 -4.91
N THR I 31 -80.08 -35.14 -4.62
CA THR I 31 -79.46 -36.30 -3.97
C THR I 31 -78.63 -35.84 -2.77
N ASN I 32 -79.29 -35.70 -1.63
CA ASN I 32 -78.62 -35.31 -0.39
C ASN I 32 -79.49 -35.74 0.78
N VAL I 33 -79.02 -36.74 1.53
CA VAL I 33 -79.76 -37.30 2.66
C VAL I 33 -78.80 -37.53 3.82
N ALA I 34 -79.38 -37.90 4.96
CA ALA I 34 -78.59 -38.23 6.14
C ALA I 34 -79.38 -39.23 6.98
N TRP I 35 -78.66 -39.98 7.81
CA TRP I 35 -79.27 -40.96 8.70
C TRP I 35 -78.80 -40.70 10.13
N TYR I 36 -79.76 -40.63 11.04
CA TYR I 36 -79.52 -40.36 12.46
C TYR I 36 -79.94 -41.57 13.29
N GLN I 37 -79.20 -41.79 14.37
CA GLN I 37 -79.49 -42.83 15.35
C GLN I 37 -80.19 -42.20 16.54
N GLN I 38 -81.37 -42.70 16.89
CA GLN I 38 -82.17 -42.20 18.00
C GLN I 38 -82.32 -43.31 19.02
N LYS I 39 -81.65 -43.17 20.16
CA LYS I 39 -81.80 -44.12 21.24
C LYS I 39 -83.03 -43.78 22.10
N PRO I 40 -83.63 -44.77 22.75
CA PRO I 40 -84.83 -44.52 23.55
C PRO I 40 -84.54 -43.82 24.87
N GLY I 41 -84.48 -42.49 24.87
CA GLY I 41 -84.35 -41.77 26.13
C GLY I 41 -83.49 -40.51 26.10
N GLN I 42 -82.54 -40.41 25.18
CA GLN I 42 -81.71 -39.22 25.07
C GLN I 42 -81.77 -38.68 23.64
N SER I 43 -81.10 -37.55 23.44
CA SER I 43 -81.13 -36.87 22.16
C SER I 43 -80.50 -37.75 21.08
N PRO I 44 -81.07 -37.77 19.88
CA PRO I 44 -80.47 -38.58 18.81
C PRO I 44 -79.13 -38.02 18.36
N LYS I 45 -78.28 -38.92 17.87
CA LYS I 45 -76.97 -38.57 17.32
C LYS I 45 -77.00 -38.73 15.81
N ALA I 46 -75.84 -38.50 15.19
CA ALA I 46 -75.69 -38.60 13.75
C ALA I 46 -74.98 -39.89 13.40
N LEU I 47 -75.57 -40.66 12.48
CA LEU I 47 -75.02 -41.93 12.05
C LEU I 47 -74.23 -41.82 10.75
N ILE I 48 -74.84 -41.28 9.69
CA ILE I 48 -74.15 -41.12 8.41
C ILE I 48 -74.70 -39.89 7.71
N TYR I 49 -73.88 -39.31 6.84
CA TYR I 49 -74.26 -38.14 6.06
C TYR I 49 -73.99 -38.42 4.60
N SER I 50 -74.92 -38.03 3.73
CA SER I 50 -74.92 -38.32 2.30
C SER I 50 -74.97 -39.82 2.00
N ALA I 51 -75.25 -40.64 3.01
CA ALA I 51 -75.45 -42.08 2.91
C ALA I 51 -74.17 -42.83 2.56
N SER I 52 -73.10 -42.13 2.23
CA SER I 52 -71.78 -42.77 2.12
C SER I 52 -70.70 -41.73 2.40
N TYR I 53 -70.35 -41.59 3.69
CA TYR I 53 -69.23 -40.79 4.16
C TYR I 53 -68.62 -41.50 5.36
N ARG I 54 -67.79 -40.80 6.13
CA ARG I 54 -67.22 -41.32 7.36
C ARG I 54 -67.32 -40.26 8.44
N TYR I 55 -67.38 -40.71 9.69
CA TYR I 55 -67.46 -39.82 10.85
C TYR I 55 -66.22 -39.99 11.70
N SER I 56 -65.61 -38.87 12.09
CA SER I 56 -64.39 -38.92 12.89
C SER I 56 -64.68 -39.41 14.31
N GLY I 57 -65.73 -38.87 14.94
CA GLY I 57 -66.06 -39.22 16.30
C GLY I 57 -66.86 -40.49 16.48
N VAL I 58 -67.23 -41.16 15.38
CA VAL I 58 -68.00 -42.40 15.45
C VAL I 58 -67.18 -43.51 14.82
N PRO I 59 -67.10 -44.70 15.42
CA PRO I 59 -66.36 -45.79 14.80
C PRO I 59 -67.09 -46.33 13.57
N ASP I 60 -66.95 -45.62 12.45
CA ASP I 60 -67.71 -45.93 11.25
C ASP I 60 -67.03 -47.05 10.48
N HIS I 61 -67.70 -48.20 10.38
CA HIS I 61 -67.31 -49.29 9.49
C HIS I 61 -68.57 -49.67 8.72
N PHE I 62 -68.84 -48.94 7.64
CA PHE I 62 -70.08 -49.04 6.91
C PHE I 62 -69.82 -49.12 5.41
N THR I 63 -70.79 -49.63 4.68
CA THR I 63 -70.77 -49.67 3.23
C THR I 63 -71.82 -48.71 2.69
N GLY I 64 -71.43 -47.89 1.72
CA GLY I 64 -72.30 -46.87 1.17
C GLY I 64 -73.16 -47.37 0.03
N SER I 65 -73.74 -46.41 -0.69
CA SER I 65 -74.60 -46.70 -1.82
C SER I 65 -74.23 -45.74 -2.95
N GLY I 66 -75.06 -45.73 -4.00
CA GLY I 66 -74.81 -44.89 -5.14
C GLY I 66 -75.50 -43.53 -5.06
N SER I 67 -75.82 -42.95 -6.21
CA SER I 67 -76.47 -41.65 -6.28
C SER I 67 -77.76 -41.79 -7.10
N GLY I 68 -78.51 -40.69 -7.17
CA GLY I 68 -79.76 -40.69 -7.90
C GLY I 68 -80.96 -40.44 -7.02
N THR I 69 -82.09 -41.06 -7.37
CA THR I 69 -83.34 -40.89 -6.64
C THR I 69 -83.54 -41.94 -5.56
N ASP I 70 -82.57 -42.83 -5.34
CA ASP I 70 -82.68 -43.87 -4.33
C ASP I 70 -81.46 -43.82 -3.43
N PHE I 71 -81.66 -44.22 -2.17
CA PHE I 71 -80.60 -44.19 -1.17
C PHE I 71 -80.64 -45.48 -0.36
N THR I 72 -79.48 -45.86 0.17
CA THR I 72 -79.36 -47.08 0.96
C THR I 72 -78.25 -46.90 1.99
N LEU I 73 -78.51 -47.33 3.21
CA LEU I 73 -77.54 -47.29 4.29
C LEU I 73 -77.31 -48.70 4.80
N THR I 74 -76.05 -49.12 4.85
CA THR I 74 -75.67 -50.45 5.31
C THR I 74 -74.93 -50.32 6.64
N ILE I 75 -75.41 -51.05 7.65
CA ILE I 75 -74.83 -51.02 8.98
C ILE I 75 -73.89 -52.22 9.10
N SER I 76 -72.91 -52.08 10.01
CA SER I 76 -71.89 -53.11 10.16
C SER I 76 -72.49 -54.45 10.54
N ASN I 77 -73.13 -54.53 11.70
CA ASN I 77 -73.73 -55.77 12.19
C ASN I 77 -74.74 -55.41 13.27
N VAL I 78 -75.27 -56.44 13.93
CA VAL I 78 -76.23 -56.27 15.02
C VAL I 78 -75.46 -56.52 16.31
N GLN I 79 -74.95 -55.45 16.90
CA GLN I 79 -74.19 -55.54 18.14
C GLN I 79 -75.14 -55.48 19.33
N SER I 80 -74.59 -55.33 20.54
CA SER I 80 -75.40 -55.29 21.74
C SER I 80 -76.01 -53.92 21.99
N ALA I 81 -75.69 -52.91 21.18
CA ALA I 81 -76.20 -51.55 21.34
C ALA I 81 -76.72 -51.02 20.00
N ASP I 82 -77.50 -51.85 19.31
CA ASP I 82 -78.09 -51.48 18.03
C ASP I 82 -79.61 -51.38 18.07
N LEU I 83 -80.23 -51.74 19.20
CA LEU I 83 -81.69 -51.67 19.32
C LEU I 83 -82.08 -50.21 19.55
N ALA I 84 -82.43 -49.52 18.46
CA ALA I 84 -82.81 -48.11 18.52
C ALA I 84 -83.57 -47.77 17.23
N GLU I 85 -83.76 -46.48 17.00
CA GLU I 85 -84.51 -45.98 15.86
C GLU I 85 -83.57 -45.34 14.85
N TYR I 86 -83.91 -45.47 13.57
CA TYR I 86 -83.15 -44.86 12.48
C TYR I 86 -84.04 -43.83 11.79
N PHE I 87 -83.55 -42.59 11.70
CA PHE I 87 -84.29 -41.50 11.08
C PHE I 87 -83.57 -41.01 9.85
N CYS I 88 -84.33 -40.68 8.80
CA CYS I 88 -83.76 -40.24 7.53
C CYS I 88 -84.15 -38.79 7.28
N GLN I 89 -83.14 -37.96 7.05
CA GLN I 89 -83.31 -36.53 6.78
C GLN I 89 -83.03 -36.26 5.31
N GLN I 90 -83.94 -35.51 4.67
CA GLN I 90 -83.79 -35.07 3.29
C GLN I 90 -83.92 -33.57 3.26
N TYR I 91 -82.88 -32.88 2.77
CA TYR I 91 -82.83 -31.41 2.79
C TYR I 91 -82.66 -30.92 1.35
N ASN I 92 -83.79 -30.63 0.71
CA ASN I 92 -83.79 -29.95 -0.58
C ASN I 92 -84.60 -28.67 -0.55
N ASN I 93 -85.82 -28.72 -0.01
CA ASN I 93 -86.64 -27.54 0.19
C ASN I 93 -86.53 -27.09 1.64
N TYR I 94 -86.63 -25.78 1.85
CA TYR I 94 -86.47 -25.22 3.19
C TYR I 94 -87.44 -25.82 4.21
N PRO I 95 -88.73 -26.07 3.92
CA PRO I 95 -89.57 -26.77 4.89
C PRO I 95 -89.14 -28.22 5.09
N TRP I 96 -88.08 -28.42 5.87
CA TRP I 96 -87.51 -29.75 6.06
C TRP I 96 -88.55 -30.71 6.66
N THR I 97 -88.43 -31.98 6.27
CA THR I 97 -89.33 -33.02 6.73
C THR I 97 -88.52 -34.28 7.02
N PHE I 98 -89.11 -35.16 7.83
CA PHE I 98 -88.52 -36.46 8.15
C PHE I 98 -89.38 -37.57 7.57
N GLY I 99 -88.94 -38.81 7.79
CA GLY I 99 -89.69 -39.98 7.38
C GLY I 99 -90.22 -40.76 8.57
N GLY I 100 -90.92 -41.85 8.25
CA GLY I 100 -91.47 -42.71 9.28
C GLY I 100 -90.41 -43.46 10.05
N GLY I 101 -89.26 -43.71 9.43
CA GLY I 101 -88.17 -44.39 10.09
C GLY I 101 -88.38 -45.89 10.17
N THR I 102 -87.38 -46.56 10.74
CA THR I 102 -87.42 -48.00 10.93
C THR I 102 -86.82 -48.33 12.30
N LYS I 103 -87.51 -49.18 13.06
CA LYS I 103 -87.06 -49.57 14.38
C LYS I 103 -86.39 -50.94 14.31
N LEU I 104 -85.17 -51.02 14.81
CA LEU I 104 -84.42 -52.27 14.84
C LEU I 104 -84.54 -52.89 16.23
N GLU I 105 -85.07 -54.10 16.30
CA GLU I 105 -85.27 -54.81 17.55
C GLU I 105 -84.58 -56.17 17.48
N ILE I 106 -83.81 -56.50 18.51
CA ILE I 106 -83.09 -57.77 18.56
C ILE I 106 -84.12 -58.89 18.70
N LYS I 107 -84.24 -59.72 17.66
CA LYS I 107 -85.22 -60.80 17.67
C LYS I 107 -84.75 -61.94 18.56
N ARG I 108 -85.15 -61.91 19.82
CA ARG I 108 -84.78 -62.97 20.76
C ARG I 108 -85.45 -64.28 20.37
N THR I 109 -84.70 -65.36 20.46
CA THR I 109 -85.19 -66.69 20.10
C THR I 109 -85.56 -67.47 21.35
N VAL I 110 -86.30 -68.55 21.14
CA VAL I 110 -86.75 -69.41 22.25
C VAL I 110 -85.68 -70.44 22.58
#